data_5Q01
#
_entry.id   5Q01
#
_cell.length_a   66.435
_cell.length_b   294.192
_cell.length_c   83.569
_cell.angle_alpha   90.000
_cell.angle_beta   97.560
_cell.angle_gamma   90.000
#
_symmetry.space_group_name_H-M   'P 1 21 1'
#
loop_
_entity.id
_entity.type
_entity.pdbx_description
1 polymer 'Fructose-1,6-bisphosphatase 1'
2 non-polymer N-[(5-bromo-1,3-thiazol-2-yl)carbamoyl]-4-[(3,4-dichloro-1-methyl-1H-pyrazol-5-yl)oxy]benzene-1-sulfonamide
3 water water
#
_entity_poly.entity_id   1
_entity_poly.type   'polypeptide(L)'
_entity_poly.pdbx_seq_one_letter_code
;MADQAPFDTDVNTLTRFVMEEGRKARGTGELTQLLNSLCTAVKAISSAVRKAGIAHLYGIAGSTNVTGDQVKKLDVLSND
LVMNMLKSSFATCVLVSEEDKHAIIVEPEKRGKYVVCFDPLDGSSNIDCLVSVGTIFGIYRKKSTDEPSEKDALQPGRNL
VAAGYALYGSATMLVLAMDCGVNCFMLDPAIGEFILVDKDVKIKKKGKIYSLNEGYAKDFDPAVTEYIQRKKFPPDNSAP
YGARYVGSMVADVHRTLVYGGIFLYPANKKSPNGKLRLLYECNPMAYVMEKAGGMATTGKEAVLDVIPTDIHQRAPVILG
SPDDVLEFLKVYEKHSAQ
;
_entity_poly.pdbx_strand_id   A,B,C,D,E,F,G,H
#
loop_
_chem_comp.id
_chem_comp.type
_chem_comp.name
_chem_comp.formula
95G non-polymer N-[(5-bromo-1,3-thiazol-2-yl)carbamoyl]-4-[(3,4-dichloro-1-methyl-1H-pyrazol-5-yl)oxy]benzene-1-sulfonamide 'C14 H10 Br Cl2 N5 O4 S2'
#
# COMPACT_ATOMS: atom_id res chain seq x y z
N ASP A 10 50.06 -17.49 11.45
CA ASP A 10 49.74 -18.55 10.48
C ASP A 10 48.32 -18.40 9.92
N VAL A 11 48.12 -18.61 8.61
CA VAL A 11 46.79 -18.53 8.02
C VAL A 11 45.96 -19.71 8.49
N ASN A 12 44.68 -19.47 8.72
CA ASN A 12 43.77 -20.53 9.14
C ASN A 12 42.53 -20.53 8.27
N THR A 13 42.12 -21.72 7.86
CA THR A 13 40.89 -21.91 7.12
C THR A 13 39.88 -22.67 7.98
N LEU A 14 38.62 -22.70 7.53
CA LEU A 14 37.58 -23.44 8.26
C LEU A 14 37.86 -24.93 8.23
N THR A 15 38.30 -25.45 7.08
CA THR A 15 38.61 -26.89 7.01
C THR A 15 39.78 -27.24 7.92
N ARG A 16 40.81 -26.38 7.97
CA ARG A 16 41.91 -26.58 8.90
C ARG A 16 41.46 -26.41 10.36
N PHE A 17 40.58 -25.44 10.62
CA PHE A 17 40.05 -25.16 11.96
C PHE A 17 39.25 -26.33 12.51
N VAL A 18 38.37 -26.89 11.67
CA VAL A 18 37.53 -28.00 12.11
C VAL A 18 38.35 -29.27 12.28
N MET A 19 39.34 -29.51 11.41
CA MET A 19 40.17 -30.70 11.58
C MET A 19 41.01 -30.61 12.84
N GLU A 20 41.41 -29.40 13.22
CA GLU A 20 42.20 -29.22 14.43
C GLU A 20 41.37 -29.44 15.69
N GLU A 21 40.16 -28.89 15.76
CA GLU A 21 39.29 -29.12 16.92
C GLU A 21 38.85 -30.57 17.00
N GLY A 22 38.57 -31.17 15.84
CA GLY A 22 38.16 -32.55 15.80
C GLY A 22 39.24 -33.49 16.28
N ARG A 23 40.50 -33.15 15.99
CA ARG A 23 41.62 -33.97 16.48
C ARG A 23 41.85 -33.81 17.98
N LYS A 24 41.69 -32.61 18.52
CA LYS A 24 41.75 -32.40 19.97
C LYS A 24 40.80 -33.33 20.70
N ALA A 25 39.55 -33.38 20.26
CA ALA A 25 38.52 -34.19 20.89
C ALA A 25 38.68 -35.68 20.57
N ARG A 26 39.51 -36.03 19.60
CA ARG A 26 39.72 -37.43 19.26
C ARG A 26 38.39 -38.12 18.96
N GLY A 27 37.52 -37.41 18.21
CA GLY A 27 36.27 -37.97 17.75
C GLY A 27 36.43 -38.88 16.55
N THR A 28 35.29 -39.43 16.09
CA THR A 28 35.33 -40.39 15.00
C THR A 28 35.58 -39.72 13.65
N GLY A 29 35.26 -38.43 13.53
CA GLY A 29 35.29 -37.73 12.26
C GLY A 29 33.93 -37.46 11.66
N GLU A 30 32.85 -37.91 12.29
CA GLU A 30 31.51 -37.75 11.73
C GLU A 30 31.07 -36.29 11.71
N LEU A 31 31.38 -35.55 12.77
CA LEU A 31 30.95 -34.16 12.83
C LEU A 31 31.73 -33.27 11.86
N THR A 32 33.03 -33.54 11.67
CA THR A 32 33.83 -32.77 10.71
C THR A 32 33.36 -33.04 9.28
N GLN A 33 33.15 -34.31 8.92
CA GLN A 33 32.56 -34.65 7.64
C GLN A 33 31.20 -33.98 7.44
N LEU A 34 30.44 -33.82 8.54
CA LEU A 34 29.17 -33.11 8.51
C LEU A 34 29.38 -31.64 8.13
N LEU A 35 30.21 -30.95 8.91
CA LEU A 35 30.42 -29.53 8.68
C LEU A 35 31.07 -29.26 7.34
N ASN A 36 31.95 -30.15 6.88
CA ASN A 36 32.57 -29.96 5.57
C ASN A 36 31.52 -30.01 4.47
N SER A 37 30.57 -30.95 4.57
CA SER A 37 29.48 -31.02 3.61
C SER A 37 28.62 -29.75 3.65
N LEU A 38 28.44 -29.19 4.84
CA LEU A 38 27.64 -28.00 4.99
C LEU A 38 28.36 -26.79 4.41
N CYS A 39 29.67 -26.70 4.64
CA CYS A 39 30.47 -25.63 4.06
C CYS A 39 30.39 -25.63 2.53
N THR A 40 30.45 -26.82 1.92
CA THR A 40 30.34 -26.92 0.47
C THR A 40 28.94 -26.53 0.01
N ALA A 41 27.91 -26.96 0.74
CA ALA A 41 26.56 -26.51 0.42
C ALA A 41 26.46 -25.00 0.52
N VAL A 42 27.12 -24.41 1.52
CA VAL A 42 27.11 -22.95 1.70
C VAL A 42 27.80 -22.24 0.52
N LYS A 43 28.89 -22.82 -0.02
CA LYS A 43 29.56 -22.20 -1.17
C LYS A 43 28.76 -22.32 -2.46
N ALA A 44 28.05 -23.42 -2.68
CA ALA A 44 27.25 -23.53 -3.90
C ALA A 44 26.04 -22.60 -3.84
N ILE A 45 25.43 -22.48 -2.66
CA ILE A 45 24.34 -21.53 -2.46
C ILE A 45 24.83 -20.10 -2.70
N SER A 46 25.99 -19.76 -2.13
CA SER A 46 26.57 -18.42 -2.30
C SER A 46 26.77 -18.09 -3.77
N SER A 47 27.28 -19.05 -4.54
CA SER A 47 27.54 -18.82 -5.95
C SER A 47 26.25 -18.58 -6.72
N ALA A 48 25.17 -19.25 -6.30
CA ALA A 48 23.87 -19.08 -6.95
C ALA A 48 23.21 -17.78 -6.55
N VAL A 49 23.36 -17.39 -5.28
CA VAL A 49 22.76 -16.14 -4.80
C VAL A 49 23.40 -14.95 -5.50
N ARG A 50 24.70 -15.04 -5.83
CA ARG A 50 25.42 -14.01 -6.56
C ARG A 50 25.14 -14.00 -8.07
N LYS A 51 24.31 -14.94 -8.56
CA LYS A 51 23.84 -14.94 -9.94
C LYS A 51 24.95 -15.28 -10.94
N ALA A 52 25.89 -16.15 -10.57
CA ALA A 52 26.82 -16.68 -11.54
C ALA A 52 26.05 -17.52 -12.54
N GLY A 53 26.34 -17.32 -13.82
CA GLY A 53 25.61 -18.05 -14.85
C GLY A 53 24.23 -17.51 -15.17
N ILE A 54 23.91 -16.28 -14.73
CA ILE A 54 22.61 -15.71 -15.04
C ILE A 54 22.47 -15.48 -16.54
N ALA A 55 23.58 -15.26 -17.25
CA ALA A 55 23.52 -15.01 -18.70
C ALA A 55 22.90 -16.17 -19.45
N HIS A 56 23.00 -17.39 -18.93
CA HIS A 56 22.39 -18.52 -19.62
C HIS A 56 20.88 -18.52 -19.49
N LEU A 57 20.35 -18.07 -18.35
CA LEU A 57 18.90 -17.93 -18.19
C LEU A 57 18.31 -16.81 -19.05
N TYR A 58 19.11 -15.82 -19.45
CA TYR A 58 18.62 -14.71 -20.28
C TYR A 58 19.06 -14.81 -21.75
N GLY A 59 19.37 -16.01 -22.24
CA GLY A 59 19.51 -16.27 -23.66
C GLY A 59 20.82 -15.90 -24.35
N ILE A 60 21.95 -15.92 -23.63
CA ILE A 60 23.23 -15.59 -24.26
C ILE A 60 23.67 -16.64 -25.28
N ALA A 61 23.16 -17.87 -25.19
CA ALA A 61 23.48 -18.93 -26.13
C ALA A 61 22.25 -19.36 -26.93
N GLY A 62 21.21 -18.54 -26.96
CA GLY A 62 19.98 -18.89 -27.65
C GLY A 62 18.82 -19.24 -26.74
N VAL A 71 16.03 -21.63 -13.76
CA VAL A 71 15.21 -22.82 -13.58
C VAL A 71 14.53 -22.79 -12.22
N LYS A 72 15.07 -23.56 -11.27
CA LYS A 72 14.50 -23.65 -9.94
C LYS A 72 14.53 -22.31 -9.23
N LYS A 73 13.56 -22.10 -8.35
CA LYS A 73 13.63 -20.96 -7.44
C LYS A 73 14.78 -21.20 -6.45
N LEU A 74 15.31 -20.10 -5.90
CA LEU A 74 16.57 -20.19 -5.16
C LEU A 74 16.41 -20.91 -3.84
N ASP A 75 15.24 -20.81 -3.21
CA ASP A 75 15.05 -21.50 -1.95
C ASP A 75 14.83 -22.99 -2.14
N VAL A 76 14.26 -23.40 -3.30
CA VAL A 76 14.16 -24.81 -3.60
C VAL A 76 15.54 -25.40 -3.85
N LEU A 77 16.37 -24.70 -4.64
CA LEU A 77 17.73 -25.15 -4.87
C LEU A 77 18.54 -25.18 -3.57
N SER A 78 18.39 -24.15 -2.74
CA SER A 78 19.12 -24.10 -1.47
C SER A 78 18.76 -25.29 -0.57
N ASN A 79 17.46 -25.59 -0.45
CA ASN A 79 17.03 -26.72 0.36
C ASN A 79 17.52 -28.03 -0.23
N ASP A 80 17.54 -28.15 -1.56
CA ASP A 80 18.03 -29.36 -2.20
C ASP A 80 19.53 -29.53 -1.99
N LEU A 81 20.28 -28.43 -2.03
CA LEU A 81 21.72 -28.48 -1.82
C LEU A 81 22.05 -28.87 -0.38
N VAL A 82 21.34 -28.32 0.60
CA VAL A 82 21.63 -28.64 1.98
C VAL A 82 21.24 -30.08 2.28
N MET A 83 20.07 -30.51 1.78
CA MET A 83 19.60 -31.86 2.01
C MET A 83 20.57 -32.89 1.43
N ASN A 84 20.94 -32.71 0.15
CA ASN A 84 21.74 -33.71 -0.55
C ASN A 84 23.12 -33.85 0.06
N MET A 85 23.74 -32.74 0.45
CA MET A 85 25.10 -32.81 0.96
C MET A 85 25.14 -33.44 2.35
N LEU A 86 24.11 -33.23 3.15
CA LEU A 86 24.06 -33.79 4.51
C LEU A 86 23.79 -35.30 4.48
N LYS A 87 22.78 -35.71 3.72
CA LYS A 87 22.50 -37.14 3.55
C LYS A 87 23.77 -37.87 3.13
N SER A 88 24.46 -37.36 2.11
CA SER A 88 25.65 -37.95 1.52
C SER A 88 26.88 -37.82 2.41
N SER A 89 26.77 -37.16 3.55
CA SER A 89 27.86 -37.09 4.52
C SER A 89 27.94 -38.31 5.41
N PHE A 90 26.87 -39.11 5.49
CA PHE A 90 26.80 -40.27 6.39
C PHE A 90 26.93 -39.87 7.86
N ALA A 91 26.44 -38.69 8.22
CA ALA A 91 26.58 -38.18 9.58
C ALA A 91 25.27 -37.77 10.25
N THR A 92 24.13 -37.94 9.59
CA THR A 92 22.85 -37.42 10.08
C THR A 92 21.79 -38.52 10.06
N CYS A 93 20.69 -38.32 10.82
CA CYS A 93 19.59 -39.28 10.77
C CYS A 93 18.20 -38.64 10.69
N VAL A 94 17.98 -37.44 11.22
CA VAL A 94 16.71 -36.72 11.10
C VAL A 94 17.01 -35.29 10.66
N LEU A 95 16.27 -34.81 9.66
CA LEU A 95 16.48 -33.46 9.16
C LEU A 95 15.14 -32.72 9.15
N VAL A 96 15.10 -31.61 9.84
CA VAL A 96 13.94 -30.73 9.87
C VAL A 96 14.29 -29.46 9.14
N SER A 97 13.45 -29.09 8.17
CA SER A 97 13.69 -27.94 7.32
C SER A 97 12.44 -27.06 7.35
N GLU A 98 12.65 -25.75 7.18
CA GLU A 98 11.54 -24.82 7.11
C GLU A 98 10.66 -25.10 5.91
N GLU A 99 11.22 -25.75 4.88
CA GLU A 99 10.54 -26.02 3.63
C GLU A 99 9.66 -27.27 3.69
N ASP A 100 9.83 -28.13 4.68
CA ASP A 100 9.19 -29.45 4.67
C ASP A 100 8.25 -29.61 5.86
N LYS A 101 7.03 -30.09 5.60
CA LYS A 101 6.04 -30.26 6.66
C LYS A 101 6.45 -31.29 7.69
N HIS A 102 7.00 -32.41 7.25
CA HIS A 102 7.38 -33.46 8.17
C HIS A 102 8.90 -33.65 8.18
N ALA A 103 9.39 -34.21 9.29
CA ALA A 103 10.81 -34.49 9.41
C ALA A 103 11.21 -35.60 8.44
N ILE A 104 12.46 -35.51 7.97
CA ILE A 104 13.01 -36.47 7.02
C ILE A 104 13.87 -37.48 7.78
N ILE A 105 13.59 -38.75 7.55
CA ILE A 105 14.36 -39.83 8.15
C ILE A 105 15.32 -40.33 7.08
N VAL A 106 16.61 -40.17 7.34
CA VAL A 106 17.61 -40.54 6.37
C VAL A 106 17.57 -42.05 6.18
N GLU A 107 17.70 -42.49 4.93
CA GLU A 107 17.58 -43.90 4.62
C GLU A 107 18.68 -44.70 5.31
N PRO A 108 18.42 -45.99 5.58
CA PRO A 108 19.37 -46.79 6.39
C PRO A 108 20.83 -46.76 5.96
N GLU A 109 21.12 -46.87 4.67
CA GLU A 109 22.53 -46.97 4.24
C GLU A 109 23.31 -45.69 4.49
N LYS A 110 22.64 -44.56 4.66
CA LYS A 110 23.32 -43.28 4.81
C LYS A 110 23.12 -42.64 6.19
N ARG A 111 22.77 -43.44 7.21
CA ARG A 111 22.44 -42.90 8.52
C ARG A 111 23.68 -42.63 9.36
N GLY A 112 23.62 -41.54 10.12
CA GLY A 112 24.63 -41.18 11.08
C GLY A 112 23.94 -40.77 12.36
N LYS A 113 24.66 -40.14 13.29
CA LYS A 113 24.16 -39.98 14.64
C LYS A 113 23.63 -38.59 14.92
N TYR A 114 23.54 -37.73 13.91
CA TYR A 114 23.19 -36.33 14.14
C TYR A 114 21.83 -35.95 13.56
N VAL A 115 21.24 -34.92 14.18
CA VAL A 115 19.95 -34.35 13.81
C VAL A 115 20.18 -32.87 13.51
N VAL A 116 19.71 -32.41 12.35
CA VAL A 116 19.96 -31.04 11.88
C VAL A 116 18.64 -30.34 11.60
N CYS A 117 18.41 -29.21 12.25
CA CYS A 117 17.27 -28.36 11.96
C CYS A 117 17.83 -27.13 11.29
N PHE A 118 17.35 -26.81 10.10
CA PHE A 118 17.94 -25.72 9.34
C PHE A 118 16.87 -24.95 8.56
N ASP A 119 17.13 -23.66 8.36
CA ASP A 119 16.43 -22.83 7.40
C ASP A 119 17.33 -22.56 6.18
N PRO A 120 17.08 -23.16 5.02
CA PRO A 120 18.07 -23.12 3.93
C PRO A 120 18.29 -21.76 3.28
N LEU A 121 17.29 -20.88 3.24
CA LEU A 121 17.51 -19.54 2.68
C LEU A 121 16.56 -18.57 3.38
N ASP A 122 16.92 -18.20 4.60
CA ASP A 122 16.09 -17.30 5.37
C ASP A 122 16.08 -15.92 4.74
N GLY A 123 14.90 -15.33 4.65
CA GLY A 123 14.71 -14.00 4.10
C GLY A 123 14.55 -13.95 2.60
N SER A 124 14.45 -15.10 1.95
CA SER A 124 14.37 -15.20 0.50
C SER A 124 13.04 -14.69 -0.07
N SER A 125 12.11 -14.21 0.76
CA SER A 125 10.92 -13.57 0.22
C SER A 125 11.25 -12.21 -0.37
N ASN A 126 12.06 -11.41 0.33
CA ASN A 126 12.51 -10.11 -0.14
C ASN A 126 13.78 -10.18 -0.99
N ILE A 127 14.12 -11.37 -1.53
CA ILE A 127 15.33 -11.51 -2.32
C ILE A 127 15.23 -10.77 -3.65
N ASP A 128 14.04 -10.29 -3.99
CA ASP A 128 13.86 -9.50 -5.20
C ASP A 128 14.40 -8.09 -5.03
N CYS A 129 14.46 -7.58 -3.79
CA CYS A 129 15.13 -6.31 -3.53
C CYS A 129 16.61 -6.50 -3.20
N LEU A 130 17.18 -7.66 -3.52
CA LEU A 130 18.60 -7.97 -3.28
C LEU A 130 18.96 -7.79 -1.82
N VAL A 131 17.99 -7.96 -0.92
CA VAL A 131 18.28 -7.91 0.50
C VAL A 131 19.23 -9.06 0.88
N SER A 132 19.94 -8.89 1.98
CA SER A 132 20.76 -9.97 2.51
C SER A 132 19.90 -11.21 2.80
N VAL A 133 20.44 -12.38 2.48
CA VAL A 133 19.80 -13.64 2.78
C VAL A 133 20.80 -14.50 3.55
N GLY A 134 20.30 -15.63 4.08
CA GLY A 134 21.14 -16.47 4.93
C GLY A 134 20.69 -17.90 5.08
N THR A 135 21.61 -18.73 5.55
CA THR A 135 21.36 -20.10 5.94
C THR A 135 21.56 -20.25 7.46
N ILE A 136 20.57 -20.83 8.16
CA ILE A 136 20.63 -21.04 9.61
C ILE A 136 20.61 -22.54 9.90
N PHE A 137 21.41 -22.97 10.86
CA PHE A 137 21.46 -24.39 11.15
C PHE A 137 21.70 -24.64 12.65
N GLY A 138 21.16 -25.75 13.12
CA GLY A 138 21.45 -26.25 14.46
C GLY A 138 21.69 -27.75 14.41
N ILE A 139 22.68 -28.22 15.17
CA ILE A 139 23.08 -29.62 15.14
C ILE A 139 22.85 -30.25 16.51
N TYR A 140 22.10 -31.36 16.54
CA TYR A 140 21.87 -32.16 17.74
C TYR A 140 22.45 -33.55 17.55
N ARG A 141 22.81 -34.19 18.65
CA ARG A 141 23.06 -35.63 18.63
C ARG A 141 21.75 -36.34 18.88
N LYS A 142 21.51 -37.44 18.16
CA LYS A 142 20.36 -38.28 18.47
C LYS A 142 20.50 -38.84 19.88
N LYS A 143 19.42 -38.72 20.66
CA LYS A 143 19.41 -38.99 22.09
C LYS A 143 18.87 -40.38 22.42
N SER A 144 17.72 -40.72 21.86
CA SER A 144 17.10 -42.01 22.15
C SER A 144 17.64 -43.08 21.21
N THR A 145 17.45 -44.34 21.61
CA THR A 145 17.81 -45.48 20.81
C THR A 145 16.64 -46.08 20.05
N ASP A 146 15.47 -45.46 20.11
CA ASP A 146 14.36 -45.89 19.26
C ASP A 146 14.75 -45.73 17.80
N GLU A 147 14.02 -46.41 16.93
CA GLU A 147 14.18 -46.15 15.51
C GLU A 147 13.95 -44.67 15.26
N PRO A 148 14.77 -44.01 14.43
CA PRO A 148 14.67 -42.55 14.32
C PRO A 148 13.31 -42.13 13.79
N SER A 149 12.82 -40.99 14.29
CA SER A 149 11.52 -40.43 13.91
C SER A 149 11.53 -38.92 14.13
N GLU A 150 10.37 -38.28 13.89
CA GLU A 150 10.27 -36.82 14.04
C GLU A 150 10.48 -36.38 15.49
N LYS A 151 10.09 -37.20 16.47
CA LYS A 151 10.22 -36.88 17.88
C LYS A 151 11.66 -36.58 18.28
N ASP A 152 12.65 -37.07 17.52
CA ASP A 152 14.05 -36.88 17.85
C ASP A 152 14.50 -35.45 17.67
N ALA A 153 13.72 -34.63 16.98
CA ALA A 153 14.01 -33.21 16.78
C ALA A 153 13.34 -32.33 17.82
N LEU A 154 12.56 -32.90 18.74
CA LEU A 154 11.84 -32.11 19.74
C LEU A 154 12.67 -31.84 20.99
N GLN A 155 13.97 -31.64 20.84
CA GLN A 155 14.82 -31.31 21.96
C GLN A 155 14.87 -29.80 22.20
N PRO A 156 15.05 -29.38 23.44
CA PRO A 156 15.25 -27.96 23.71
C PRO A 156 16.63 -27.50 23.28
N GLY A 157 16.73 -26.19 23.02
CA GLY A 157 17.96 -25.63 22.51
C GLY A 157 19.18 -25.91 23.37
N ARG A 158 18.99 -26.17 24.68
CA ARG A 158 20.10 -26.56 25.56
C ARG A 158 20.90 -27.73 25.02
N ASN A 159 20.31 -28.53 24.15
CA ASN A 159 20.92 -29.77 23.71
C ASN A 159 21.85 -29.61 22.49
N LEU A 160 22.08 -28.39 22.03
CA LEU A 160 22.82 -28.18 20.79
C LEU A 160 24.29 -28.56 20.94
N VAL A 161 24.82 -29.22 19.91
CA VAL A 161 26.26 -29.46 19.77
C VAL A 161 26.95 -28.25 19.14
N ALA A 162 26.33 -27.63 18.13
CA ALA A 162 26.86 -26.50 17.40
C ALA A 162 25.70 -25.82 16.67
N ALA A 163 25.92 -24.56 16.29
CA ALA A 163 24.94 -23.79 15.56
C ALA A 163 25.64 -22.62 14.85
N GLY A 164 24.93 -22.00 13.92
CA GLY A 164 25.49 -20.85 13.23
C GLY A 164 24.70 -20.47 11.99
N TYR A 165 25.33 -19.65 11.16
CA TYR A 165 24.67 -19.12 9.98
C TYR A 165 25.67 -18.64 8.95
N ALA A 166 25.27 -18.73 7.67
CA ALA A 166 25.94 -18.05 6.56
C ALA A 166 25.15 -16.81 6.20
N LEU A 167 25.84 -15.69 6.10
CA LEU A 167 25.22 -14.43 5.66
C LEU A 167 25.74 -14.14 4.26
N TYR A 168 24.84 -14.19 3.26
CA TYR A 168 25.20 -13.82 1.88
C TYR A 168 24.86 -12.35 1.71
N GLY A 169 25.77 -11.50 2.19
CA GLY A 169 25.65 -10.06 2.18
C GLY A 169 26.62 -9.44 1.19
N SER A 170 27.23 -8.30 1.54
CA SER A 170 28.25 -7.72 0.66
C SER A 170 29.40 -8.69 0.45
N ALA A 171 29.66 -9.55 1.42
CA ALA A 171 30.51 -10.71 1.19
C ALA A 171 29.85 -11.91 1.85
N THR A 172 30.40 -13.08 1.61
CA THR A 172 29.85 -14.29 2.20
C THR A 172 30.72 -14.70 3.40
N MET A 173 30.10 -14.76 4.60
CA MET A 173 30.76 -15.11 5.85
C MET A 173 30.04 -16.26 6.54
N LEU A 174 30.80 -17.18 7.13
CA LEU A 174 30.26 -18.27 7.93
C LEU A 174 30.57 -18.03 9.40
N VAL A 175 29.53 -17.97 10.22
CA VAL A 175 29.64 -17.80 11.67
C VAL A 175 29.33 -19.13 12.36
N LEU A 176 30.32 -19.70 13.03
CA LEU A 176 30.17 -21.02 13.63
C LEU A 176 30.29 -20.86 15.13
N ALA A 177 29.27 -21.30 15.86
CA ALA A 177 29.25 -21.26 17.32
C ALA A 177 29.26 -22.67 17.90
N MET A 178 30.07 -22.84 18.94
CA MET A 178 30.19 -24.13 19.60
C MET A 178 30.39 -23.91 21.09
N ASP A 179 30.75 -24.99 21.80
CA ASP A 179 30.87 -24.93 23.24
C ASP A 179 31.91 -23.90 23.68
N CYS A 180 33.01 -23.81 22.95
CA CYS A 180 34.12 -22.93 23.29
C CYS A 180 34.04 -21.52 22.68
N GLY A 181 33.01 -21.19 21.90
CA GLY A 181 32.82 -19.82 21.47
C GLY A 181 32.48 -19.73 20.01
N VAL A 182 32.56 -18.52 19.46
CA VAL A 182 32.08 -18.22 18.10
C VAL A 182 33.21 -17.71 17.22
N ASN A 183 33.36 -18.29 16.02
CA ASN A 183 34.39 -17.88 15.07
C ASN A 183 33.77 -17.59 13.70
N CYS A 184 34.32 -16.56 13.02
CA CYS A 184 33.81 -16.06 11.74
C CYS A 184 34.81 -16.33 10.62
N PHE A 185 34.32 -16.84 9.50
CA PHE A 185 35.17 -17.10 8.34
C PHE A 185 34.68 -16.34 7.12
N MET A 186 35.61 -15.74 6.39
CA MET A 186 35.29 -14.98 5.18
C MET A 186 35.61 -15.82 3.95
N LEU A 187 34.63 -15.98 3.07
CA LEU A 187 34.84 -16.77 1.86
C LEU A 187 35.65 -15.94 0.86
N ASP A 188 36.80 -16.47 0.43
CA ASP A 188 37.60 -15.91 -0.65
C ASP A 188 37.21 -16.64 -1.93
N PRO A 189 36.42 -16.03 -2.82
CA PRO A 189 35.89 -16.78 -3.96
C PRO A 189 36.92 -17.10 -5.03
N ALA A 190 38.10 -16.49 -5.00
CA ALA A 190 39.13 -16.83 -5.97
C ALA A 190 39.64 -18.26 -5.80
N ILE A 191 39.61 -18.80 -4.58
CA ILE A 191 40.11 -20.14 -4.31
C ILE A 191 39.07 -21.00 -3.60
N GLY A 192 37.95 -20.40 -3.23
CA GLY A 192 36.90 -21.15 -2.58
C GLY A 192 37.26 -21.69 -1.21
N GLU A 193 37.71 -20.80 -0.32
CA GLU A 193 38.10 -21.19 1.02
C GLU A 193 37.55 -20.18 2.02
N PHE A 194 37.04 -20.70 3.15
CA PHE A 194 36.65 -19.87 4.30
C PHE A 194 37.89 -19.60 5.13
N ILE A 195 38.23 -18.33 5.31
CA ILE A 195 39.46 -17.88 5.95
C ILE A 195 39.07 -17.31 7.30
N LEU A 196 39.69 -17.82 8.36
CA LEU A 196 39.40 -17.34 9.72
C LEU A 196 39.89 -15.91 9.85
N VAL A 197 38.96 -15.00 10.12
CA VAL A 197 39.27 -13.58 10.16
C VAL A 197 38.90 -12.91 11.48
N ASP A 198 38.01 -13.48 12.29
CA ASP A 198 37.62 -12.90 13.58
C ASP A 198 37.48 -14.05 14.54
N LYS A 199 38.43 -14.19 15.46
CA LYS A 199 38.48 -15.30 16.41
C LYS A 199 37.78 -14.91 17.69
N ASP A 200 36.98 -15.84 18.20
CA ASP A 200 36.46 -15.80 19.56
C ASP A 200 35.66 -14.53 19.83
N VAL A 201 34.63 -14.32 19.01
CA VAL A 201 33.91 -13.05 19.09
C VAL A 201 33.04 -13.00 20.34
N LYS A 202 32.89 -11.79 20.89
CA LYS A 202 32.03 -11.51 22.03
C LYS A 202 31.21 -10.26 21.75
N ILE A 203 29.92 -10.29 22.10
CA ILE A 203 29.05 -9.14 21.85
C ILE A 203 29.23 -8.09 22.94
N LYS A 204 29.02 -6.83 22.58
CA LYS A 204 29.08 -5.72 23.53
C LYS A 204 28.06 -5.90 24.63
N LYS A 205 28.42 -5.49 25.85
CA LYS A 205 27.49 -5.59 26.98
C LYS A 205 26.23 -4.75 26.75
N LYS A 206 26.35 -3.61 26.08
CA LYS A 206 25.17 -2.79 25.85
C LYS A 206 25.37 -2.00 24.56
N GLY A 207 24.31 -1.94 23.76
CA GLY A 207 24.38 -1.35 22.45
C GLY A 207 23.62 -0.04 22.34
N LYS A 208 23.46 0.40 21.09
CA LYS A 208 22.75 1.63 20.74
C LYS A 208 21.80 1.44 19.56
N ILE A 209 21.40 0.20 19.25
CA ILE A 209 20.46 -0.05 18.16
C ILE A 209 19.41 -1.04 18.64
N TYR A 210 18.13 -0.76 18.34
CA TYR A 210 17.04 -1.71 18.53
C TYR A 210 16.46 -2.10 17.18
N SER A 211 15.89 -3.30 17.09
CA SER A 211 15.48 -3.87 15.81
C SER A 211 14.15 -4.58 15.93
N LEU A 212 13.12 -4.05 15.26
CA LEU A 212 11.83 -4.73 15.13
C LEU A 212 10.95 -3.95 14.15
N ASN A 213 9.84 -4.58 13.74
CA ASN A 213 8.88 -3.98 12.84
C ASN A 213 7.91 -3.11 13.62
N GLU A 214 8.13 -1.79 13.60
CA GLU A 214 7.25 -0.84 14.28
C GLU A 214 5.98 -0.55 13.50
N GLY A 215 5.91 -0.96 12.24
CA GLY A 215 4.70 -0.75 11.48
C GLY A 215 3.49 -1.46 12.03
N TYR A 216 3.70 -2.57 12.76
CA TYR A 216 2.61 -3.33 13.37
C TYR A 216 2.32 -2.91 14.80
N ALA A 217 2.62 -1.65 15.12
CA ALA A 217 2.50 -1.13 16.48
C ALA A 217 1.10 -1.29 17.06
N LYS A 218 0.06 -1.16 16.23
CA LYS A 218 -1.32 -1.13 16.75
C LYS A 218 -1.69 -2.42 17.46
N ASP A 219 -0.94 -3.51 17.24
CA ASP A 219 -1.16 -4.79 17.89
C ASP A 219 -0.15 -5.09 19.01
N PHE A 220 0.68 -4.11 19.40
CA PHE A 220 1.72 -4.32 20.39
C PHE A 220 1.15 -4.70 21.76
N ASP A 221 1.84 -5.64 22.41
CA ASP A 221 1.66 -5.88 23.83
C ASP A 221 1.96 -4.60 24.60
N PRO A 222 1.30 -4.37 25.75
CA PRO A 222 1.54 -3.11 26.49
C PRO A 222 2.98 -2.88 26.90
N ALA A 223 3.76 -3.92 27.17
CA ALA A 223 5.17 -3.72 27.52
C ALA A 223 6.02 -3.31 26.32
N VAL A 224 5.87 -4.01 25.19
CA VAL A 224 6.66 -3.68 24.01
C VAL A 224 6.41 -2.24 23.61
N THR A 225 5.16 -1.79 23.73
CA THR A 225 4.86 -0.37 23.51
C THR A 225 5.71 0.50 24.43
N GLU A 226 5.79 0.15 25.71
CA GLU A 226 6.53 0.97 26.66
C GLU A 226 8.03 0.87 26.43
N TYR A 227 8.55 -0.33 26.19
CA TYR A 227 10.00 -0.45 26.01
C TYR A 227 10.49 0.35 24.81
N ILE A 228 9.74 0.30 23.71
CA ILE A 228 10.12 1.07 22.53
C ILE A 228 9.94 2.55 22.82
N GLN A 229 8.94 2.90 23.64
CA GLN A 229 8.80 4.28 24.12
C GLN A 229 10.04 4.72 24.87
N ARG A 230 10.61 3.84 25.71
CA ARG A 230 11.80 4.26 26.46
C ARG A 230 13.02 4.42 25.56
N LYS A 231 13.11 3.66 24.48
CA LYS A 231 14.25 3.78 23.59
C LYS A 231 14.18 5.03 22.70
N LYS A 232 12.98 5.47 22.31
CA LYS A 232 12.90 6.67 21.48
C LYS A 232 12.89 7.96 22.30
N PHE A 233 12.23 7.94 23.46
CA PHE A 233 12.14 9.09 24.35
C PHE A 233 12.64 8.64 25.72
N PRO A 234 13.95 8.54 25.90
CA PRO A 234 14.50 8.02 27.17
C PRO A 234 14.09 8.88 28.35
N PRO A 235 13.68 8.27 29.47
CA PRO A 235 13.30 9.07 30.64
C PRO A 235 14.48 9.76 31.31
N ASP A 236 15.70 9.25 31.15
CA ASP A 236 16.87 9.90 31.73
C ASP A 236 17.51 10.88 30.75
N ASN A 237 16.84 11.17 29.64
CA ASN A 237 17.26 12.13 28.63
C ASN A 237 18.65 11.83 28.04
N SER A 238 19.07 10.57 28.06
CA SER A 238 20.26 10.17 27.35
C SER A 238 19.97 10.12 25.86
N ALA A 239 21.00 9.94 25.05
CA ALA A 239 20.80 9.93 23.61
C ALA A 239 19.97 8.71 23.22
N PRO A 240 18.99 8.87 22.32
CA PRO A 240 18.17 7.73 21.92
C PRO A 240 18.97 6.66 21.17
N TYR A 241 18.47 5.44 21.24
CA TYR A 241 19.00 4.37 20.39
C TYR A 241 18.64 4.67 18.94
N GLY A 242 19.46 4.16 18.03
CA GLY A 242 19.06 4.15 16.64
C GLY A 242 18.28 2.91 16.31
N ALA A 243 17.52 2.98 15.22
CA ALA A 243 16.68 1.86 14.79
C ALA A 243 17.19 1.32 13.46
N ARG A 244 17.24 0.00 13.37
CA ARG A 244 17.59 -0.71 12.14
C ARG A 244 16.70 -1.92 12.05
N TYR A 245 16.16 -2.18 10.84
CA TYR A 245 15.39 -3.40 10.61
C TYR A 245 15.46 -3.75 9.12
N VAL A 246 16.31 -4.73 8.81
CA VAL A 246 16.46 -5.15 7.42
C VAL A 246 15.27 -5.98 7.00
N GLY A 247 14.68 -6.70 7.94
CA GLY A 247 13.59 -7.61 7.69
C GLY A 247 14.01 -9.03 7.41
N SER A 248 15.30 -9.32 7.43
CA SER A 248 15.82 -10.67 7.25
C SER A 248 16.62 -11.01 8.49
N MET A 249 16.25 -12.12 9.15
CA MET A 249 16.71 -12.41 10.50
C MET A 249 18.25 -12.51 10.55
N VAL A 250 18.85 -13.23 9.61
CA VAL A 250 20.31 -13.42 9.62
C VAL A 250 21.04 -12.09 9.50
N ALA A 251 20.58 -11.18 8.64
CA ALA A 251 21.31 -9.92 8.53
C ALA A 251 21.18 -9.12 9.82
N ASP A 252 19.95 -9.02 10.34
CA ASP A 252 19.69 -8.25 11.56
C ASP A 252 20.42 -8.83 12.77
N VAL A 253 20.43 -10.16 12.92
CA VAL A 253 21.05 -10.75 14.10
C VAL A 253 22.56 -10.58 14.06
N HIS A 254 23.18 -10.77 12.89
CA HIS A 254 24.63 -10.62 12.74
C HIS A 254 25.07 -9.18 12.98
N ARG A 255 24.23 -8.20 12.59
CA ARG A 255 24.52 -6.82 12.95
C ARG A 255 24.50 -6.64 14.45
N THR A 256 23.54 -7.29 15.12
CA THR A 256 23.48 -7.24 16.58
C THR A 256 24.75 -7.82 17.19
N LEU A 257 25.20 -8.96 16.68
CA LEU A 257 26.44 -9.58 17.16
C LEU A 257 27.65 -8.69 16.93
N VAL A 258 27.73 -8.05 15.75
CA VAL A 258 28.92 -7.27 15.36
C VAL A 258 28.95 -5.90 16.03
N TYR A 259 27.79 -5.28 16.28
CA TYR A 259 27.74 -3.93 16.81
C TYR A 259 27.08 -3.81 18.19
N GLY A 260 26.32 -4.81 18.63
CA GLY A 260 25.55 -4.71 19.87
C GLY A 260 24.14 -4.21 19.62
N GLY A 261 23.33 -4.21 20.68
CA GLY A 261 21.95 -3.79 20.61
C GLY A 261 20.98 -4.93 20.85
N ILE A 262 19.73 -4.74 20.40
CA ILE A 262 18.65 -5.68 20.67
C ILE A 262 17.81 -5.90 19.42
N PHE A 263 17.37 -7.15 19.25
CA PHE A 263 16.50 -7.58 18.17
C PHE A 263 15.24 -8.20 18.78
N LEU A 264 14.06 -7.75 18.32
CA LEU A 264 12.79 -8.17 18.92
C LEU A 264 11.82 -8.67 17.87
N TYR A 265 11.27 -9.85 18.08
CA TYR A 265 10.07 -10.29 17.37
C TYR A 265 9.15 -10.91 18.41
N PRO A 266 8.41 -10.08 19.15
CA PRO A 266 7.73 -10.56 20.35
C PRO A 266 6.32 -11.09 20.11
N ALA A 267 5.68 -11.53 21.18
CA ALA A 267 4.31 -12.00 21.16
C ALA A 267 3.33 -10.85 21.33
N ASN A 268 2.14 -11.01 20.75
CA ASN A 268 1.03 -10.08 20.96
C ASN A 268 -0.25 -10.89 21.11
N LYS A 269 -1.38 -10.20 21.26
CA LYS A 269 -2.65 -10.89 21.45
C LYS A 269 -3.10 -11.58 20.17
N LYS A 270 -2.77 -11.03 19.00
CA LYS A 270 -3.11 -11.70 17.74
C LYS A 270 -2.18 -12.87 17.46
N SER A 271 -0.93 -12.80 17.92
CA SER A 271 0.05 -13.89 17.76
C SER A 271 0.65 -14.21 19.13
N PRO A 272 -0.08 -14.99 19.96
CA PRO A 272 0.38 -15.20 21.34
C PRO A 272 1.66 -15.99 21.47
N ASN A 273 2.07 -16.72 20.44
CA ASN A 273 3.32 -17.48 20.50
C ASN A 273 4.39 -16.92 19.58
N GLY A 274 4.27 -15.68 19.12
CA GLY A 274 5.24 -15.13 18.20
C GLY A 274 5.07 -15.65 16.79
N LYS A 275 5.99 -15.25 15.92
CA LYS A 275 5.97 -15.60 14.50
C LYS A 275 7.12 -16.48 14.06
N LEU A 276 8.31 -16.28 14.63
CA LEU A 276 9.49 -17.03 14.21
C LEU A 276 9.45 -18.45 14.77
N ARG A 277 10.04 -19.37 14.02
CA ARG A 277 9.97 -20.79 14.33
C ARG A 277 11.07 -21.17 15.31
N LEU A 278 10.73 -22.04 16.26
CA LEU A 278 11.66 -22.33 17.35
C LEU A 278 12.83 -23.20 16.91
N LEU A 279 12.56 -24.20 16.07
CA LEU A 279 13.57 -25.23 15.80
C LEU A 279 14.75 -24.67 14.99
N TYR A 280 14.48 -24.04 13.85
CA TYR A 280 15.51 -23.65 12.88
C TYR A 280 15.68 -22.14 12.76
N GLU A 281 15.02 -21.35 13.60
CA GLU A 281 15.31 -19.92 13.62
C GLU A 281 15.63 -19.40 15.02
N CYS A 282 14.74 -19.64 15.99
CA CYS A 282 14.93 -19.07 17.32
C CYS A 282 16.10 -19.72 18.08
N ASN A 283 16.18 -21.05 18.08
CA ASN A 283 17.22 -21.69 18.87
C ASN A 283 18.62 -21.42 18.32
N PRO A 284 18.89 -21.57 17.00
CA PRO A 284 20.26 -21.34 16.52
C PRO A 284 20.75 -19.92 16.76
N MET A 285 19.86 -18.94 16.61
CA MET A 285 20.29 -17.56 16.84
C MET A 285 20.51 -17.30 18.32
N ALA A 286 19.66 -17.89 19.19
CA ALA A 286 19.88 -17.82 20.63
C ALA A 286 21.19 -18.49 21.04
N TYR A 287 21.50 -19.66 20.46
CA TYR A 287 22.72 -20.38 20.82
C TYR A 287 23.98 -19.57 20.47
N VAL A 288 24.04 -19.04 19.24
CA VAL A 288 25.17 -18.18 18.87
C VAL A 288 25.30 -17.01 19.85
N MET A 289 24.17 -16.41 20.20
CA MET A 289 24.17 -15.26 21.12
C MET A 289 24.83 -15.59 22.44
N GLU A 290 24.41 -16.69 23.07
CA GLU A 290 24.93 -17.03 24.38
C GLU A 290 26.41 -17.38 24.34
N LYS A 291 26.82 -18.16 23.34
CA LYS A 291 28.23 -18.52 23.21
C LYS A 291 29.12 -17.31 22.96
N ALA A 292 28.54 -16.16 22.61
CA ALA A 292 29.25 -14.91 22.44
C ALA A 292 29.07 -13.95 23.61
N GLY A 293 28.34 -14.37 24.66
CA GLY A 293 28.05 -13.51 25.80
C GLY A 293 26.72 -12.77 25.79
N GLY A 294 25.77 -13.14 24.93
CA GLY A 294 24.49 -12.46 24.85
C GLY A 294 23.35 -13.22 25.52
N MET A 295 22.12 -12.73 25.31
CA MET A 295 20.93 -13.36 25.87
C MET A 295 19.87 -13.52 24.78
N ALA A 296 18.96 -14.47 25.04
CA ALA A 296 17.84 -14.67 24.14
C ALA A 296 16.69 -15.25 24.94
N THR A 297 15.57 -14.52 25.01
CA THR A 297 14.43 -14.87 25.85
C THR A 297 13.13 -14.75 25.07
N THR A 298 12.10 -15.45 25.57
CA THR A 298 10.73 -15.35 25.08
C THR A 298 9.84 -14.42 25.89
N GLY A 299 10.36 -13.78 26.92
CA GLY A 299 9.57 -13.03 27.90
C GLY A 299 9.21 -13.81 29.15
N LYS A 300 8.65 -15.01 28.96
CA LYS A 300 8.28 -15.89 30.06
C LYS A 300 9.42 -16.81 30.43
N GLU A 301 10.19 -17.25 29.44
CA GLU A 301 11.26 -18.21 29.69
C GLU A 301 12.37 -18.01 28.67
N ALA A 302 13.50 -18.68 28.91
CA ALA A 302 14.60 -18.71 27.97
C ALA A 302 14.23 -19.47 26.70
N VAL A 303 14.71 -18.99 25.55
CA VAL A 303 14.45 -19.67 24.30
C VAL A 303 14.98 -21.10 24.35
N LEU A 304 16.17 -21.29 24.94
CA LEU A 304 16.78 -22.61 25.01
C LEU A 304 16.06 -23.55 25.98
N ASP A 305 15.18 -23.04 26.84
CA ASP A 305 14.47 -23.89 27.79
C ASP A 305 13.11 -24.38 27.31
N VAL A 306 12.64 -23.95 26.15
CA VAL A 306 11.32 -24.37 25.70
C VAL A 306 11.42 -25.78 25.14
N ILE A 307 10.55 -26.67 25.64
CA ILE A 307 10.46 -28.04 25.14
C ILE A 307 9.41 -28.04 24.04
N PRO A 308 9.76 -28.30 22.80
CA PRO A 308 8.76 -28.26 21.74
C PRO A 308 7.87 -29.49 21.79
N THR A 309 6.64 -29.31 21.28
CA THR A 309 5.72 -30.39 21.02
C THR A 309 5.39 -30.52 19.54
N ASP A 310 5.79 -29.55 18.73
CA ASP A 310 5.62 -29.57 17.28
C ASP A 310 6.88 -29.00 16.66
N ILE A 311 7.39 -29.66 15.60
CA ILE A 311 8.67 -29.23 15.00
C ILE A 311 8.54 -27.86 14.34
N HIS A 312 7.33 -27.46 13.95
CA HIS A 312 7.09 -26.17 13.31
C HIS A 312 6.38 -25.18 14.22
N GLN A 313 6.46 -25.36 15.53
CA GLN A 313 5.79 -24.45 16.45
C GLN A 313 6.57 -23.14 16.51
N ARG A 314 5.84 -22.07 16.76
CA ARG A 314 6.40 -20.72 16.79
C ARG A 314 6.76 -20.33 18.21
N ALA A 315 7.64 -19.34 18.31
CA ALA A 315 8.08 -18.83 19.56
C ALA A 315 8.41 -17.36 19.36
N PRO A 316 8.13 -16.51 20.33
CA PRO A 316 8.69 -15.16 20.33
C PRO A 316 10.13 -15.18 20.81
N VAL A 317 10.88 -14.16 20.39
CA VAL A 317 12.32 -14.09 20.65
C VAL A 317 12.70 -12.62 20.86
N ILE A 318 13.48 -12.36 21.92
CA ILE A 318 14.06 -11.06 22.20
C ILE A 318 15.52 -11.35 22.50
N LEU A 319 16.44 -10.88 21.65
CA LEU A 319 17.84 -11.22 21.83
C LEU A 319 18.74 -10.04 21.53
N GLY A 320 20.00 -10.19 21.93
CA GLY A 320 21.01 -9.17 21.74
C GLY A 320 21.92 -9.00 22.92
N SER A 321 22.37 -7.77 23.15
CA SER A 321 23.25 -7.48 24.27
C SER A 321 22.55 -7.81 25.59
N PRO A 322 23.28 -8.33 26.57
CA PRO A 322 22.63 -8.75 27.83
C PRO A 322 21.95 -7.61 28.56
N ASP A 323 22.60 -6.45 28.66
CA ASP A 323 21.96 -5.32 29.33
C ASP A 323 20.71 -4.84 28.60
N ASP A 324 20.67 -4.90 27.26
CA ASP A 324 19.50 -4.42 26.54
C ASP A 324 18.31 -5.36 26.73
N VAL A 325 18.56 -6.66 26.77
CA VAL A 325 17.48 -7.63 26.97
C VAL A 325 16.88 -7.49 28.37
N LEU A 326 17.74 -7.26 29.38
CA LEU A 326 17.26 -7.11 30.75
C LEU A 326 16.32 -5.92 30.89
N GLU A 327 16.63 -4.81 30.23
CA GLU A 327 15.73 -3.67 30.31
C GLU A 327 14.36 -4.01 29.73
N PHE A 328 14.32 -4.92 28.75
CA PHE A 328 13.02 -5.35 28.25
C PHE A 328 12.28 -6.19 29.27
N LEU A 329 12.96 -7.16 29.89
CA LEU A 329 12.32 -8.02 30.87
C LEU A 329 11.82 -7.24 32.08
N LYS A 330 12.52 -6.19 32.51
CA LYS A 330 12.01 -5.41 33.63
C LYS A 330 10.66 -4.80 33.29
N VAL A 331 10.55 -4.21 32.09
CA VAL A 331 9.28 -3.64 31.62
C VAL A 331 8.24 -4.73 31.42
N TYR A 332 8.67 -5.90 30.96
CA TYR A 332 7.75 -7.00 30.72
C TYR A 332 7.02 -7.39 32.00
N GLU A 333 7.74 -7.42 33.12
CA GLU A 333 7.15 -7.91 34.35
C GLU A 333 6.29 -6.87 35.04
N LYS A 334 6.57 -5.57 34.83
CA LYS A 334 5.68 -4.53 35.32
C LYS A 334 4.25 -4.76 34.84
N HIS A 335 4.09 -5.30 33.63
CA HIS A 335 2.82 -5.68 33.05
C HIS A 335 2.50 -7.14 33.31
N SER A 336 3.01 -7.71 34.41
CA SER A 336 2.86 -9.11 34.78
C SER A 336 3.22 -10.07 33.62
N ASP B 10 16.13 -11.44 -27.43
CA ASP B 10 17.57 -11.37 -27.58
C ASP B 10 18.29 -10.90 -26.31
N VAL B 11 19.42 -11.52 -25.99
CA VAL B 11 20.17 -11.09 -24.82
C VAL B 11 20.76 -9.72 -25.09
N ASN B 12 20.77 -8.90 -24.07
CA ASN B 12 21.36 -7.56 -24.10
C ASN B 12 22.31 -7.44 -22.91
N THR B 13 23.45 -6.85 -23.15
CA THR B 13 24.41 -6.53 -22.10
C THR B 13 24.46 -5.02 -21.95
N LEU B 14 25.13 -4.57 -20.90
CA LEU B 14 25.27 -3.14 -20.70
C LEU B 14 26.07 -2.50 -21.82
N THR B 15 27.13 -3.17 -22.30
CA THR B 15 27.97 -2.62 -23.37
C THR B 15 27.22 -2.51 -24.69
N ARG B 16 26.45 -3.54 -25.04
CA ARG B 16 25.61 -3.51 -26.21
C ARG B 16 24.54 -2.45 -26.11
N PHE B 17 23.95 -2.31 -24.90
CA PHE B 17 22.90 -1.32 -24.69
C PHE B 17 23.44 0.08 -24.91
N VAL B 18 24.64 0.37 -24.38
CA VAL B 18 25.18 1.73 -24.46
C VAL B 18 25.60 2.07 -25.89
N MET B 19 26.20 1.12 -26.61
CA MET B 19 26.63 1.45 -27.98
C MET B 19 25.44 1.64 -28.88
N GLU B 20 24.40 0.83 -28.71
CA GLU B 20 23.25 0.95 -29.58
C GLU B 20 22.53 2.26 -29.36
N GLU B 21 22.37 2.67 -28.10
CA GLU B 21 21.82 3.98 -27.80
C GLU B 21 22.77 5.07 -28.31
N GLY B 22 24.08 4.84 -28.19
CA GLY B 22 25.04 5.83 -28.65
C GLY B 22 24.98 6.00 -30.15
N ARG B 23 24.79 4.89 -30.88
CA ARG B 23 24.63 4.95 -32.32
C ARG B 23 23.28 5.55 -32.70
N LYS B 24 22.26 5.32 -31.90
CA LYS B 24 20.98 5.99 -32.11
C LYS B 24 21.18 7.51 -32.19
N ALA B 25 21.92 8.08 -31.25
CA ALA B 25 22.22 9.51 -31.30
C ALA B 25 23.44 9.82 -32.19
N ARG B 26 24.29 8.82 -32.45
CA ARG B 26 25.51 8.99 -33.24
C ARG B 26 26.36 10.14 -32.73
N GLY B 27 26.55 10.18 -31.42
CA GLY B 27 27.46 11.13 -30.83
C GLY B 27 28.89 10.71 -31.14
N THR B 28 29.83 11.46 -30.57
CA THR B 28 31.23 11.22 -30.92
C THR B 28 31.77 9.90 -30.38
N GLY B 29 31.13 9.32 -29.37
CA GLY B 29 31.63 8.14 -28.71
C GLY B 29 32.28 8.45 -27.39
N GLU B 30 32.33 9.73 -27.02
CA GLU B 30 33.01 10.11 -25.81
C GLU B 30 32.24 9.66 -24.57
N LEU B 31 30.91 9.72 -24.60
CA LEU B 31 30.12 9.26 -23.47
C LEU B 31 30.16 7.75 -23.33
N THR B 32 30.24 7.03 -24.45
CA THR B 32 30.41 5.59 -24.41
C THR B 32 31.76 5.19 -23.83
N GLN B 33 32.84 5.86 -24.26
CA GLN B 33 34.13 5.59 -23.65
C GLN B 33 34.10 5.84 -22.14
N LEU B 34 33.27 6.79 -21.71
CA LEU B 34 33.06 7.08 -20.29
C LEU B 34 32.38 5.92 -19.57
N LEU B 35 31.20 5.52 -20.04
CA LEU B 35 30.42 4.50 -19.35
C LEU B 35 31.13 3.16 -19.37
N ASN B 36 31.84 2.85 -20.46
CA ASN B 36 32.61 1.62 -20.49
C ASN B 36 33.69 1.64 -19.41
N SER B 37 34.36 2.78 -19.23
CA SER B 37 35.32 2.90 -18.14
C SER B 37 34.65 2.80 -16.76
N LEU B 38 33.46 3.38 -16.61
CA LEU B 38 32.78 3.36 -15.31
C LEU B 38 32.35 1.95 -14.96
N CYS B 39 31.76 1.25 -15.93
CA CYS B 39 31.38 -0.14 -15.76
C CYS B 39 32.56 -1.01 -15.37
N THR B 40 33.73 -0.75 -15.96
CA THR B 40 34.93 -1.52 -15.65
C THR B 40 35.36 -1.30 -14.20
N ALA B 41 35.27 -0.06 -13.72
CA ALA B 41 35.55 0.19 -12.31
C ALA B 41 34.54 -0.54 -11.40
N VAL B 42 33.27 -0.60 -11.80
CA VAL B 42 32.26 -1.24 -10.96
C VAL B 42 32.55 -2.72 -10.80
N LYS B 43 33.01 -3.37 -11.87
CA LYS B 43 33.34 -4.79 -11.79
C LYS B 43 34.55 -5.03 -10.88
N ALA B 44 35.49 -4.08 -10.87
CA ALA B 44 36.68 -4.21 -10.04
C ALA B 44 36.33 -4.01 -8.56
N ILE B 45 35.50 -3.03 -8.26
CA ILE B 45 35.08 -2.81 -6.88
C ILE B 45 34.37 -4.04 -6.36
N SER B 46 33.45 -4.59 -7.15
CA SER B 46 32.66 -5.74 -6.71
C SER B 46 33.55 -6.93 -6.36
N SER B 47 34.59 -7.18 -7.17
CA SER B 47 35.47 -8.32 -6.91
C SER B 47 36.20 -8.18 -5.58
N ALA B 48 36.64 -6.97 -5.26
CA ALA B 48 37.32 -6.72 -4.00
C ALA B 48 36.34 -6.70 -2.82
N VAL B 49 35.10 -6.25 -3.06
CA VAL B 49 34.08 -6.20 -2.02
C VAL B 49 33.66 -7.61 -1.59
N ARG B 50 33.55 -8.54 -2.54
CA ARG B 50 33.28 -9.95 -2.30
C ARG B 50 34.52 -10.72 -1.81
N LYS B 51 35.62 -10.01 -1.50
CA LYS B 51 36.83 -10.55 -0.87
C LYS B 51 37.62 -11.48 -1.78
N ALA B 52 37.64 -11.23 -3.08
CA ALA B 52 38.55 -11.98 -3.93
C ALA B 52 39.97 -11.68 -3.49
N GLY B 53 40.76 -12.74 -3.32
CA GLY B 53 42.15 -12.57 -2.91
C GLY B 53 42.38 -12.24 -1.45
N ILE B 54 41.39 -12.41 -0.56
CA ILE B 54 41.63 -12.10 0.85
C ILE B 54 42.67 -13.06 1.45
N ALA B 55 42.82 -14.26 0.88
CA ALA B 55 43.80 -15.23 1.37
C ALA B 55 45.23 -14.69 1.32
N HIS B 56 45.52 -13.81 0.35
CA HIS B 56 46.86 -13.25 0.26
C HIS B 56 47.13 -12.22 1.34
N LEU B 57 46.10 -11.44 1.69
CA LEU B 57 46.25 -10.47 2.78
C LEU B 57 46.48 -11.18 4.10
N TYR B 58 45.97 -12.40 4.23
CA TYR B 58 46.07 -13.22 5.43
C TYR B 58 47.19 -14.26 5.34
N GLY B 59 48.17 -14.04 4.47
CA GLY B 59 49.41 -14.78 4.51
C GLY B 59 49.40 -16.16 3.92
N ILE B 60 48.60 -16.42 2.88
CA ILE B 60 48.56 -17.76 2.34
C ILE B 60 49.91 -18.12 1.72
N ALA B 61 50.68 -17.13 1.28
CA ALA B 61 52.02 -17.36 0.74
C ALA B 61 53.10 -16.72 1.59
N GLY B 62 52.79 -16.29 2.81
CA GLY B 62 53.74 -15.59 3.66
C GLY B 62 53.43 -14.11 3.82
N LYS B 73 40.30 0.77 3.77
CA LYS B 73 41.07 0.52 2.55
C LYS B 73 40.18 0.30 1.36
N LEU B 74 39.04 -0.34 1.60
CA LEU B 74 38.19 -0.75 0.49
C LEU B 74 37.55 0.44 -0.18
N ASP B 75 37.23 1.49 0.58
CA ASP B 75 36.72 2.69 -0.04
C ASP B 75 37.85 3.53 -0.65
N VAL B 76 39.08 3.41 -0.13
CA VAL B 76 40.21 4.08 -0.78
C VAL B 76 40.54 3.45 -2.13
N LEU B 77 40.66 2.12 -2.18
CA LEU B 77 40.87 1.48 -3.48
C LEU B 77 39.70 1.74 -4.41
N SER B 78 38.48 1.69 -3.88
CA SER B 78 37.31 1.95 -4.72
C SER B 78 37.41 3.31 -5.37
N ASN B 79 37.81 4.33 -4.60
CA ASN B 79 37.93 5.66 -5.15
C ASN B 79 39.06 5.74 -6.20
N ASP B 80 40.16 5.01 -5.98
CA ASP B 80 41.26 5.05 -6.94
C ASP B 80 40.88 4.40 -8.26
N LEU B 81 40.09 3.32 -8.22
CA LEU B 81 39.68 2.68 -9.46
C LEU B 81 38.79 3.59 -10.30
N VAL B 82 37.83 4.27 -9.67
CA VAL B 82 36.95 5.14 -10.43
C VAL B 82 37.73 6.34 -10.94
N MET B 83 38.62 6.91 -10.12
CA MET B 83 39.42 8.06 -10.53
C MET B 83 40.32 7.73 -11.72
N ASN B 84 41.09 6.65 -11.63
CA ASN B 84 42.02 6.36 -12.71
C ASN B 84 41.30 5.96 -13.99
N MET B 85 40.22 5.19 -13.88
CA MET B 85 39.51 4.73 -15.07
C MET B 85 38.79 5.88 -15.79
N LEU B 86 38.31 6.86 -15.04
CA LEU B 86 37.65 8.02 -15.65
C LEU B 86 38.67 8.95 -16.30
N LYS B 87 39.77 9.24 -15.59
CA LYS B 87 40.82 10.07 -16.15
C LYS B 87 41.31 9.49 -17.48
N SER B 88 41.71 8.22 -17.46
CA SER B 88 42.26 7.56 -18.64
C SER B 88 41.22 7.28 -19.70
N SER B 89 39.96 7.69 -19.52
CA SER B 89 38.97 7.53 -20.58
C SER B 89 39.06 8.62 -21.64
N PHE B 90 39.69 9.76 -21.32
CA PHE B 90 39.74 10.93 -22.20
C PHE B 90 38.35 11.51 -22.47
N ALA B 91 37.44 11.38 -21.50
CA ALA B 91 36.09 11.89 -21.64
C ALA B 91 35.70 12.84 -20.51
N THR B 92 36.58 13.08 -19.56
CA THR B 92 36.23 13.84 -18.36
C THR B 92 37.21 14.99 -18.19
N CYS B 93 36.78 15.97 -17.40
CA CYS B 93 37.64 17.08 -16.99
C CYS B 93 37.45 17.51 -15.54
N VAL B 94 36.27 17.31 -14.94
CA VAL B 94 36.01 17.63 -13.54
C VAL B 94 35.37 16.41 -12.85
N LEU B 95 35.91 16.03 -11.71
CA LEU B 95 35.39 14.87 -10.97
C LEU B 95 35.21 15.23 -9.51
N VAL B 96 33.99 15.04 -9.00
CA VAL B 96 33.68 15.22 -7.59
C VAL B 96 33.38 13.86 -6.97
N SER B 97 34.07 13.54 -5.89
CA SER B 97 33.95 12.26 -5.23
C SER B 97 33.75 12.48 -3.74
N GLU B 98 33.02 11.54 -3.12
CA GLU B 98 32.79 11.60 -1.69
C GLU B 98 34.09 11.50 -0.91
N GLU B 99 35.14 10.95 -1.52
CA GLU B 99 36.42 10.74 -0.85
C GLU B 99 37.32 11.97 -0.84
N ASP B 100 37.05 12.99 -1.65
CA ASP B 100 37.97 14.09 -1.91
C ASP B 100 37.39 15.42 -1.47
N LYS B 101 38.21 16.21 -0.75
CA LYS B 101 37.74 17.50 -0.25
C LYS B 101 37.45 18.47 -1.39
N HIS B 102 38.32 18.52 -2.40
CA HIS B 102 38.14 19.35 -3.58
C HIS B 102 37.97 18.49 -4.83
N ALA B 103 37.35 19.07 -5.85
CA ALA B 103 37.19 18.38 -7.11
C ALA B 103 38.54 18.19 -7.81
N ILE B 104 38.60 17.16 -8.64
CA ILE B 104 39.81 16.80 -9.38
C ILE B 104 39.67 17.33 -10.80
N ILE B 105 40.69 18.05 -11.26
CA ILE B 105 40.74 18.57 -12.63
C ILE B 105 41.63 17.63 -13.44
N VAL B 106 41.07 17.06 -14.51
CA VAL B 106 41.82 16.11 -15.33
C VAL B 106 42.93 16.84 -16.08
N GLU B 107 44.08 16.19 -16.23
CA GLU B 107 45.24 16.82 -16.86
C GLU B 107 44.97 17.11 -18.33
N PRO B 108 45.67 18.11 -18.90
CA PRO B 108 45.33 18.60 -20.26
C PRO B 108 45.27 17.53 -21.34
N GLU B 109 46.22 16.59 -21.40
CA GLU B 109 46.21 15.63 -22.50
C GLU B 109 45.04 14.67 -22.41
N LYS B 110 44.39 14.56 -21.25
CA LYS B 110 43.29 13.62 -21.05
C LYS B 110 41.94 14.30 -20.87
N ARG B 111 41.82 15.58 -21.22
CA ARG B 111 40.60 16.30 -20.95
C ARG B 111 39.55 15.99 -22.01
N GLY B 112 38.31 15.80 -21.55
CA GLY B 112 37.15 15.59 -22.37
C GLY B 112 36.01 16.43 -21.86
N LYS B 113 34.78 16.17 -22.32
CA LYS B 113 33.69 17.12 -22.16
C LYS B 113 32.66 16.76 -21.08
N TYR B 114 32.89 15.73 -20.26
CA TYR B 114 31.87 15.33 -19.30
C TYR B 114 32.33 15.56 -17.86
N VAL B 115 31.35 15.74 -16.99
CA VAL B 115 31.55 15.95 -15.55
C VAL B 115 30.79 14.86 -14.81
N VAL B 116 31.48 14.18 -13.87
CA VAL B 116 30.91 13.03 -13.17
C VAL B 116 31.02 13.20 -11.67
N CYS B 117 29.91 13.02 -10.96
CA CYS B 117 29.85 12.99 -9.51
C CYS B 117 29.61 11.55 -9.02
N PHE B 118 30.44 11.07 -8.08
CA PHE B 118 30.27 9.70 -7.65
C PHE B 118 30.59 9.55 -6.17
N ASP B 119 29.87 8.63 -5.54
CA ASP B 119 30.24 8.07 -4.26
C ASP B 119 30.77 6.67 -4.53
N PRO B 120 32.09 6.43 -4.45
CA PRO B 120 32.60 5.14 -4.91
C PRO B 120 32.15 3.97 -4.08
N LEU B 121 31.87 4.16 -2.78
CA LEU B 121 31.43 3.02 -1.94
C LEU B 121 30.51 3.55 -0.83
N ASP B 122 29.24 3.73 -1.18
CA ASP B 122 28.24 4.25 -0.24
C ASP B 122 27.93 3.25 0.86
N GLY B 123 27.95 3.71 2.10
CA GLY B 123 27.62 2.86 3.21
C GLY B 123 28.74 1.99 3.72
N SER B 124 29.97 2.18 3.22
CA SER B 124 31.09 1.34 3.58
C SER B 124 31.55 1.53 5.02
N SER B 125 30.95 2.45 5.78
CA SER B 125 31.25 2.53 7.20
C SER B 125 30.67 1.34 7.96
N ASN B 126 29.45 0.92 7.61
CA ASN B 126 28.82 -0.25 8.19
C ASN B 126 29.18 -1.54 7.46
N ILE B 127 30.28 -1.56 6.69
CA ILE B 127 30.68 -2.76 5.97
C ILE B 127 31.23 -3.86 6.88
N ASP B 128 31.39 -3.57 8.18
CA ASP B 128 31.85 -4.59 9.13
C ASP B 128 30.76 -5.61 9.44
N CYS B 129 29.49 -5.19 9.39
CA CYS B 129 28.38 -6.11 9.49
C CYS B 129 27.94 -6.64 8.12
N LEU B 130 28.78 -6.46 7.08
CA LEU B 130 28.49 -6.93 5.73
C LEU B 130 27.16 -6.37 5.20
N VAL B 131 26.80 -5.17 5.65
CA VAL B 131 25.62 -4.53 5.09
C VAL B 131 25.84 -4.26 3.59
N SER B 132 24.73 -4.09 2.87
CA SER B 132 24.78 -3.67 1.48
C SER B 132 25.59 -2.40 1.31
N VAL B 133 26.38 -2.36 0.23
CA VAL B 133 27.13 -1.18 -0.16
C VAL B 133 26.82 -0.86 -1.63
N GLY B 134 27.24 0.32 -2.09
CA GLY B 134 26.95 0.70 -3.46
C GLY B 134 27.79 1.84 -4.00
N THR B 135 27.81 1.94 -5.32
CA THR B 135 28.41 3.07 -6.02
C THR B 135 27.30 3.90 -6.65
N ILE B 136 27.27 5.20 -6.36
CA ILE B 136 26.27 6.13 -6.91
C ILE B 136 27.01 7.14 -7.80
N PHE B 137 26.41 7.48 -8.94
CA PHE B 137 27.06 8.40 -9.87
C PHE B 137 26.05 9.25 -10.64
N GLY B 138 26.48 10.48 -10.97
CA GLY B 138 25.75 11.32 -11.91
C GLY B 138 26.69 11.98 -12.90
N ILE B 139 26.24 12.07 -14.16
CA ILE B 139 27.07 12.57 -15.25
C ILE B 139 26.48 13.86 -15.80
N TYR B 140 27.29 14.91 -15.87
CA TYR B 140 26.92 16.20 -16.44
C TYR B 140 27.83 16.55 -17.62
N ARG B 141 27.37 17.49 -18.44
CA ARG B 141 28.18 18.05 -19.51
C ARG B 141 28.85 19.34 -19.03
N LYS B 142 30.06 19.57 -19.51
CA LYS B 142 30.78 20.80 -19.24
C LYS B 142 29.94 22.00 -19.66
N LYS B 143 30.01 23.08 -18.89
CA LYS B 143 29.11 24.22 -19.09
C LYS B 143 29.74 25.32 -19.95
N SER B 144 30.90 25.81 -19.55
CA SER B 144 31.67 26.80 -20.30
C SER B 144 32.70 26.10 -21.19
N THR B 145 33.30 26.86 -22.11
CA THR B 145 34.45 26.34 -22.84
C THR B 145 35.77 26.82 -22.25
N ASP B 146 35.71 27.59 -21.17
CA ASP B 146 36.91 27.97 -20.43
C ASP B 146 37.59 26.73 -19.82
N GLU B 147 38.82 26.93 -19.36
CA GLU B 147 39.56 25.89 -18.64
C GLU B 147 38.74 25.36 -17.47
N PRO B 148 38.71 24.04 -17.25
CA PRO B 148 37.81 23.44 -16.25
C PRO B 148 38.15 23.72 -14.80
N SER B 149 37.09 23.75 -13.96
CA SER B 149 37.22 24.01 -12.53
C SER B 149 36.05 23.33 -11.81
N GLU B 150 35.96 23.55 -10.49
CA GLU B 150 34.89 22.93 -9.71
C GLU B 150 33.50 23.38 -10.11
N LYS B 151 33.36 24.60 -10.64
CA LYS B 151 32.03 25.13 -10.92
C LYS B 151 31.25 24.26 -11.91
N ASP B 152 31.94 23.44 -12.71
CA ASP B 152 31.26 22.60 -13.69
C ASP B 152 30.47 21.46 -13.05
N ALA B 153 30.71 21.15 -11.78
CA ALA B 153 29.95 20.15 -11.05
C ALA B 153 28.84 20.76 -10.20
N LEU B 154 28.75 22.09 -10.11
CA LEU B 154 27.74 22.73 -9.27
C LEU B 154 26.44 22.96 -10.02
N GLN B 155 26.04 22.00 -10.88
CA GLN B 155 24.79 22.02 -11.63
C GLN B 155 23.66 21.34 -10.85
N PRO B 156 22.43 21.78 -11.09
CA PRO B 156 21.27 21.11 -10.48
C PRO B 156 20.98 19.77 -11.14
N GLY B 157 20.34 18.91 -10.36
CA GLY B 157 20.05 17.56 -10.82
C GLY B 157 19.21 17.47 -12.07
N ARG B 158 18.39 18.49 -12.37
CA ARG B 158 17.60 18.54 -13.62
C ARG B 158 18.42 18.39 -14.88
N ASN B 159 19.73 18.70 -14.83
CA ASN B 159 20.62 18.68 -16.00
C ASN B 159 21.26 17.33 -16.27
N LEU B 160 20.90 16.29 -15.53
CA LEU B 160 21.64 15.04 -15.63
C LEU B 160 21.45 14.41 -17.01
N VAL B 161 22.57 13.97 -17.59
CA VAL B 161 22.55 13.17 -18.81
C VAL B 161 22.24 11.72 -18.48
N ALA B 162 22.80 11.23 -17.38
CA ALA B 162 22.63 9.86 -16.89
C ALA B 162 23.05 9.81 -15.44
N ALA B 163 22.47 8.85 -14.71
CA ALA B 163 22.76 8.62 -13.30
C ALA B 163 22.30 7.22 -12.95
N GLY B 164 22.76 6.74 -11.81
CA GLY B 164 22.36 5.40 -11.39
C GLY B 164 23.22 4.88 -10.25
N TYR B 165 23.18 3.58 -10.07
CA TYR B 165 23.91 3.00 -8.95
C TYR B 165 24.21 1.53 -9.19
N ALA B 166 25.33 1.08 -8.63
CA ALA B 166 25.59 -0.33 -8.41
C ALA B 166 25.30 -0.69 -6.96
N LEU B 167 24.53 -1.74 -6.75
CA LEU B 167 24.23 -2.28 -5.42
C LEU B 167 25.01 -3.59 -5.26
N TYR B 168 25.94 -3.59 -4.30
CA TYR B 168 26.69 -4.80 -3.94
C TYR B 168 25.93 -5.48 -2.80
N GLY B 169 24.84 -6.14 -3.19
CA GLY B 169 24.00 -6.76 -2.20
C GLY B 169 24.14 -8.26 -2.28
N SER B 170 23.04 -9.00 -2.10
CA SER B 170 23.10 -10.44 -2.30
C SER B 170 23.57 -10.78 -3.73
N ALA B 171 23.32 -9.88 -4.68
CA ALA B 171 23.99 -9.89 -5.97
C ALA B 171 24.38 -8.46 -6.30
N THR B 172 25.12 -8.28 -7.40
CA THR B 172 25.55 -6.97 -7.87
C THR B 172 24.66 -6.55 -9.06
N MET B 173 23.96 -5.44 -8.91
CA MET B 173 23.04 -4.95 -9.94
C MET B 173 23.37 -3.51 -10.29
N LEU B 174 23.32 -3.20 -11.56
CA LEU B 174 23.49 -1.83 -12.02
C LEU B 174 22.13 -1.30 -12.49
N VAL B 175 21.69 -0.23 -11.89
CA VAL B 175 20.49 0.48 -12.29
C VAL B 175 20.97 1.74 -12.99
N LEU B 176 20.58 1.91 -14.25
CA LEU B 176 20.98 3.03 -15.10
C LEU B 176 19.75 3.81 -15.52
N ALA B 177 19.71 5.09 -15.17
CA ALA B 177 18.60 5.97 -15.49
C ALA B 177 19.02 6.99 -16.54
N MET B 178 18.16 7.18 -17.55
CA MET B 178 18.41 8.17 -18.61
C MET B 178 17.08 8.74 -19.08
N ASP B 179 17.14 9.49 -20.20
CA ASP B 179 16.01 10.29 -20.67
C ASP B 179 14.77 9.43 -20.95
N CYS B 180 14.97 8.27 -21.54
CA CYS B 180 13.85 7.40 -21.90
C CYS B 180 13.42 6.47 -20.79
N GLY B 181 14.09 6.46 -19.64
CA GLY B 181 13.65 5.67 -18.53
C GLY B 181 14.82 4.95 -17.90
N VAL B 182 14.49 3.95 -17.07
CA VAL B 182 15.42 3.28 -16.15
C VAL B 182 15.50 1.80 -16.49
N ASN B 183 16.73 1.25 -16.54
CA ASN B 183 16.95 -0.17 -16.83
C ASN B 183 17.90 -0.77 -15.79
N CYS B 184 17.67 -2.04 -15.40
CA CYS B 184 18.47 -2.74 -14.37
C CYS B 184 19.30 -3.86 -15.00
N PHE B 185 20.59 -3.93 -14.65
CA PHE B 185 21.50 -4.94 -15.15
C PHE B 185 22.12 -5.74 -14.01
N MET B 186 22.20 -7.05 -14.20
CA MET B 186 22.78 -7.98 -13.22
C MET B 186 24.18 -8.41 -13.64
N LEU B 187 25.16 -8.27 -12.74
CA LEU B 187 26.52 -8.71 -13.03
C LEU B 187 26.57 -10.24 -12.92
N ASP B 188 26.95 -10.91 -14.01
CA ASP B 188 27.19 -12.35 -13.99
C ASP B 188 28.68 -12.55 -13.73
N PRO B 189 29.07 -12.95 -12.51
CA PRO B 189 30.49 -12.96 -12.19
C PRO B 189 31.28 -14.01 -12.93
N ALA B 190 30.63 -15.00 -13.55
CA ALA B 190 31.36 -16.03 -14.29
C ALA B 190 32.02 -15.47 -15.54
N ILE B 191 31.44 -14.43 -16.15
CA ILE B 191 31.96 -13.94 -17.42
C ILE B 191 32.26 -12.45 -17.40
N GLY B 192 31.97 -11.76 -16.30
CA GLY B 192 32.25 -10.34 -16.19
C GLY B 192 31.47 -9.49 -17.17
N GLU B 193 30.15 -9.66 -17.21
CA GLU B 193 29.26 -8.90 -18.08
C GLU B 193 27.98 -8.56 -17.33
N PHE B 194 27.52 -7.32 -17.47
CA PHE B 194 26.24 -6.89 -16.94
C PHE B 194 25.10 -7.28 -17.91
N ILE B 195 24.12 -8.05 -17.41
CA ILE B 195 23.02 -8.59 -18.21
C ILE B 195 21.75 -7.84 -17.85
N LEU B 196 21.05 -7.33 -18.88
CA LEU B 196 19.80 -6.57 -18.70
C LEU B 196 18.67 -7.47 -18.24
N VAL B 197 18.08 -7.19 -17.07
CA VAL B 197 17.06 -8.06 -16.51
C VAL B 197 15.72 -7.34 -16.26
N ASP B 198 15.68 -6.02 -16.26
CA ASP B 198 14.44 -5.29 -16.04
C ASP B 198 14.41 -4.04 -16.94
N LYS B 199 13.54 -4.05 -17.95
CA LYS B 199 13.48 -2.97 -18.92
C LYS B 199 12.40 -1.97 -18.55
N ASP B 200 12.75 -0.67 -18.57
CA ASP B 200 11.77 0.42 -18.50
C ASP B 200 10.92 0.29 -17.22
N VAL B 201 11.62 0.30 -16.09
CA VAL B 201 11.00 0.01 -14.80
C VAL B 201 10.16 1.19 -14.32
N LYS B 202 9.05 0.87 -13.63
CA LYS B 202 8.15 1.85 -13.04
C LYS B 202 7.81 1.44 -11.61
N ILE B 203 7.82 2.40 -10.69
CA ILE B 203 7.44 2.12 -9.31
C ILE B 203 5.92 2.14 -9.18
N LYS B 204 5.42 1.41 -8.18
CA LYS B 204 3.99 1.37 -7.87
C LYS B 204 3.44 2.76 -7.58
N LYS B 205 2.19 2.98 -7.96
CA LYS B 205 1.55 4.26 -7.63
C LYS B 205 1.48 4.46 -6.12
N LYS B 206 1.32 3.37 -5.36
CA LYS B 206 1.22 3.45 -3.91
C LYS B 206 1.69 2.12 -3.30
N GLY B 207 2.48 2.21 -2.22
CA GLY B 207 3.06 1.06 -1.58
C GLY B 207 2.49 0.77 -0.20
N LYS B 208 3.14 -0.17 0.50
CA LYS B 208 2.69 -0.64 1.81
C LYS B 208 3.82 -0.71 2.83
N ILE B 209 4.95 -0.04 2.56
CA ILE B 209 6.11 -0.04 3.45
C ILE B 209 6.59 1.39 3.59
N TYR B 210 6.97 1.76 4.81
CA TYR B 210 7.69 3.00 5.03
C TYR B 210 9.08 2.67 5.57
N SER B 211 10.03 3.58 5.33
CA SER B 211 11.44 3.33 5.59
C SER B 211 12.08 4.58 6.18
N LEU B 212 12.49 4.51 7.44
CA LEU B 212 13.30 5.56 8.05
C LEU B 212 13.79 5.11 9.44
N ASN B 213 14.67 5.91 10.00
CA ASN B 213 15.25 5.70 11.32
C ASN B 213 14.27 6.28 12.33
N GLU B 214 13.46 5.42 12.95
CA GLU B 214 12.50 5.91 13.93
C GLU B 214 13.12 6.16 15.30
N GLY B 215 14.38 5.77 15.51
CA GLY B 215 15.05 6.10 16.76
C GLY B 215 15.18 7.59 16.98
N TYR B 216 15.17 8.36 15.89
CA TYR B 216 15.20 9.82 15.93
C TYR B 216 13.82 10.43 16.09
N ALA B 217 12.86 9.68 16.67
CA ALA B 217 11.49 10.18 16.78
C ALA B 217 11.45 11.51 17.52
N LYS B 218 12.31 11.68 18.52
CA LYS B 218 12.31 12.89 19.35
C LYS B 218 12.67 14.15 18.56
N ASP B 219 13.37 14.04 17.44
CA ASP B 219 13.72 15.22 16.65
C ASP B 219 12.83 15.41 15.43
N PHE B 220 11.80 14.59 15.27
CA PHE B 220 10.99 14.66 14.06
C PHE B 220 10.21 15.97 13.97
N ASP B 221 10.15 16.53 12.76
CA ASP B 221 9.22 17.60 12.47
C ASP B 221 7.80 17.13 12.76
N PRO B 222 6.91 18.04 13.19
CA PRO B 222 5.55 17.60 13.51
C PRO B 222 4.83 16.93 12.35
N ALA B 223 5.15 17.30 11.11
CA ALA B 223 4.51 16.69 9.95
C ALA B 223 4.91 15.24 9.80
N VAL B 224 6.21 14.94 9.93
CA VAL B 224 6.67 13.56 9.81
C VAL B 224 6.07 12.71 10.91
N THR B 225 6.01 13.24 12.15
CA THR B 225 5.37 12.52 13.24
C THR B 225 3.94 12.14 12.89
N GLU B 226 3.20 13.09 12.32
CA GLU B 226 1.82 12.78 12.00
C GLU B 226 1.75 11.74 10.89
N TYR B 227 2.61 11.86 9.87
CA TYR B 227 2.55 10.92 8.75
C TYR B 227 2.85 9.50 9.23
N ILE B 228 3.80 9.36 10.16
CA ILE B 228 4.11 8.04 10.68
C ILE B 228 2.96 7.53 11.53
N GLN B 229 2.30 8.44 12.26
CA GLN B 229 1.12 8.07 13.04
C GLN B 229 0.05 7.44 12.18
N ARG B 230 -0.22 8.02 11.01
CA ARG B 230 -1.26 7.48 10.14
C ARG B 230 -0.87 6.14 9.52
N LYS B 231 0.43 5.87 9.35
CA LYS B 231 0.82 4.57 8.82
C LYS B 231 0.64 3.47 9.88
N LYS B 232 0.85 3.78 11.16
CA LYS B 232 0.69 2.76 12.18
C LYS B 232 -0.76 2.62 12.64
N PHE B 233 -1.48 3.72 12.78
CA PHE B 233 -2.86 3.74 13.25
C PHE B 233 -3.71 4.46 12.22
N PRO B 234 -4.03 3.81 11.12
CA PRO B 234 -4.82 4.47 10.06
C PRO B 234 -6.18 4.89 10.58
N PRO B 235 -6.56 6.15 10.36
CA PRO B 235 -7.87 6.60 10.87
C PRO B 235 -9.06 6.02 10.11
N ASP B 236 -8.89 5.62 8.85
CA ASP B 236 -9.98 5.00 8.08
C ASP B 236 -9.93 3.48 8.14
N ASN B 237 -9.17 2.93 9.09
CA ASN B 237 -9.08 1.48 9.35
C ASN B 237 -8.54 0.71 8.14
N SER B 238 -7.69 1.33 7.32
CA SER B 238 -6.99 0.52 6.34
C SER B 238 -5.91 -0.26 7.06
N ALA B 239 -5.36 -1.27 6.40
CA ALA B 239 -4.34 -2.08 7.05
C ALA B 239 -3.07 -1.26 7.24
N PRO B 240 -2.40 -1.37 8.38
CA PRO B 240 -1.16 -0.61 8.61
C PRO B 240 0.00 -1.06 7.73
N TYR B 241 0.90 -0.12 7.46
CA TYR B 241 2.11 -0.38 6.71
C TYR B 241 3.10 -1.21 7.52
N GLY B 242 3.96 -1.98 6.81
CA GLY B 242 5.12 -2.61 7.43
C GLY B 242 6.34 -1.70 7.43
N ALA B 243 7.34 -2.00 8.27
CA ALA B 243 8.53 -1.17 8.38
C ALA B 243 9.81 -1.92 8.01
N ARG B 244 10.70 -1.26 7.28
CA ARG B 244 12.03 -1.77 6.95
C ARG B 244 13.03 -0.62 6.97
N TYR B 245 14.23 -0.86 7.50
CA TYR B 245 15.30 0.15 7.42
C TYR B 245 16.67 -0.54 7.50
N VAL B 246 17.38 -0.63 6.38
CA VAL B 246 18.67 -1.31 6.34
C VAL B 246 19.80 -0.44 6.90
N GLY B 247 19.74 0.87 6.69
CA GLY B 247 20.83 1.75 7.07
C GLY B 247 21.88 2.05 6.01
N SER B 248 21.72 1.55 4.78
CA SER B 248 22.58 1.90 3.64
C SER B 248 21.68 2.40 2.52
N MET B 249 21.91 3.64 2.09
CA MET B 249 20.93 4.31 1.22
C MET B 249 20.70 3.57 -0.09
N VAL B 250 21.75 3.06 -0.73
CA VAL B 250 21.59 2.37 -2.01
C VAL B 250 20.61 1.21 -1.85
N ALA B 251 20.68 0.52 -0.71
CA ALA B 251 19.83 -0.63 -0.48
C ALA B 251 18.38 -0.22 -0.25
N ASP B 252 18.17 0.79 0.60
CA ASP B 252 16.82 1.23 0.90
C ASP B 252 16.11 1.79 -0.32
N VAL B 253 16.82 2.59 -1.12
CA VAL B 253 16.18 3.18 -2.29
C VAL B 253 15.81 2.10 -3.28
N HIS B 254 16.69 1.14 -3.48
CA HIS B 254 16.41 0.06 -4.42
C HIS B 254 15.23 -0.78 -3.96
N ARG B 255 15.07 -0.99 -2.65
CA ARG B 255 13.86 -1.66 -2.14
C ARG B 255 12.59 -0.87 -2.43
N THR B 256 12.66 0.45 -2.30
CA THR B 256 11.52 1.30 -2.62
C THR B 256 11.12 1.15 -4.08
N LEU B 257 12.10 1.16 -4.99
CA LEU B 257 11.83 1.00 -6.41
C LEU B 257 11.17 -0.34 -6.71
N VAL B 258 11.66 -1.41 -6.08
CA VAL B 258 11.24 -2.77 -6.44
C VAL B 258 9.87 -3.13 -5.85
N TYR B 259 9.58 -2.68 -4.63
CA TYR B 259 8.38 -3.09 -3.91
C TYR B 259 7.36 -1.98 -3.70
N GLY B 260 7.77 -0.73 -3.84
CA GLY B 260 6.91 0.39 -3.56
C GLY B 260 7.02 0.85 -2.13
N GLY B 261 6.44 2.00 -1.86
CA GLY B 261 6.54 2.57 -0.54
C GLY B 261 7.23 3.92 -0.57
N ILE B 262 7.77 4.31 0.59
CA ILE B 262 8.36 5.63 0.76
C ILE B 262 9.63 5.50 1.59
N PHE B 263 10.64 6.28 1.23
CA PHE B 263 11.90 6.34 1.95
C PHE B 263 12.10 7.78 2.41
N LEU B 264 12.40 7.96 3.69
CA LEU B 264 12.47 9.29 4.27
C LEU B 264 13.78 9.44 5.02
N TYR B 265 14.54 10.49 4.67
CA TYR B 265 15.62 11.00 5.50
C TYR B 265 15.40 12.50 5.50
N PRO B 266 14.44 12.99 6.33
CA PRO B 266 13.96 14.36 6.15
C PRO B 266 14.72 15.38 6.95
N ALA B 267 14.31 16.64 6.84
CA ALA B 267 14.92 17.70 7.61
C ALA B 267 14.29 17.75 8.99
N ASN B 268 15.07 18.20 9.97
CA ASN B 268 14.57 18.43 11.32
C ASN B 268 15.18 19.72 11.83
N LYS B 269 14.91 20.03 13.09
CA LYS B 269 15.43 21.27 13.68
C LYS B 269 16.95 21.24 13.80
N LYS B 270 17.53 20.05 14.07
CA LYS B 270 18.98 19.92 14.21
C LYS B 270 19.72 19.91 12.89
N SER B 271 19.12 19.37 11.83
CA SER B 271 19.74 19.32 10.50
C SER B 271 18.77 19.92 9.49
N PRO B 272 18.71 21.25 9.40
CA PRO B 272 17.74 21.88 8.49
C PRO B 272 17.97 21.51 7.04
N ASN B 273 19.14 21.00 6.70
CA ASN B 273 19.44 20.55 5.34
C ASN B 273 19.66 19.05 5.24
N GLY B 274 19.15 18.26 6.19
CA GLY B 274 19.32 16.84 6.00
C GLY B 274 20.73 16.32 6.27
N LYS B 275 20.91 15.05 5.95
CA LYS B 275 22.16 14.32 6.18
C LYS B 275 22.83 13.83 4.90
N LEU B 276 22.04 13.41 3.92
CA LEU B 276 22.58 12.86 2.69
C LEU B 276 23.08 13.99 1.78
N ARG B 277 24.04 13.67 0.93
CA ARG B 277 24.71 14.65 0.08
C ARG B 277 23.97 14.82 -1.23
N LEU B 278 23.86 16.07 -1.69
CA LEU B 278 23.01 16.39 -2.85
C LEU B 278 23.61 15.94 -4.17
N LEU B 279 24.91 16.15 -4.37
CA LEU B 279 25.52 15.97 -5.68
C LEU B 279 25.58 14.49 -6.07
N TYR B 280 26.12 13.65 -5.18
CA TYR B 280 26.39 12.25 -5.49
C TYR B 280 25.55 11.26 -4.68
N GLU B 281 24.57 11.72 -3.89
CA GLU B 281 23.64 10.78 -3.28
C GLU B 281 22.19 11.15 -3.61
N CYS B 282 21.78 12.36 -3.26
CA CYS B 282 20.38 12.75 -3.45
C CYS B 282 20.01 12.95 -4.92
N ASN B 283 20.83 13.68 -5.70
CA ASN B 283 20.44 13.96 -7.08
C ASN B 283 20.36 12.72 -7.96
N PRO B 284 21.37 11.84 -8.03
CA PRO B 284 21.21 10.65 -8.88
C PRO B 284 20.03 9.77 -8.46
N MET B 285 19.69 9.73 -7.16
CA MET B 285 18.56 8.93 -6.69
C MET B 285 17.21 9.59 -7.02
N ALA B 286 17.13 10.91 -6.87
CA ALA B 286 15.95 11.65 -7.32
C ALA B 286 15.74 11.48 -8.82
N TYR B 287 16.82 11.48 -9.60
CA TYR B 287 16.73 11.29 -11.03
C TYR B 287 16.18 9.92 -11.38
N VAL B 288 16.71 8.87 -10.74
CA VAL B 288 16.21 7.53 -10.99
C VAL B 288 14.71 7.45 -10.68
N MET B 289 14.29 7.97 -9.52
CA MET B 289 12.89 7.89 -9.12
C MET B 289 11.97 8.54 -10.14
N GLU B 290 12.26 9.79 -10.52
CA GLU B 290 11.34 10.50 -11.40
C GLU B 290 11.24 9.81 -12.76
N LYS B 291 12.38 9.32 -13.27
CA LYS B 291 12.39 8.56 -14.51
C LYS B 291 11.65 7.23 -14.41
N ALA B 292 11.30 6.76 -13.21
CA ALA B 292 10.53 5.54 -13.03
C ALA B 292 9.07 5.79 -12.66
N GLY B 293 8.63 7.05 -12.66
CA GLY B 293 7.26 7.37 -12.29
C GLY B 293 7.07 7.72 -10.83
N GLY B 294 8.16 7.90 -10.09
CA GLY B 294 8.09 8.26 -8.70
C GLY B 294 8.35 9.74 -8.51
N MET B 295 8.47 10.12 -7.25
CA MET B 295 8.70 11.50 -6.87
C MET B 295 9.81 11.55 -5.85
N ALA B 296 10.45 12.72 -5.73
CA ALA B 296 11.50 12.90 -4.76
C ALA B 296 11.51 14.37 -4.38
N THR B 297 11.25 14.65 -3.12
CA THR B 297 11.07 16.00 -2.61
C THR B 297 11.92 16.21 -1.38
N THR B 298 12.18 17.47 -1.07
CA THR B 298 12.81 17.89 0.18
C THR B 298 11.78 18.35 1.19
N GLY B 299 10.50 18.24 0.86
CA GLY B 299 9.46 18.88 1.63
C GLY B 299 9.03 20.20 1.03
N LYS B 300 9.99 21.06 0.68
CA LYS B 300 9.70 22.36 0.08
C LYS B 300 9.67 22.31 -1.45
N GLU B 301 10.59 21.58 -2.10
CA GLU B 301 10.58 21.47 -3.56
C GLU B 301 11.24 20.15 -3.99
N ALA B 302 11.17 19.88 -5.29
CA ALA B 302 11.82 18.69 -5.85
C ALA B 302 13.33 18.76 -5.71
N VAL B 303 13.93 17.60 -5.41
CA VAL B 303 15.39 17.51 -5.26
C VAL B 303 16.08 17.95 -6.54
N LEU B 304 15.54 17.57 -7.69
CA LEU B 304 16.14 17.88 -8.97
C LEU B 304 16.11 19.37 -9.28
N ASP B 305 15.32 20.16 -8.55
CA ASP B 305 15.25 21.59 -8.78
C ASP B 305 16.20 22.39 -7.87
N VAL B 306 16.96 21.70 -7.03
CA VAL B 306 17.89 22.34 -6.11
C VAL B 306 19.19 22.73 -6.82
N ILE B 307 19.62 23.97 -6.61
CA ILE B 307 20.86 24.51 -7.18
C ILE B 307 21.97 24.35 -6.14
N PRO B 308 23.02 23.59 -6.42
CA PRO B 308 24.10 23.43 -5.43
C PRO B 308 24.95 24.69 -5.40
N THR B 309 25.49 24.98 -4.21
CA THR B 309 26.49 26.02 -4.07
C THR B 309 27.82 25.50 -3.52
N ASP B 310 27.86 24.27 -3.03
CA ASP B 310 29.09 23.59 -2.65
C ASP B 310 28.97 22.14 -3.03
N ILE B 311 30.09 21.53 -3.46
CA ILE B 311 30.04 20.16 -3.96
C ILE B 311 29.62 19.16 -2.88
N HIS B 312 29.79 19.50 -1.60
CA HIS B 312 29.47 18.59 -0.51
C HIS B 312 28.25 18.99 0.30
N GLN B 313 27.37 19.83 -0.26
CA GLN B 313 26.24 20.31 0.52
C GLN B 313 25.18 19.20 0.65
N ARG B 314 24.43 19.27 1.74
CA ARG B 314 23.40 18.28 2.06
C ARG B 314 22.01 18.76 1.69
N ALA B 315 21.07 17.80 1.58
CA ALA B 315 19.65 18.04 1.34
C ALA B 315 18.86 16.89 1.95
N PRO B 316 17.70 17.16 2.56
CA PRO B 316 16.82 16.09 3.01
C PRO B 316 16.05 15.51 1.84
N VAL B 317 15.56 14.28 2.01
CA VAL B 317 14.97 13.57 0.88
C VAL B 317 13.79 12.70 1.34
N ILE B 318 12.70 12.77 0.60
CA ILE B 318 11.57 11.86 0.74
C ILE B 318 11.16 11.40 -0.65
N LEU B 319 11.32 10.10 -0.91
CA LEU B 319 11.13 9.57 -2.27
C LEU B 319 10.37 8.25 -2.23
N GLY B 320 9.93 7.83 -3.42
CA GLY B 320 9.18 6.59 -3.56
C GLY B 320 7.93 6.69 -4.43
N SER B 321 6.93 5.91 -4.06
CA SER B 321 5.67 5.85 -4.80
C SER B 321 4.98 7.21 -4.86
N PRO B 322 4.30 7.50 -5.97
CA PRO B 322 3.69 8.83 -6.12
C PRO B 322 2.57 9.13 -5.12
N ASP B 323 1.65 8.18 -4.90
CA ASP B 323 0.58 8.43 -3.93
C ASP B 323 1.14 8.67 -2.52
N ASP B 324 2.24 8.00 -2.16
CA ASP B 324 2.81 8.15 -0.83
C ASP B 324 3.53 9.49 -0.66
N VAL B 325 4.25 9.96 -1.68
CA VAL B 325 4.89 11.27 -1.54
C VAL B 325 3.84 12.36 -1.43
N LEU B 326 2.76 12.27 -2.23
CA LEU B 326 1.68 13.25 -2.16
C LEU B 326 0.99 13.22 -0.79
N GLU B 327 0.73 12.01 -0.28
CA GLU B 327 0.14 11.93 1.05
C GLU B 327 1.07 12.49 2.12
N PHE B 328 2.39 12.37 1.93
CA PHE B 328 3.28 13.02 2.87
C PHE B 328 3.20 14.53 2.72
N LEU B 329 3.25 15.03 1.49
CA LEU B 329 3.17 16.47 1.32
C LEU B 329 1.83 16.98 1.84
N LYS B 330 0.78 16.17 1.69
CA LYS B 330 -0.54 16.55 2.17
C LYS B 330 -0.51 16.86 3.66
N VAL B 331 0.07 15.98 4.45
CA VAL B 331 0.24 16.31 5.86
C VAL B 331 1.23 17.46 6.00
N TYR B 332 2.26 17.49 5.15
CA TYR B 332 3.29 18.51 5.23
C TYR B 332 2.73 19.92 5.03
N GLU B 333 1.80 20.10 4.09
CA GLU B 333 1.26 21.43 3.83
C GLU B 333 0.25 21.85 4.89
N LYS B 334 -0.43 20.89 5.52
CA LYS B 334 -1.31 21.19 6.65
C LYS B 334 -0.54 21.86 7.78
N HIS B 335 0.71 21.45 7.98
CA HIS B 335 1.55 22.02 9.03
C HIS B 335 2.31 23.26 8.57
N SER B 336 1.71 24.03 7.66
CA SER B 336 2.29 25.27 7.12
C SER B 336 3.51 24.97 6.27
N ASP C 10 26.31 -40.37 -6.15
CA ASP C 10 26.45 -39.25 -5.21
C ASP C 10 27.73 -38.43 -5.44
N VAL C 11 27.62 -37.10 -5.29
CA VAL C 11 28.76 -36.23 -5.53
C VAL C 11 29.85 -36.53 -4.51
N ASN C 12 31.08 -36.55 -4.99
CA ASN C 12 32.26 -36.74 -4.17
C ASN C 12 33.24 -35.63 -4.45
N THR C 13 33.85 -35.10 -3.39
CA THR C 13 34.89 -34.09 -3.51
C THR C 13 36.22 -34.67 -3.06
N LEU C 14 37.28 -33.89 -3.29
CA LEU C 14 38.61 -34.33 -2.88
C LEU C 14 38.73 -34.39 -1.36
N THR C 15 38.17 -33.41 -0.65
CA THR C 15 38.25 -33.39 0.81
C THR C 15 37.50 -34.58 1.41
N ARG C 16 36.29 -34.82 0.90
CA ARG C 16 35.47 -35.95 1.31
C ARG C 16 36.16 -37.27 0.99
N PHE C 17 36.87 -37.32 -0.14
CA PHE C 17 37.57 -38.54 -0.54
C PHE C 17 38.70 -38.86 0.43
N VAL C 18 39.50 -37.85 0.78
CA VAL C 18 40.67 -38.06 1.63
C VAL C 18 40.21 -38.34 3.07
N MET C 19 39.13 -37.70 3.52
CA MET C 19 38.61 -37.98 4.87
C MET C 19 38.03 -39.39 4.93
N GLU C 20 37.41 -39.85 3.85
CA GLU C 20 36.85 -41.19 3.85
C GLU C 20 37.97 -42.23 3.91
N GLU C 21 39.04 -42.02 3.14
CA GLU C 21 40.19 -42.92 3.14
C GLU C 21 40.92 -42.91 4.47
N GLY C 22 40.96 -41.76 5.15
CA GLY C 22 41.61 -41.68 6.44
C GLY C 22 40.89 -42.44 7.55
N ARG C 23 39.55 -42.37 7.57
CA ARG C 23 38.83 -43.12 8.60
C ARG C 23 38.90 -44.62 8.33
N LYS C 24 38.87 -45.02 7.06
CA LYS C 24 39.09 -46.42 6.69
C LYS C 24 40.39 -46.93 7.30
N ALA C 25 41.47 -46.17 7.13
CA ALA C 25 42.80 -46.51 7.63
C ALA C 25 42.96 -46.22 9.12
N ARG C 26 42.02 -45.48 9.73
CA ARG C 26 42.03 -45.13 11.16
C ARG C 26 43.36 -44.52 11.60
N GLY C 27 43.95 -43.70 10.73
CA GLY C 27 45.13 -42.95 11.06
C GLY C 27 44.80 -41.72 11.86
N THR C 28 45.84 -40.95 12.20
CA THR C 28 45.65 -39.78 13.04
C THR C 28 45.04 -38.59 12.32
N GLY C 29 45.21 -38.47 11.00
CA GLY C 29 44.83 -37.27 10.29
C GLY C 29 45.96 -36.36 9.84
N GLU C 30 47.22 -36.70 10.12
CA GLU C 30 48.33 -35.81 9.76
C GLU C 30 48.50 -35.72 8.25
N LEU C 31 48.27 -36.82 7.55
CA LEU C 31 48.38 -36.87 6.10
C LEU C 31 47.20 -36.12 5.45
N THR C 32 46.03 -36.20 6.08
CA THR C 32 44.86 -35.48 5.62
C THR C 32 45.10 -33.98 5.71
N GLN C 33 45.60 -33.50 6.84
CA GLN C 33 45.97 -32.09 6.92
C GLN C 33 47.03 -31.71 5.90
N LEU C 34 47.92 -32.62 5.52
CA LEU C 34 48.89 -32.32 4.48
C LEU C 34 48.20 -32.19 3.14
N LEU C 35 47.42 -33.21 2.77
CA LEU C 35 46.79 -33.22 1.45
C LEU C 35 45.86 -32.04 1.31
N ASN C 36 45.14 -31.72 2.38
CA ASN C 36 44.28 -30.57 2.39
C ASN C 36 45.10 -29.29 2.21
N SER C 37 46.25 -29.19 2.88
CA SER C 37 47.09 -28.02 2.68
C SER C 37 47.62 -27.93 1.25
N LEU C 38 47.98 -29.06 0.65
CA LEU C 38 48.56 -29.04 -0.68
C LEU C 38 47.51 -28.67 -1.73
N CYS C 39 46.32 -29.26 -1.59
CA CYS C 39 45.18 -28.90 -2.43
C CYS C 39 44.85 -27.40 -2.33
N THR C 40 44.96 -26.83 -1.14
CA THR C 40 44.73 -25.39 -1.04
C THR C 40 45.79 -24.62 -1.81
N ALA C 41 47.06 -25.06 -1.73
CA ALA C 41 48.11 -24.41 -2.48
C ALA C 41 47.86 -24.49 -4.00
N VAL C 42 47.36 -25.64 -4.48
CA VAL C 42 47.12 -25.80 -5.91
C VAL C 42 46.00 -24.88 -6.40
N LYS C 43 44.92 -24.74 -5.63
CA LYS C 43 43.84 -23.84 -6.03
C LYS C 43 44.34 -22.40 -6.07
N ALA C 44 45.33 -22.06 -5.25
CA ALA C 44 45.88 -20.72 -5.27
C ALA C 44 46.78 -20.48 -6.48
N ILE C 45 47.60 -21.49 -6.84
CA ILE C 45 48.48 -21.41 -8.00
C ILE C 45 47.65 -21.31 -9.29
N SER C 46 46.62 -22.15 -9.41
CA SER C 46 45.77 -22.12 -10.59
C SER C 46 45.21 -20.72 -10.79
N SER C 47 44.78 -20.06 -9.72
CA SER C 47 44.26 -18.71 -9.85
C SER C 47 45.33 -17.76 -10.32
N ALA C 48 46.59 -18.02 -9.96
CA ALA C 48 47.65 -17.14 -10.42
C ALA C 48 47.99 -17.40 -11.89
N VAL C 49 48.03 -18.67 -12.29
CA VAL C 49 48.41 -19.03 -13.65
C VAL C 49 47.38 -18.52 -14.64
N ARG C 50 46.11 -18.53 -14.26
CA ARG C 50 45.04 -18.00 -15.09
C ARG C 50 44.94 -16.48 -15.08
N LYS C 51 45.87 -15.79 -14.41
CA LYS C 51 46.01 -14.34 -14.46
C LYS C 51 44.86 -13.59 -13.80
N ALA C 52 44.23 -14.17 -12.79
CA ALA C 52 43.27 -13.42 -12.00
C ALA C 52 43.98 -12.26 -11.31
N GLY C 53 43.42 -11.06 -11.47
CA GLY C 53 43.98 -9.85 -10.89
C GLY C 53 45.16 -9.26 -11.63
N ILE C 54 45.46 -9.73 -12.85
CA ILE C 54 46.58 -9.15 -13.59
C ILE C 54 46.28 -7.71 -13.97
N ALA C 55 45.00 -7.33 -14.06
CA ALA C 55 44.61 -5.97 -14.44
C ALA C 55 45.21 -4.92 -13.54
N HIS C 56 45.48 -5.25 -12.27
CA HIS C 56 46.10 -4.30 -11.36
C HIS C 56 47.56 -4.08 -11.70
N LEU C 57 48.25 -5.12 -12.18
CA LEU C 57 49.64 -4.95 -12.59
C LEU C 57 49.78 -3.95 -13.71
N TYR C 58 48.77 -3.84 -14.56
CA TYR C 58 48.80 -2.94 -15.71
C TYR C 58 48.04 -1.64 -15.42
N GLY C 59 47.91 -1.29 -14.14
CA GLY C 59 47.52 0.04 -13.72
C GLY C 59 46.04 0.34 -13.74
N ILE C 60 45.19 -0.66 -13.49
CA ILE C 60 43.76 -0.38 -13.51
C ILE C 60 43.35 0.54 -12.37
N ALA C 61 44.13 0.61 -11.29
CA ALA C 61 43.85 1.53 -10.19
C ALA C 61 44.87 2.66 -10.10
N GLY C 62 45.60 2.91 -11.19
CA GLY C 62 46.65 3.91 -11.25
C GLY C 62 48.06 3.34 -11.39
N LYS C 73 57.96 -13.13 -9.63
CA LYS C 73 57.88 -14.15 -10.68
C LYS C 73 56.88 -15.22 -10.31
N LEU C 74 56.27 -15.83 -11.33
CA LEU C 74 55.16 -16.75 -11.11
C LEU C 74 55.62 -18.08 -10.51
N ASP C 75 56.76 -18.60 -10.96
CA ASP C 75 57.22 -19.87 -10.39
C ASP C 75 57.86 -19.66 -9.03
N VAL C 76 58.39 -18.47 -8.77
CA VAL C 76 58.83 -18.11 -7.43
C VAL C 76 57.63 -17.98 -6.49
N LEU C 77 56.55 -17.35 -6.94
CA LEU C 77 55.32 -17.33 -6.14
C LEU C 77 54.78 -18.73 -5.93
N SER C 78 54.78 -19.55 -6.99
CA SER C 78 54.31 -20.92 -6.87
C SER C 78 55.11 -21.66 -5.82
N ASN C 79 56.41 -21.46 -5.81
CA ASN C 79 57.28 -22.07 -4.82
C ASN C 79 56.97 -21.55 -3.43
N ASP C 80 56.65 -20.27 -3.30
CA ASP C 80 56.35 -19.72 -1.97
C ASP C 80 55.00 -20.20 -1.44
N LEU C 81 54.01 -20.39 -2.32
CA LEU C 81 52.71 -20.89 -1.89
C LEU C 81 52.78 -22.33 -1.42
N VAL C 82 53.53 -23.18 -2.15
CA VAL C 82 53.68 -24.58 -1.74
C VAL C 82 54.55 -24.68 -0.48
N MET C 83 55.62 -23.89 -0.39
CA MET C 83 56.48 -23.93 0.79
C MET C 83 55.71 -23.56 2.03
N ASN C 84 54.97 -22.44 1.97
CA ASN C 84 54.28 -21.97 3.17
C ASN C 84 53.15 -22.92 3.61
N MET C 85 52.38 -23.43 2.65
CA MET C 85 51.24 -24.28 3.03
C MET C 85 51.71 -25.60 3.61
N LEU C 86 52.84 -26.13 3.12
CA LEU C 86 53.37 -27.37 3.67
C LEU C 86 53.96 -27.15 5.06
N LYS C 87 54.74 -26.08 5.23
CA LYS C 87 55.29 -25.76 6.56
C LYS C 87 54.20 -25.61 7.60
N SER C 88 53.20 -24.76 7.34
CA SER C 88 52.14 -24.44 8.28
C SER C 88 51.12 -25.56 8.47
N SER C 89 51.25 -26.69 7.81
CA SER C 89 50.37 -27.82 8.06
C SER C 89 50.79 -28.65 9.26
N PHE C 90 52.02 -28.46 9.74
CA PHE C 90 52.62 -29.22 10.84
C PHE C 90 52.77 -30.70 10.49
N ALA C 91 52.95 -30.99 9.21
CA ALA C 91 53.00 -32.38 8.77
C ALA C 91 54.30 -32.76 8.06
N THR C 92 55.26 -31.84 7.92
CA THR C 92 56.44 -32.09 7.08
C THR C 92 57.71 -31.74 7.85
N CYS C 93 58.84 -32.29 7.41
CA CYS C 93 60.13 -31.99 8.06
C CYS C 93 61.28 -31.70 7.09
N VAL C 94 61.23 -32.25 5.88
CA VAL C 94 62.18 -31.93 4.82
C VAL C 94 61.41 -31.61 3.53
N LEU C 95 61.77 -30.51 2.85
CA LEU C 95 61.10 -30.08 1.61
C LEU C 95 62.15 -29.84 0.53
N VAL C 96 62.02 -30.55 -0.61
CA VAL C 96 62.89 -30.38 -1.77
C VAL C 96 62.09 -29.76 -2.93
N SER C 97 62.63 -28.70 -3.53
CA SER C 97 61.99 -27.94 -4.59
C SER C 97 62.95 -27.69 -5.74
N GLU C 98 62.43 -27.63 -6.97
CA GLU C 98 63.30 -27.32 -8.11
C GLU C 98 63.82 -25.89 -8.04
N GLU C 99 63.15 -25.01 -7.31
CA GLU C 99 63.55 -23.61 -7.20
C GLU C 99 64.67 -23.38 -6.18
N ASP C 100 64.99 -24.36 -5.32
CA ASP C 100 65.90 -24.19 -4.18
C ASP C 100 67.11 -25.11 -4.31
N LYS C 101 68.29 -24.51 -4.17
CA LYS C 101 69.55 -25.23 -4.36
C LYS C 101 69.75 -26.31 -3.29
N HIS C 102 69.39 -26.04 -2.04
CA HIS C 102 69.55 -27.00 -0.96
C HIS C 102 68.18 -27.44 -0.44
N ALA C 103 68.13 -28.61 0.19
CA ALA C 103 66.86 -29.02 0.79
C ALA C 103 66.50 -28.09 1.92
N ILE C 104 65.21 -28.02 2.20
CA ILE C 104 64.68 -27.13 3.22
C ILE C 104 64.39 -27.96 4.48
N ILE C 105 64.92 -27.51 5.61
CA ILE C 105 64.67 -28.18 6.88
C ILE C 105 63.58 -27.40 7.61
N VAL C 106 62.45 -28.04 7.89
CA VAL C 106 61.35 -27.36 8.58
C VAL C 106 61.71 -27.14 10.04
N GLU C 107 61.34 -25.97 10.56
CA GLU C 107 61.70 -25.59 11.92
C GLU C 107 61.06 -26.53 12.94
N PRO C 108 61.66 -26.66 14.14
CA PRO C 108 61.16 -27.63 15.15
C PRO C 108 59.68 -27.50 15.51
N GLU C 109 59.16 -26.28 15.63
CA GLU C 109 57.78 -26.09 16.08
C GLU C 109 56.75 -26.59 15.07
N LYS C 110 57.13 -26.72 13.78
CA LYS C 110 56.19 -27.07 12.72
C LYS C 110 56.47 -28.44 12.11
N ARG C 111 57.25 -29.28 12.78
CA ARG C 111 57.68 -30.53 12.17
C ARG C 111 56.65 -31.63 12.32
N GLY C 112 56.52 -32.42 11.26
CA GLY C 112 55.68 -33.59 11.24
C GLY C 112 56.49 -34.69 10.61
N LYS C 113 55.84 -35.78 10.19
CA LYS C 113 56.58 -36.99 9.89
C LYS C 113 56.79 -37.23 8.39
N TYR C 114 56.43 -36.28 7.53
CA TYR C 114 56.44 -36.51 6.10
C TYR C 114 57.50 -35.67 5.38
N VAL C 115 57.92 -36.18 4.21
CA VAL C 115 58.92 -35.55 3.33
C VAL C 115 58.31 -35.31 1.94
N VAL C 116 58.46 -34.10 1.41
CA VAL C 116 57.81 -33.71 0.15
C VAL C 116 58.83 -33.19 -0.86
N CYS C 117 58.87 -33.83 -2.03
CA CYS C 117 59.63 -33.36 -3.18
C CYS C 117 58.66 -32.84 -4.24
N PHE C 118 58.88 -31.60 -4.70
CA PHE C 118 57.95 -30.99 -5.65
C PHE C 118 58.65 -30.06 -6.65
N ASP C 119 58.09 -30.00 -7.87
CA ASP C 119 58.38 -28.93 -8.82
C ASP C 119 57.20 -27.96 -8.81
N PRO C 120 57.34 -26.76 -8.24
CA PRO C 120 56.15 -25.92 -8.01
C PRO C 120 55.47 -25.41 -9.28
N LEU C 121 56.22 -25.22 -10.38
CA LEU C 121 55.62 -24.79 -11.65
C LEU C 121 56.46 -25.37 -12.79
N ASP C 122 56.24 -26.65 -13.07
CA ASP C 122 56.97 -27.29 -14.16
C ASP C 122 56.49 -26.72 -15.50
N GLY C 123 57.47 -26.38 -16.34
CA GLY C 123 57.23 -25.79 -17.63
C GLY C 123 57.15 -24.28 -17.65
N SER C 124 57.46 -23.63 -16.52
CA SER C 124 57.39 -22.17 -16.43
C SER C 124 58.46 -21.48 -17.27
N SER C 125 59.33 -22.22 -17.97
CA SER C 125 60.25 -21.62 -18.92
C SER C 125 59.53 -21.16 -20.18
N ASN C 126 58.65 -22.02 -20.72
CA ASN C 126 57.81 -21.69 -21.87
C ASN C 126 56.51 -21.03 -21.46
N ILE C 127 56.45 -20.43 -20.27
CA ILE C 127 55.22 -19.82 -19.81
C ILE C 127 54.88 -18.58 -20.61
N ASP C 128 55.83 -18.09 -21.44
CA ASP C 128 55.54 -16.97 -22.34
C ASP C 128 54.70 -17.40 -23.54
N CYS C 129 54.82 -18.64 -23.97
CA CYS C 129 53.95 -19.15 -25.01
C CYS C 129 52.66 -19.75 -24.43
N LEU C 130 52.34 -19.43 -23.17
CA LEU C 130 51.12 -19.91 -22.51
C LEU C 130 51.01 -21.42 -22.61
N VAL C 131 52.16 -22.09 -22.62
CA VAL C 131 52.19 -23.54 -22.61
C VAL C 131 51.50 -24.06 -21.35
N SER C 132 51.02 -25.31 -21.44
CA SER C 132 50.54 -25.99 -20.26
C SER C 132 51.62 -25.99 -19.21
N VAL C 133 51.24 -25.71 -17.97
CA VAL C 133 52.15 -25.83 -16.84
C VAL C 133 51.47 -26.64 -15.75
N GLY C 134 52.27 -27.07 -14.76
CA GLY C 134 51.75 -27.91 -13.72
C GLY C 134 52.64 -27.93 -12.50
N THR C 135 52.06 -28.40 -11.39
CA THR C 135 52.79 -28.68 -10.14
C THR C 135 52.89 -30.18 -9.94
N ILE C 136 54.10 -30.67 -9.74
CA ILE C 136 54.36 -32.11 -9.55
C ILE C 136 54.86 -32.31 -8.12
N PHE C 137 54.40 -33.38 -7.48
CA PHE C 137 54.76 -33.60 -6.07
C PHE C 137 54.91 -35.08 -5.77
N GLY C 138 55.81 -35.37 -4.83
CA GLY C 138 55.94 -36.71 -4.26
C GLY C 138 56.05 -36.68 -2.76
N ILE C 139 55.38 -37.63 -2.10
CA ILE C 139 55.28 -37.66 -0.63
C ILE C 139 55.96 -38.90 -0.05
N TYR C 140 56.91 -38.69 0.87
CA TYR C 140 57.59 -39.77 1.60
C TYR C 140 57.33 -39.62 3.10
N ARG C 141 57.11 -40.74 3.78
CA ARG C 141 57.23 -40.76 5.24
C ARG C 141 58.70 -40.73 5.62
N LYS C 142 59.09 -39.82 6.51
CA LYS C 142 60.49 -39.81 6.95
C LYS C 142 60.87 -41.18 7.47
N LYS C 143 62.02 -41.68 7.00
CA LYS C 143 62.44 -43.06 7.23
C LYS C 143 63.47 -43.20 8.34
N SER C 144 64.51 -42.37 8.32
CA SER C 144 65.54 -42.46 9.31
C SER C 144 65.06 -41.77 10.58
N THR C 145 65.68 -42.11 11.71
CA THR C 145 65.37 -41.41 12.95
C THR C 145 66.38 -40.33 13.27
N ASP C 146 67.37 -40.13 12.40
CA ASP C 146 68.34 -39.06 12.56
C ASP C 146 67.68 -37.69 12.54
N GLU C 147 68.41 -36.70 13.01
CA GLU C 147 67.99 -35.32 12.83
C GLU C 147 67.79 -35.05 11.33
N PRO C 148 66.71 -34.34 10.95
CA PRO C 148 66.36 -34.26 9.52
C PRO C 148 67.39 -33.50 8.68
N SER C 149 67.65 -34.02 7.48
CA SER C 149 68.64 -33.46 6.57
C SER C 149 68.28 -33.85 5.14
N GLU C 150 69.14 -33.43 4.19
CA GLU C 150 68.90 -33.69 2.77
C GLU C 150 68.84 -35.20 2.50
N LYS C 151 69.56 -35.98 3.31
CA LYS C 151 69.58 -37.43 3.18
C LYS C 151 68.19 -38.05 3.37
N ASP C 152 67.26 -37.31 3.98
CA ASP C 152 65.91 -37.83 4.18
C ASP C 152 65.08 -37.78 2.92
N ALA C 153 65.50 -36.98 1.93
CA ALA C 153 64.86 -36.86 0.62
C ALA C 153 65.49 -37.76 -0.42
N LEU C 154 66.55 -38.52 -0.04
CA LEU C 154 67.23 -39.41 -0.96
C LEU C 154 66.65 -40.82 -0.97
N GLN C 155 65.40 -40.96 -0.78
CA GLN C 155 64.88 -42.30 -0.84
C GLN C 155 64.49 -42.66 -2.28
N PRO C 156 64.55 -43.94 -2.65
CA PRO C 156 64.04 -44.34 -3.96
C PRO C 156 62.52 -44.27 -4.01
N GLY C 157 62.01 -44.01 -5.23
CA GLY C 157 60.61 -43.78 -5.45
C GLY C 157 59.68 -44.90 -5.01
N ARG C 158 60.20 -46.12 -4.88
CA ARG C 158 59.40 -47.20 -4.31
C ARG C 158 58.81 -46.87 -2.94
N ASN C 159 59.39 -45.94 -2.20
CA ASN C 159 58.95 -45.69 -0.83
C ASN C 159 57.82 -44.69 -0.70
N LEU C 160 57.27 -44.19 -1.80
CA LEU C 160 56.31 -43.11 -1.75
C LEU C 160 55.02 -43.52 -1.06
N VAL C 161 54.52 -42.63 -0.21
CA VAL C 161 53.18 -42.83 0.35
C VAL C 161 52.10 -42.46 -0.64
N ALA C 162 52.32 -41.38 -1.39
CA ALA C 162 51.38 -40.83 -2.36
C ALA C 162 52.13 -39.87 -3.28
N ALA C 163 51.60 -39.70 -4.49
CA ALA C 163 52.21 -38.80 -5.48
C ALA C 163 51.18 -38.39 -6.54
N GLY C 164 51.54 -37.36 -7.32
CA GLY C 164 50.66 -36.90 -8.38
C GLY C 164 51.06 -35.52 -8.88
N TYR C 165 50.11 -34.85 -9.56
CA TYR C 165 50.35 -33.54 -10.16
C TYR C 165 49.03 -32.78 -10.33
N ALA C 166 49.16 -31.46 -10.32
CA ALA C 166 48.13 -30.59 -10.87
C ALA C 166 48.55 -30.17 -12.28
N LEU C 167 47.64 -30.29 -13.23
CA LEU C 167 47.88 -29.84 -14.60
C LEU C 167 47.07 -28.56 -14.81
N TYR C 168 47.77 -27.45 -15.04
CA TYR C 168 47.08 -26.18 -15.31
C TYR C 168 46.93 -25.97 -16.82
N GLY C 169 46.01 -26.72 -17.41
CA GLY C 169 45.81 -26.73 -18.84
C GLY C 169 44.58 -25.95 -19.26
N SER C 170 43.80 -26.47 -20.21
CA SER C 170 42.54 -25.82 -20.57
C SER C 170 41.59 -25.69 -19.38
N ALA C 171 41.65 -26.64 -18.46
CA ALA C 171 41.03 -26.54 -17.15
C ALA C 171 42.07 -27.03 -16.14
N THR C 172 41.76 -26.90 -14.83
CA THR C 172 42.68 -27.32 -13.78
C THR C 172 42.27 -28.68 -13.20
N MET C 173 43.14 -29.67 -13.35
CA MET C 173 42.90 -31.01 -12.87
C MET C 173 44.01 -31.44 -11.92
N LEU C 174 43.61 -32.14 -10.86
CA LEU C 174 44.52 -32.76 -9.91
C LEU C 174 44.45 -34.28 -10.12
N VAL C 175 45.60 -34.91 -10.37
CA VAL C 175 45.68 -36.38 -10.43
C VAL C 175 46.32 -36.90 -9.14
N LEU C 176 45.63 -37.78 -8.44
CA LEU C 176 46.09 -38.25 -7.14
C LEU C 176 46.32 -39.75 -7.18
N ALA C 177 47.56 -40.18 -6.95
CA ALA C 177 47.92 -41.58 -6.96
C ALA C 177 48.30 -42.05 -5.55
N MET C 178 47.83 -43.24 -5.17
CA MET C 178 48.17 -43.84 -3.86
C MET C 178 48.22 -45.37 -4.03
N ASP C 179 48.30 -46.10 -2.91
CA ASP C 179 48.45 -47.55 -2.99
C ASP C 179 47.28 -48.21 -3.70
N CYS C 180 46.05 -47.73 -3.46
CA CYS C 180 44.88 -48.35 -4.05
C CYS C 180 44.53 -47.81 -5.45
N GLY C 181 45.29 -46.88 -6.00
CA GLY C 181 45.10 -46.51 -7.38
C GLY C 181 45.14 -45.00 -7.60
N VAL C 182 44.64 -44.59 -8.77
CA VAL C 182 44.75 -43.22 -9.23
C VAL C 182 43.35 -42.64 -9.35
N ASN C 183 43.15 -41.43 -8.86
CA ASN C 183 41.87 -40.72 -9.03
C ASN C 183 42.12 -39.30 -9.53
N CYS C 184 41.24 -38.84 -10.41
CA CYS C 184 41.33 -37.51 -11.00
C CYS C 184 40.19 -36.63 -10.52
N PHE C 185 40.52 -35.41 -10.11
CA PHE C 185 39.56 -34.43 -9.64
C PHE C 185 39.66 -33.19 -10.51
N MET C 186 38.49 -32.67 -10.93
CA MET C 186 38.38 -31.49 -11.76
C MET C 186 38.06 -30.29 -10.88
N LEU C 187 38.85 -29.23 -11.01
CA LEU C 187 38.61 -28.03 -10.23
C LEU C 187 37.43 -27.25 -10.81
N ASP C 188 36.38 -27.09 -10.00
CA ASP C 188 35.26 -26.22 -10.32
C ASP C 188 35.56 -24.86 -9.73
N PRO C 189 35.91 -23.86 -10.54
CA PRO C 189 36.29 -22.56 -9.97
C PRO C 189 35.10 -21.78 -9.42
N ALA C 190 33.88 -22.18 -9.77
CA ALA C 190 32.73 -21.41 -9.30
C ALA C 190 32.54 -21.55 -7.81
N ILE C 191 32.89 -22.71 -7.26
CA ILE C 191 32.71 -23.00 -5.84
C ILE C 191 34.00 -23.44 -5.16
N GLY C 192 35.10 -23.56 -5.91
CA GLY C 192 36.43 -23.84 -5.38
C GLY C 192 36.51 -25.19 -4.71
N GLU C 193 36.09 -26.23 -5.42
CA GLU C 193 36.04 -27.58 -4.90
C GLU C 193 36.52 -28.53 -5.98
N PHE C 194 37.33 -29.54 -5.60
CA PHE C 194 37.73 -30.58 -6.54
C PHE C 194 36.66 -31.65 -6.59
N ILE C 195 36.21 -31.96 -7.79
CA ILE C 195 35.08 -32.85 -8.02
C ILE C 195 35.60 -34.17 -8.56
N LEU C 196 35.20 -35.27 -7.93
CA LEU C 196 35.65 -36.56 -8.40
C LEU C 196 34.98 -36.88 -9.74
N VAL C 197 35.82 -37.03 -10.78
CA VAL C 197 35.32 -37.28 -12.13
C VAL C 197 35.89 -38.54 -12.78
N ASP C 198 37.01 -39.10 -12.31
CA ASP C 198 37.57 -40.31 -12.92
C ASP C 198 38.04 -41.21 -11.80
N LYS C 199 37.31 -42.27 -11.54
CA LYS C 199 37.59 -43.15 -10.42
C LYS C 199 38.42 -44.33 -10.90
N ASP C 200 39.53 -44.58 -10.20
CA ASP C 200 40.31 -45.81 -10.36
C ASP C 200 40.82 -45.94 -11.79
N VAL C 201 41.56 -44.91 -12.24
CA VAL C 201 41.93 -44.74 -13.66
C VAL C 201 43.03 -45.72 -14.07
N LYS C 202 42.95 -46.16 -15.34
CA LYS C 202 43.92 -47.08 -15.94
C LYS C 202 44.29 -46.63 -17.36
N ILE C 203 45.58 -46.71 -17.68
CA ILE C 203 46.14 -46.35 -18.98
C ILE C 203 45.90 -47.48 -19.98
N LYS C 204 45.76 -47.13 -21.26
CA LYS C 204 45.61 -48.17 -22.27
C LYS C 204 46.80 -49.10 -22.24
N LYS C 205 46.57 -50.39 -22.49
CA LYS C 205 47.66 -51.35 -22.50
C LYS C 205 48.71 -50.99 -23.55
N LYS C 206 48.30 -50.35 -24.64
CA LYS C 206 49.18 -49.96 -25.74
C LYS C 206 48.61 -48.75 -26.46
N GLY C 207 49.47 -47.78 -26.78
CA GLY C 207 49.03 -46.55 -27.38
C GLY C 207 49.47 -46.41 -28.82
N LYS C 208 49.17 -45.22 -29.38
CA LYS C 208 49.53 -44.95 -30.77
C LYS C 208 50.14 -43.57 -30.95
N ILE C 209 50.69 -42.99 -29.89
CA ILE C 209 51.38 -41.70 -29.95
C ILE C 209 52.72 -41.85 -29.25
N TYR C 210 53.79 -41.32 -29.85
CA TYR C 210 55.09 -41.27 -29.20
C TYR C 210 55.49 -39.82 -28.96
N SER C 211 56.30 -39.60 -27.91
CA SER C 211 56.58 -38.24 -27.43
C SER C 211 58.06 -38.08 -27.10
N LEU C 212 58.77 -37.23 -27.86
CA LEU C 212 60.15 -36.85 -27.54
C LEU C 212 60.59 -35.71 -28.45
N ASN C 213 61.71 -35.08 -28.08
CA ASN C 213 62.31 -33.97 -28.81
C ASN C 213 63.26 -34.53 -29.88
N GLU C 214 62.81 -34.53 -31.14
CA GLU C 214 63.62 -35.11 -32.20
C GLU C 214 64.77 -34.22 -32.66
N GLY C 215 64.86 -33.00 -32.15
CA GLY C 215 66.01 -32.15 -32.48
C GLY C 215 67.38 -32.68 -32.05
N TYR C 216 67.42 -33.53 -31.02
CA TYR C 216 68.68 -34.16 -30.62
C TYR C 216 68.97 -35.42 -31.41
N ALA C 217 68.39 -35.57 -32.61
CA ALA C 217 68.56 -36.81 -33.36
C ALA C 217 70.03 -37.16 -33.58
N LYS C 218 70.87 -36.13 -33.77
CA LYS C 218 72.29 -36.33 -34.05
C LYS C 218 73.03 -36.91 -32.83
N ASP C 219 72.50 -36.74 -31.61
CA ASP C 219 73.12 -37.29 -30.42
C ASP C 219 72.46 -38.55 -29.91
N PHE C 220 71.46 -39.06 -30.59
CA PHE C 220 70.72 -40.20 -30.07
C PHE C 220 71.58 -41.46 -30.02
N ASP C 221 71.45 -42.18 -28.92
CA ASP C 221 71.96 -43.54 -28.79
C ASP C 221 71.38 -44.44 -29.89
N PRO C 222 72.13 -45.45 -30.33
CA PRO C 222 71.62 -46.35 -31.37
C PRO C 222 70.31 -47.05 -31.02
N ALA C 223 70.03 -47.28 -29.75
CA ALA C 223 68.77 -47.94 -29.39
C ALA C 223 67.60 -47.00 -29.66
N VAL C 224 67.72 -45.74 -29.25
CA VAL C 224 66.67 -44.76 -29.50
C VAL C 224 66.50 -44.53 -30.99
N THR C 225 67.62 -44.44 -31.73
CA THR C 225 67.54 -44.27 -33.18
C THR C 225 66.72 -45.38 -33.83
N GLU C 226 66.92 -46.62 -33.38
CA GLU C 226 66.15 -47.72 -33.96
C GLU C 226 64.69 -47.68 -33.53
N TYR C 227 64.41 -47.42 -32.24
CA TYR C 227 63.02 -47.44 -31.80
C TYR C 227 62.20 -46.35 -32.47
N ILE C 228 62.77 -45.16 -32.66
CA ILE C 228 62.03 -44.11 -33.35
C ILE C 228 61.83 -44.45 -34.81
N GLN C 229 62.80 -45.14 -35.43
CA GLN C 229 62.62 -45.64 -36.79
C GLN C 229 61.40 -46.55 -36.88
N ARG C 230 61.22 -47.40 -35.87
CA ARG C 230 60.08 -48.32 -35.84
C ARG C 230 58.77 -47.59 -35.67
N LYS C 231 58.77 -46.39 -35.09
CA LYS C 231 57.53 -45.64 -34.96
C LYS C 231 57.11 -44.97 -36.27
N LYS C 232 58.08 -44.57 -37.09
CA LYS C 232 57.77 -43.91 -38.35
C LYS C 232 57.56 -44.89 -39.50
N PHE C 233 58.36 -45.96 -39.58
CA PHE C 233 58.26 -46.98 -40.65
C PHE C 233 58.07 -48.33 -39.96
N PRO C 234 56.85 -48.64 -39.55
CA PRO C 234 56.58 -49.89 -38.80
C PRO C 234 56.95 -51.12 -39.61
N PRO C 235 57.61 -52.10 -38.97
CA PRO C 235 57.99 -53.32 -39.72
C PRO C 235 56.83 -54.22 -40.08
N ASP C 236 55.72 -54.15 -39.35
CA ASP C 236 54.54 -54.97 -39.61
C ASP C 236 53.48 -54.24 -40.43
N ASN C 237 53.88 -53.22 -41.21
CA ASN C 237 52.97 -52.44 -42.06
C ASN C 237 51.74 -51.96 -41.28
N SER C 238 51.86 -51.85 -39.97
CA SER C 238 50.82 -51.23 -39.18
C SER C 238 50.88 -49.72 -39.36
N ALA C 239 49.82 -49.04 -38.90
CA ALA C 239 49.77 -47.59 -39.10
C ALA C 239 50.86 -46.91 -38.27
N PRO C 240 51.51 -45.90 -38.80
CA PRO C 240 52.55 -45.22 -38.04
C PRO C 240 51.98 -44.51 -36.83
N TYR C 241 52.79 -44.45 -35.78
CA TYR C 241 52.39 -43.68 -34.62
C TYR C 241 52.39 -42.20 -34.97
N GLY C 242 51.55 -41.46 -34.30
CA GLY C 242 51.68 -40.03 -34.34
C GLY C 242 52.59 -39.50 -33.26
N ALA C 243 53.06 -38.28 -33.46
CA ALA C 243 54.00 -37.68 -32.55
C ALA C 243 53.38 -36.45 -31.90
N ARG C 244 53.61 -36.29 -30.61
CA ARG C 244 53.22 -35.09 -29.88
C ARG C 244 54.37 -34.73 -28.95
N TYR C 245 54.73 -33.45 -28.91
CA TYR C 245 55.73 -33.01 -27.97
C TYR C 245 55.43 -31.56 -27.66
N VAL C 246 54.84 -31.35 -26.47
CA VAL C 246 54.50 -30.07 -25.90
C VAL C 246 55.73 -29.35 -25.38
N GLY C 247 56.69 -30.12 -24.82
CA GLY C 247 57.81 -29.47 -24.18
C GLY C 247 57.57 -29.13 -22.73
N SER C 248 56.42 -29.54 -22.18
CA SER C 248 56.14 -29.42 -20.76
C SER C 248 55.74 -30.79 -20.22
N MET C 249 56.47 -31.29 -19.22
CA MET C 249 56.33 -32.70 -18.84
C MET C 249 54.93 -33.03 -18.29
N VAL C 250 54.35 -32.14 -17.50
CA VAL C 250 53.01 -32.42 -16.96
C VAL C 250 52.00 -32.66 -18.10
N ALA C 251 52.07 -31.85 -19.17
CA ALA C 251 51.10 -32.02 -20.24
C ALA C 251 51.34 -33.32 -21.01
N ASP C 252 52.61 -33.59 -21.31
CA ASP C 252 52.95 -34.78 -22.09
C ASP C 252 52.59 -36.06 -21.35
N VAL C 253 52.83 -36.09 -20.04
CA VAL C 253 52.54 -37.29 -19.27
C VAL C 253 51.03 -37.49 -19.12
N HIS C 254 50.29 -36.43 -18.86
CA HIS C 254 48.86 -36.55 -18.70
C HIS C 254 48.18 -36.96 -20.00
N ARG C 255 48.65 -36.43 -21.15
CA ARG C 255 48.15 -36.92 -22.43
C ARG C 255 48.45 -38.40 -22.60
N THR C 256 49.65 -38.81 -22.22
CA THR C 256 50.01 -40.22 -22.27
C THR C 256 49.11 -41.05 -21.36
N LEU C 257 48.90 -40.58 -20.12
CA LEU C 257 47.99 -41.25 -19.19
C LEU C 257 46.55 -41.27 -19.74
N VAL C 258 46.10 -40.15 -20.30
CA VAL C 258 44.69 -40.14 -20.71
C VAL C 258 44.48 -40.90 -22.01
N TYR C 259 45.50 -40.96 -22.88
CA TYR C 259 45.34 -41.60 -24.19
C TYR C 259 46.17 -42.85 -24.44
N GLY C 260 47.22 -43.10 -23.65
CA GLY C 260 48.14 -44.20 -23.94
C GLY C 260 49.29 -43.75 -24.82
N GLY C 261 50.29 -44.62 -24.94
CA GLY C 261 51.47 -44.26 -25.72
C GLY C 261 52.76 -44.23 -24.93
N ILE C 262 53.78 -43.51 -25.41
CA ILE C 262 55.12 -43.54 -24.83
C ILE C 262 55.71 -42.12 -24.79
N PHE C 263 56.42 -41.79 -23.72
CA PHE C 263 57.10 -40.51 -23.56
C PHE C 263 58.58 -40.74 -23.28
N LEU C 264 59.47 -40.09 -24.05
CA LEU C 264 60.92 -40.29 -23.96
C LEU C 264 61.65 -38.97 -23.84
N TYR C 265 62.54 -38.87 -22.84
CA TYR C 265 63.57 -37.84 -22.75
C TYR C 265 64.88 -38.54 -22.41
N PRO C 266 65.62 -39.00 -23.42
CA PRO C 266 66.84 -39.77 -23.16
C PRO C 266 68.03 -38.84 -23.05
N ALA C 267 69.23 -39.39 -22.89
CA ALA C 267 70.43 -38.57 -22.79
C ALA C 267 70.92 -38.13 -24.18
N ASN C 268 71.61 -37.00 -24.21
CA ASN C 268 72.28 -36.45 -25.39
C ASN C 268 73.65 -35.91 -24.99
N LYS C 269 74.37 -35.30 -25.95
CA LYS C 269 75.73 -34.80 -25.67
C LYS C 269 75.71 -33.67 -24.66
N LYS C 270 74.67 -32.85 -24.66
CA LYS C 270 74.57 -31.76 -23.71
C LYS C 270 74.22 -32.27 -22.33
N SER C 271 73.50 -33.40 -22.29
CA SER C 271 73.05 -34.04 -21.05
C SER C 271 73.47 -35.50 -21.03
N PRO C 272 74.73 -35.79 -20.65
CA PRO C 272 75.17 -37.20 -20.62
C PRO C 272 74.48 -38.06 -19.57
N ASN C 273 73.87 -37.47 -18.52
CA ASN C 273 73.12 -38.21 -17.51
C ASN C 273 71.61 -38.01 -17.64
N GLY C 274 71.14 -37.65 -18.84
CA GLY C 274 69.76 -37.30 -19.05
C GLY C 274 69.51 -35.89 -18.58
N LYS C 275 68.27 -35.44 -18.79
CA LYS C 275 67.89 -34.05 -18.57
C LYS C 275 66.90 -33.85 -17.43
N LEU C 276 65.93 -34.75 -17.26
CA LEU C 276 64.91 -34.57 -16.24
C LEU C 276 65.43 -34.92 -14.85
N ARG C 277 64.83 -34.29 -13.84
CA ARG C 277 65.23 -34.46 -12.46
C ARG C 277 64.55 -35.66 -11.84
N LEU C 278 65.31 -36.45 -11.09
CA LEU C 278 64.78 -37.71 -10.60
C LEU C 278 63.78 -37.48 -9.48
N LEU C 279 64.11 -36.57 -8.56
CA LEU C 279 63.38 -36.49 -7.30
C LEU C 279 61.96 -35.99 -7.49
N TYR C 280 61.81 -34.83 -8.12
CA TYR C 280 60.54 -34.14 -8.15
C TYR C 280 59.95 -34.06 -9.58
N GLU C 281 60.55 -34.79 -10.55
CA GLU C 281 59.96 -34.94 -11.87
C GLU C 281 59.80 -36.40 -12.26
N CYS C 282 60.91 -37.17 -12.32
CA CYS C 282 60.83 -38.55 -12.82
C CYS C 282 60.07 -39.47 -11.86
N ASN C 283 60.39 -39.43 -10.56
CA ASN C 283 59.76 -40.38 -9.66
C ASN C 283 58.25 -40.19 -9.50
N PRO C 284 57.72 -39.00 -9.20
CA PRO C 284 56.25 -38.90 -9.11
C PRO C 284 55.54 -39.37 -10.36
N MET C 285 56.15 -39.21 -11.53
CA MET C 285 55.52 -39.69 -12.76
C MET C 285 55.63 -41.20 -12.88
N ALA C 286 56.78 -41.77 -12.51
CA ALA C 286 56.89 -43.23 -12.45
C ALA C 286 55.85 -43.83 -11.51
N TYR C 287 55.57 -43.16 -10.39
CA TYR C 287 54.59 -43.67 -9.43
C TYR C 287 53.18 -43.66 -10.01
N VAL C 288 52.75 -42.53 -10.59
CA VAL C 288 51.41 -42.46 -11.19
C VAL C 288 51.27 -43.50 -12.29
N MET C 289 52.30 -43.64 -13.12
CA MET C 289 52.22 -44.59 -14.23
C MET C 289 51.98 -45.99 -13.70
N GLU C 290 52.84 -46.43 -12.79
CA GLU C 290 52.72 -47.80 -12.29
C GLU C 290 51.40 -47.99 -11.56
N LYS C 291 51.00 -47.00 -10.76
CA LYS C 291 49.67 -47.11 -10.15
C LYS C 291 48.53 -47.07 -11.16
N ALA C 292 48.75 -46.61 -12.40
CA ALA C 292 47.70 -46.70 -13.40
C ALA C 292 47.90 -47.88 -14.33
N GLY C 293 48.91 -48.70 -14.09
CA GLY C 293 49.22 -49.85 -14.91
C GLY C 293 50.29 -49.65 -15.96
N GLY C 294 51.05 -48.55 -15.90
CA GLY C 294 52.07 -48.26 -16.90
C GLY C 294 53.47 -48.62 -16.42
N MET C 295 54.45 -48.16 -17.19
CA MET C 295 55.85 -48.45 -16.88
C MET C 295 56.71 -47.19 -16.96
N ALA C 296 57.88 -47.25 -16.31
CA ALA C 296 58.85 -46.15 -16.33
C ALA C 296 60.26 -46.66 -16.09
N THR C 297 61.14 -46.49 -17.07
CA THR C 297 62.48 -47.05 -17.08
C THR C 297 63.51 -45.99 -17.45
N THR C 298 64.77 -46.24 -17.09
CA THR C 298 65.89 -45.47 -17.58
C THR C 298 66.67 -46.20 -18.65
N GLY C 299 66.24 -47.38 -19.05
CA GLY C 299 67.07 -48.25 -19.85
C GLY C 299 67.77 -49.33 -19.03
N LYS C 300 68.43 -48.96 -17.92
CA LYS C 300 69.04 -49.98 -17.08
C LYS C 300 68.07 -50.52 -16.04
N GLU C 301 67.28 -49.67 -15.41
CA GLU C 301 66.38 -50.13 -14.37
C GLU C 301 65.15 -49.22 -14.31
N ALA C 302 64.17 -49.64 -13.52
CA ALA C 302 62.99 -48.83 -13.28
C ALA C 302 63.36 -47.55 -12.56
N VAL C 303 62.68 -46.46 -12.94
CA VAL C 303 62.97 -45.16 -12.32
C VAL C 303 62.75 -45.25 -10.83
N LEU C 304 61.68 -45.94 -10.41
CA LEU C 304 61.36 -46.04 -8.99
C LEU C 304 62.40 -46.85 -8.22
N ASP C 305 63.26 -47.62 -8.90
CA ASP C 305 64.30 -48.43 -8.28
C ASP C 305 65.62 -47.69 -8.18
N VAL C 306 65.69 -46.46 -8.65
CA VAL C 306 66.94 -45.72 -8.65
C VAL C 306 67.17 -45.19 -7.25
N ILE C 307 68.37 -45.40 -6.72
CA ILE C 307 68.77 -44.91 -5.41
C ILE C 307 69.46 -43.56 -5.60
N PRO C 308 68.89 -42.46 -5.14
CA PRO C 308 69.54 -41.16 -5.37
C PRO C 308 70.71 -40.92 -4.44
N THR C 309 71.68 -40.15 -4.94
CA THR C 309 72.81 -39.66 -4.15
C THR C 309 72.92 -38.14 -4.09
N ASP C 310 72.20 -37.41 -4.96
CA ASP C 310 72.20 -35.94 -4.98
C ASP C 310 70.78 -35.46 -5.32
N ILE C 311 70.32 -34.40 -4.66
CA ILE C 311 68.91 -33.99 -4.78
C ILE C 311 68.53 -33.42 -6.16
N HIS C 312 69.47 -32.87 -6.93
CA HIS C 312 69.11 -32.30 -8.23
C HIS C 312 69.60 -33.14 -9.39
N GLN C 313 69.87 -34.42 -9.14
CA GLN C 313 70.49 -35.25 -10.13
C GLN C 313 69.49 -35.62 -11.22
N ARG C 314 70.05 -35.93 -12.39
CA ARG C 314 69.29 -36.25 -13.58
C ARG C 314 69.24 -37.76 -13.81
N ALA C 315 68.27 -38.16 -14.61
CA ALA C 315 67.98 -39.52 -15.04
C ALA C 315 67.32 -39.50 -16.43
N PRO C 316 67.64 -40.45 -17.29
CA PRO C 316 66.86 -40.64 -18.52
C PRO C 316 65.57 -41.38 -18.20
N VAL C 317 64.57 -41.19 -19.05
CA VAL C 317 63.23 -41.72 -18.75
C VAL C 317 62.52 -42.08 -20.03
N ILE C 318 61.90 -43.25 -20.03
CA ILE C 318 60.95 -43.72 -21.04
C ILE C 318 59.77 -44.31 -20.28
N LEU C 319 58.58 -43.73 -20.46
CA LEU C 319 57.40 -44.14 -19.69
C LEU C 319 56.15 -44.17 -20.57
N GLY C 320 55.09 -44.77 -20.03
CA GLY C 320 53.84 -44.84 -20.74
C GLY C 320 53.08 -46.14 -20.66
N SER C 321 52.38 -46.46 -21.73
CA SER C 321 51.62 -47.70 -21.81
C SER C 321 52.57 -48.89 -21.69
N PRO C 322 52.15 -49.96 -21.04
CA PRO C 322 53.08 -51.08 -20.76
C PRO C 322 53.66 -51.73 -22.01
N ASP C 323 52.83 -52.00 -23.02
CA ASP C 323 53.32 -52.58 -24.26
C ASP C 323 54.33 -51.67 -24.99
N ASP C 324 54.19 -50.36 -24.89
CA ASP C 324 55.12 -49.50 -25.61
C ASP C 324 56.49 -49.46 -24.95
N VAL C 325 56.55 -49.41 -23.62
CA VAL C 325 57.86 -49.38 -22.95
C VAL C 325 58.59 -50.72 -23.05
N LEU C 326 57.85 -51.83 -22.98
CA LEU C 326 58.49 -53.13 -23.19
C LEU C 326 59.14 -53.21 -24.56
N GLU C 327 58.48 -52.66 -25.59
CA GLU C 327 59.06 -52.67 -26.94
C GLU C 327 60.34 -51.86 -27.03
N PHE C 328 60.45 -50.78 -26.27
CA PHE C 328 61.68 -50.02 -26.27
C PHE C 328 62.81 -50.79 -25.59
N LEU C 329 62.52 -51.41 -24.43
CA LEU C 329 63.55 -52.17 -23.73
C LEU C 329 64.04 -53.35 -24.56
N LYS C 330 63.13 -54.00 -25.29
CA LYS C 330 63.55 -55.08 -26.19
C LYS C 330 64.57 -54.57 -27.20
N VAL C 331 64.32 -53.39 -27.79
CA VAL C 331 65.31 -52.79 -28.69
C VAL C 331 66.56 -52.43 -27.92
N TYR C 332 66.39 -51.95 -26.68
CA TYR C 332 67.52 -51.51 -25.87
C TYR C 332 68.50 -52.64 -25.59
N GLU C 333 68.01 -53.83 -25.24
CA GLU C 333 68.92 -54.91 -24.90
C GLU C 333 69.62 -55.45 -26.14
N LYS C 334 69.01 -55.29 -27.32
CA LYS C 334 69.65 -55.66 -28.57
C LYS C 334 71.01 -54.97 -28.75
N HIS C 335 71.11 -53.70 -28.33
CA HIS C 335 72.35 -52.95 -28.45
C HIS C 335 73.23 -53.06 -27.20
N SER C 336 73.19 -54.19 -26.49
CA SER C 336 73.97 -54.42 -25.27
C SER C 336 73.58 -53.45 -24.16
N ASP D 10 49.29 4.39 -19.11
CA ASP D 10 47.84 4.23 -19.09
C ASP D 10 47.42 2.78 -19.32
N VAL D 11 46.43 2.33 -18.54
CA VAL D 11 45.91 0.97 -18.69
C VAL D 11 45.13 0.87 -19.99
N ASN D 12 45.25 -0.24 -20.69
CA ASN D 12 44.51 -0.43 -21.92
C ASN D 12 43.80 -1.78 -21.93
N THR D 13 42.53 -1.76 -22.35
CA THR D 13 41.72 -2.96 -22.53
C THR D 13 41.45 -3.15 -24.02
N LEU D 14 40.90 -4.31 -24.34
CA LEU D 14 40.54 -4.57 -25.73
C LEU D 14 39.44 -3.63 -26.19
N THR D 15 38.42 -3.43 -25.33
CA THR D 15 37.30 -2.60 -25.70
C THR D 15 37.71 -1.14 -25.88
N ARG D 16 38.59 -0.65 -25.01
CA ARG D 16 39.15 0.69 -25.18
C ARG D 16 40.00 0.77 -26.45
N PHE D 17 40.74 -0.30 -26.76
CA PHE D 17 41.58 -0.30 -27.96
C PHE D 17 40.73 -0.19 -29.23
N VAL D 18 39.65 -0.96 -29.28
CA VAL D 18 38.83 -1.05 -30.49
C VAL D 18 38.09 0.27 -30.73
N MET D 19 37.63 0.94 -29.66
CA MET D 19 36.93 2.22 -29.83
C MET D 19 37.87 3.31 -30.31
N GLU D 20 39.11 3.33 -29.81
CA GLU D 20 40.05 4.36 -30.23
C GLU D 20 40.44 4.17 -31.69
N GLU D 21 40.65 2.93 -32.13
CA GLU D 21 40.92 2.70 -33.54
C GLU D 21 39.73 3.07 -34.41
N GLY D 22 38.52 2.86 -33.90
CA GLY D 22 37.33 3.23 -34.64
C GLY D 22 37.17 4.72 -34.80
N ARG D 23 37.52 5.49 -33.76
CA ARG D 23 37.38 6.93 -33.87
C ARG D 23 38.45 7.51 -34.79
N LYS D 24 39.65 6.94 -34.78
CA LYS D 24 40.68 7.34 -35.75
C LYS D 24 40.16 7.20 -37.18
N ALA D 25 39.59 6.03 -37.50
CA ALA D 25 39.09 5.71 -38.82
C ALA D 25 37.72 6.31 -39.11
N ARG D 26 37.02 6.80 -38.07
CA ARG D 26 35.73 7.47 -38.20
C ARG D 26 34.65 6.60 -38.86
N GLY D 27 34.60 5.32 -38.48
CA GLY D 27 33.54 4.44 -38.95
C GLY D 27 32.26 4.63 -38.15
N THR D 28 31.23 3.87 -38.55
CA THR D 28 29.89 4.02 -37.95
C THR D 28 29.76 3.34 -36.61
N GLY D 29 30.64 2.37 -36.31
CA GLY D 29 30.55 1.57 -35.12
C GLY D 29 30.10 0.15 -35.32
N GLU D 30 29.79 -0.26 -36.54
CA GLU D 30 29.29 -1.61 -36.74
C GLU D 30 30.38 -2.65 -36.48
N LEU D 31 31.63 -2.36 -36.86
CA LEU D 31 32.70 -3.33 -36.65
C LEU D 31 33.02 -3.50 -35.16
N THR D 32 32.94 -2.39 -34.41
CA THR D 32 33.16 -2.44 -32.99
C THR D 32 32.08 -3.25 -32.29
N GLN D 33 30.82 -3.05 -32.68
CA GLN D 33 29.78 -3.92 -32.11
C GLN D 33 30.05 -5.39 -32.42
N LEU D 34 30.63 -5.69 -33.58
CA LEU D 34 31.00 -7.08 -33.89
C LEU D 34 32.06 -7.58 -32.91
N LEU D 35 33.17 -6.85 -32.79
CA LEU D 35 34.29 -7.31 -31.99
C LEU D 35 33.91 -7.41 -30.51
N ASN D 36 33.08 -6.49 -30.03
CA ASN D 36 32.63 -6.54 -28.65
C ASN D 36 31.80 -7.81 -28.40
N SER D 37 30.89 -8.13 -29.32
CA SER D 37 30.13 -9.37 -29.21
C SER D 37 31.05 -10.59 -29.24
N LEU D 38 32.12 -10.50 -30.03
CA LEU D 38 33.04 -11.61 -30.19
C LEU D 38 33.83 -11.83 -28.91
N CYS D 39 34.31 -10.74 -28.29
CA CYS D 39 34.96 -10.82 -26.98
C CYS D 39 34.03 -11.40 -25.92
N THR D 40 32.75 -10.99 -25.92
CA THR D 40 31.84 -11.47 -24.90
C THR D 40 31.59 -12.97 -25.06
N ALA D 41 31.38 -13.41 -26.30
CA ALA D 41 31.26 -14.84 -26.57
C ALA D 41 32.54 -15.59 -26.15
N VAL D 42 33.71 -15.00 -26.40
CA VAL D 42 34.97 -15.65 -26.05
C VAL D 42 35.08 -15.83 -24.53
N LYS D 43 34.64 -14.83 -23.76
CA LYS D 43 34.68 -14.92 -22.30
C LYS D 43 33.74 -16.02 -21.76
N ALA D 44 32.60 -16.22 -22.39
CA ALA D 44 31.70 -17.27 -21.95
C ALA D 44 32.27 -18.64 -22.29
N ILE D 45 32.92 -18.77 -23.45
CA ILE D 45 33.55 -20.03 -23.83
C ILE D 45 34.62 -20.42 -22.82
N SER D 46 35.50 -19.47 -22.51
CA SER D 46 36.59 -19.69 -21.56
C SER D 46 36.05 -20.14 -20.22
N SER D 47 34.92 -19.56 -19.79
CA SER D 47 34.31 -19.96 -18.52
C SER D 47 33.84 -21.40 -18.57
N ALA D 48 33.34 -21.85 -19.71
CA ALA D 48 32.87 -23.22 -19.81
C ALA D 48 34.04 -24.17 -19.95
N VAL D 49 35.10 -23.73 -20.63
CA VAL D 49 36.29 -24.54 -20.85
C VAL D 49 37.03 -24.79 -19.53
N ARG D 50 37.06 -23.81 -18.66
CA ARG D 50 37.65 -23.92 -17.34
C ARG D 50 36.73 -24.64 -16.36
N LYS D 51 35.56 -25.09 -16.82
CA LYS D 51 34.65 -25.97 -16.08
C LYS D 51 33.91 -25.30 -14.93
N ALA D 52 33.58 -24.00 -15.04
CA ALA D 52 32.71 -23.37 -14.06
C ALA D 52 31.34 -24.05 -14.00
N GLY D 53 30.91 -24.42 -12.79
CA GLY D 53 29.65 -25.11 -12.56
C GLY D 53 29.65 -26.61 -12.80
N ILE D 54 30.81 -27.27 -12.96
CA ILE D 54 30.79 -28.69 -13.27
C ILE D 54 30.20 -29.54 -12.13
N ALA D 55 30.33 -29.09 -10.87
CA ALA D 55 29.79 -29.84 -9.72
C ALA D 55 28.29 -30.07 -9.85
N HIS D 56 27.56 -29.23 -10.58
CA HIS D 56 26.13 -29.46 -10.72
C HIS D 56 25.83 -30.63 -11.66
N LEU D 57 26.63 -30.81 -12.71
CA LEU D 57 26.40 -31.99 -13.55
C LEU D 57 26.70 -33.26 -12.79
N TYR D 58 27.57 -33.21 -11.79
CA TYR D 58 27.96 -34.36 -10.99
C TYR D 58 27.17 -34.48 -9.67
N GLY D 59 25.95 -33.92 -9.63
CA GLY D 59 25.00 -34.23 -8.57
C GLY D 59 25.07 -33.48 -7.26
N ILE D 60 25.49 -32.20 -7.28
CA ILE D 60 25.59 -31.45 -6.03
C ILE D 60 24.22 -31.12 -5.43
N ALA D 61 23.15 -31.08 -6.23
CA ALA D 61 21.82 -30.80 -5.68
C ALA D 61 20.88 -32.00 -5.79
N GLY D 62 21.42 -33.19 -6.01
CA GLY D 62 20.60 -34.38 -6.17
C GLY D 62 20.58 -34.91 -7.60
N LYS D 73 29.28 -31.63 -26.05
CA LYS D 73 28.50 -30.43 -25.73
C LYS D 73 29.34 -29.16 -25.71
N LEU D 74 30.64 -29.30 -25.45
CA LEU D 74 31.45 -28.11 -25.22
C LEU D 74 31.69 -27.31 -26.50
N ASP D 75 31.93 -27.98 -27.63
CA ASP D 75 32.07 -27.23 -28.87
C ASP D 75 30.72 -26.89 -29.49
N VAL D 76 29.68 -27.66 -29.16
CA VAL D 76 28.31 -27.29 -29.51
C VAL D 76 27.90 -26.03 -28.77
N LEU D 77 28.20 -25.96 -27.47
CA LEU D 77 27.93 -24.73 -26.72
C LEU D 77 28.77 -23.59 -27.25
N SER D 78 30.03 -23.87 -27.59
CA SER D 78 30.93 -22.84 -28.11
C SER D 78 30.40 -22.25 -29.40
N ASN D 79 29.96 -23.11 -30.33
CA ASN D 79 29.41 -22.63 -31.58
C ASN D 79 28.10 -21.89 -31.35
N ASP D 80 27.32 -22.32 -30.33
CA ASP D 80 26.08 -21.62 -29.98
C ASP D 80 26.35 -20.25 -29.39
N LEU D 81 27.40 -20.11 -28.59
CA LEU D 81 27.68 -18.79 -28.03
C LEU D 81 28.13 -17.82 -29.11
N VAL D 82 28.99 -18.27 -30.02
CA VAL D 82 29.49 -17.40 -31.08
C VAL D 82 28.38 -17.07 -32.07
N MET D 83 27.57 -18.07 -32.46
CA MET D 83 26.48 -17.82 -33.41
C MET D 83 25.48 -16.80 -32.88
N ASN D 84 24.95 -17.01 -31.68
CA ASN D 84 23.92 -16.14 -31.16
C ASN D 84 24.44 -14.72 -30.91
N MET D 85 25.68 -14.60 -30.45
CA MET D 85 26.22 -13.27 -30.17
C MET D 85 26.45 -12.48 -31.45
N LEU D 86 26.78 -13.16 -32.54
CA LEU D 86 27.00 -12.47 -33.82
C LEU D 86 25.66 -12.07 -34.48
N LYS D 87 24.66 -12.97 -34.51
CA LYS D 87 23.34 -12.62 -35.04
C LYS D 87 22.76 -11.40 -34.33
N SER D 88 22.75 -11.41 -33.01
CA SER D 88 22.22 -10.31 -32.21
C SER D 88 23.12 -9.08 -32.23
N SER D 89 24.26 -9.14 -32.92
CA SER D 89 25.08 -7.94 -33.01
C SER D 89 24.55 -6.98 -34.06
N PHE D 90 23.70 -7.48 -34.96
CA PHE D 90 23.15 -6.68 -36.04
C PHE D 90 24.26 -6.10 -36.93
N ALA D 91 25.39 -6.82 -37.04
CA ALA D 91 26.53 -6.35 -37.80
C ALA D 91 27.04 -7.32 -38.85
N THR D 92 26.43 -8.50 -38.97
CA THR D 92 26.95 -9.58 -39.78
C THR D 92 25.82 -10.06 -40.68
N CYS D 93 26.18 -10.75 -41.76
CA CYS D 93 25.14 -11.23 -42.65
C CYS D 93 25.34 -12.69 -43.06
N VAL D 94 26.60 -13.14 -43.11
CA VAL D 94 26.95 -14.53 -43.44
C VAL D 94 27.95 -15.03 -42.40
N LEU D 95 27.72 -16.24 -41.90
CA LEU D 95 28.56 -16.86 -40.87
C LEU D 95 28.98 -18.23 -41.35
N VAL D 96 30.28 -18.46 -41.46
CA VAL D 96 30.82 -19.75 -41.85
C VAL D 96 31.57 -20.29 -40.64
N SER D 97 31.19 -21.49 -40.20
CA SER D 97 31.71 -22.10 -38.98
C SER D 97 32.15 -23.50 -39.30
N GLU D 98 33.13 -23.98 -38.54
CA GLU D 98 33.54 -25.38 -38.66
C GLU D 98 32.40 -26.33 -38.22
N GLU D 99 31.47 -25.87 -37.40
CA GLU D 99 30.39 -26.72 -36.91
C GLU D 99 29.20 -26.83 -37.86
N ASP D 100 29.07 -25.95 -38.84
CA ASP D 100 27.87 -25.89 -39.67
C ASP D 100 28.19 -26.25 -41.11
N LYS D 101 27.43 -27.20 -41.66
CA LYS D 101 27.73 -27.70 -43.00
C LYS D 101 27.58 -26.62 -44.04
N HIS D 102 26.53 -25.81 -43.92
CA HIS D 102 26.28 -24.73 -44.86
C HIS D 102 26.48 -23.40 -44.16
N ALA D 103 26.74 -22.38 -44.97
CA ALA D 103 26.88 -21.05 -44.39
C ALA D 103 25.55 -20.64 -43.77
N ILE D 104 25.63 -19.79 -42.78
CA ILE D 104 24.46 -19.35 -42.04
C ILE D 104 24.08 -17.97 -42.54
N ILE D 105 22.81 -17.79 -42.93
CA ILE D 105 22.31 -16.49 -43.35
C ILE D 105 21.55 -15.85 -42.19
N VAL D 106 22.02 -14.67 -41.75
CA VAL D 106 21.35 -13.93 -40.70
C VAL D 106 20.02 -13.40 -41.22
N GLU D 107 18.99 -13.44 -40.38
CA GLU D 107 17.65 -13.02 -40.80
C GLU D 107 17.65 -11.50 -41.07
N PRO D 108 16.78 -11.03 -41.99
CA PRO D 108 16.86 -9.61 -42.42
C PRO D 108 16.85 -8.60 -41.29
N GLU D 109 16.04 -8.83 -40.25
CA GLU D 109 15.89 -7.89 -39.16
C GLU D 109 17.17 -7.76 -38.33
N LYS D 110 18.09 -8.72 -38.42
CA LYS D 110 19.33 -8.69 -37.65
C LYS D 110 20.57 -8.53 -38.54
N ARG D 111 20.40 -8.09 -39.80
CA ARG D 111 21.50 -8.08 -40.77
C ARG D 111 22.38 -6.84 -40.68
N GLY D 112 23.69 -7.07 -40.90
CA GLY D 112 24.72 -6.06 -40.99
C GLY D 112 25.72 -6.35 -42.10
N LYS D 113 26.84 -5.64 -42.15
CA LYS D 113 27.65 -5.63 -43.36
C LYS D 113 28.92 -6.50 -43.32
N TYR D 114 29.10 -7.36 -42.32
CA TYR D 114 30.35 -8.10 -42.27
C TYR D 114 30.16 -9.61 -42.46
N VAL D 115 31.25 -10.27 -42.84
CA VAL D 115 31.30 -11.72 -43.04
C VAL D 115 32.35 -12.28 -42.09
N VAL D 116 31.97 -13.30 -41.31
CA VAL D 116 32.83 -13.86 -40.25
C VAL D 116 33.03 -15.35 -40.50
N CYS D 117 34.29 -15.76 -40.59
CA CYS D 117 34.65 -17.18 -40.71
C CYS D 117 35.35 -17.63 -39.42
N PHE D 118 34.84 -18.68 -38.79
CA PHE D 118 35.40 -19.03 -37.50
C PHE D 118 35.39 -20.54 -37.27
N ASP D 119 36.40 -20.98 -36.50
CA ASP D 119 36.43 -22.28 -35.86
C ASP D 119 36.09 -22.07 -34.39
N PRO D 120 34.91 -22.47 -33.91
CA PRO D 120 34.52 -22.09 -32.55
C PRO D 120 35.35 -22.76 -31.44
N LEU D 121 35.88 -23.98 -31.67
CA LEU D 121 36.76 -24.56 -30.61
C LEU D 121 37.84 -25.41 -31.30
N ASP D 122 38.88 -24.73 -31.76
CA ASP D 122 39.95 -25.42 -32.47
C ASP D 122 40.74 -26.30 -31.49
N GLY D 123 40.93 -27.56 -31.86
CA GLY D 123 41.59 -28.52 -31.02
C GLY D 123 40.68 -29.24 -30.05
N SER D 124 39.37 -29.03 -30.15
CA SER D 124 38.42 -29.64 -29.21
C SER D 124 38.29 -31.14 -29.40
N SER D 125 38.99 -31.73 -30.36
CA SER D 125 38.99 -33.19 -30.49
C SER D 125 39.80 -33.86 -29.36
N ASN D 126 40.98 -33.33 -29.06
CA ASN D 126 41.83 -33.82 -27.98
C ASN D 126 41.55 -33.17 -26.62
N ILE D 127 40.36 -32.60 -26.42
CA ILE D 127 40.10 -31.88 -25.17
C ILE D 127 39.98 -32.81 -23.95
N ASP D 128 40.08 -34.14 -24.16
CA ASP D 128 40.07 -35.06 -23.02
C ASP D 128 41.38 -35.04 -22.23
N CYS D 129 42.50 -34.74 -22.87
CA CYS D 129 43.79 -34.64 -22.21
C CYS D 129 44.07 -33.25 -21.66
N LEU D 130 43.04 -32.39 -21.58
CA LEU D 130 43.17 -31.01 -21.12
C LEU D 130 44.17 -30.19 -21.93
N VAL D 131 44.36 -30.55 -23.21
CA VAL D 131 45.18 -29.76 -24.13
C VAL D 131 44.59 -28.36 -24.33
N SER D 132 45.46 -27.42 -24.68
CA SER D 132 45.02 -26.09 -25.06
C SER D 132 44.03 -26.15 -26.21
N VAL D 133 43.03 -25.29 -26.16
CA VAL D 133 42.06 -25.13 -27.22
C VAL D 133 41.95 -23.65 -27.60
N GLY D 134 41.25 -23.37 -28.69
CA GLY D 134 41.15 -21.99 -29.13
C GLY D 134 40.00 -21.69 -30.06
N THR D 135 39.68 -20.40 -30.14
CA THR D 135 38.72 -19.86 -31.11
C THR D 135 39.48 -19.02 -32.12
N ILE D 136 39.28 -19.32 -33.42
CA ILE D 136 39.92 -18.61 -34.53
C ILE D 136 38.85 -17.92 -35.38
N PHE D 137 39.14 -16.70 -35.85
CA PHE D 137 38.19 -15.96 -36.65
C PHE D 137 38.88 -15.18 -37.75
N GLY D 138 38.17 -15.02 -38.85
CA GLY D 138 38.56 -14.06 -39.87
C GLY D 138 37.34 -13.24 -40.23
N ILE D 139 37.54 -11.94 -40.32
CA ILE D 139 36.44 -11.01 -40.54
C ILE D 139 36.64 -10.35 -41.89
N TYR D 140 35.65 -10.50 -42.77
CA TYR D 140 35.68 -9.93 -44.13
C TYR D 140 34.54 -8.93 -44.30
N ARG D 141 34.79 -7.90 -45.10
CA ARG D 141 33.71 -7.00 -45.51
C ARG D 141 32.98 -7.59 -46.71
N LYS D 142 31.67 -7.41 -46.73
CA LYS D 142 30.84 -7.91 -47.83
C LYS D 142 31.03 -7.02 -49.05
N LYS D 143 31.20 -7.64 -50.21
CA LYS D 143 31.63 -6.91 -51.41
C LYS D 143 30.48 -6.46 -52.29
N SER D 144 29.56 -7.37 -52.62
CA SER D 144 28.38 -6.98 -53.40
C SER D 144 27.21 -6.64 -52.48
N THR D 145 26.19 -6.07 -53.10
CA THR D 145 24.89 -5.78 -52.52
C THR D 145 23.86 -6.85 -52.87
N ASP D 146 24.26 -7.94 -53.52
CA ASP D 146 23.35 -9.06 -53.75
C ASP D 146 22.86 -9.64 -52.42
N GLU D 147 21.79 -10.43 -52.52
CA GLU D 147 21.29 -11.18 -51.38
C GLU D 147 22.43 -11.97 -50.73
N PRO D 148 22.50 -12.03 -49.39
CA PRO D 148 23.61 -12.75 -48.76
C PRO D 148 23.51 -14.23 -49.08
N SER D 149 24.67 -14.83 -49.30
CA SER D 149 24.81 -16.24 -49.61
C SER D 149 26.24 -16.64 -49.30
N GLU D 150 26.57 -17.89 -49.62
CA GLU D 150 27.91 -18.40 -49.38
C GLU D 150 28.98 -17.67 -50.17
N LYS D 151 28.64 -17.20 -51.37
CA LYS D 151 29.63 -16.57 -52.24
C LYS D 151 30.32 -15.38 -51.58
N ASP D 152 29.70 -14.79 -50.55
CA ASP D 152 30.25 -13.64 -49.87
C ASP D 152 31.38 -14.00 -48.89
N ALA D 153 31.54 -15.28 -48.57
CA ALA D 153 32.64 -15.77 -47.74
C ALA D 153 33.80 -16.34 -48.55
N LEU D 154 33.71 -16.32 -49.89
CA LEU D 154 34.73 -16.90 -50.76
C LEU D 154 35.81 -15.93 -51.25
N GLN D 155 36.26 -15.00 -50.44
CA GLN D 155 37.30 -14.00 -50.71
C GLN D 155 38.71 -14.52 -50.37
N PRO D 156 39.74 -14.03 -51.03
CA PRO D 156 41.12 -14.42 -50.68
C PRO D 156 41.57 -13.71 -49.43
N GLY D 157 42.49 -14.36 -48.70
CA GLY D 157 42.98 -13.89 -47.42
C GLY D 157 43.53 -12.48 -47.45
N ARG D 158 43.98 -12.04 -48.63
CA ARG D 158 44.37 -10.64 -48.82
C ARG D 158 43.23 -9.66 -48.51
N ASN D 159 41.98 -10.08 -48.59
CA ASN D 159 40.87 -9.14 -48.41
C ASN D 159 40.44 -8.96 -46.95
N LEU D 160 41.18 -9.55 -45.99
CA LEU D 160 40.78 -9.55 -44.60
C LEU D 160 40.81 -8.15 -44.01
N VAL D 161 39.76 -7.82 -43.25
CA VAL D 161 39.71 -6.58 -42.48
C VAL D 161 40.45 -6.72 -41.15
N ALA D 162 40.30 -7.86 -40.49
CA ALA D 162 40.94 -8.13 -39.21
C ALA D 162 40.84 -9.63 -38.97
N ALA D 163 41.79 -10.16 -38.19
CA ALA D 163 41.78 -11.59 -37.90
C ALA D 163 42.59 -11.89 -36.63
N GLY D 164 42.42 -13.10 -36.11
CA GLY D 164 43.15 -13.48 -34.92
C GLY D 164 42.62 -14.75 -34.30
N TYR D 165 42.93 -14.92 -33.02
CA TYR D 165 42.57 -16.14 -32.29
C TYR D 165 42.52 -15.90 -30.79
N ALA D 166 41.68 -16.68 -30.12
CA ALA D 166 41.72 -16.81 -28.68
C ALA D 166 42.50 -18.07 -28.31
N LEU D 167 43.45 -17.94 -27.40
CA LEU D 167 44.18 -19.11 -26.92
C LEU D 167 43.68 -19.39 -25.53
N TYR D 168 43.04 -20.56 -25.34
CA TYR D 168 42.65 -20.97 -23.99
C TYR D 168 43.74 -21.87 -23.42
N GLY D 169 44.82 -21.24 -22.99
CA GLY D 169 45.94 -22.01 -22.53
C GLY D 169 46.06 -21.93 -21.02
N SER D 170 47.30 -21.87 -20.50
CA SER D 170 47.46 -21.70 -19.07
C SER D 170 46.78 -20.42 -18.62
N ALA D 171 46.65 -19.44 -19.53
CA ALA D 171 45.76 -18.31 -19.35
C ALA D 171 45.03 -18.12 -20.66
N THR D 172 44.05 -17.22 -20.69
CA THR D 172 43.25 -16.95 -21.90
C THR D 172 43.71 -15.64 -22.54
N MET D 173 44.21 -15.75 -23.76
CA MET D 173 44.73 -14.61 -24.49
C MET D 173 44.06 -14.47 -25.84
N LEU D 174 43.80 -13.23 -26.22
CA LEU D 174 43.27 -12.87 -27.52
C LEU D 174 44.37 -12.14 -28.31
N VAL D 175 44.74 -12.69 -29.46
CA VAL D 175 45.71 -12.06 -30.36
C VAL D 175 44.95 -11.49 -31.55
N LEU D 176 45.05 -10.17 -31.76
CA LEU D 176 44.29 -9.46 -32.78
C LEU D 176 45.22 -8.83 -33.81
N ALA D 177 45.04 -9.20 -35.07
CA ALA D 177 45.87 -8.67 -36.15
C ALA D 177 45.02 -7.79 -37.07
N MET D 178 45.58 -6.65 -37.47
CA MET D 178 44.91 -5.72 -38.37
C MET D 178 45.98 -5.05 -39.24
N ASP D 179 45.59 -4.01 -39.97
CA ASP D 179 46.52 -3.42 -40.94
C ASP D 179 47.77 -2.86 -40.27
N CYS D 180 47.64 -2.30 -39.09
CA CYS D 180 48.79 -1.68 -38.45
C CYS D 180 49.62 -2.67 -37.63
N GLY D 181 49.20 -3.93 -37.53
CA GLY D 181 50.02 -4.90 -36.87
C GLY D 181 49.22 -5.77 -35.93
N VAL D 182 49.94 -6.42 -35.03
CA VAL D 182 49.40 -7.46 -34.17
C VAL D 182 49.54 -7.02 -32.72
N ASN D 183 48.47 -7.21 -31.94
CA ASN D 183 48.45 -6.85 -30.52
C ASN D 183 47.91 -8.03 -29.72
N CYS D 184 48.46 -8.23 -28.51
CA CYS D 184 48.08 -9.37 -27.67
C CYS D 184 47.40 -8.91 -26.39
N PHE D 185 46.23 -9.48 -26.10
CA PHE D 185 45.44 -9.14 -24.91
C PHE D 185 45.23 -10.33 -23.99
N MET D 186 45.40 -10.09 -22.69
CA MET D 186 45.28 -11.12 -21.65
C MET D 186 43.96 -11.02 -20.90
N LEU D 187 43.22 -12.13 -20.80
CA LEU D 187 41.98 -12.16 -20.02
C LEU D 187 42.27 -12.29 -18.52
N ASP D 188 41.82 -11.31 -17.74
CA ASP D 188 41.82 -11.36 -16.28
C ASP D 188 40.46 -11.88 -15.80
N PRO D 189 40.37 -13.10 -15.26
CA PRO D 189 39.05 -13.66 -14.93
C PRO D 189 38.37 -13.00 -13.73
N ALA D 190 39.09 -12.21 -12.94
CA ALA D 190 38.41 -11.57 -11.82
C ALA D 190 37.40 -10.52 -12.28
N ILE D 191 37.64 -9.84 -13.41
CA ILE D 191 36.75 -8.77 -13.85
C ILE D 191 36.23 -8.97 -15.26
N GLY D 192 36.67 -9.99 -15.97
CA GLY D 192 36.21 -10.17 -17.33
C GLY D 192 36.72 -9.06 -18.22
N GLU D 193 38.03 -8.80 -18.22
CA GLU D 193 38.61 -7.80 -19.11
C GLU D 193 39.85 -8.36 -19.78
N PHE D 194 39.98 -8.09 -21.08
CA PHE D 194 41.18 -8.38 -21.84
C PHE D 194 42.14 -7.22 -21.69
N ILE D 195 43.35 -7.50 -21.23
CA ILE D 195 44.35 -6.50 -20.90
C ILE D 195 45.38 -6.49 -22.02
N LEU D 196 45.68 -5.31 -22.56
CA LEU D 196 46.72 -5.21 -23.58
C LEU D 196 48.09 -5.45 -22.94
N VAL D 197 48.79 -6.47 -23.43
CA VAL D 197 50.07 -6.82 -22.83
C VAL D 197 51.23 -6.82 -23.83
N ASP D 198 51.00 -6.90 -25.15
CA ASP D 198 52.09 -6.93 -26.12
C ASP D 198 51.68 -6.12 -27.35
N LYS D 199 52.32 -4.97 -27.56
CA LYS D 199 52.01 -4.09 -28.69
C LYS D 199 52.93 -4.38 -29.87
N ASP D 200 52.31 -4.54 -31.05
CA ASP D 200 53.01 -4.54 -32.32
C ASP D 200 54.14 -5.58 -32.38
N VAL D 201 53.77 -6.84 -32.17
CA VAL D 201 54.80 -7.87 -32.06
C VAL D 201 55.31 -8.25 -33.46
N LYS D 202 56.61 -8.52 -33.55
CA LYS D 202 57.27 -8.94 -34.78
C LYS D 202 58.01 -10.23 -34.51
N ILE D 203 57.92 -11.16 -35.47
CA ILE D 203 58.55 -12.46 -35.30
C ILE D 203 60.04 -12.33 -35.60
N LYS D 204 60.85 -13.18 -34.98
CA LYS D 204 62.28 -13.16 -35.25
C LYS D 204 62.54 -13.38 -36.72
N LYS D 205 63.59 -12.73 -37.23
CA LYS D 205 63.99 -12.94 -38.62
C LYS D 205 64.32 -14.40 -38.90
N LYS D 206 64.83 -15.13 -37.92
CA LYS D 206 65.21 -16.52 -38.08
C LYS D 206 65.18 -17.17 -36.70
N GLY D 207 64.62 -18.38 -36.62
CA GLY D 207 64.40 -19.06 -35.36
C GLY D 207 65.27 -20.29 -35.18
N LYS D 208 64.92 -21.06 -34.14
CA LYS D 208 65.66 -22.27 -33.78
C LYS D 208 64.73 -23.44 -33.44
N ILE D 209 63.46 -23.38 -33.84
CA ILE D 209 62.49 -24.44 -33.59
C ILE D 209 61.76 -24.74 -34.89
N TYR D 210 61.59 -26.02 -35.20
CA TYR D 210 60.74 -26.44 -36.31
C TYR D 210 59.58 -27.24 -35.71
N SER D 211 58.42 -27.18 -36.39
CA SER D 211 57.17 -27.67 -35.81
C SER D 211 56.32 -28.40 -36.84
N LEU D 212 56.16 -29.72 -36.67
CA LEU D 212 55.27 -30.55 -37.48
C LEU D 212 55.23 -31.96 -36.90
N ASN D 213 54.32 -32.80 -37.44
CA ASN D 213 54.13 -34.18 -37.01
C ASN D 213 55.09 -35.12 -37.74
N GLU D 214 56.20 -35.50 -37.10
CA GLU D 214 57.17 -36.39 -37.75
C GLU D 214 56.72 -37.85 -37.76
N GLY D 215 55.61 -38.18 -37.10
CA GLY D 215 55.08 -39.53 -37.20
C GLY D 215 54.66 -39.89 -38.61
N TYR D 216 54.37 -38.89 -39.44
CA TYR D 216 54.00 -39.05 -40.85
C TYR D 216 55.23 -39.12 -41.77
N ALA D 217 56.39 -39.53 -41.25
CA ALA D 217 57.64 -39.44 -42.01
C ALA D 217 57.60 -40.20 -43.32
N LYS D 218 56.98 -41.39 -43.35
CA LYS D 218 56.99 -42.17 -44.58
C LYS D 218 56.20 -41.48 -45.68
N ASP D 219 55.30 -40.56 -45.33
CA ASP D 219 54.47 -39.85 -46.29
C ASP D 219 54.97 -38.46 -46.59
N PHE D 220 56.12 -38.07 -46.07
CA PHE D 220 56.63 -36.71 -46.29
C PHE D 220 56.93 -36.49 -47.77
N ASP D 221 56.59 -35.30 -48.25
CA ASP D 221 57.08 -34.85 -49.55
C ASP D 221 58.61 -34.83 -49.55
N PRO D 222 59.26 -35.16 -50.68
CA PRO D 222 60.75 -35.26 -50.68
C PRO D 222 61.49 -33.98 -50.28
N ALA D 223 60.93 -32.80 -50.54
CA ALA D 223 61.54 -31.57 -50.08
C ALA D 223 61.44 -31.43 -48.55
N VAL D 224 60.28 -31.77 -47.99
CA VAL D 224 60.10 -31.69 -46.54
C VAL D 224 61.07 -32.62 -45.82
N THR D 225 61.26 -33.83 -46.37
CA THR D 225 62.25 -34.75 -45.82
C THR D 225 63.62 -34.10 -45.74
N GLU D 226 64.07 -33.47 -46.84
CA GLU D 226 65.41 -32.89 -46.84
C GLU D 226 65.50 -31.69 -45.92
N TYR D 227 64.47 -30.85 -45.91
CA TYR D 227 64.52 -29.66 -45.08
C TYR D 227 64.60 -30.01 -43.59
N ILE D 228 63.85 -31.02 -43.15
CA ILE D 228 63.90 -31.37 -41.73
C ILE D 228 65.25 -32.03 -41.39
N GLN D 229 65.80 -32.81 -42.32
CA GLN D 229 67.16 -33.32 -42.18
C GLN D 229 68.17 -32.20 -42.00
N ARG D 230 68.00 -31.09 -42.73
CA ARG D 230 68.94 -29.98 -42.56
C ARG D 230 68.78 -29.26 -41.22
N LYS D 231 67.61 -29.37 -40.58
CA LYS D 231 67.47 -28.79 -39.26
C LYS D 231 68.19 -29.64 -38.20
N LYS D 232 68.28 -30.94 -38.40
CA LYS D 232 68.95 -31.85 -37.47
C LYS D 232 70.44 -32.02 -37.75
N PHE D 233 70.87 -32.04 -39.02
CA PHE D 233 72.28 -32.26 -39.33
C PHE D 233 72.87 -31.18 -40.23
N PRO D 234 73.13 -29.99 -39.66
CA PRO D 234 73.67 -28.90 -40.45
C PRO D 234 74.95 -29.26 -41.18
N PRO D 235 75.07 -28.86 -42.45
CA PRO D 235 76.27 -29.18 -43.23
C PRO D 235 77.50 -28.46 -42.73
N ASP D 236 77.31 -27.33 -42.05
CA ASP D 236 78.39 -26.58 -41.41
C ASP D 236 78.51 -26.99 -39.95
N ASN D 237 78.79 -26.05 -39.05
CA ASN D 237 78.90 -26.36 -37.63
C ASN D 237 77.85 -25.63 -36.79
N SER D 238 76.71 -25.28 -37.37
CA SER D 238 75.70 -24.64 -36.56
C SER D 238 74.99 -25.65 -35.66
N ALA D 239 74.29 -25.11 -34.67
CA ALA D 239 73.52 -25.91 -33.71
C ALA D 239 72.24 -26.44 -34.34
N PRO D 240 71.91 -27.72 -34.16
CA PRO D 240 70.63 -28.23 -34.68
C PRO D 240 69.45 -27.57 -33.98
N TYR D 241 68.32 -27.55 -34.68
CA TYR D 241 67.09 -27.01 -34.12
C TYR D 241 66.49 -27.95 -33.07
N GLY D 242 65.76 -27.39 -32.11
CA GLY D 242 64.85 -28.16 -31.28
C GLY D 242 63.46 -28.31 -31.95
N ALA D 243 62.68 -29.27 -31.47
CA ALA D 243 61.37 -29.58 -32.04
C ALA D 243 60.23 -29.44 -31.01
N ARG D 244 59.07 -28.92 -31.46
CA ARG D 244 57.82 -28.80 -30.69
C ARG D 244 56.59 -29.12 -31.54
N TYR D 245 55.62 -29.87 -31.00
CA TYR D 245 54.32 -30.07 -31.67
C TYR D 245 53.21 -30.38 -30.67
N VAL D 246 52.34 -29.40 -30.42
CA VAL D 246 51.23 -29.56 -29.48
C VAL D 246 50.09 -30.40 -30.09
N GLY D 247 49.87 -30.32 -31.39
CA GLY D 247 48.73 -30.99 -31.95
C GLY D 247 47.48 -30.14 -31.93
N SER D 248 47.60 -28.92 -31.43
CA SER D 248 46.56 -27.89 -31.43
C SER D 248 47.08 -26.65 -32.15
N MET D 249 46.38 -26.23 -33.22
CA MET D 249 46.94 -25.21 -34.11
C MET D 249 47.14 -23.89 -33.38
N VAL D 250 46.15 -23.48 -32.60
CA VAL D 250 46.23 -22.19 -31.92
C VAL D 250 47.45 -22.16 -31.01
N ALA D 251 47.78 -23.29 -30.37
CA ALA D 251 48.95 -23.34 -29.50
C ALA D 251 50.25 -23.33 -30.30
N ASP D 252 50.34 -24.20 -31.31
CA ASP D 252 51.58 -24.34 -32.07
C ASP D 252 51.93 -23.04 -32.81
N VAL D 253 50.93 -22.38 -33.41
CA VAL D 253 51.17 -21.14 -34.13
C VAL D 253 51.58 -20.03 -33.16
N HIS D 254 50.94 -19.99 -31.99
CA HIS D 254 51.25 -18.91 -31.05
C HIS D 254 52.67 -19.02 -30.50
N ARG D 255 53.19 -20.24 -30.31
CA ARG D 255 54.58 -20.37 -29.90
C ARG D 255 55.51 -19.85 -30.98
N THR D 256 55.23 -20.17 -32.24
CA THR D 256 56.05 -19.70 -33.35
C THR D 256 56.12 -18.17 -33.39
N LEU D 257 54.99 -17.50 -33.16
CA LEU D 257 55.01 -16.04 -33.14
C LEU D 257 55.94 -15.52 -32.03
N VAL D 258 55.81 -16.10 -30.83
CA VAL D 258 56.51 -15.56 -29.66
C VAL D 258 57.98 -15.99 -29.62
N TYR D 259 58.33 -17.18 -30.14
CA TYR D 259 59.70 -17.65 -30.02
C TYR D 259 60.44 -17.70 -31.35
N GLY D 260 59.72 -17.68 -32.48
CA GLY D 260 60.35 -17.84 -33.77
C GLY D 260 60.40 -19.30 -34.17
N GLY D 261 60.83 -19.52 -35.41
CA GLY D 261 60.89 -20.86 -35.96
C GLY D 261 59.95 -21.06 -37.13
N ILE D 262 59.61 -22.30 -37.43
CA ILE D 262 58.81 -22.63 -38.61
C ILE D 262 57.73 -23.61 -38.19
N PHE D 263 56.52 -23.43 -38.77
CA PHE D 263 55.38 -24.31 -38.56
C PHE D 263 54.96 -24.88 -39.89
N LEU D 264 54.78 -26.21 -39.94
CA LEU D 264 54.49 -26.91 -41.18
C LEU D 264 53.33 -27.86 -40.96
N TYR D 265 52.31 -27.74 -41.81
CA TYR D 265 51.31 -28.78 -42.01
C TYR D 265 51.24 -28.83 -43.54
N PRO D 266 52.20 -29.50 -44.17
CA PRO D 266 52.42 -29.30 -45.60
C PRO D 266 51.64 -30.26 -46.47
N ALA D 267 51.78 -30.11 -47.79
CA ALA D 267 51.15 -31.04 -48.72
C ALA D 267 52.06 -32.23 -48.96
N ASN D 268 51.44 -33.38 -49.21
CA ASN D 268 52.11 -34.61 -49.61
C ASN D 268 51.26 -35.25 -50.69
N LYS D 269 51.68 -36.40 -51.18
CA LYS D 269 50.87 -37.03 -52.23
C LYS D 269 49.52 -37.51 -51.71
N LYS D 270 49.43 -37.89 -50.44
CA LYS D 270 48.13 -38.38 -49.95
C LYS D 270 47.12 -37.25 -49.77
N SER D 271 47.56 -36.06 -49.38
CA SER D 271 46.68 -34.89 -49.23
C SER D 271 47.31 -33.76 -50.01
N PRO D 272 47.14 -33.74 -51.33
CA PRO D 272 47.84 -32.74 -52.15
C PRO D 272 47.46 -31.31 -51.81
N ASN D 273 46.37 -31.11 -51.07
CA ASN D 273 45.99 -29.76 -50.66
C ASN D 273 46.11 -29.57 -49.16
N GLY D 274 46.80 -30.46 -48.47
CA GLY D 274 46.91 -30.33 -47.04
C GLY D 274 45.64 -30.77 -46.30
N LYS D 275 45.67 -30.52 -44.98
CA LYS D 275 44.60 -30.91 -44.08
C LYS D 275 43.86 -29.75 -43.47
N LEU D 276 44.53 -28.64 -43.23
CA LEU D 276 43.88 -27.54 -42.54
C LEU D 276 42.93 -26.80 -43.47
N ARG D 277 41.89 -26.24 -42.89
CA ARG D 277 40.88 -25.55 -43.68
C ARG D 277 41.38 -24.15 -43.94
N LEU D 278 41.20 -23.68 -45.16
CA LEU D 278 41.84 -22.43 -45.51
C LEU D 278 41.14 -21.26 -44.84
N LEU D 279 39.81 -21.28 -44.83
CA LEU D 279 39.05 -20.07 -44.48
C LEU D 279 39.18 -19.73 -43.01
N TYR D 280 38.92 -20.68 -42.14
CA TYR D 280 38.83 -20.35 -40.73
C TYR D 280 40.01 -20.93 -39.94
N GLU D 281 41.04 -21.43 -40.64
CA GLU D 281 42.31 -21.77 -39.99
C GLU D 281 43.50 -21.10 -40.70
N CYS D 282 43.74 -21.46 -41.96
CA CYS D 282 44.97 -21.01 -42.61
C CYS D 282 45.00 -19.51 -42.80
N ASN D 283 43.87 -18.91 -43.25
CA ASN D 283 43.89 -17.48 -43.55
C ASN D 283 44.11 -16.61 -42.32
N PRO D 284 43.35 -16.74 -41.23
CA PRO D 284 43.65 -15.86 -40.07
C PRO D 284 45.08 -16.03 -39.57
N MET D 285 45.65 -17.25 -39.60
CA MET D 285 47.02 -17.37 -39.08
C MET D 285 48.03 -16.79 -40.07
N ALA D 286 47.83 -17.02 -41.37
CA ALA D 286 48.69 -16.39 -42.38
C ALA D 286 48.66 -14.88 -42.24
N TYR D 287 47.47 -14.33 -41.99
CA TYR D 287 47.34 -12.88 -41.84
C TYR D 287 48.11 -12.39 -40.62
N VAL D 288 47.92 -13.05 -39.47
CA VAL D 288 48.63 -12.66 -38.25
C VAL D 288 50.14 -12.75 -38.45
N MET D 289 50.59 -13.81 -39.13
CA MET D 289 52.01 -13.97 -39.43
C MET D 289 52.54 -12.81 -40.27
N GLU D 290 51.91 -12.53 -41.42
CA GLU D 290 52.44 -11.49 -42.31
C GLU D 290 52.38 -10.12 -41.67
N LYS D 291 51.34 -9.84 -40.88
CA LYS D 291 51.30 -8.57 -40.16
C LYS D 291 52.38 -8.46 -39.08
N ALA D 292 53.01 -9.58 -38.69
CA ALA D 292 54.08 -9.57 -37.70
C ALA D 292 55.47 -9.66 -38.32
N GLY D 293 55.58 -9.64 -39.64
CA GLY D 293 56.86 -9.73 -40.30
C GLY D 293 57.24 -11.12 -40.75
N GLY D 294 56.34 -12.08 -40.67
CA GLY D 294 56.60 -13.43 -41.08
C GLY D 294 56.08 -13.72 -42.46
N MET D 295 56.10 -15.00 -42.81
CA MET D 295 55.65 -15.43 -44.12
C MET D 295 54.74 -16.63 -43.90
N ALA D 296 53.87 -16.89 -44.89
CA ALA D 296 53.01 -18.07 -44.84
C ALA D 296 52.76 -18.47 -46.27
N THR D 297 53.22 -19.66 -46.62
CA THR D 297 53.20 -20.12 -48.01
C THR D 297 52.60 -21.50 -48.06
N THR D 298 52.16 -21.89 -49.26
CA THR D 298 51.74 -23.25 -49.55
C THR D 298 52.87 -24.03 -50.21
N GLY D 299 54.01 -23.40 -50.42
CA GLY D 299 55.05 -23.99 -51.26
C GLY D 299 55.05 -23.41 -52.66
N LYS D 300 53.87 -23.36 -53.28
CA LYS D 300 53.70 -22.77 -54.61
C LYS D 300 53.41 -21.27 -54.55
N GLU D 301 52.63 -20.81 -53.57
CA GLU D 301 52.28 -19.39 -53.46
C GLU D 301 52.00 -19.04 -52.00
N ALA D 302 51.86 -17.74 -51.75
CA ALA D 302 51.44 -17.25 -50.43
C ALA D 302 49.99 -17.65 -50.14
N VAL D 303 49.75 -18.06 -48.89
CA VAL D 303 48.40 -18.47 -48.48
C VAL D 303 47.41 -17.33 -48.69
N LEU D 304 47.81 -16.09 -48.40
CA LEU D 304 46.88 -14.98 -48.53
C LEU D 304 46.43 -14.71 -49.99
N ASP D 305 47.10 -15.30 -51.00
CA ASP D 305 46.78 -15.08 -52.38
C ASP D 305 45.84 -16.12 -52.95
N VAL D 306 45.47 -17.14 -52.17
CA VAL D 306 44.64 -18.22 -52.67
C VAL D 306 43.18 -17.77 -52.71
N ILE D 307 42.53 -18.01 -53.84
CA ILE D 307 41.10 -17.73 -54.00
C ILE D 307 40.32 -19.00 -53.74
N PRO D 308 39.46 -19.04 -52.72
CA PRO D 308 38.71 -20.28 -52.42
C PRO D 308 37.55 -20.49 -53.39
N THR D 309 37.20 -21.75 -53.60
CA THR D 309 35.98 -22.12 -54.32
C THR D 309 34.98 -22.91 -53.48
N ASP D 310 35.36 -23.30 -52.25
CA ASP D 310 34.50 -23.97 -51.28
C ASP D 310 34.80 -23.43 -49.89
N ILE D 311 33.77 -23.25 -49.06
CA ILE D 311 33.97 -22.66 -47.74
C ILE D 311 34.73 -23.58 -46.80
N HIS D 312 34.68 -24.88 -47.01
CA HIS D 312 35.36 -25.85 -46.15
C HIS D 312 36.60 -26.44 -46.83
N GLN D 313 37.15 -25.76 -47.83
CA GLN D 313 38.27 -26.29 -48.58
C GLN D 313 39.57 -26.20 -47.77
N ARG D 314 40.51 -27.08 -48.11
CA ARG D 314 41.80 -27.18 -47.42
C ARG D 314 42.89 -26.44 -48.19
N ALA D 315 43.95 -26.13 -47.44
CA ALA D 315 45.15 -25.46 -47.91
C ALA D 315 46.36 -26.00 -47.15
N PRO D 316 47.49 -26.24 -47.82
CA PRO D 316 48.73 -26.51 -47.10
C PRO D 316 49.35 -25.22 -46.59
N VAL D 317 50.11 -25.31 -45.50
CA VAL D 317 50.64 -24.08 -44.91
C VAL D 317 52.00 -24.37 -44.27
N ILE D 318 52.97 -23.52 -44.58
CA ILE D 318 54.28 -23.46 -43.93
C ILE D 318 54.52 -21.99 -43.60
N LEU D 319 54.61 -21.68 -42.32
CA LEU D 319 54.69 -20.30 -41.86
C LEU D 319 55.70 -20.18 -40.72
N GLY D 320 56.06 -18.93 -40.41
CA GLY D 320 57.03 -18.60 -39.38
C GLY D 320 58.00 -17.48 -39.74
N SER D 321 59.23 -17.59 -39.24
CA SER D 321 60.27 -16.59 -39.52
C SER D 321 60.63 -16.55 -41.00
N PRO D 322 60.91 -15.37 -41.56
CA PRO D 322 61.13 -15.29 -43.01
C PRO D 322 62.36 -16.07 -43.47
N ASP D 323 63.49 -15.95 -42.77
CA ASP D 323 64.68 -16.68 -43.19
C ASP D 323 64.42 -18.18 -43.23
N ASP D 324 63.59 -18.68 -42.31
CA ASP D 324 63.31 -20.12 -42.27
C ASP D 324 62.37 -20.55 -43.40
N VAL D 325 61.35 -19.73 -43.73
CA VAL D 325 60.46 -20.08 -44.84
C VAL D 325 61.20 -19.98 -46.17
N LEU D 326 62.07 -18.97 -46.32
CA LEU D 326 62.87 -18.87 -47.53
C LEU D 326 63.77 -20.08 -47.68
N GLU D 327 64.37 -20.53 -46.57
CA GLU D 327 65.21 -21.74 -46.61
C GLU D 327 64.38 -22.97 -46.95
N PHE D 328 63.12 -23.01 -46.55
CA PHE D 328 62.27 -24.11 -46.98
C PHE D 328 61.92 -23.98 -48.46
N LEU D 329 61.58 -22.77 -48.91
CA LEU D 329 61.24 -22.60 -50.34
C LEU D 329 62.42 -22.96 -51.22
N LYS D 330 63.65 -22.68 -50.75
CA LYS D 330 64.83 -23.05 -51.53
C LYS D 330 64.92 -24.56 -51.73
N VAL D 331 64.71 -25.34 -50.66
CA VAL D 331 64.69 -26.79 -50.79
C VAL D 331 63.47 -27.25 -51.58
N TYR D 332 62.30 -26.62 -51.36
CA TYR D 332 61.08 -27.04 -52.06
C TYR D 332 61.21 -26.86 -53.56
N GLU D 333 61.81 -25.75 -54.00
CA GLU D 333 62.00 -25.48 -55.41
C GLU D 333 63.12 -26.33 -56.01
N LYS D 334 64.12 -26.71 -55.20
CA LYS D 334 65.14 -27.64 -55.67
C LYS D 334 64.52 -28.93 -56.16
N HIS D 335 63.42 -29.35 -55.54
CA HIS D 335 62.66 -30.53 -55.94
C HIS D 335 61.51 -30.19 -56.89
N SER D 336 61.61 -29.11 -57.66
CA SER D 336 60.56 -28.74 -58.62
C SER D 336 61.06 -28.83 -60.06
N ASP E 10 -47.66 36.43 -0.74
CA ASP E 10 -47.65 35.08 -1.26
C ASP E 10 -46.27 34.39 -1.17
N VAL E 11 -46.30 33.13 -0.75
CA VAL E 11 -45.08 32.33 -0.58
C VAL E 11 -44.46 31.95 -1.92
N ASN E 12 -43.13 32.01 -1.99
CA ASN E 12 -42.38 31.54 -3.14
C ASN E 12 -41.26 30.60 -2.67
N THR E 13 -41.04 29.51 -3.42
CA THR E 13 -39.96 28.57 -3.19
C THR E 13 -38.95 28.69 -4.33
N LEU E 14 -37.77 28.07 -4.17
CA LEU E 14 -36.81 28.14 -5.27
C LEU E 14 -37.33 27.43 -6.51
N THR E 15 -38.07 26.33 -6.34
CA THR E 15 -38.56 25.62 -7.53
C THR E 15 -39.59 26.46 -8.31
N ARG E 16 -40.48 27.14 -7.58
CA ARG E 16 -41.44 28.06 -8.18
C ARG E 16 -40.74 29.25 -8.81
N PHE E 17 -39.68 29.76 -8.17
CA PHE E 17 -39.00 30.94 -8.69
C PHE E 17 -38.40 30.66 -10.05
N VAL E 18 -37.74 29.52 -10.21
CA VAL E 18 -37.10 29.22 -11.48
C VAL E 18 -38.15 28.91 -12.55
N MET E 19 -39.30 28.33 -12.16
CA MET E 19 -40.31 28.01 -13.15
C MET E 19 -40.97 29.25 -13.75
N GLU E 20 -41.27 30.29 -12.94
CA GLU E 20 -41.89 31.45 -13.54
C GLU E 20 -40.89 32.23 -14.40
N GLU E 21 -39.65 32.35 -13.95
CA GLU E 21 -38.63 32.96 -14.81
C GLU E 21 -38.44 32.14 -16.07
N GLY E 22 -38.54 30.81 -15.95
CA GLY E 22 -38.38 29.96 -17.11
C GLY E 22 -39.53 30.12 -18.08
N ARG E 23 -40.76 30.31 -17.56
CA ARG E 23 -41.92 30.52 -18.42
C ARG E 23 -41.90 31.92 -19.05
N LYS E 24 -41.43 32.93 -18.31
CA LYS E 24 -41.21 34.24 -18.92
C LYS E 24 -40.30 34.14 -20.14
N ALA E 25 -39.17 33.45 -19.99
CA ALA E 25 -38.22 33.38 -21.08
C ALA E 25 -38.64 32.40 -22.16
N ARG E 26 -39.60 31.52 -21.87
CA ARG E 26 -40.10 30.55 -22.85
C ARG E 26 -38.97 29.72 -23.43
N GLY E 27 -38.02 29.33 -22.58
CA GLY E 27 -36.96 28.44 -23.00
C GLY E 27 -37.40 26.99 -23.02
N THR E 28 -36.46 26.12 -23.36
CA THR E 28 -36.75 24.70 -23.47
C THR E 28 -36.96 24.06 -22.11
N GLY E 29 -36.41 24.64 -21.05
CA GLY E 29 -36.42 23.99 -19.77
C GLY E 29 -35.12 23.35 -19.35
N GLU E 30 -34.09 23.42 -20.19
CA GLU E 30 -32.83 22.74 -19.89
C GLU E 30 -32.11 23.39 -18.70
N LEU E 31 -32.15 24.71 -18.60
CA LEU E 31 -31.49 25.36 -17.47
C LEU E 31 -32.22 25.11 -16.16
N THR E 32 -33.56 24.99 -16.20
CA THR E 32 -34.34 24.70 -14.99
C THR E 32 -33.98 23.33 -14.44
N GLN E 33 -33.87 22.33 -15.32
CA GLN E 33 -33.38 21.03 -14.93
C GLN E 33 -31.94 21.13 -14.40
N LEU E 34 -31.15 22.06 -14.95
CA LEU E 34 -29.82 22.31 -14.41
C LEU E 34 -29.93 22.81 -12.97
N LEU E 35 -30.72 23.86 -12.74
CA LEU E 35 -30.82 24.45 -11.42
C LEU E 35 -31.51 23.54 -10.42
N ASN E 36 -32.52 22.79 -10.86
CA ASN E 36 -33.20 21.89 -9.92
C ASN E 36 -32.24 20.81 -9.41
N SER E 37 -31.43 20.22 -10.30
CA SER E 37 -30.40 19.26 -9.88
C SER E 37 -29.38 19.91 -8.99
N LEU E 38 -29.07 21.18 -9.24
CA LEU E 38 -28.12 21.90 -8.39
C LEU E 38 -28.76 22.18 -7.02
N CYS E 39 -30.03 22.62 -7.01
CA CYS E 39 -30.75 22.80 -5.76
C CYS E 39 -30.77 21.51 -4.96
N THR E 40 -31.02 20.39 -5.63
CA THR E 40 -31.05 19.11 -4.94
C THR E 40 -29.65 18.72 -4.49
N ALA E 41 -28.64 19.02 -5.32
CA ALA E 41 -27.26 18.77 -4.91
C ALA E 41 -26.90 19.52 -3.64
N VAL E 42 -27.36 20.78 -3.53
CA VAL E 42 -27.04 21.58 -2.35
C VAL E 42 -27.73 21.01 -1.10
N LYS E 43 -28.96 20.50 -1.24
CA LYS E 43 -29.65 19.97 -0.07
C LYS E 43 -29.00 18.71 0.50
N ALA E 44 -28.41 17.84 -0.34
CA ALA E 44 -27.71 16.66 0.19
C ALA E 44 -26.42 17.05 0.89
N ILE E 45 -25.67 17.99 0.29
CA ILE E 45 -24.44 18.49 0.91
C ILE E 45 -24.74 19.11 2.27
N SER E 46 -25.79 19.96 2.34
CA SER E 46 -26.20 20.62 3.59
C SER E 46 -26.56 19.62 4.67
N SER E 47 -27.28 18.56 4.29
CA SER E 47 -27.63 17.55 5.30
C SER E 47 -26.39 16.84 5.81
N ALA E 48 -25.42 16.61 4.92
CA ALA E 48 -24.19 15.90 5.26
C ALA E 48 -23.22 16.79 6.04
N VAL E 49 -23.14 18.08 5.69
CA VAL E 49 -22.26 18.99 6.40
C VAL E 49 -22.74 19.20 7.84
N ARG E 50 -24.04 19.16 8.08
CA ARG E 50 -24.61 19.22 9.42
C ARG E 50 -24.53 17.89 10.16
N LYS E 51 -23.97 16.86 9.53
CA LYS E 51 -23.67 15.59 10.20
C LYS E 51 -24.92 14.80 10.54
N ALA E 52 -25.96 14.88 9.71
CA ALA E 52 -27.12 14.01 9.90
C ALA E 52 -26.73 12.55 9.71
N GLY E 53 -27.08 11.71 10.67
CA GLY E 53 -26.70 10.31 10.57
C GLY E 53 -25.27 9.99 10.94
N ILE E 54 -24.57 10.91 11.62
CA ILE E 54 -23.18 10.70 12.05
C ILE E 54 -23.06 9.58 13.09
N ALA E 55 -24.14 9.32 13.84
CA ALA E 55 -24.13 8.26 14.85
C ALA E 55 -23.80 6.91 14.23
N HIS E 56 -24.06 6.76 12.94
CA HIS E 56 -23.78 5.51 12.24
C HIS E 56 -22.28 5.30 12.02
N LEU E 57 -21.51 6.39 11.86
CA LEU E 57 -20.05 6.25 11.75
C LEU E 57 -19.41 5.80 13.05
N TYR E 58 -20.00 6.16 14.19
CA TYR E 58 -19.42 5.88 15.49
C TYR E 58 -20.05 4.66 16.16
N GLY E 59 -20.64 3.77 15.38
CA GLY E 59 -21.04 2.47 15.89
C GLY E 59 -22.34 2.41 16.68
N ILE E 60 -23.32 3.27 16.35
CA ILE E 60 -24.58 3.22 17.08
C ILE E 60 -25.37 1.96 16.79
N ALA E 61 -25.13 1.32 15.63
CA ALA E 61 -25.82 0.10 15.26
C ALA E 61 -24.88 -1.11 15.24
N GLY E 62 -23.72 -0.99 15.87
CA GLY E 62 -22.75 -2.07 15.89
C GLY E 62 -21.51 -1.82 15.04
N VAL E 71 -16.25 6.62 5.04
CA VAL E 71 -15.57 6.28 3.78
C VAL E 71 -15.28 7.55 2.96
N LYS E 72 -16.35 8.21 2.53
CA LYS E 72 -16.23 9.41 1.70
C LYS E 72 -15.87 10.62 2.57
N LYS E 73 -14.71 11.22 2.32
CA LYS E 73 -14.41 12.55 2.83
C LYS E 73 -15.50 13.51 2.39
N LEU E 74 -15.62 14.63 3.08
CA LEU E 74 -16.75 15.52 2.79
C LEU E 74 -16.56 16.30 1.49
N ASP E 75 -15.33 16.72 1.17
CA ASP E 75 -15.17 17.46 -0.09
C ASP E 75 -15.13 16.53 -1.30
N VAL E 76 -14.72 15.27 -1.13
CA VAL E 76 -14.87 14.29 -2.21
C VAL E 76 -16.35 13.94 -2.40
N LEU E 77 -17.05 13.67 -1.29
CA LEU E 77 -18.49 13.42 -1.36
C LEU E 77 -19.23 14.63 -1.89
N SER E 78 -18.83 15.84 -1.47
CA SER E 78 -19.45 17.04 -2.02
C SER E 78 -19.27 17.09 -3.53
N ASN E 79 -18.05 16.83 -4.01
CA ASN E 79 -17.78 16.90 -5.44
C ASN E 79 -18.56 15.84 -6.20
N ASP E 80 -18.68 14.64 -5.63
CA ASP E 80 -19.41 13.56 -6.29
C ASP E 80 -20.90 13.85 -6.39
N LEU E 81 -21.47 14.58 -5.44
CA LEU E 81 -22.88 14.91 -5.54
C LEU E 81 -23.15 15.83 -6.74
N VAL E 82 -22.34 16.89 -6.88
CA VAL E 82 -22.57 17.86 -7.94
C VAL E 82 -22.29 17.25 -9.31
N MET E 83 -21.21 16.49 -9.44
CA MET E 83 -20.87 15.84 -10.70
C MET E 83 -22.01 14.94 -11.16
N ASN E 84 -22.46 14.04 -10.27
CA ASN E 84 -23.50 13.13 -10.69
C ASN E 84 -24.80 13.87 -10.95
N MET E 85 -25.12 14.86 -10.10
CA MET E 85 -26.39 15.58 -10.26
C MET E 85 -26.39 16.51 -11.46
N LEU E 86 -25.25 17.13 -11.80
CA LEU E 86 -25.21 17.96 -13.01
C LEU E 86 -25.22 17.10 -14.27
N LYS E 87 -24.39 16.05 -14.29
CA LYS E 87 -24.40 15.10 -15.40
C LYS E 87 -25.80 14.55 -15.65
N SER E 88 -26.47 14.07 -14.59
CA SER E 88 -27.77 13.43 -14.74
C SER E 88 -28.89 14.40 -15.08
N SER E 89 -28.60 15.71 -15.12
CA SER E 89 -29.60 16.68 -15.50
C SER E 89 -29.72 16.78 -17.01
N PHE E 90 -28.74 16.26 -17.74
CA PHE E 90 -28.70 16.29 -19.19
C PHE E 90 -28.63 17.73 -19.73
N ALA E 91 -27.98 18.63 -18.99
CA ALA E 91 -27.88 20.03 -19.38
C ALA E 91 -26.43 20.51 -19.52
N THR E 92 -25.45 19.66 -19.30
CA THR E 92 -24.06 20.10 -19.25
C THR E 92 -23.25 19.30 -20.26
N CYS E 93 -22.12 19.86 -20.63
CA CYS E 93 -21.17 19.21 -21.53
C CYS E 93 -19.73 19.31 -21.06
N VAL E 94 -19.36 20.40 -20.38
CA VAL E 94 -18.04 20.54 -19.79
C VAL E 94 -18.23 20.99 -18.35
N LEU E 95 -17.53 20.32 -17.43
CA LEU E 95 -17.57 20.63 -16.02
C LEU E 95 -16.14 20.79 -15.54
N VAL E 96 -15.81 21.96 -15.00
CA VAL E 96 -14.51 22.25 -14.41
C VAL E 96 -14.69 22.37 -12.92
N SER E 97 -13.91 21.59 -12.18
CA SER E 97 -13.99 21.48 -10.73
C SER E 97 -12.62 21.68 -10.11
N GLU E 98 -12.63 22.17 -8.87
CA GLU E 98 -11.40 22.34 -8.11
C GLU E 98 -10.73 21.02 -7.76
N GLU E 99 -11.49 19.92 -7.77
CA GLU E 99 -10.98 18.60 -7.38
C GLU E 99 -10.20 17.89 -8.48
N ASP E 100 -10.33 18.30 -9.74
CA ASP E 100 -9.80 17.56 -10.87
C ASP E 100 -8.76 18.36 -11.64
N LYS E 101 -7.65 17.71 -12.00
CA LYS E 101 -6.59 18.40 -12.73
C LYS E 101 -7.06 18.84 -14.11
N HIS E 102 -7.80 17.97 -14.81
CA HIS E 102 -8.34 18.28 -16.13
C HIS E 102 -9.86 18.36 -16.10
N ALA E 103 -10.41 19.05 -17.09
CA ALA E 103 -11.85 19.17 -17.20
C ALA E 103 -12.49 17.80 -17.43
N ILE E 104 -13.75 17.72 -17.05
CA ILE E 104 -14.55 16.52 -17.28
C ILE E 104 -15.43 16.77 -18.48
N ILE E 105 -15.35 15.88 -19.46
CA ILE E 105 -16.17 15.98 -20.65
C ILE E 105 -17.33 15.03 -20.45
N VAL E 106 -18.55 15.56 -20.46
CA VAL E 106 -19.71 14.73 -20.23
C VAL E 106 -19.81 13.73 -21.37
N GLU E 107 -20.21 12.50 -21.06
CA GLU E 107 -20.35 11.54 -22.13
C GLU E 107 -21.49 12.00 -23.05
N PRO E 108 -21.43 11.66 -24.34
CA PRO E 108 -22.38 12.26 -25.30
C PRO E 108 -23.84 12.08 -24.94
N GLU E 109 -24.27 10.91 -24.46
CA GLU E 109 -25.69 10.71 -24.24
C GLU E 109 -26.27 11.59 -23.15
N LYS E 110 -25.44 12.15 -22.27
CA LYS E 110 -25.93 12.99 -21.18
C LYS E 110 -25.55 14.45 -21.39
N ARG E 111 -25.21 14.80 -22.63
CA ARG E 111 -24.71 16.13 -22.95
C ARG E 111 -25.83 17.13 -23.13
N GLY E 112 -25.58 18.35 -22.67
CA GLY E 112 -26.45 19.48 -22.86
C GLY E 112 -25.60 20.64 -23.30
N LYS E 113 -26.11 21.86 -23.26
CA LYS E 113 -25.48 22.98 -23.91
C LYS E 113 -24.72 23.90 -22.94
N TYR E 114 -24.66 23.56 -21.65
CA TYR E 114 -24.13 24.45 -20.64
C TYR E 114 -22.82 23.92 -20.11
N VAL E 115 -22.01 24.85 -19.62
CA VAL E 115 -20.72 24.59 -19.04
C VAL E 115 -20.75 25.12 -17.62
N VAL E 116 -20.30 24.31 -16.66
CA VAL E 116 -20.40 24.67 -15.25
C VAL E 116 -19.03 24.61 -14.60
N CYS E 117 -18.60 25.71 -14.01
CA CYS E 117 -17.39 25.78 -13.19
C CYS E 117 -17.77 25.93 -11.72
N PHE E 118 -17.25 25.03 -10.87
CA PHE E 118 -17.69 25.01 -9.49
C PHE E 118 -16.59 24.56 -8.55
N ASP E 119 -16.65 25.09 -7.32
CA ASP E 119 -15.94 24.56 -6.16
C ASP E 119 -16.96 23.85 -5.26
N PRO E 120 -16.96 22.53 -5.22
CA PRO E 120 -18.06 21.83 -4.53
C PRO E 120 -18.12 22.02 -3.02
N LEU E 121 -16.99 22.23 -2.32
CA LEU E 121 -17.05 22.51 -0.89
C LEU E 121 -15.86 23.41 -0.54
N ASP E 122 -16.01 24.69 -0.86
CA ASP E 122 -14.94 25.65 -0.64
C ASP E 122 -14.74 25.88 0.86
N GLY E 123 -13.48 25.86 1.29
CA GLY E 123 -13.15 26.02 2.68
C GLY E 123 -13.12 24.74 3.47
N SER E 124 -13.27 23.58 2.80
CA SER E 124 -13.29 22.27 3.46
C SER E 124 -11.94 21.89 4.04
N SER E 125 -10.93 22.75 3.87
CA SER E 125 -9.64 22.53 4.53
C SER E 125 -9.75 22.78 6.04
N ASN E 126 -10.36 23.90 6.42
CA ASN E 126 -10.57 24.25 7.82
C ASN E 126 -11.92 23.79 8.38
N ILE E 127 -12.59 22.82 7.73
CA ILE E 127 -13.92 22.41 8.17
C ILE E 127 -13.90 21.70 9.51
N ASP E 128 -12.70 21.39 10.02
CA ASP E 128 -12.52 20.73 11.31
C ASP E 128 -12.79 21.68 12.47
N CYS E 129 -12.59 22.97 12.27
CA CYS E 129 -13.00 23.98 13.23
C CYS E 129 -14.44 24.44 12.99
N LEU E 130 -15.22 23.69 12.22
CA LEU E 130 -16.63 23.96 11.95
C LEU E 130 -16.84 25.36 11.38
N VAL E 131 -15.88 25.82 10.59
CA VAL E 131 -16.04 27.07 9.87
C VAL E 131 -17.21 26.93 8.89
N SER E 132 -17.80 28.07 8.55
CA SER E 132 -18.77 28.12 7.46
C SER E 132 -18.11 27.64 6.17
N VAL E 133 -18.83 26.81 5.43
CA VAL E 133 -18.36 26.34 4.14
C VAL E 133 -19.44 26.64 3.11
N GLY E 134 -19.08 26.45 1.85
CA GLY E 134 -20.01 26.78 0.79
C GLY E 134 -19.67 26.09 -0.50
N THR E 135 -20.66 26.05 -1.38
CA THR E 135 -20.47 25.59 -2.74
C THR E 135 -20.54 26.81 -3.63
N ILE E 136 -19.56 26.96 -4.52
CA ILE E 136 -19.47 28.06 -5.47
C ILE E 136 -19.62 27.45 -6.85
N PHE E 137 -20.37 28.13 -7.72
CA PHE E 137 -20.61 27.60 -9.06
C PHE E 137 -20.70 28.74 -10.07
N GLY E 138 -20.36 28.42 -11.31
CA GLY E 138 -20.60 29.32 -12.43
C GLY E 138 -21.13 28.60 -13.65
N ILE E 139 -22.10 29.18 -14.33
CA ILE E 139 -22.77 28.56 -15.47
C ILE E 139 -22.43 29.39 -16.70
N TYR E 140 -21.95 28.72 -17.75
CA TYR E 140 -21.70 29.33 -19.06
C TYR E 140 -22.56 28.66 -20.13
N ARG E 141 -22.53 29.22 -21.34
CA ARG E 141 -23.20 28.66 -22.50
C ARG E 141 -22.16 28.34 -23.56
N LYS E 142 -22.16 27.11 -24.07
CA LYS E 142 -21.16 26.71 -25.05
C LYS E 142 -21.32 27.51 -26.33
N LYS E 143 -20.19 27.93 -26.90
CA LYS E 143 -20.23 28.86 -28.02
C LYS E 143 -20.11 28.17 -29.37
N SER E 144 -19.12 27.30 -29.55
CA SER E 144 -18.98 26.58 -30.81
C SER E 144 -19.79 25.29 -30.80
N THR E 145 -19.94 24.71 -31.98
CA THR E 145 -20.54 23.40 -32.15
C THR E 145 -19.49 22.33 -32.42
N ASP E 146 -18.22 22.67 -32.29
CA ASP E 146 -17.14 21.69 -32.29
C ASP E 146 -17.31 20.72 -31.12
N GLU E 147 -16.60 19.61 -31.21
CA GLU E 147 -16.52 18.68 -30.08
C GLU E 147 -16.04 19.42 -28.84
N PRO E 148 -16.70 19.25 -27.68
CA PRO E 148 -16.34 20.01 -26.48
C PRO E 148 -14.98 19.60 -25.92
N SER E 149 -14.30 20.57 -25.31
CA SER E 149 -12.97 20.34 -24.77
C SER E 149 -12.73 21.35 -23.65
N GLU E 150 -11.48 21.41 -23.18
CA GLU E 150 -11.14 22.30 -22.10
C GLU E 150 -11.29 23.77 -22.47
N LYS E 151 -11.11 24.14 -23.75
CA LYS E 151 -11.26 25.56 -24.10
C LYS E 151 -12.67 26.10 -23.85
N ASP E 152 -13.68 25.24 -23.74
CA ASP E 152 -15.03 25.73 -23.52
C ASP E 152 -15.20 26.35 -22.14
N ALA E 153 -14.25 26.08 -21.23
CA ALA E 153 -14.21 26.65 -19.90
C ALA E 153 -13.29 27.86 -19.81
N LEU E 154 -12.62 28.24 -20.90
CA LEU E 154 -11.72 29.39 -20.90
C LEU E 154 -12.42 30.67 -21.31
N GLN E 155 -13.56 30.82 -20.94
CA GLN E 155 -14.25 32.05 -21.28
C GLN E 155 -14.01 33.11 -20.21
N PRO E 156 -14.09 34.38 -20.56
CA PRO E 156 -14.05 35.43 -19.54
C PRO E 156 -15.37 35.45 -18.79
N GLY E 157 -15.32 35.96 -17.56
CA GLY E 157 -16.52 35.99 -16.72
C GLY E 157 -17.71 36.72 -17.32
N ARG E 158 -17.46 37.66 -18.24
CA ARG E 158 -18.55 38.35 -18.94
C ARG E 158 -19.53 37.41 -19.62
N ASN E 159 -19.14 36.17 -19.86
CA ASN E 159 -19.95 35.17 -20.55
C ASN E 159 -20.85 34.35 -19.62
N LEU E 160 -20.91 34.67 -18.33
CA LEU E 160 -21.69 33.87 -17.39
C LEU E 160 -23.19 34.02 -17.65
N VAL E 161 -23.90 32.88 -17.67
CA VAL E 161 -25.35 32.88 -17.74
C VAL E 161 -25.98 33.13 -16.38
N ALA E 162 -25.42 32.48 -15.35
CA ALA E 162 -25.91 32.57 -13.98
C ALA E 162 -24.78 32.08 -13.09
N ALA E 163 -24.79 32.53 -11.84
CA ALA E 163 -23.79 32.14 -10.87
C ALA E 163 -24.34 32.41 -9.47
N GLY E 164 -23.63 31.86 -8.48
CA GLY E 164 -24.02 32.07 -7.10
C GLY E 164 -23.29 31.09 -6.21
N TYR E 165 -23.83 30.94 -5.00
CA TYR E 165 -23.18 30.08 -4.03
C TYR E 165 -24.20 29.65 -2.99
N ALA E 166 -24.01 28.45 -2.45
CA ALA E 166 -24.72 28.01 -1.25
C ALA E 166 -23.78 28.15 -0.07
N LEU E 167 -24.25 28.79 1.00
CA LEU E 167 -23.47 28.95 2.23
C LEU E 167 -24.05 28.10 3.35
N TYR E 168 -23.25 27.14 3.84
CA TYR E 168 -23.64 26.28 4.96
C TYR E 168 -23.16 26.91 6.25
N GLY E 169 -23.90 27.90 6.73
CA GLY E 169 -23.55 28.57 7.96
C GLY E 169 -24.48 28.15 9.10
N SER E 170 -24.83 29.09 9.97
CA SER E 170 -25.80 28.82 11.02
C SER E 170 -27.14 28.35 10.46
N ALA E 171 -27.44 28.72 9.22
CA ALA E 171 -28.49 28.11 8.42
C ALA E 171 -27.93 27.90 7.02
N THR E 172 -28.70 27.23 6.17
CA THR E 172 -28.31 26.98 4.80
C THR E 172 -29.03 27.97 3.87
N MET E 173 -28.26 28.78 3.14
CA MET E 173 -28.84 29.73 2.23
C MET E 173 -28.24 29.61 0.83
N LEU E 174 -29.11 29.71 -0.18
CA LEU E 174 -28.71 29.73 -1.57
C LEU E 174 -28.86 31.14 -2.09
N VAL E 175 -27.77 31.69 -2.60
CA VAL E 175 -27.76 32.99 -3.26
C VAL E 175 -27.66 32.74 -4.75
N LEU E 176 -28.66 33.20 -5.50
CA LEU E 176 -28.76 32.96 -6.93
C LEU E 176 -28.71 34.29 -7.66
N ALA E 177 -27.71 34.44 -8.52
CA ALA E 177 -27.49 35.65 -9.29
C ALA E 177 -27.72 35.41 -10.78
N MET E 178 -28.41 36.34 -11.42
CA MET E 178 -28.67 36.24 -12.85
C MET E 178 -28.72 37.65 -13.42
N ASP E 179 -29.21 37.74 -14.66
CA ASP E 179 -29.25 38.99 -15.39
C ASP E 179 -30.10 40.04 -14.69
N CYS E 180 -31.22 39.63 -14.11
CA CYS E 180 -32.14 40.57 -13.47
C CYS E 180 -31.81 40.86 -12.00
N GLY E 181 -30.80 40.20 -11.43
CA GLY E 181 -30.34 40.55 -10.11
C GLY E 181 -30.10 39.32 -9.27
N VAL E 182 -30.04 39.54 -7.95
CA VAL E 182 -29.66 38.54 -6.96
C VAL E 182 -30.83 38.31 -6.02
N ASN E 183 -31.13 37.02 -5.74
CA ASN E 183 -32.17 36.60 -4.80
C ASN E 183 -31.63 35.54 -3.84
N CYS E 184 -32.08 35.61 -2.57
CA CYS E 184 -31.62 34.71 -1.50
C CYS E 184 -32.75 33.80 -1.05
N PHE E 185 -32.48 32.50 -1.00
CA PHE E 185 -33.46 31.52 -0.57
C PHE E 185 -32.90 30.80 0.66
N MET E 186 -33.75 30.61 1.67
CA MET E 186 -33.40 29.95 2.94
C MET E 186 -33.95 28.53 2.98
N LEU E 187 -33.10 27.56 3.28
CA LEU E 187 -33.56 26.17 3.35
C LEU E 187 -34.33 25.92 4.65
N ASP E 188 -35.58 25.46 4.54
CA ASP E 188 -36.41 25.00 5.65
C ASP E 188 -36.26 23.49 5.76
N PRO E 189 -35.50 22.96 6.73
CA PRO E 189 -35.23 21.52 6.76
C PRO E 189 -36.44 20.69 7.17
N ALA E 190 -37.48 21.32 7.73
CA ALA E 190 -38.71 20.63 8.09
C ALA E 190 -39.45 20.09 6.87
N ILE E 191 -39.33 20.75 5.72
CA ILE E 191 -40.03 20.34 4.52
C ILE E 191 -39.13 20.22 3.30
N GLY E 192 -37.85 20.54 3.42
CA GLY E 192 -36.97 20.41 2.28
C GLY E 192 -37.30 21.35 1.14
N GLU E 193 -37.38 22.64 1.45
CA GLU E 193 -37.66 23.63 0.43
C GLU E 193 -36.80 24.86 0.66
N PHE E 194 -36.26 25.42 -0.42
CA PHE E 194 -35.64 26.73 -0.33
C PHE E 194 -36.77 27.77 -0.43
N ILE E 195 -36.88 28.62 0.58
CA ILE E 195 -37.95 29.59 0.73
C ILE E 195 -37.37 30.97 0.44
N LEU E 196 -38.01 31.70 -0.48
CA LEU E 196 -37.56 33.04 -0.86
C LEU E 196 -37.78 34.03 0.27
N VAL E 197 -36.69 34.64 0.74
CA VAL E 197 -36.74 35.55 1.88
C VAL E 197 -36.19 36.93 1.56
N ASP E 198 -35.43 37.10 0.47
CA ASP E 198 -34.89 38.39 0.03
C ASP E 198 -34.93 38.47 -1.49
N LYS E 199 -35.78 39.36 -2.00
CA LYS E 199 -35.99 39.58 -3.44
C LYS E 199 -35.08 40.72 -3.89
N ASP E 200 -34.37 40.51 -5.01
CA ASP E 200 -33.68 41.60 -5.71
C ASP E 200 -32.65 42.30 -4.81
N VAL E 201 -31.70 41.52 -4.32
CA VAL E 201 -30.76 42.01 -3.30
C VAL E 201 -29.71 42.92 -3.93
N LYS E 202 -29.36 43.99 -3.20
CA LYS E 202 -28.36 44.97 -3.63
C LYS E 202 -27.43 45.30 -2.46
N ILE E 203 -26.13 45.40 -2.75
CA ILE E 203 -25.12 45.68 -1.72
C ILE E 203 -25.09 47.17 -1.41
N LYS E 204 -24.62 47.49 -0.21
CA LYS E 204 -24.46 48.88 0.20
C LYS E 204 -23.52 49.64 -0.73
N LYS E 205 -23.79 50.93 -0.90
CA LYS E 205 -22.88 51.78 -1.68
C LYS E 205 -21.49 51.85 -1.05
N LYS E 206 -21.41 51.83 0.28
CA LYS E 206 -20.13 51.89 0.98
C LYS E 206 -20.31 51.24 2.35
N GLY E 207 -19.35 50.41 2.73
CA GLY E 207 -19.44 49.60 3.91
C GLY E 207 -18.56 50.06 5.04
N LYS E 208 -18.43 49.18 6.03
CA LYS E 208 -17.61 49.48 7.20
C LYS E 208 -16.75 48.29 7.60
N ILE E 209 -16.51 47.33 6.71
CA ILE E 209 -15.69 46.16 7.04
C ILE E 209 -14.71 45.88 5.91
N TYR E 210 -13.44 45.61 6.26
CA TYR E 210 -12.45 45.10 5.30
C TYR E 210 -11.99 43.71 5.74
N SER E 211 -11.56 42.90 4.76
CA SER E 211 -11.27 41.48 5.01
C SER E 211 -10.04 41.02 4.23
N LEU E 212 -9.00 40.58 4.96
CA LEU E 212 -7.85 39.92 4.35
C LEU E 212 -6.98 39.30 5.44
N ASN E 213 -6.05 38.45 5.00
CA ASN E 213 -5.09 37.77 5.86
C ASN E 213 -3.88 38.69 6.05
N GLU E 214 -3.86 39.42 7.17
CA GLU E 214 -2.81 40.39 7.43
C GLU E 214 -1.50 39.76 7.86
N GLY E 215 -1.48 38.46 8.14
CA GLY E 215 -0.25 37.78 8.47
C GLY E 215 0.77 37.77 7.36
N TYR E 216 0.33 37.91 6.10
CA TYR E 216 1.23 38.04 4.96
C TYR E 216 1.67 39.48 4.74
N ALA E 217 1.64 40.30 5.80
CA ALA E 217 1.96 41.71 5.68
C ALA E 217 3.35 41.92 5.10
N LYS E 218 4.29 41.04 5.44
CA LYS E 218 5.67 41.18 4.97
C LYS E 218 5.78 41.10 3.47
N ASP E 219 4.79 40.51 2.78
CA ASP E 219 4.83 40.41 1.32
C ASP E 219 3.96 41.45 0.64
N PHE E 220 3.34 42.34 1.40
CA PHE E 220 2.38 43.26 0.82
C PHE E 220 3.03 44.22 -0.17
N ASP E 221 2.35 44.39 -1.29
CA ASP E 221 2.59 45.49 -2.20
C ASP E 221 2.40 46.80 -1.42
N PRO E 222 3.13 47.85 -1.77
CA PRO E 222 2.97 49.12 -1.02
C PRO E 222 1.55 49.66 -1.05
N ALA E 223 0.79 49.40 -2.12
CA ALA E 223 -0.59 49.88 -2.17
C ALA E 223 -1.48 49.13 -1.17
N VAL E 224 -1.34 47.80 -1.10
CA VAL E 224 -2.12 47.04 -0.13
C VAL E 224 -1.76 47.49 1.29
N THR E 225 -0.46 47.70 1.53
CA THR E 225 0.01 48.26 2.80
C THR E 225 -0.67 49.60 3.09
N GLU E 226 -0.77 50.47 2.07
CA GLU E 226 -1.36 51.79 2.28
C GLU E 226 -2.87 51.70 2.51
N TYR E 227 -3.58 50.90 1.72
CA TYR E 227 -5.03 50.84 1.87
C TYR E 227 -5.40 50.30 3.26
N ILE E 228 -4.64 49.32 3.76
CA ILE E 228 -4.93 48.83 5.10
C ILE E 228 -4.57 49.90 6.13
N GLN E 229 -3.50 50.68 5.89
CA GLN E 229 -3.20 51.81 6.76
C GLN E 229 -4.33 52.83 6.75
N ARG E 230 -4.91 53.09 5.57
CA ARG E 230 -5.95 54.12 5.45
C ARG E 230 -7.27 53.71 6.08
N LYS E 231 -7.57 52.41 6.13
CA LYS E 231 -8.83 51.99 6.76
C LYS E 231 -8.75 52.03 8.28
N LYS E 232 -7.56 51.82 8.85
CA LYS E 232 -7.44 51.82 10.30
C LYS E 232 -7.26 53.23 10.85
N PHE E 233 -6.52 54.08 10.14
CA PHE E 233 -6.24 55.46 10.57
C PHE E 233 -6.67 56.40 9.46
N PRO E 234 -7.98 56.66 9.33
CA PRO E 234 -8.44 57.59 8.29
C PRO E 234 -7.89 58.98 8.53
N PRO E 235 -7.37 59.63 7.50
CA PRO E 235 -6.86 61.00 7.68
C PRO E 235 -7.96 62.02 7.90
N ASP E 236 -9.20 61.73 7.50
CA ASP E 236 -10.32 62.66 7.63
C ASP E 236 -11.06 62.48 8.94
N ASN E 237 -10.41 61.91 9.96
CA ASN E 237 -10.98 61.74 11.29
C ASN E 237 -12.34 61.03 11.30
N SER E 238 -12.62 60.24 10.25
CA SER E 238 -13.78 59.37 10.24
C SER E 238 -13.50 58.10 11.06
N ALA E 239 -14.55 57.34 11.35
CA ALA E 239 -14.43 56.16 12.20
C ALA E 239 -13.68 55.04 11.50
N PRO E 240 -12.77 54.35 12.20
CA PRO E 240 -12.06 53.22 11.56
C PRO E 240 -12.99 52.07 11.26
N TYR E 241 -12.66 51.37 10.18
CA TYR E 241 -13.44 50.21 9.78
C TYR E 241 -13.25 49.08 10.80
N GLY E 242 -14.25 48.22 10.87
CA GLY E 242 -14.07 46.97 11.56
C GLY E 242 -13.51 45.92 10.63
N ALA E 243 -12.90 44.90 11.22
CA ALA E 243 -12.24 43.85 10.45
C ALA E 243 -12.84 42.49 10.77
N ARG E 244 -13.04 41.70 9.72
CA ARG E 244 -13.44 40.30 9.80
C ARG E 244 -12.68 39.53 8.74
N TYR E 245 -12.20 38.34 9.10
CA TYR E 245 -11.59 37.45 8.12
C TYR E 245 -11.84 36.04 8.61
N VAL E 246 -12.84 35.40 8.01
CA VAL E 246 -13.21 34.05 8.42
C VAL E 246 -12.22 33.03 7.87
N GLY E 247 -11.66 33.29 6.71
CA GLY E 247 -10.80 32.35 6.06
C GLY E 247 -11.53 31.41 5.12
N SER E 248 -12.84 31.59 4.97
CA SER E 248 -13.66 30.82 4.05
C SER E 248 -14.28 31.83 3.09
N MET E 249 -14.03 31.65 1.79
CA MET E 249 -14.36 32.70 0.82
C MET E 249 -15.86 32.97 0.74
N VAL E 250 -16.67 31.91 0.70
CA VAL E 250 -18.12 32.12 0.62
C VAL E 250 -18.59 32.90 1.82
N ALA E 251 -18.06 32.58 3.01
CA ALA E 251 -18.51 33.23 4.24
C ALA E 251 -18.11 34.70 4.26
N ASP E 252 -16.89 35.02 3.85
CA ASP E 252 -16.47 36.41 3.83
C ASP E 252 -17.27 37.23 2.82
N VAL E 253 -17.51 36.66 1.64
CA VAL E 253 -18.22 37.40 0.60
C VAL E 253 -19.69 37.62 0.96
N HIS E 254 -20.36 36.61 1.52
CA HIS E 254 -21.79 36.77 1.84
C HIS E 254 -22.00 37.84 2.90
N ARG E 255 -21.10 37.90 3.88
CA ARG E 255 -21.11 39.00 4.83
C ARG E 255 -20.89 40.33 4.11
N THR E 256 -20.00 40.35 3.12
CA THR E 256 -19.80 41.56 2.34
C THR E 256 -21.08 41.96 1.63
N LEU E 257 -21.77 41.01 1.01
CA LEU E 257 -23.03 41.30 0.35
C LEU E 257 -24.11 41.73 1.36
N VAL E 258 -24.19 41.06 2.51
CA VAL E 258 -25.29 41.30 3.45
C VAL E 258 -25.06 42.55 4.28
N TYR E 259 -23.82 42.87 4.62
CA TYR E 259 -23.55 44.03 5.45
C TYR E 259 -22.75 45.11 4.76
N GLY E 260 -22.12 44.81 3.62
CA GLY E 260 -21.30 45.77 2.92
C GLY E 260 -19.83 45.71 3.31
N GLY E 261 -19.02 46.45 2.54
CA GLY E 261 -17.59 46.46 2.77
C GLY E 261 -16.76 45.89 1.64
N ILE E 262 -15.52 45.51 1.94
CA ILE E 262 -14.55 45.12 0.93
C ILE E 262 -13.81 43.86 1.41
N PHE E 263 -13.53 42.97 0.46
CA PHE E 263 -12.81 41.72 0.66
C PHE E 263 -11.61 41.68 -0.28
N LEU E 264 -10.42 41.39 0.25
CA LEU E 264 -9.19 41.44 -0.55
C LEU E 264 -8.37 40.17 -0.39
N TYR E 265 -7.97 39.59 -1.52
CA TYR E 265 -6.88 38.61 -1.54
C TYR E 265 -5.99 38.98 -2.71
N PRO E 266 -5.12 39.99 -2.54
CA PRO E 266 -4.44 40.59 -3.69
C PRO E 266 -3.10 39.98 -4.06
N ALA E 267 -2.53 40.55 -5.12
CA ALA E 267 -1.25 40.14 -5.65
C ALA E 267 -0.11 40.81 -4.91
N ASN E 268 1.03 40.13 -4.89
CA ASN E 268 2.25 40.70 -4.36
C ASN E 268 3.42 40.29 -5.26
N LYS E 269 4.63 40.70 -4.87
CA LYS E 269 5.80 40.35 -5.68
C LYS E 269 6.07 38.85 -5.63
N LYS E 270 5.75 38.20 -4.49
CA LYS E 270 5.95 36.77 -4.30
C LYS E 270 4.88 35.92 -5.00
N SER E 271 3.65 36.42 -5.10
CA SER E 271 2.56 35.77 -5.84
C SER E 271 2.02 36.80 -6.81
N PRO E 272 2.70 36.99 -7.94
CA PRO E 272 2.30 38.05 -8.87
C PRO E 272 0.90 37.87 -9.46
N ASN E 273 0.32 36.67 -9.37
CA ASN E 273 -1.02 36.45 -9.91
C ASN E 273 -2.06 36.11 -8.84
N GLY E 274 -1.79 36.41 -7.57
CA GLY E 274 -2.74 36.08 -6.53
C GLY E 274 -2.74 34.59 -6.20
N LYS E 275 -3.66 34.22 -5.31
CA LYS E 275 -3.78 32.85 -4.83
C LYS E 275 -5.09 32.17 -5.21
N LEU E 276 -6.20 32.92 -5.25
CA LEU E 276 -7.51 32.35 -5.55
C LEU E 276 -7.65 32.06 -7.04
N ARG E 277 -8.48 31.06 -7.36
CA ARG E 277 -8.62 30.57 -8.71
C ARG E 277 -9.67 31.38 -9.48
N LEU E 278 -9.39 31.68 -10.74
CA LEU E 278 -10.22 32.58 -11.53
C LEU E 278 -11.53 31.92 -12.00
N LEU E 279 -11.46 30.65 -12.42
CA LEU E 279 -12.58 30.02 -13.11
C LEU E 279 -13.79 29.81 -12.18
N TYR E 280 -13.58 29.19 -11.03
CA TYR E 280 -14.67 28.76 -10.16
C TYR E 280 -14.73 29.45 -8.82
N GLU E 281 -13.86 30.45 -8.58
CA GLU E 281 -13.91 31.27 -7.37
C GLU E 281 -14.02 32.75 -7.70
N CYS E 282 -13.07 33.29 -8.47
CA CYS E 282 -13.04 34.72 -8.76
C CYS E 282 -14.18 35.12 -9.70
N ASN E 283 -14.42 34.35 -10.76
CA ASN E 283 -15.47 34.73 -11.69
C ASN E 283 -16.86 34.67 -11.05
N PRO E 284 -17.27 33.57 -10.39
CA PRO E 284 -18.62 33.56 -9.80
C PRO E 284 -18.86 34.63 -8.73
N MET E 285 -17.89 34.92 -7.87
CA MET E 285 -18.11 35.92 -6.84
C MET E 285 -18.17 37.33 -7.43
N ALA E 286 -17.33 37.60 -8.44
CA ALA E 286 -17.43 38.87 -9.14
C ALA E 286 -18.81 39.06 -9.75
N TYR E 287 -19.36 38.00 -10.36
CA TYR E 287 -20.66 38.10 -11.03
C TYR E 287 -21.77 38.42 -10.05
N VAL E 288 -21.82 37.72 -8.91
CA VAL E 288 -22.80 38.05 -7.90
C VAL E 288 -22.67 39.52 -7.49
N MET E 289 -21.42 39.95 -7.27
CA MET E 289 -21.16 41.32 -6.86
C MET E 289 -21.72 42.32 -7.85
N GLU E 290 -21.37 42.18 -9.13
CA GLU E 290 -21.78 43.18 -10.10
C GLU E 290 -23.30 43.19 -10.26
N LYS E 291 -23.92 42.01 -10.34
CA LYS E 291 -25.37 41.86 -10.40
C LYS E 291 -26.10 42.32 -9.13
N ALA E 292 -25.39 42.57 -8.06
CA ALA E 292 -25.98 43.17 -6.88
C ALA E 292 -25.63 44.66 -6.79
N GLY E 293 -24.93 45.20 -7.80
CA GLY E 293 -24.52 46.58 -7.81
C GLY E 293 -23.12 46.85 -7.29
N GLY E 294 -22.28 45.82 -7.12
CA GLY E 294 -20.94 45.98 -6.62
C GLY E 294 -19.89 45.97 -7.71
N MET E 295 -18.62 45.88 -7.28
CA MET E 295 -17.50 45.89 -8.20
C MET E 295 -16.52 44.78 -7.85
N ALA E 296 -15.69 44.40 -8.83
CA ALA E 296 -14.69 43.35 -8.64
C ALA E 296 -13.50 43.55 -9.59
N THR E 297 -12.29 43.73 -9.04
CA THR E 297 -11.10 44.05 -9.82
C THR E 297 -9.91 43.19 -9.41
N THR E 298 -8.90 43.10 -10.30
CA THR E 298 -7.60 42.53 -9.98
C THR E 298 -6.57 43.60 -9.64
N GLY E 299 -6.97 44.86 -9.56
CA GLY E 299 -5.99 45.93 -9.47
C GLY E 299 -5.76 46.58 -10.81
N LYS E 300 -5.56 45.77 -11.85
CA LYS E 300 -5.40 46.31 -13.20
C LYS E 300 -6.71 46.40 -13.98
N GLU E 301 -7.61 45.44 -13.82
CA GLU E 301 -8.80 45.39 -14.65
C GLU E 301 -9.94 44.73 -13.89
N ALA E 302 -11.12 44.77 -14.48
CA ALA E 302 -12.25 44.02 -13.95
C ALA E 302 -11.96 42.53 -14.08
N VAL E 303 -12.34 41.77 -13.04
CA VAL E 303 -12.08 40.33 -13.02
C VAL E 303 -12.77 39.63 -14.17
N LEU E 304 -14.01 40.01 -14.46
CA LEU E 304 -14.82 39.33 -15.46
C LEU E 304 -14.30 39.51 -16.90
N ASP E 305 -13.35 40.45 -17.14
CA ASP E 305 -12.80 40.66 -18.49
C ASP E 305 -11.55 39.85 -18.78
N VAL E 306 -11.04 39.08 -17.83
CA VAL E 306 -9.81 38.34 -18.04
C VAL E 306 -10.10 37.10 -18.88
N ILE E 307 -9.32 36.91 -19.95
CA ILE E 307 -9.43 35.74 -20.80
C ILE E 307 -8.46 34.69 -20.28
N PRO E 308 -8.94 33.57 -19.74
CA PRO E 308 -8.04 32.58 -19.16
C PRO E 308 -7.32 31.79 -20.23
N THR E 309 -6.13 31.31 -19.86
CA THR E 309 -5.44 30.35 -20.70
C THR E 309 -5.26 29.01 -20.00
N ASP E 310 -5.56 28.93 -18.71
CA ASP E 310 -5.54 27.67 -17.98
C ASP E 310 -6.70 27.62 -16.98
N ILE E 311 -7.34 26.46 -16.86
CA ILE E 311 -8.55 26.35 -16.05
C ILE E 311 -8.25 26.49 -14.56
N HIS E 312 -7.02 26.18 -14.13
CA HIS E 312 -6.68 26.24 -12.71
C HIS E 312 -5.80 27.44 -12.39
N GLN E 313 -5.81 28.45 -13.25
CA GLN E 313 -4.97 29.62 -13.05
C GLN E 313 -5.53 30.49 -11.94
N ARG E 314 -4.64 31.24 -11.31
CA ARG E 314 -4.96 32.08 -10.18
C ARG E 314 -5.15 33.52 -10.65
N ALA E 315 -5.83 34.31 -9.83
CA ALA E 315 -6.05 35.73 -10.13
C ALA E 315 -6.19 36.47 -8.80
N PRO E 316 -5.67 37.69 -8.70
CA PRO E 316 -5.97 38.52 -7.53
C PRO E 316 -7.36 39.12 -7.62
N VAL E 317 -7.94 39.42 -6.46
CA VAL E 317 -9.32 39.92 -6.42
C VAL E 317 -9.50 40.85 -5.23
N ILE E 318 -10.14 41.99 -5.46
CA ILE E 318 -10.58 42.91 -4.43
C ILE E 318 -12.03 43.28 -4.76
N LEU E 319 -12.97 42.91 -3.89
CA LEU E 319 -14.38 43.09 -4.23
C LEU E 319 -15.22 43.57 -3.05
N GLY E 320 -16.45 43.98 -3.39
CA GLY E 320 -17.41 44.43 -2.40
C GLY E 320 -18.26 45.63 -2.75
N SER E 321 -18.54 46.44 -1.73
CA SER E 321 -19.29 47.66 -1.91
C SER E 321 -18.54 48.54 -2.91
N PRO E 322 -19.23 49.28 -3.77
CA PRO E 322 -18.51 49.97 -4.86
C PRO E 322 -17.48 51.00 -4.40
N ASP E 323 -17.82 51.87 -3.44
CA ASP E 323 -16.88 52.91 -3.02
C ASP E 323 -15.58 52.33 -2.47
N ASP E 324 -15.64 51.17 -1.81
CA ASP E 324 -14.45 50.60 -1.23
C ASP E 324 -13.50 50.06 -2.30
N VAL E 325 -14.05 49.46 -3.36
CA VAL E 325 -13.18 49.01 -4.45
C VAL E 325 -12.64 50.21 -5.22
N LEU E 326 -13.49 51.22 -5.45
CA LEU E 326 -13.03 52.43 -6.13
C LEU E 326 -11.97 53.15 -5.30
N GLU E 327 -12.15 53.22 -3.98
CA GLU E 327 -11.15 53.86 -3.14
C GLU E 327 -9.82 53.12 -3.21
N PHE E 328 -9.86 51.81 -3.40
CA PHE E 328 -8.64 51.02 -3.56
C PHE E 328 -7.94 51.30 -4.88
N LEU E 329 -8.70 51.41 -5.98
CA LEU E 329 -8.08 51.65 -7.29
C LEU E 329 -7.30 52.95 -7.33
N LYS E 330 -7.81 53.98 -6.66
CA LYS E 330 -7.10 55.26 -6.58
C LYS E 330 -5.75 55.10 -5.87
N VAL E 331 -5.74 54.38 -4.74
CA VAL E 331 -4.47 54.12 -4.06
C VAL E 331 -3.56 53.31 -4.97
N TYR E 332 -4.14 52.35 -5.71
CA TYR E 332 -3.36 51.56 -6.66
C TYR E 332 -2.77 52.41 -7.77
N GLU E 333 -3.56 53.33 -8.33
CA GLU E 333 -3.08 54.11 -9.47
C GLU E 333 -2.14 55.25 -9.08
N LYS E 334 -2.23 55.78 -7.87
CA LYS E 334 -1.22 56.73 -7.41
C LYS E 334 0.18 56.13 -7.44
N HIS E 335 0.29 54.81 -7.27
CA HIS E 335 1.56 54.08 -7.36
C HIS E 335 1.82 53.55 -8.78
N SER E 336 1.31 54.25 -9.81
CA SER E 336 1.39 53.88 -11.24
C SER E 336 0.62 52.58 -11.56
N ASP F 10 -17.26 1.29 21.41
CA ASP F 10 -18.62 1.52 21.90
C ASP F 10 -19.02 2.97 21.71
N VAL F 11 -20.26 3.20 21.26
CA VAL F 11 -20.77 4.56 21.09
C VAL F 11 -21.02 5.20 22.45
N ASN F 12 -20.75 6.50 22.57
CA ASN F 12 -21.10 7.26 23.75
C ASN F 12 -21.86 8.52 23.34
N THR F 13 -22.92 8.80 24.07
CA THR F 13 -23.74 9.99 23.90
C THR F 13 -23.52 10.89 25.10
N LEU F 14 -24.01 12.12 25.01
CA LEU F 14 -23.84 13.03 26.14
C LEU F 14 -24.58 12.50 27.35
N THR F 15 -25.79 11.99 27.13
CA THR F 15 -26.59 11.49 28.25
C THR F 15 -25.95 10.26 28.88
N ARG F 16 -25.43 9.34 28.05
CA ARG F 16 -24.72 8.18 28.56
C ARG F 16 -23.45 8.60 29.29
N PHE F 17 -22.78 9.64 28.80
CA PHE F 17 -21.57 10.16 29.43
C PHE F 17 -21.86 10.72 30.82
N VAL F 18 -22.94 11.51 30.95
CA VAL F 18 -23.25 12.16 32.23
C VAL F 18 -23.69 11.14 33.27
N MET F 19 -24.43 10.11 32.85
CA MET F 19 -24.89 9.09 33.81
C MET F 19 -23.73 8.26 34.34
N GLU F 20 -22.71 8.00 33.51
CA GLU F 20 -21.57 7.23 33.97
C GLU F 20 -20.74 8.01 34.98
N GLU F 21 -20.46 9.28 34.67
CA GLU F 21 -19.71 10.11 35.60
C GLU F 21 -20.51 10.41 36.86
N GLY F 22 -21.81 10.61 36.74
CA GLY F 22 -22.63 10.92 37.91
C GLY F 22 -22.73 9.75 38.86
N ARG F 23 -22.80 8.54 38.32
CA ARG F 23 -22.80 7.36 39.17
C ARG F 23 -21.42 7.12 39.79
N LYS F 24 -20.35 7.47 39.08
CA LYS F 24 -19.00 7.44 39.66
C LYS F 24 -18.95 8.25 40.94
N ALA F 25 -19.48 9.48 40.91
CA ALA F 25 -19.47 10.36 42.06
C ALA F 25 -20.52 10.00 43.10
N ARG F 26 -21.47 9.11 42.76
CA ARG F 26 -22.55 8.66 43.65
C ARG F 26 -23.40 9.82 44.17
N GLY F 27 -23.65 10.80 43.32
CA GLY F 27 -24.50 11.91 43.69
C GLY F 27 -25.97 11.58 43.55
N THR F 28 -26.79 12.58 43.87
CA THR F 28 -28.23 12.37 43.88
C THR F 28 -28.84 12.33 42.50
N GLY F 29 -28.19 12.92 41.50
CA GLY F 29 -28.77 13.04 40.18
C GLY F 29 -29.30 14.40 39.83
N GLU F 30 -29.21 15.37 40.75
CA GLU F 30 -29.74 16.70 40.52
C GLU F 30 -28.95 17.40 39.43
N LEU F 31 -27.64 17.16 39.37
CA LEU F 31 -26.81 17.72 38.32
C LEU F 31 -27.10 17.04 36.98
N THR F 32 -27.40 15.74 37.01
CA THR F 32 -27.79 15.04 35.79
C THR F 32 -29.11 15.57 35.25
N GLN F 33 -30.10 15.76 36.13
CA GLN F 33 -31.35 16.41 35.72
C GLN F 33 -31.08 17.81 35.19
N LEU F 34 -30.04 18.48 35.71
CA LEU F 34 -29.65 19.79 35.21
C LEU F 34 -29.07 19.69 33.79
N LEU F 35 -28.01 18.91 33.60
CA LEU F 35 -27.34 18.89 32.31
C LEU F 35 -28.24 18.31 31.22
N ASN F 36 -29.07 17.32 31.56
CA ASN F 36 -30.02 16.76 30.61
C ASN F 36 -31.06 17.79 30.18
N SER F 37 -31.51 18.63 31.11
CA SER F 37 -32.43 19.71 30.74
C SER F 37 -31.82 20.65 29.74
N LEU F 38 -30.51 20.92 29.87
CA LEU F 38 -29.81 21.82 28.96
C LEU F 38 -29.65 21.18 27.59
N CYS F 39 -29.26 19.90 27.57
CA CYS F 39 -29.17 19.15 26.32
C CYS F 39 -30.48 19.23 25.57
N THR F 40 -31.60 19.14 26.29
CA THR F 40 -32.88 19.28 25.63
C THR F 40 -33.06 20.71 25.12
N ALA F 41 -32.69 21.70 25.94
CA ALA F 41 -32.81 23.09 25.51
C ALA F 41 -31.91 23.38 24.30
N VAL F 42 -30.68 22.85 24.29
CA VAL F 42 -29.73 23.13 23.20
C VAL F 42 -30.20 22.51 21.88
N LYS F 43 -30.77 21.30 21.92
CA LYS F 43 -31.28 20.72 20.68
C LYS F 43 -32.45 21.53 20.13
N ALA F 44 -33.25 22.14 21.00
CA ALA F 44 -34.34 22.99 20.54
C ALA F 44 -33.80 24.27 19.93
N ILE F 45 -32.76 24.86 20.53
CA ILE F 45 -32.21 26.08 19.95
C ILE F 45 -31.62 25.81 18.58
N SER F 46 -30.82 24.74 18.47
CA SER F 46 -30.22 24.39 17.18
C SER F 46 -31.28 24.23 16.09
N SER F 47 -32.42 23.65 16.44
CA SER F 47 -33.48 23.45 15.47
C SER F 47 -34.03 24.80 14.95
N ALA F 48 -34.14 25.79 15.84
CA ALA F 48 -34.63 27.10 15.41
C ALA F 48 -33.58 27.87 14.62
N VAL F 49 -32.30 27.72 14.96
CA VAL F 49 -31.23 28.45 14.28
C VAL F 49 -31.08 28.01 12.81
N ARG F 50 -31.28 26.72 12.52
CA ARG F 50 -31.26 26.22 11.14
C ARG F 50 -32.58 26.50 10.40
N LYS F 51 -33.48 27.27 11.02
CA LYS F 51 -34.66 27.80 10.37
C LYS F 51 -35.74 26.75 10.12
N ALA F 52 -35.88 25.79 11.05
CA ALA F 52 -36.99 24.85 10.98
C ALA F 52 -38.34 25.56 11.14
N GLY F 53 -39.28 25.21 10.26
CA GLY F 53 -40.59 25.81 10.32
C GLY F 53 -40.67 27.21 9.76
N ILE F 54 -39.64 27.66 9.02
CA ILE F 54 -39.65 29.01 8.45
C ILE F 54 -40.79 29.16 7.46
N ALA F 55 -41.21 28.07 6.83
CA ALA F 55 -42.28 28.14 5.83
C ALA F 55 -43.55 28.71 6.42
N HIS F 56 -43.82 28.46 7.69
CA HIS F 56 -45.04 29.00 8.27
C HIS F 56 -44.93 30.49 8.55
N LEU F 57 -43.73 30.98 8.88
CA LEU F 57 -43.62 32.42 9.07
C LEU F 57 -43.89 33.17 7.75
N TYR F 58 -43.61 32.54 6.60
CA TYR F 58 -43.78 33.19 5.32
C TYR F 58 -45.07 32.76 4.60
N GLY F 59 -46.04 32.24 5.35
CA GLY F 59 -47.38 32.08 4.83
C GLY F 59 -47.64 30.86 3.97
N ILE F 60 -46.98 29.73 4.25
CA ILE F 60 -47.18 28.55 3.42
C ILE F 60 -48.56 27.96 3.63
N ALA F 61 -49.16 28.17 4.79
CA ALA F 61 -50.49 27.63 5.08
C ALA F 61 -51.55 28.72 5.18
N GLY F 62 -51.25 29.94 4.76
CA GLY F 62 -52.22 31.01 4.88
C GLY F 62 -51.86 32.01 5.96
N LYS F 73 -37.08 37.78 18.66
CA LYS F 73 -37.66 36.47 18.92
C LYS F 73 -36.61 35.37 19.05
N LEU F 74 -35.57 35.38 18.20
CA LEU F 74 -34.66 34.23 18.17
C LEU F 74 -33.79 34.17 19.43
N ASP F 75 -33.32 35.30 19.93
CA ASP F 75 -32.60 35.29 21.19
C ASP F 75 -33.57 35.24 22.36
N VAL F 76 -34.78 35.74 22.15
CA VAL F 76 -35.84 35.63 23.15
C VAL F 76 -36.33 34.18 23.26
N LEU F 77 -36.57 33.54 22.11
CA LEU F 77 -36.96 32.13 22.13
C LEU F 77 -35.87 31.28 22.77
N SER F 78 -34.61 31.55 22.42
CA SER F 78 -33.48 30.84 23.01
C SER F 78 -33.44 31.01 24.54
N ASN F 79 -33.59 32.24 25.01
CA ASN F 79 -33.57 32.49 26.44
C ASN F 79 -34.75 31.84 27.14
N ASP F 80 -35.91 31.80 26.49
CA ASP F 80 -37.07 31.18 27.15
C ASP F 80 -36.90 29.67 27.27
N LEU F 81 -36.26 29.04 26.27
CA LEU F 81 -36.07 27.59 26.35
C LEU F 81 -35.15 27.22 27.51
N VAL F 82 -34.03 27.94 27.65
CA VAL F 82 -33.07 27.63 28.70
C VAL F 82 -33.70 27.89 30.06
N MET F 83 -34.44 29.01 30.18
CA MET F 83 -35.09 29.36 31.43
C MET F 83 -36.12 28.30 31.85
N ASN F 84 -37.05 27.96 30.96
CA ASN F 84 -38.10 27.02 31.36
C ASN F 84 -37.56 25.63 31.62
N MET F 85 -36.59 25.18 30.82
CA MET F 85 -36.08 23.82 31.01
C MET F 85 -35.33 23.73 32.33
N LEU F 86 -34.63 24.80 32.71
CA LEU F 86 -33.90 24.79 33.97
C LEU F 86 -34.83 24.95 35.17
N LYS F 87 -35.78 25.89 35.11
CA LYS F 87 -36.75 26.04 36.20
C LYS F 87 -37.47 24.73 36.48
N SER F 88 -38.02 24.11 35.43
CA SER F 88 -38.76 22.87 35.55
C SER F 88 -37.85 21.68 35.81
N SER F 89 -36.54 21.87 35.92
CA SER F 89 -35.68 20.73 36.19
C SER F 89 -35.66 20.34 37.67
N PHE F 90 -36.02 21.25 38.58
CA PHE F 90 -35.90 21.00 40.03
C PHE F 90 -34.44 20.81 40.46
N ALA F 91 -33.52 21.48 39.77
CA ALA F 91 -32.09 21.43 40.06
C ALA F 91 -31.47 22.80 40.24
N THR F 92 -32.24 23.88 40.14
CA THR F 92 -31.74 25.24 40.09
C THR F 92 -32.39 26.09 41.16
N CYS F 93 -31.70 27.17 41.50
CA CYS F 93 -32.20 28.20 42.41
C CYS F 93 -31.86 29.61 41.97
N VAL F 94 -30.77 29.82 41.24
CA VAL F 94 -30.41 31.10 40.66
C VAL F 94 -30.05 30.85 39.20
N LEU F 95 -30.61 31.67 38.31
CA LEU F 95 -30.29 31.62 36.88
C LEU F 95 -29.93 33.02 36.45
N VAL F 96 -28.72 33.19 35.92
CA VAL F 96 -28.24 34.46 35.41
C VAL F 96 -28.12 34.36 33.89
N SER F 97 -28.74 35.29 33.19
CA SER F 97 -28.80 35.26 31.74
C SER F 97 -28.40 36.61 31.20
N GLU F 98 -27.81 36.61 30.00
CA GLU F 98 -27.45 37.86 29.33
C GLU F 98 -28.67 38.65 28.89
N GLU F 99 -29.82 37.98 28.69
CA GLU F 99 -31.05 38.62 28.22
C GLU F 99 -31.87 39.28 29.32
N ASP F 100 -31.57 39.00 30.59
CA ASP F 100 -32.39 39.41 31.72
C ASP F 100 -31.61 40.39 32.58
N LYS F 101 -32.26 41.46 33.02
CA LYS F 101 -31.56 42.47 33.82
C LYS F 101 -31.11 41.92 35.17
N HIS F 102 -31.98 41.18 35.87
CA HIS F 102 -31.66 40.62 37.18
C HIS F 102 -31.59 39.10 37.12
N ALA F 103 -30.89 38.53 38.09
CA ALA F 103 -30.85 37.08 38.21
C ALA F 103 -32.23 36.55 38.55
N ILE F 104 -32.51 35.33 38.11
CA ILE F 104 -33.81 34.70 38.29
C ILE F 104 -33.73 33.72 39.46
N ILE F 105 -34.65 33.84 40.41
CA ILE F 105 -34.76 32.91 41.52
C ILE F 105 -35.93 31.98 41.27
N VAL F 106 -35.66 30.68 41.27
CA VAL F 106 -36.68 29.67 40.99
C VAL F 106 -37.74 29.67 42.08
N GLU F 107 -38.99 29.42 41.68
CA GLU F 107 -40.09 29.42 42.63
C GLU F 107 -39.87 28.32 43.66
N PRO F 108 -40.43 28.47 44.88
CA PRO F 108 -40.07 27.55 45.98
C PRO F 108 -40.23 26.07 45.68
N GLU F 109 -41.31 25.66 45.02
CA GLU F 109 -41.59 24.25 44.79
C GLU F 109 -40.63 23.60 43.80
N LYS F 110 -39.91 24.39 43.00
CA LYS F 110 -39.03 23.85 41.96
C LYS F 110 -37.55 24.13 42.24
N ARG F 111 -37.18 24.43 43.50
CA ARG F 111 -35.83 24.86 43.80
C ARG F 111 -34.84 23.72 43.98
N GLY F 112 -33.62 23.94 43.48
CA GLY F 112 -32.52 23.01 43.63
C GLY F 112 -31.25 23.74 44.03
N LYS F 113 -30.10 23.08 43.93
CA LYS F 113 -28.89 23.55 44.58
C LYS F 113 -27.85 24.18 43.65
N TYR F 114 -28.14 24.38 42.37
CA TYR F 114 -27.10 24.81 41.45
C TYR F 114 -27.37 26.22 40.93
N VAL F 115 -26.32 26.87 40.45
CA VAL F 115 -26.40 28.21 39.86
C VAL F 115 -25.89 28.12 38.43
N VAL F 116 -26.68 28.62 37.47
CA VAL F 116 -26.33 28.47 36.06
C VAL F 116 -26.32 29.85 35.40
N CYS F 117 -25.17 30.22 34.82
CA CYS F 117 -24.97 31.44 34.05
C CYS F 117 -24.81 31.07 32.58
N PHE F 118 -25.61 31.70 31.72
CA PHE F 118 -25.60 31.30 30.33
C PHE F 118 -25.81 32.50 29.41
N ASP F 119 -25.17 32.42 28.25
CA ASP F 119 -25.50 33.29 27.12
C ASP F 119 -26.29 32.45 26.13
N PRO F 120 -27.61 32.66 26.00
CA PRO F 120 -28.42 31.71 25.22
C PRO F 120 -28.11 31.73 23.73
N LEU F 121 -27.68 32.85 23.14
CA LEU F 121 -27.36 32.86 21.70
C LEU F 121 -26.23 33.87 21.44
N ASP F 122 -25.00 33.45 21.72
CA ASP F 122 -23.86 34.33 21.51
C ASP F 122 -23.64 34.58 20.02
N GLY F 123 -23.45 35.84 19.66
CA GLY F 123 -23.22 36.21 18.28
C GLY F 123 -24.44 36.44 17.44
N SER F 124 -25.64 36.47 18.04
CA SER F 124 -26.86 36.65 17.25
C SER F 124 -26.95 38.05 16.65
N SER F 125 -25.96 38.91 16.87
CA SER F 125 -25.97 40.22 16.24
C SER F 125 -25.74 40.12 14.73
N ASN F 126 -24.73 39.35 14.32
CA ASN F 126 -24.45 39.09 12.90
C ASN F 126 -25.13 37.82 12.39
N ILE F 127 -26.16 37.32 13.07
CA ILE F 127 -26.81 36.08 12.65
C ILE F 127 -27.55 36.24 11.33
N ASP F 128 -27.68 37.48 10.86
CA ASP F 128 -28.35 37.74 9.59
C ASP F 128 -27.49 37.34 8.40
N CYS F 129 -26.16 37.38 8.54
CA CYS F 129 -25.27 36.89 7.52
C CYS F 129 -24.92 35.41 7.72
N LEU F 130 -25.69 34.69 8.55
CA LEU F 130 -25.50 33.26 8.77
C LEU F 130 -24.09 32.92 9.26
N VAL F 131 -23.49 33.87 9.97
CA VAL F 131 -22.25 33.62 10.69
C VAL F 131 -22.53 32.63 11.83
N SER F 132 -21.46 32.00 12.33
CA SER F 132 -21.58 31.12 13.49
C SER F 132 -22.24 31.81 14.66
N VAL F 133 -23.11 31.08 15.36
CA VAL F 133 -23.68 31.50 16.64
C VAL F 133 -23.50 30.36 17.64
N GLY F 134 -23.68 30.64 18.93
CA GLY F 134 -23.43 29.64 19.95
C GLY F 134 -24.07 29.92 21.29
N THR F 135 -24.15 28.88 22.12
CA THR F 135 -24.64 28.98 23.50
C THR F 135 -23.48 28.71 24.45
N ILE F 136 -23.27 29.61 25.43
CA ILE F 136 -22.24 29.44 26.46
C ILE F 136 -22.90 29.31 27.83
N PHE F 137 -22.37 28.43 28.67
CA PHE F 137 -22.93 28.21 30.00
C PHE F 137 -21.84 27.90 31.02
N GLY F 138 -22.08 28.28 32.28
CA GLY F 138 -21.29 27.85 33.42
C GLY F 138 -22.16 27.47 34.61
N ILE F 139 -21.83 26.40 35.32
CA ILE F 139 -22.65 25.89 36.42
C ILE F 139 -21.87 26.05 37.72
N TYR F 140 -22.50 26.68 38.72
CA TYR F 140 -21.93 26.85 40.04
C TYR F 140 -22.79 26.13 41.06
N ARG F 141 -22.13 25.60 42.10
CA ARG F 141 -22.81 25.04 43.27
C ARG F 141 -23.05 26.17 44.26
N LYS F 142 -24.28 26.26 44.76
CA LYS F 142 -24.63 27.26 45.77
C LYS F 142 -23.70 27.15 46.97
N LYS F 143 -23.21 28.29 47.44
CA LYS F 143 -22.20 28.34 48.50
C LYS F 143 -22.79 28.64 49.89
N SER F 144 -23.62 29.68 50.00
CA SER F 144 -24.19 30.04 51.30
C SER F 144 -25.48 29.28 51.58
N THR F 145 -25.89 29.28 52.84
CA THR F 145 -27.14 28.66 53.28
C THR F 145 -28.28 29.67 53.46
N ASP F 146 -28.05 30.93 53.12
CA ASP F 146 -29.12 31.91 53.11
C ASP F 146 -30.19 31.53 52.10
N GLU F 147 -31.33 32.23 52.20
CA GLU F 147 -32.31 32.15 51.14
C GLU F 147 -31.60 32.49 49.82
N PRO F 148 -31.84 31.73 48.76
CA PRO F 148 -31.04 31.92 47.54
C PRO F 148 -31.29 33.27 46.88
N SER F 149 -30.22 33.85 46.35
CA SER F 149 -30.31 35.16 45.71
C SER F 149 -29.17 35.29 44.71
N GLU F 150 -29.12 36.47 44.06
CA GLU F 150 -28.09 36.74 43.05
C GLU F 150 -26.69 36.65 43.64
N LYS F 151 -26.56 36.84 44.95
CA LYS F 151 -25.27 36.72 45.60
C LYS F 151 -24.64 35.35 45.36
N ASP F 152 -25.46 34.33 45.09
CA ASP F 152 -24.95 32.98 44.88
C ASP F 152 -24.26 32.79 43.53
N ALA F 153 -24.47 33.69 42.56
CA ALA F 153 -23.82 33.57 41.26
C ALA F 153 -22.54 34.38 41.16
N LEU F 154 -22.18 35.12 42.20
CA LEU F 154 -20.99 35.98 42.18
C LEU F 154 -19.72 35.24 42.61
N GLN F 155 -19.56 33.93 42.24
CA GLN F 155 -18.36 33.19 42.57
C GLN F 155 -17.28 33.34 41.48
N PRO F 156 -16.01 33.23 41.86
CA PRO F 156 -14.93 33.26 40.86
C PRO F 156 -14.91 32.01 40.00
N GLY F 157 -14.38 32.17 38.77
CA GLY F 157 -14.39 31.08 37.80
C GLY F 157 -13.69 29.82 38.30
N ARG F 158 -12.75 29.96 39.23
CA ARG F 158 -12.14 28.81 39.88
C ARG F 158 -13.17 27.89 40.54
N ASN F 159 -14.37 28.41 40.86
CA ASN F 159 -15.42 27.67 41.53
C ASN F 159 -16.35 26.92 40.59
N LEU F 160 -16.06 26.90 39.30
CA LEU F 160 -16.97 26.28 38.36
C LEU F 160 -17.03 24.77 38.56
N VAL F 161 -18.24 24.23 38.63
CA VAL F 161 -18.42 22.78 38.61
C VAL F 161 -18.28 22.25 37.20
N ALA F 162 -18.79 22.98 36.21
CA ALA F 162 -18.71 22.59 34.82
C ALA F 162 -19.03 23.80 33.94
N ALA F 163 -18.49 23.79 32.72
CA ALA F 163 -18.70 24.88 31.77
C ALA F 163 -18.45 24.34 30.36
N GLY F 164 -18.87 25.13 29.37
CA GLY F 164 -18.71 24.73 27.99
C GLY F 164 -19.55 25.58 27.06
N TYR F 165 -19.74 25.09 25.85
CA TYR F 165 -20.46 25.84 24.84
C TYR F 165 -21.04 24.91 23.80
N ALA F 166 -22.16 25.32 23.22
CA ALA F 166 -22.69 24.73 22.00
C ALA F 166 -22.33 25.64 20.83
N LEU F 167 -21.80 25.06 19.75
CA LEU F 167 -21.52 25.83 18.51
C LEU F 167 -22.53 25.45 17.43
N TYR F 168 -23.33 26.43 16.99
CA TYR F 168 -24.26 26.25 15.87
C TYR F 168 -23.55 26.71 14.60
N GLY F 169 -22.65 25.84 14.12
CA GLY F 169 -21.83 26.15 12.96
C GLY F 169 -22.23 25.32 11.77
N SER F 170 -21.22 24.89 10.99
CA SER F 170 -21.53 23.99 9.89
C SER F 170 -22.15 22.70 10.39
N ALA F 171 -21.83 22.34 11.64
CA ALA F 171 -22.52 21.31 12.39
C ALA F 171 -22.70 21.86 13.80
N THR F 172 -23.46 21.14 14.64
CA THR F 172 -23.68 21.52 16.05
C THR F 172 -22.80 20.69 17.00
N MET F 173 -21.91 21.35 17.72
CA MET F 173 -21.00 20.66 18.62
C MET F 173 -21.16 21.19 20.03
N LEU F 174 -21.16 20.27 20.99
CA LEU F 174 -21.16 20.53 22.42
C LEU F 174 -19.81 20.18 22.98
N VAL F 175 -19.14 21.17 23.56
CA VAL F 175 -17.86 20.99 24.23
C VAL F 175 -18.14 21.11 25.71
N LEU F 176 -17.81 20.05 26.45
CA LEU F 176 -18.12 19.94 27.87
C LEU F 176 -16.78 19.91 28.60
N ALA F 177 -16.61 20.83 29.54
CA ALA F 177 -15.41 20.92 30.33
C ALA F 177 -15.72 20.58 31.78
N MET F 178 -14.88 19.76 32.40
CA MET F 178 -15.04 19.46 33.81
C MET F 178 -13.68 19.21 34.42
N ASP F 179 -13.68 18.68 35.65
CA ASP F 179 -12.46 18.45 36.38
C ASP F 179 -11.56 17.45 35.66
N CYS F 180 -12.14 16.43 35.07
CA CYS F 180 -11.37 15.42 34.38
C CYS F 180 -11.03 15.83 32.95
N GLY F 181 -11.47 16.99 32.47
CA GLY F 181 -10.99 17.41 31.18
C GLY F 181 -12.09 17.91 30.27
N VAL F 182 -11.78 17.95 28.97
CA VAL F 182 -12.63 18.54 27.94
C VAL F 182 -13.02 17.44 26.95
N ASN F 183 -14.32 17.37 26.62
CA ASN F 183 -14.83 16.43 25.62
C ASN F 183 -15.80 17.14 24.68
N CYS F 184 -15.79 16.74 23.40
CA CYS F 184 -16.61 17.35 22.35
C CYS F 184 -17.65 16.37 21.83
N PHE F 185 -18.92 16.80 21.79
CA PHE F 185 -20.01 15.95 21.32
C PHE F 185 -20.68 16.60 20.11
N MET F 186 -20.94 15.81 19.08
CA MET F 186 -21.56 16.27 17.83
C MET F 186 -23.04 15.91 17.77
N LEU F 187 -23.90 16.88 17.48
CA LEU F 187 -25.34 16.62 17.41
C LEU F 187 -25.68 15.89 16.10
N ASP F 188 -26.23 14.71 16.21
CA ASP F 188 -26.71 13.98 15.04
C ASP F 188 -28.19 14.32 14.94
N PRO F 189 -28.58 15.20 14.00
CA PRO F 189 -29.95 15.71 13.97
C PRO F 189 -30.97 14.69 13.51
N ALA F 190 -30.55 13.56 12.93
CA ALA F 190 -31.54 12.57 12.53
C ALA F 190 -32.25 11.95 13.73
N ILE F 191 -31.58 11.84 14.87
CA ILE F 191 -32.17 11.23 16.05
C ILE F 191 -32.07 12.11 17.29
N GLY F 192 -31.48 13.29 17.18
CA GLY F 192 -31.43 14.21 18.31
C GLY F 192 -30.63 13.71 19.49
N GLU F 193 -29.38 13.32 19.24
CA GLU F 193 -28.49 12.83 20.28
C GLU F 193 -27.11 13.44 20.05
N PHE F 194 -26.48 13.91 21.12
CA PHE F 194 -25.12 14.40 21.00
C PHE F 194 -24.14 13.23 21.02
N ILE F 195 -23.33 13.11 19.96
CA ILE F 195 -22.41 11.99 19.81
C ILE F 195 -21.01 12.49 20.11
N LEU F 196 -20.33 11.82 21.04
CA LEU F 196 -18.98 12.15 21.45
C LEU F 196 -18.03 11.86 20.29
N VAL F 197 -17.26 12.87 19.89
CA VAL F 197 -16.29 12.70 18.81
C VAL F 197 -14.85 13.02 19.24
N ASP F 198 -14.62 13.71 20.36
CA ASP F 198 -13.28 14.12 20.78
C ASP F 198 -13.14 13.93 22.29
N LYS F 199 -12.32 12.96 22.69
CA LYS F 199 -12.10 12.62 24.10
C LYS F 199 -10.85 13.31 24.62
N ASP F 200 -10.98 14.01 25.76
CA ASP F 200 -9.85 14.51 26.52
C ASP F 200 -8.95 15.39 25.65
N VAL F 201 -9.55 16.46 25.12
CA VAL F 201 -8.89 17.27 24.11
C VAL F 201 -7.81 18.12 24.75
N LYS F 202 -6.72 18.34 24.02
CA LYS F 202 -5.63 19.21 24.46
C LYS F 202 -5.21 20.14 23.34
N ILE F 203 -5.00 21.42 23.66
CA ILE F 203 -4.59 22.40 22.67
C ILE F 203 -3.08 22.29 22.44
N LYS F 204 -2.64 22.69 21.25
CA LYS F 204 -1.23 22.76 20.92
C LYS F 204 -0.50 23.72 21.85
N LYS F 205 0.78 23.39 22.12
CA LYS F 205 1.68 24.26 22.88
C LYS F 205 1.93 25.59 22.17
N LYS F 206 1.98 25.58 20.85
CA LYS F 206 2.28 26.79 20.10
C LYS F 206 1.63 26.69 18.73
N GLY F 207 0.96 27.77 18.32
CA GLY F 207 0.23 27.81 17.08
C GLY F 207 0.89 28.69 16.04
N LYS F 208 0.16 28.90 14.95
CA LYS F 208 0.64 29.69 13.81
C LYS F 208 -0.41 30.68 13.33
N ILE F 209 -1.44 30.96 14.16
CA ILE F 209 -2.53 31.88 13.86
C ILE F 209 -2.76 32.79 15.07
N TYR F 210 -2.91 34.08 14.81
CA TYR F 210 -3.38 35.03 15.80
C TYR F 210 -4.75 35.55 15.37
N SER F 211 -5.60 35.87 16.35
CA SER F 211 -7.01 36.15 16.10
C SER F 211 -7.47 37.35 16.92
N LEU F 212 -7.75 38.46 16.25
CA LEU F 212 -8.32 39.63 16.90
C LEU F 212 -8.73 40.63 15.81
N ASN F 213 -9.45 41.64 16.25
CA ASN F 213 -9.97 42.70 15.38
C ASN F 213 -8.90 43.78 15.23
N GLU F 214 -8.18 43.76 14.11
CA GLU F 214 -7.16 44.78 13.88
C GLU F 214 -7.75 46.13 13.47
N GLY F 215 -9.05 46.20 13.23
CA GLY F 215 -9.69 47.46 12.93
C GLY F 215 -9.57 48.48 14.05
N TYR F 216 -9.38 48.01 15.28
CA TYR F 216 -9.13 48.89 16.42
C TYR F 216 -7.65 49.24 16.56
N ALA F 217 -6.89 49.16 15.46
CA ALA F 217 -5.44 49.40 15.54
C ALA F 217 -5.13 50.79 16.06
N LYS F 218 -5.94 51.77 15.68
CA LYS F 218 -5.69 53.14 16.12
C LYS F 218 -5.83 53.27 17.64
N ASP F 219 -6.58 52.36 18.28
CA ASP F 219 -6.76 52.35 19.72
C ASP F 219 -5.92 51.30 20.43
N PHE F 220 -5.08 50.56 19.71
CA PHE F 220 -4.32 49.50 20.36
C PHE F 220 -3.32 50.10 21.34
N ASP F 221 -3.25 49.55 22.55
CA ASP F 221 -2.13 49.85 23.41
C ASP F 221 -0.84 49.34 22.74
N PRO F 222 0.27 50.03 22.94
CA PRO F 222 1.51 49.68 22.21
C PRO F 222 2.03 48.26 22.46
N ALA F 223 1.71 47.62 23.59
CA ALA F 223 2.15 46.24 23.81
C ALA F 223 1.47 45.30 22.82
N VAL F 224 0.16 45.47 22.62
CA VAL F 224 -0.57 44.72 21.61
C VAL F 224 -0.06 45.07 20.21
N THR F 225 0.23 46.35 19.98
CA THR F 225 0.87 46.74 18.72
C THR F 225 2.15 45.95 18.49
N GLU F 226 2.97 45.79 19.53
CA GLU F 226 4.23 45.08 19.38
C GLU F 226 4.03 43.59 19.16
N TYR F 227 3.13 42.95 19.91
CA TYR F 227 2.97 41.51 19.79
C TYR F 227 2.53 41.08 18.39
N ILE F 228 1.63 41.84 17.77
CA ILE F 228 1.14 41.47 16.44
C ILE F 228 2.20 41.68 15.37
N GLN F 229 2.96 42.74 15.47
CA GLN F 229 4.04 42.95 14.50
C GLN F 229 5.06 41.81 14.56
N ARG F 230 5.33 41.29 15.77
CA ARG F 230 6.27 40.17 15.95
C ARG F 230 5.72 38.90 15.31
N LYS F 231 4.39 38.79 15.20
CA LYS F 231 3.79 37.70 14.45
C LYS F 231 3.90 37.96 12.95
N LYS F 232 3.89 39.23 12.53
CA LYS F 232 3.97 39.58 11.12
C LYS F 232 5.40 39.70 10.61
N PHE F 233 6.30 40.31 11.38
CA PHE F 233 7.72 40.44 11.02
C PHE F 233 8.49 39.89 12.20
N PRO F 234 8.61 38.57 12.31
CA PRO F 234 9.24 37.94 13.49
C PRO F 234 10.67 38.39 13.71
N PRO F 235 11.06 38.62 14.97
CA PRO F 235 12.44 39.06 15.24
C PRO F 235 13.48 38.00 14.93
N ASP F 236 13.09 36.72 14.92
CA ASP F 236 13.99 35.64 14.53
C ASP F 236 13.84 35.31 13.04
N ASN F 237 13.20 36.21 12.29
CA ASN F 237 12.98 36.10 10.85
C ASN F 237 12.31 34.78 10.48
N SER F 238 11.53 34.22 11.41
CA SER F 238 10.74 33.03 11.18
C SER F 238 9.53 33.36 10.30
N ALA F 239 8.83 32.32 9.88
CA ALA F 239 7.69 32.54 9.01
C ALA F 239 6.60 33.29 9.79
N PRO F 240 5.96 34.28 9.17
CA PRO F 240 4.89 35.01 9.87
C PRO F 240 3.67 34.15 10.15
N TYR F 241 2.94 34.53 11.18
CA TYR F 241 1.65 33.95 11.49
C TYR F 241 0.61 34.39 10.45
N GLY F 242 -0.42 33.55 10.23
CA GLY F 242 -1.62 33.96 9.52
C GLY F 242 -2.65 34.58 10.47
N ALA F 243 -3.64 35.28 9.92
CA ALA F 243 -4.66 35.95 10.73
C ALA F 243 -6.04 35.40 10.45
N ARG F 244 -6.88 35.26 11.49
CA ARG F 244 -8.31 34.92 11.37
C ARG F 244 -9.14 35.67 12.41
N TYR F 245 -10.31 36.18 11.99
CA TYR F 245 -11.24 36.79 12.96
C TYR F 245 -12.68 36.73 12.42
N VAL F 246 -13.50 35.83 12.99
CA VAL F 246 -14.90 35.69 12.57
C VAL F 246 -15.79 36.78 13.17
N GLY F 247 -15.53 37.19 14.41
CA GLY F 247 -16.36 38.11 15.16
C GLY F 247 -17.44 37.48 16.03
N SER F 248 -17.51 36.16 16.08
CA SER F 248 -18.42 35.47 16.98
C SER F 248 -17.57 34.59 17.88
N MET F 249 -17.68 34.79 19.19
CA MET F 249 -16.68 34.26 20.12
C MET F 249 -16.60 32.73 20.09
N VAL F 250 -17.74 32.05 20.06
CA VAL F 250 -17.73 30.58 20.11
C VAL F 250 -16.96 30.00 18.94
N ALA F 251 -17.07 30.62 17.77
CA ALA F 251 -16.35 30.09 16.60
C ALA F 251 -14.84 30.34 16.72
N ASP F 252 -14.45 31.56 17.08
CA ASP F 252 -13.03 31.90 17.16
C ASP F 252 -12.34 31.13 18.28
N VAL F 253 -13.01 30.95 19.41
CA VAL F 253 -12.40 30.20 20.53
C VAL F 253 -12.29 28.72 20.18
N HIS F 254 -13.31 28.16 19.51
CA HIS F 254 -13.25 26.75 19.15
C HIS F 254 -12.16 26.51 18.10
N ARG F 255 -11.97 27.45 17.16
CA ARG F 255 -10.86 27.32 16.23
C ARG F 255 -9.54 27.27 16.97
N THR F 256 -9.40 28.12 17.99
CA THR F 256 -8.20 28.16 18.81
C THR F 256 -7.94 26.81 19.49
N LEU F 257 -8.98 26.19 20.04
CA LEU F 257 -8.85 24.87 20.64
C LEU F 257 -8.45 23.81 19.61
N VAL F 258 -9.04 23.87 18.42
CA VAL F 258 -8.88 22.81 17.44
C VAL F 258 -7.52 22.86 16.73
N TYR F 259 -6.97 24.05 16.49
CA TYR F 259 -5.74 24.19 15.72
C TYR F 259 -4.56 24.77 16.52
N GLY F 260 -4.80 25.45 17.62
CA GLY F 260 -3.77 26.17 18.31
C GLY F 260 -3.66 27.61 17.84
N GLY F 261 -2.88 28.40 18.58
CA GLY F 261 -2.75 29.81 18.28
C GLY F 261 -3.27 30.67 19.41
N ILE F 262 -3.58 31.93 19.14
CA ILE F 262 -3.90 32.88 20.18
C ILE F 262 -5.13 33.71 19.78
N PHE F 263 -5.99 33.99 20.75
CA PHE F 263 -7.19 34.79 20.56
C PHE F 263 -7.18 35.98 21.50
N LEU F 264 -7.44 37.16 20.96
CA LEU F 264 -7.35 38.41 21.73
C LEU F 264 -8.60 39.26 21.58
N TYR F 265 -9.14 39.68 22.71
CA TYR F 265 -10.05 40.82 22.80
C TYR F 265 -9.54 41.63 23.97
N PRO F 266 -8.52 42.46 23.74
CA PRO F 266 -7.77 43.04 24.86
C PRO F 266 -8.34 44.36 25.34
N ALA F 267 -7.70 44.91 26.36
CA ALA F 267 -8.09 46.20 26.90
C ALA F 267 -7.42 47.33 26.11
N ASN F 268 -8.10 48.46 26.07
CA ASN F 268 -7.56 49.70 25.51
C ASN F 268 -8.06 50.86 26.37
N LYS F 269 -7.75 52.09 25.93
CA LYS F 269 -8.19 53.26 26.70
C LYS F 269 -9.70 53.44 26.64
N LYS F 270 -10.35 53.06 25.54
CA LYS F 270 -11.79 53.22 25.44
C LYS F 270 -12.56 52.21 26.28
N SER F 271 -12.04 50.99 26.41
CA SER F 271 -12.68 49.95 27.19
C SER F 271 -11.67 49.35 28.15
N PRO F 272 -11.43 50.03 29.28
CA PRO F 272 -10.41 49.56 30.22
C PRO F 272 -10.75 48.21 30.80
N ASN F 273 -11.99 47.76 30.65
CA ASN F 273 -12.41 46.46 31.15
C ASN F 273 -12.72 45.48 30.03
N GLY F 274 -12.34 45.80 28.80
CA GLY F 274 -12.71 44.90 27.73
C GLY F 274 -14.21 45.01 27.44
N LYS F 275 -14.67 44.15 26.54
CA LYS F 275 -16.09 44.11 26.21
C LYS F 275 -16.75 42.78 26.53
N LEU F 276 -16.01 41.68 26.47
CA LEU F 276 -16.62 40.36 26.71
C LEU F 276 -16.98 40.22 28.20
N ARG F 277 -18.05 39.48 28.47
CA ARG F 277 -18.61 39.39 29.82
C ARG F 277 -17.95 38.28 30.64
N LEU F 278 -17.71 38.57 31.92
CA LEU F 278 -16.90 37.67 32.73
C LEU F 278 -17.66 36.40 33.09
N LEU F 279 -18.91 36.53 33.54
CA LEU F 279 -19.61 35.39 34.13
C LEU F 279 -19.96 34.34 33.09
N TYR F 280 -20.59 34.73 31.99
CA TYR F 280 -21.12 33.76 31.05
C TYR F 280 -20.43 33.76 29.69
N GLU F 281 -19.33 34.50 29.53
CA GLU F 281 -18.50 34.40 28.33
C GLU F 281 -17.05 34.08 28.65
N CYS F 282 -16.38 34.92 29.45
CA CYS F 282 -14.97 34.72 29.72
C CYS F 282 -14.71 33.52 30.63
N ASN F 283 -15.46 33.39 31.73
CA ASN F 283 -15.19 32.30 32.67
C ASN F 283 -15.41 30.92 32.08
N PRO F 284 -16.52 30.62 31.40
CA PRO F 284 -16.64 29.28 30.80
C PRO F 284 -15.55 28.98 29.79
N MET F 285 -15.13 29.98 29.01
CA MET F 285 -14.12 29.73 27.99
C MET F 285 -12.73 29.58 28.60
N ALA F 286 -12.41 30.43 29.58
CA ALA F 286 -11.15 30.28 30.30
C ALA F 286 -11.08 28.90 30.92
N TYR F 287 -12.19 28.44 31.48
CA TYR F 287 -12.26 27.12 32.09
C TYR F 287 -11.98 26.03 31.07
N VAL F 288 -12.61 26.13 29.88
CA VAL F 288 -12.38 25.17 28.80
C VAL F 288 -10.91 25.19 28.37
N MET F 289 -10.33 26.38 28.21
CA MET F 289 -8.95 26.48 27.75
C MET F 289 -7.97 25.81 28.73
N GLU F 290 -8.05 26.17 30.01
CA GLU F 290 -7.07 25.64 30.97
C GLU F 290 -7.20 24.13 31.10
N LYS F 291 -8.44 23.62 31.15
CA LYS F 291 -8.65 22.19 31.23
C LYS F 291 -8.11 21.45 30.02
N ALA F 292 -7.83 22.16 28.93
CA ALA F 292 -7.26 21.58 27.72
C ALA F 292 -5.76 21.85 27.57
N GLY F 293 -5.13 22.47 28.57
CA GLY F 293 -3.72 22.76 28.48
C GLY F 293 -3.38 24.12 27.94
N GLY F 294 -4.37 25.01 27.82
CA GLY F 294 -4.15 26.35 27.33
C GLY F 294 -4.15 27.36 28.46
N MET F 295 -4.15 28.62 28.07
CA MET F 295 -4.13 29.70 29.04
C MET F 295 -5.22 30.70 28.70
N ALA F 296 -5.57 31.50 29.69
CA ALA F 296 -6.54 32.57 29.54
C ALA F 296 -6.14 33.65 30.53
N THR F 297 -5.80 34.84 30.01
CA THR F 297 -5.26 35.89 30.85
C THR F 297 -6.06 37.16 30.63
N THR F 298 -5.99 38.05 31.62
CA THR F 298 -6.54 39.39 31.52
C THR F 298 -5.47 40.41 31.20
N GLY F 299 -4.25 39.98 31.00
CA GLY F 299 -3.13 40.90 30.92
C GLY F 299 -2.49 41.02 32.29
N LYS F 300 -3.30 41.27 33.31
CA LYS F 300 -2.84 41.36 34.69
C LYS F 300 -2.92 40.01 35.43
N GLU F 301 -3.97 39.22 35.19
CA GLU F 301 -4.15 37.99 35.95
C GLU F 301 -4.90 36.96 35.12
N ALA F 302 -4.93 35.72 35.64
CA ALA F 302 -5.72 34.66 35.04
C ALA F 302 -7.21 34.97 35.15
N VAL F 303 -7.95 34.65 34.07
CA VAL F 303 -9.37 34.94 33.99
C VAL F 303 -10.16 34.24 35.10
N LEU F 304 -9.83 32.99 35.39
CA LEU F 304 -10.59 32.26 36.41
C LEU F 304 -10.40 32.82 37.81
N ASP F 305 -9.41 33.68 38.03
CA ASP F 305 -9.13 34.23 39.36
C ASP F 305 -9.85 35.54 39.65
N VAL F 306 -10.64 36.07 38.72
CA VAL F 306 -11.31 37.34 38.95
C VAL F 306 -12.52 37.11 39.85
N ILE F 307 -12.64 37.95 40.88
CA ILE F 307 -13.78 37.91 41.79
C ILE F 307 -14.84 38.86 41.25
N PRO F 308 -16.01 38.38 40.85
CA PRO F 308 -17.01 39.28 40.29
C PRO F 308 -17.70 40.09 41.37
N THR F 309 -18.11 41.30 41.01
CA THR F 309 -18.99 42.10 41.84
C THR F 309 -20.30 42.46 41.15
N ASP F 310 -20.40 42.27 39.84
CA ASP F 310 -21.63 42.48 39.09
C ASP F 310 -21.75 41.38 38.05
N ILE F 311 -22.97 40.85 37.90
CA ILE F 311 -23.15 39.68 37.05
C ILE F 311 -22.95 39.97 35.57
N HIS F 312 -23.12 41.22 35.13
CA HIS F 312 -22.99 41.58 33.72
C HIS F 312 -21.70 42.34 33.43
N GLN F 313 -20.69 42.20 34.29
CA GLN F 313 -19.42 42.91 34.20
C GLN F 313 -18.51 42.32 33.11
N ARG F 314 -17.62 43.17 32.60
CA ARG F 314 -16.75 42.83 31.49
C ARG F 314 -15.35 42.46 31.95
N ALA F 315 -14.62 41.75 31.08
CA ALA F 315 -13.24 41.33 31.29
C ALA F 315 -12.54 41.22 29.93
N PRO F 316 -11.29 41.64 29.83
CA PRO F 316 -10.52 41.40 28.61
C PRO F 316 -9.96 39.99 28.58
N VAL F 317 -9.60 39.53 27.37
CA VAL F 317 -9.23 38.13 27.18
C VAL F 317 -8.13 37.99 26.14
N ILE F 318 -7.10 37.23 26.51
CA ILE F 318 -6.08 36.69 25.60
C ILE F 318 -5.92 35.22 26.00
N LEU F 319 -6.25 34.30 25.10
CA LEU F 319 -6.28 32.89 25.44
C LEU F 319 -5.75 32.07 24.27
N GLY F 320 -5.46 30.81 24.55
CA GLY F 320 -4.97 29.89 23.55
C GLY F 320 -3.82 29.02 24.04
N SER F 321 -2.94 28.67 23.11
CA SER F 321 -1.77 27.87 23.43
C SER F 321 -0.87 28.59 24.44
N PRO F 322 -0.22 27.86 25.35
CA PRO F 322 0.59 28.56 26.39
C PRO F 322 1.74 29.38 25.82
N ASP F 323 2.53 28.82 24.88
CA ASP F 323 3.67 29.57 24.36
C ASP F 323 3.25 30.89 23.74
N ASP F 324 2.08 30.91 23.10
CA ASP F 324 1.58 32.13 22.48
C ASP F 324 1.11 33.11 23.55
N VAL F 325 0.48 32.61 24.61
CA VAL F 325 0.08 33.49 25.69
C VAL F 325 1.32 33.98 26.43
N LEU F 326 2.32 33.11 26.59
CA LEU F 326 3.57 33.51 27.26
C LEU F 326 4.34 34.55 26.46
N GLU F 327 4.42 34.35 25.15
CA GLU F 327 5.07 35.35 24.32
C GLU F 327 4.32 36.68 24.38
N PHE F 328 3.00 36.62 24.57
CA PHE F 328 2.27 37.87 24.76
C PHE F 328 2.56 38.48 26.14
N LEU F 329 2.48 37.67 27.19
CA LEU F 329 2.63 38.21 28.55
C LEU F 329 4.04 38.78 28.77
N LYS F 330 5.07 38.13 28.22
CA LYS F 330 6.42 38.67 28.36
C LYS F 330 6.48 40.08 27.76
N VAL F 331 5.88 40.26 26.58
CA VAL F 331 5.77 41.56 25.95
C VAL F 331 4.88 42.49 26.76
N TYR F 332 3.84 41.94 27.39
CA TYR F 332 2.96 42.77 28.20
C TYR F 332 3.75 43.39 29.36
N GLU F 333 4.66 42.61 29.95
CA GLU F 333 5.44 43.08 31.09
C GLU F 333 6.58 44.00 30.69
N LYS F 334 7.07 43.92 29.45
CA LYS F 334 8.07 44.87 28.97
C LYS F 334 7.56 46.31 29.08
N HIS F 335 6.27 46.53 28.84
CA HIS F 335 5.70 47.85 28.97
C HIS F 335 5.15 48.09 30.38
N SER F 336 5.74 47.44 31.37
CA SER F 336 5.31 47.53 32.77
C SER F 336 3.83 47.16 32.91
N ASP G 10 -29.17 6.55 -12.88
CA ASP G 10 -29.55 7.93 -12.65
C ASP G 10 -30.68 8.04 -11.62
N VAL G 11 -30.54 9.01 -10.71
CA VAL G 11 -31.58 9.28 -9.72
C VAL G 11 -32.76 9.93 -10.40
N ASN G 12 -33.98 9.61 -9.94
CA ASN G 12 -35.16 10.29 -10.44
C ASN G 12 -35.96 10.76 -9.24
N THR G 13 -36.38 12.02 -9.26
CA THR G 13 -37.25 12.59 -8.24
C THR G 13 -38.59 12.96 -8.85
N LEU G 14 -39.56 13.29 -7.98
CA LEU G 14 -40.88 13.64 -8.48
C LEU G 14 -40.81 14.90 -9.34
N THR G 15 -40.02 15.89 -8.92
CA THR G 15 -39.86 17.11 -9.69
C THR G 15 -39.18 16.84 -11.04
N ARG G 16 -38.15 15.99 -11.03
CA ARG G 16 -37.53 15.60 -12.29
C ARG G 16 -38.50 14.83 -13.17
N PHE G 17 -39.35 13.99 -12.56
CA PHE G 17 -40.33 13.23 -13.31
C PHE G 17 -41.37 14.14 -13.96
N VAL G 18 -41.87 15.12 -13.22
CA VAL G 18 -42.91 15.99 -13.74
C VAL G 18 -42.33 16.88 -14.83
N MET G 19 -41.08 17.35 -14.65
CA MET G 19 -40.45 18.17 -15.68
C MET G 19 -40.18 17.37 -16.95
N GLU G 20 -39.77 16.11 -16.81
CA GLU G 20 -39.50 15.29 -17.98
C GLU G 20 -40.77 14.99 -18.76
N GLU G 21 -41.85 14.66 -18.05
CA GLU G 21 -43.13 14.43 -18.72
C GLU G 21 -43.70 15.72 -19.33
N GLY G 22 -43.50 16.86 -18.66
CA GLY G 22 -43.99 18.12 -19.19
C GLY G 22 -43.29 18.54 -20.47
N ARG G 23 -41.97 18.32 -20.54
CA ARG G 23 -41.26 18.71 -21.77
C ARG G 23 -41.66 17.84 -22.95
N LYS G 24 -41.87 16.54 -22.71
CA LYS G 24 -42.39 15.66 -23.77
C LYS G 24 -43.67 16.23 -24.37
N ALA G 25 -44.62 16.62 -23.53
CA ALA G 25 -45.92 17.09 -24.00
C ALA G 25 -45.90 18.52 -24.56
N ARG G 26 -44.83 19.28 -24.36
CA ARG G 26 -44.74 20.67 -24.85
C ARG G 26 -45.90 21.51 -24.35
N GLY G 27 -46.32 21.28 -23.10
CA GLY G 27 -47.33 22.10 -22.47
C GLY G 27 -46.75 23.40 -21.98
N THR G 28 -47.62 24.24 -21.42
CA THR G 28 -47.14 25.55 -20.97
C THR G 28 -46.40 25.49 -19.64
N GLY G 29 -46.69 24.49 -18.81
CA GLY G 29 -46.19 24.47 -17.45
C GLY G 29 -47.19 24.75 -16.34
N GLU G 30 -48.48 24.92 -16.65
CA GLU G 30 -49.46 25.25 -15.61
C GLU G 30 -49.70 24.09 -14.66
N LEU G 31 -49.75 22.88 -15.19
CA LEU G 31 -49.97 21.69 -14.39
C LEU G 31 -48.74 21.33 -13.55
N THR G 32 -47.56 21.64 -14.08
CA THR G 32 -46.32 21.46 -13.32
C THR G 32 -46.29 22.35 -12.09
N GLN G 33 -46.59 23.64 -12.26
CA GLN G 33 -46.70 24.52 -11.11
C GLN G 33 -47.79 24.09 -10.15
N LEU G 34 -48.88 23.50 -10.66
CA LEU G 34 -49.92 22.96 -9.78
C LEU G 34 -49.36 21.80 -8.94
N LEU G 35 -48.77 20.81 -9.61
CA LEU G 35 -48.28 19.62 -8.94
C LEU G 35 -47.09 19.93 -8.01
N ASN G 36 -46.22 20.87 -8.41
CA ASN G 36 -45.13 21.28 -7.51
C ASN G 36 -45.70 21.89 -6.24
N SER G 37 -46.76 22.67 -6.37
CA SER G 37 -47.42 23.25 -5.21
C SER G 37 -48.04 22.19 -4.31
N LEU G 38 -48.58 21.11 -4.89
CA LEU G 38 -49.28 20.12 -4.06
C LEU G 38 -48.28 19.27 -3.29
N CYS G 39 -47.21 18.84 -3.95
CA CYS G 39 -46.13 18.13 -3.30
C CYS G 39 -45.56 18.93 -2.13
N THR G 40 -45.42 20.24 -2.30
CA THR G 40 -44.86 21.05 -1.22
C THR G 40 -45.80 21.08 -0.04
N ALA G 41 -47.10 21.24 -0.29
CA ALA G 41 -48.08 21.15 0.81
C ALA G 41 -48.06 19.76 1.44
N VAL G 42 -47.90 18.70 0.63
CA VAL G 42 -47.86 17.35 1.18
C VAL G 42 -46.68 17.19 2.14
N LYS G 43 -45.54 17.77 1.81
CA LYS G 43 -44.41 17.71 2.73
C LYS G 43 -44.72 18.49 4.00
N ALA G 44 -45.54 19.54 3.89
CA ALA G 44 -45.93 20.32 5.07
C ALA G 44 -46.92 19.57 5.95
N ILE G 45 -47.90 18.90 5.35
CA ILE G 45 -48.84 18.10 6.14
C ILE G 45 -48.10 16.98 6.88
N SER G 46 -47.25 16.25 6.15
CA SER G 46 -46.53 15.11 6.72
C SER G 46 -45.73 15.51 7.95
N SER G 47 -45.07 16.66 7.90
CA SER G 47 -44.31 17.14 9.05
C SER G 47 -45.21 17.47 10.22
N ALA G 48 -46.43 17.94 9.95
CA ALA G 48 -47.30 18.27 11.07
C ALA G 48 -47.90 17.00 11.67
N VAL G 49 -48.26 16.03 10.81
CA VAL G 49 -48.82 14.77 11.28
C VAL G 49 -47.79 13.95 12.07
N ARG G 50 -46.50 14.02 11.72
CA ARG G 50 -45.46 13.35 12.51
C ARG G 50 -45.12 14.11 13.78
N LYS G 51 -45.84 15.19 14.08
CA LYS G 51 -45.74 15.88 15.38
C LYS G 51 -44.41 16.60 15.56
N ALA G 52 -43.78 17.04 14.48
CA ALA G 52 -42.65 17.95 14.62
C ALA G 52 -43.11 19.27 15.25
N GLY G 53 -42.38 19.72 16.26
CA GLY G 53 -42.67 20.94 17.00
C GLY G 53 -43.74 20.81 18.06
N ILE G 54 -44.18 19.59 18.39
CA ILE G 54 -45.21 19.39 19.41
C ILE G 54 -44.73 19.87 20.77
N ALA G 55 -43.42 19.83 21.01
CA ALA G 55 -42.86 20.18 22.32
C ALA G 55 -43.27 21.59 22.73
N HIS G 56 -43.54 22.47 21.75
CA HIS G 56 -44.01 23.81 22.05
C HIS G 56 -45.46 23.83 22.49
N LEU G 57 -46.31 22.96 21.96
CA LEU G 57 -47.70 23.00 22.43
C LEU G 57 -47.80 22.60 23.88
N TYR G 58 -46.89 21.74 24.34
CA TYR G 58 -46.90 21.27 25.71
C TYR G 58 -45.92 22.04 26.59
N GLY G 59 -45.50 23.24 26.16
CA GLY G 59 -44.82 24.19 27.02
C GLY G 59 -43.32 24.02 27.21
N ILE G 60 -42.58 23.54 26.20
CA ILE G 60 -41.14 23.40 26.41
C ILE G 60 -40.45 24.75 26.53
N ALA G 61 -41.01 25.81 25.95
CA ALA G 61 -40.42 27.14 26.01
C ALA G 61 -41.24 28.10 26.86
N GLY G 62 -42.12 27.57 27.72
CA GLY G 62 -43.00 28.37 28.55
C GLY G 62 -44.45 28.26 28.11
N LYS G 73 -56.57 22.40 15.22
CA LYS G 73 -56.92 21.05 14.77
C LYS G 73 -56.22 20.76 13.45
N LEU G 74 -55.81 19.50 13.33
CA LEU G 74 -54.83 19.11 12.32
C LEU G 74 -55.42 19.10 10.92
N ASP G 75 -56.68 18.71 10.78
CA ASP G 75 -57.32 18.71 9.47
C ASP G 75 -57.75 20.11 9.05
N VAL G 76 -57.95 21.01 10.02
CA VAL G 76 -58.12 22.42 9.68
C VAL G 76 -56.81 22.99 9.13
N LEU G 77 -55.69 22.71 9.78
CA LEU G 77 -54.40 23.13 9.23
C LEU G 77 -54.13 22.42 7.91
N SER G 78 -54.41 21.12 7.86
CA SER G 78 -54.16 20.33 6.65
C SER G 78 -54.92 20.91 5.47
N ASN G 79 -56.20 21.27 5.70
CA ASN G 79 -57.01 21.84 4.64
C ASN G 79 -56.48 23.19 4.18
N ASP G 80 -55.98 24.00 5.11
CA ASP G 80 -55.45 25.32 4.75
C ASP G 80 -54.18 25.21 3.91
N LEU G 81 -53.32 24.22 4.19
CA LEU G 81 -52.10 24.04 3.41
C LEU G 81 -52.40 23.68 1.97
N VAL G 82 -53.37 22.79 1.75
CA VAL G 82 -53.72 22.44 0.38
C VAL G 82 -54.36 23.62 -0.34
N MET G 83 -55.27 24.33 0.35
CA MET G 83 -55.95 25.49 -0.23
C MET G 83 -54.95 26.56 -0.64
N ASN G 84 -54.10 26.99 0.30
CA ASN G 84 -53.25 28.14 0.04
C ASN G 84 -52.20 27.83 -1.02
N MET G 85 -51.61 26.64 -1.00
CA MET G 85 -50.59 26.35 -2.00
C MET G 85 -51.20 26.18 -3.37
N LEU G 86 -52.45 25.68 -3.45
CA LEU G 86 -53.08 25.54 -4.75
C LEU G 86 -53.56 26.89 -5.29
N LYS G 87 -54.14 27.74 -4.44
CA LYS G 87 -54.50 29.10 -4.85
C LYS G 87 -53.32 29.88 -5.39
N SER G 88 -52.21 29.89 -4.65
CA SER G 88 -51.06 30.70 -5.06
C SER G 88 -50.31 30.12 -6.27
N SER G 89 -50.76 28.98 -6.82
CA SER G 89 -50.11 28.37 -7.98
C SER G 89 -50.52 29.02 -9.29
N PHE G 90 -51.58 29.82 -9.30
CA PHE G 90 -52.11 30.44 -10.54
C PHE G 90 -52.55 29.39 -11.56
N ALA G 91 -52.94 28.21 -11.08
CA ALA G 91 -53.29 27.10 -11.94
C ALA G 91 -54.68 26.53 -11.68
N THR G 92 -55.45 27.06 -10.72
CA THR G 92 -56.73 26.48 -10.31
C THR G 92 -57.84 27.53 -10.35
N CYS G 93 -59.09 27.06 -10.39
CA CYS G 93 -60.23 27.99 -10.34
C CYS G 93 -61.37 27.53 -9.44
N VAL G 94 -61.58 26.22 -9.24
CA VAL G 94 -62.58 25.67 -8.32
C VAL G 94 -61.92 24.63 -7.43
N LEU G 95 -62.18 24.72 -6.11
CA LEU G 95 -61.64 23.80 -5.12
C LEU G 95 -62.79 23.27 -4.27
N VAL G 96 -62.98 21.95 -4.27
CA VAL G 96 -63.96 21.30 -3.42
C VAL G 96 -63.18 20.51 -2.37
N SER G 97 -63.54 20.72 -1.09
CA SER G 97 -62.86 20.09 0.03
C SER G 97 -63.86 19.44 0.99
N GLU G 98 -63.43 18.34 1.60
CA GLU G 98 -64.27 17.67 2.57
C GLU G 98 -64.55 18.57 3.77
N GLU G 99 -63.64 19.51 4.04
CA GLU G 99 -63.73 20.38 5.22
C GLU G 99 -64.68 21.56 5.07
N ASP G 100 -65.13 21.87 3.84
CA ASP G 100 -65.89 23.08 3.51
C ASP G 100 -67.29 22.69 3.02
N LYS G 101 -68.34 23.35 3.52
CA LYS G 101 -69.70 22.95 3.13
C LYS G 101 -69.96 23.21 1.64
N HIS G 102 -69.54 24.36 1.12
CA HIS G 102 -69.72 24.74 -0.28
C HIS G 102 -68.39 24.74 -1.04
N ALA G 103 -68.47 24.71 -2.37
CA ALA G 103 -67.26 24.80 -3.19
C ALA G 103 -66.59 26.16 -3.02
N ILE G 104 -65.27 26.18 -3.19
CA ILE G 104 -64.49 27.40 -3.06
C ILE G 104 -64.15 27.93 -4.45
N ILE G 105 -64.50 29.18 -4.70
CA ILE G 105 -64.21 29.82 -5.97
C ILE G 105 -62.95 30.65 -5.80
N VAL G 106 -61.94 30.35 -6.61
CA VAL G 106 -60.67 31.08 -6.57
C VAL G 106 -60.88 32.50 -7.10
N GLU G 107 -60.23 33.46 -6.45
CA GLU G 107 -60.34 34.85 -6.88
C GLU G 107 -59.68 35.06 -8.25
N PRO G 108 -60.19 36.01 -9.03
CA PRO G 108 -59.77 36.12 -10.45
C PRO G 108 -58.28 36.23 -10.70
N GLU G 109 -57.56 36.99 -9.88
CA GLU G 109 -56.15 37.23 -10.17
C GLU G 109 -55.34 35.96 -10.09
N LYS G 110 -55.84 34.92 -9.41
CA LYS G 110 -55.05 33.70 -9.20
C LYS G 110 -55.64 32.49 -9.90
N ARG G 111 -56.55 32.70 -10.85
CA ARG G 111 -57.25 31.58 -11.46
C ARG G 111 -56.40 30.96 -12.55
N GLY G 112 -56.51 29.66 -12.66
CA GLY G 112 -55.89 28.92 -13.73
C GLY G 112 -56.96 27.99 -14.22
N LYS G 113 -56.59 27.00 -15.00
CA LYS G 113 -57.59 26.29 -15.77
C LYS G 113 -58.01 24.98 -15.14
N TYR G 114 -57.59 24.70 -13.90
CA TYR G 114 -57.82 23.40 -13.30
C TYR G 114 -58.77 23.43 -12.10
N VAL G 115 -59.40 22.29 -11.87
CA VAL G 115 -60.32 22.03 -10.76
C VAL G 115 -59.77 20.88 -9.92
N VAL G 116 -59.70 21.07 -8.61
CA VAL G 116 -59.12 20.04 -7.74
C VAL G 116 -60.12 19.71 -6.63
N CYS G 117 -60.52 18.45 -6.55
CA CYS G 117 -61.33 17.93 -5.44
C CYS G 117 -60.39 17.09 -4.56
N PHE G 118 -60.34 17.38 -3.27
CA PHE G 118 -59.43 16.72 -2.32
C PHE G 118 -60.05 16.53 -0.94
N ASP G 119 -59.63 15.46 -0.28
CA ASP G 119 -59.77 15.29 1.16
C ASP G 119 -58.43 15.58 1.82
N PRO G 120 -58.28 16.68 2.55
CA PRO G 120 -56.94 17.05 3.03
C PRO G 120 -56.37 16.11 4.08
N LEU G 121 -57.22 15.44 4.92
CA LEU G 121 -56.70 14.50 5.94
C LEU G 121 -57.76 13.41 6.20
N ASP G 122 -57.82 12.42 5.30
CA ASP G 122 -58.79 11.35 5.46
C ASP G 122 -58.41 10.47 6.65
N GLY G 123 -59.38 10.22 7.51
CA GLY G 123 -59.16 9.45 8.73
C GLY G 123 -58.74 10.26 9.92
N SER G 124 -58.78 11.60 9.81
CA SER G 124 -58.40 12.48 10.91
C SER G 124 -59.38 12.45 12.07
N SER G 125 -60.51 11.76 11.92
CA SER G 125 -61.40 11.51 13.04
C SER G 125 -60.78 10.49 13.99
N ASN G 126 -60.18 9.45 13.42
CA ASN G 126 -59.48 8.42 14.17
C ASN G 126 -58.00 8.76 14.41
N ILE G 127 -57.59 10.01 14.18
CA ILE G 127 -56.18 10.36 14.32
C ILE G 127 -55.71 10.34 15.77
N ASP G 128 -56.63 10.17 16.73
CA ASP G 128 -56.26 10.12 18.13
C ASP G 128 -55.57 8.82 18.51
N CYS G 129 -55.88 7.71 17.81
CA CYS G 129 -55.17 6.46 17.99
C CYS G 129 -53.95 6.33 17.06
N LEU G 130 -53.48 7.46 16.52
CA LEU G 130 -52.33 7.50 15.61
C LEU G 130 -52.50 6.56 14.44
N VAL G 131 -53.76 6.33 14.06
CA VAL G 131 -54.03 5.55 12.89
C VAL G 131 -53.44 6.27 11.68
N SER G 132 -53.18 5.52 10.61
CA SER G 132 -52.75 6.11 9.35
C SER G 132 -53.74 7.15 8.85
N VAL G 133 -53.21 8.24 8.31
CA VAL G 133 -54.03 9.23 7.64
C VAL G 133 -53.44 9.54 6.27
N GLY G 134 -54.20 10.24 5.45
CA GLY G 134 -53.74 10.52 4.10
C GLY G 134 -54.47 11.68 3.46
N THR G 135 -53.88 12.19 2.37
CA THR G 135 -54.52 13.17 1.50
C THR G 135 -54.89 12.51 0.19
N ILE G 136 -56.13 12.68 -0.26
CA ILE G 136 -56.63 12.18 -1.54
C ILE G 136 -56.95 13.37 -2.44
N PHE G 137 -56.60 13.27 -3.72
CA PHE G 137 -56.85 14.41 -4.61
C PHE G 137 -57.24 13.95 -6.01
N GLY G 138 -58.08 14.76 -6.66
CA GLY G 138 -58.40 14.58 -8.05
C GLY G 138 -58.32 15.90 -8.78
N ILE G 139 -57.75 15.85 -9.99
CA ILE G 139 -57.51 17.05 -10.78
C ILE G 139 -58.27 16.98 -12.10
N TYR G 140 -59.06 18.00 -12.36
CA TYR G 140 -59.83 18.16 -13.59
C TYR G 140 -59.37 19.39 -14.34
N ARG G 141 -59.32 19.29 -15.67
CA ARG G 141 -59.35 20.48 -16.50
C ARG G 141 -60.80 20.99 -16.53
N LYS G 142 -60.99 22.28 -16.26
CA LYS G 142 -62.31 22.90 -16.32
C LYS G 142 -62.94 22.60 -17.67
N LYS G 143 -64.22 22.22 -17.65
CA LYS G 143 -64.92 21.77 -18.86
C LYS G 143 -65.78 22.85 -19.48
N SER G 144 -66.66 23.49 -18.69
CA SER G 144 -67.55 24.49 -19.24
C SER G 144 -66.88 25.85 -19.29
N THR G 145 -67.44 26.74 -20.11
CA THR G 145 -66.93 28.11 -20.19
C THR G 145 -67.72 29.09 -19.36
N ASP G 146 -68.76 28.66 -18.65
CA ASP G 146 -69.42 29.57 -17.73
C ASP G 146 -68.46 30.05 -16.64
N GLU G 147 -68.84 31.16 -16.01
CA GLU G 147 -68.13 31.68 -14.86
C GLU G 147 -68.02 30.56 -13.82
N PRO G 148 -66.88 30.45 -13.11
CA PRO G 148 -66.66 29.26 -12.27
C PRO G 148 -67.67 29.17 -11.13
N SER G 149 -68.13 27.94 -10.90
CA SER G 149 -69.16 27.68 -9.91
C SER G 149 -69.06 26.22 -9.47
N GLU G 150 -69.99 25.82 -8.60
CA GLU G 150 -70.00 24.48 -8.05
C GLU G 150 -70.14 23.43 -9.12
N LYS G 151 -70.87 23.73 -10.19
CA LYS G 151 -71.09 22.78 -11.27
C LYS G 151 -69.80 22.32 -11.92
N ASP G 152 -68.74 23.11 -11.79
CA ASP G 152 -67.49 22.76 -12.47
C ASP G 152 -66.78 21.58 -11.84
N ALA G 153 -67.14 21.21 -10.62
CA ALA G 153 -66.59 20.02 -9.97
C ALA G 153 -67.50 18.79 -10.12
N LEU G 154 -68.69 18.94 -10.73
CA LEU G 154 -69.63 17.84 -10.85
C LEU G 154 -69.39 16.99 -12.10
N GLN G 155 -68.24 16.90 -12.53
CA GLN G 155 -67.91 16.12 -13.69
C GLN G 155 -67.67 14.66 -13.26
N PRO G 156 -67.94 13.69 -14.13
CA PRO G 156 -67.62 12.31 -13.77
C PRO G 156 -66.11 12.07 -13.78
N GLY G 157 -65.69 11.12 -12.92
CA GLY G 157 -64.29 10.77 -12.71
C GLY G 157 -63.53 10.35 -13.97
N ARG G 158 -64.26 9.89 -14.99
CA ARG G 158 -63.68 9.64 -16.31
C ARG G 158 -62.93 10.83 -16.92
N ASN G 159 -63.23 12.06 -16.49
CA ASN G 159 -62.61 13.26 -17.05
C ASN G 159 -61.30 13.65 -16.35
N LEU G 160 -60.81 12.83 -15.42
CA LEU G 160 -59.65 13.18 -14.61
C LEU G 160 -58.38 13.26 -15.46
N VAL G 161 -57.61 14.32 -15.24
CA VAL G 161 -56.29 14.41 -15.83
C VAL G 161 -55.28 13.66 -15.00
N ALA G 162 -55.42 13.74 -13.68
CA ALA G 162 -54.48 13.10 -12.78
C ALA G 162 -55.14 12.96 -11.42
N ALA G 163 -54.73 11.94 -10.67
CA ALA G 163 -55.26 11.69 -9.33
C ALA G 163 -54.30 10.80 -8.55
N GLY G 164 -54.51 10.76 -7.25
CA GLY G 164 -53.66 9.95 -6.39
C GLY G 164 -53.83 10.34 -4.93
N TYR G 165 -52.84 9.94 -4.14
CA TYR G 165 -52.92 10.14 -2.69
C TYR G 165 -51.53 10.17 -2.05
N ALA G 166 -51.44 10.91 -0.95
CA ALA G 166 -50.34 10.81 0.01
C ALA G 166 -50.79 9.94 1.18
N LEU G 167 -49.97 8.98 1.54
CA LEU G 167 -50.22 8.15 2.70
C LEU G 167 -49.18 8.49 3.78
N TYR G 168 -49.67 8.99 4.92
CA TYR G 168 -48.81 9.27 6.09
C TYR G 168 -48.83 8.00 6.95
N GLY G 169 -48.01 7.04 6.54
CA GLY G 169 -47.95 5.75 7.20
C GLY G 169 -46.67 5.57 8.02
N SER G 170 -46.09 4.38 7.98
CA SER G 170 -44.79 4.20 8.61
C SER G 170 -43.75 5.10 7.96
N ALA G 171 -43.94 5.41 6.69
CA ALA G 171 -43.24 6.48 5.99
C ALA G 171 -44.26 7.24 5.15
N THR G 172 -43.83 8.32 4.51
CA THR G 172 -44.74 9.11 3.70
C THR G 172 -44.50 8.73 2.23
N MET G 173 -45.55 8.22 1.58
CA MET G 173 -45.46 7.85 0.17
C MET G 173 -46.53 8.59 -0.65
N LEU G 174 -46.12 9.11 -1.82
CA LEU G 174 -47.02 9.79 -2.74
C LEU G 174 -47.26 8.88 -3.92
N VAL G 175 -48.53 8.49 -4.13
CA VAL G 175 -48.90 7.64 -5.26
C VAL G 175 -49.59 8.51 -6.28
N LEU G 176 -49.02 8.58 -7.49
CA LEU G 176 -49.49 9.48 -8.54
C LEU G 176 -49.90 8.67 -9.75
N ALA G 177 -51.15 8.81 -10.17
CA ALA G 177 -51.66 8.13 -11.36
C ALA G 177 -51.93 9.13 -12.49
N MET G 178 -51.58 8.75 -13.71
CA MET G 178 -51.91 9.58 -14.89
C MET G 178 -52.19 8.66 -16.07
N ASP G 179 -52.19 9.22 -17.28
CA ASP G 179 -52.60 8.47 -18.46
C ASP G 179 -51.71 7.26 -18.71
N CYS G 180 -50.40 7.38 -18.49
CA CYS G 180 -49.52 6.23 -18.72
C CYS G 180 -49.41 5.30 -17.50
N GLY G 181 -50.02 5.65 -16.37
CA GLY G 181 -50.04 4.70 -15.28
C GLY G 181 -49.68 5.34 -13.96
N VAL G 182 -49.30 4.49 -13.02
CA VAL G 182 -49.16 4.84 -11.61
C VAL G 182 -47.69 4.74 -11.22
N ASN G 183 -47.18 5.77 -10.56
CA ASN G 183 -45.80 5.80 -10.09
C ASN G 183 -45.80 6.24 -8.65
N CYS G 184 -44.93 5.63 -7.86
CA CYS G 184 -44.86 5.87 -6.43
C CYS G 184 -43.54 6.54 -6.09
N PHE G 185 -43.62 7.59 -5.28
CA PHE G 185 -42.45 8.34 -4.84
C PHE G 185 -42.40 8.25 -3.33
N MET G 186 -41.21 7.97 -2.79
CA MET G 186 -40.96 7.88 -1.37
C MET G 186 -40.29 9.17 -0.91
N LEU G 187 -40.88 9.84 0.08
CA LEU G 187 -40.30 11.05 0.62
C LEU G 187 -39.13 10.73 1.57
N ASP G 188 -37.92 11.25 1.24
CA ASP G 188 -36.76 11.23 2.14
C ASP G 188 -36.75 12.52 2.93
N PRO G 189 -37.07 12.51 4.22
CA PRO G 189 -37.17 13.78 4.96
C PRO G 189 -35.83 14.43 5.20
N ALA G 190 -34.71 13.72 4.95
CA ALA G 190 -33.39 14.32 5.17
C ALA G 190 -33.10 15.47 4.23
N ILE G 191 -33.66 15.42 3.01
CA ILE G 191 -33.47 16.45 2.01
C ILE G 191 -34.78 16.96 1.43
N GLY G 192 -35.93 16.44 1.88
CA GLY G 192 -37.21 16.90 1.42
C GLY G 192 -37.40 16.63 -0.05
N GLU G 193 -37.23 15.39 -0.47
CA GLU G 193 -37.34 15.05 -1.87
C GLU G 193 -38.13 13.76 -2.02
N PHE G 194 -39.09 13.76 -2.96
CA PHE G 194 -39.81 12.53 -3.29
C PHE G 194 -38.96 11.77 -4.28
N ILE G 195 -38.62 10.53 -3.91
CA ILE G 195 -37.67 9.70 -4.63
C ILE G 195 -38.49 8.65 -5.35
N LEU G 196 -38.30 8.52 -6.65
CA LEU G 196 -39.05 7.52 -7.39
C LEU G 196 -38.53 6.13 -7.02
N VAL G 197 -39.41 5.32 -6.45
CA VAL G 197 -39.03 3.99 -5.99
C VAL G 197 -39.82 2.87 -6.66
N ASP G 198 -40.98 3.16 -7.27
CA ASP G 198 -41.79 2.15 -7.96
C ASP G 198 -42.36 2.77 -9.23
N LYS G 199 -41.86 2.31 -10.39
CA LYS G 199 -42.24 2.83 -11.71
C LYS G 199 -43.30 1.93 -12.34
N ASP G 200 -44.39 2.53 -12.83
CA ASP G 200 -45.39 1.83 -13.65
C ASP G 200 -46.01 0.64 -12.91
N VAL G 201 -46.64 0.94 -11.79
CA VAL G 201 -47.14 -0.08 -10.87
C VAL G 201 -48.40 -0.73 -11.43
N LYS G 202 -48.53 -2.03 -11.21
CA LYS G 202 -49.73 -2.77 -11.61
C LYS G 202 -50.16 -3.67 -10.46
N ILE G 203 -51.47 -3.68 -10.16
CA ILE G 203 -52.06 -4.47 -9.07
C ILE G 203 -52.16 -5.93 -9.47
N LYS G 204 -52.14 -6.81 -8.49
CA LYS G 204 -52.33 -8.23 -8.74
C LYS G 204 -53.70 -8.46 -9.36
N LYS G 205 -53.75 -9.40 -10.30
CA LYS G 205 -55.00 -9.79 -10.95
C LYS G 205 -56.03 -10.33 -9.95
N LYS G 206 -55.59 -10.95 -8.86
CA LYS G 206 -56.49 -11.49 -7.85
C LYS G 206 -55.74 -11.54 -6.53
N GLY G 207 -56.42 -11.22 -5.43
CA GLY G 207 -55.81 -11.11 -4.13
C GLY G 207 -56.22 -12.21 -3.16
N LYS G 208 -55.86 -12.02 -1.88
CA LYS G 208 -56.20 -12.95 -0.81
C LYS G 208 -56.75 -12.24 0.41
N ILE G 209 -57.15 -10.98 0.31
CA ILE G 209 -57.63 -10.23 1.46
C ILE G 209 -58.87 -9.45 1.10
N TYR G 210 -59.87 -9.48 1.97
CA TYR G 210 -61.04 -8.62 1.84
C TYR G 210 -61.10 -7.63 2.98
N SER G 211 -61.69 -6.46 2.73
CA SER G 211 -61.64 -5.34 3.68
C SER G 211 -63.00 -4.66 3.73
N LEU G 212 -63.67 -4.70 4.89
CA LEU G 212 -64.91 -3.96 5.14
C LEU G 212 -65.26 -4.03 6.62
N ASN G 213 -66.22 -3.18 7.02
CA ASN G 213 -66.73 -3.11 8.41
C ASN G 213 -67.85 -4.13 8.56
N GLU G 214 -67.53 -5.29 9.15
CA GLU G 214 -68.50 -6.37 9.28
C GLU G 214 -69.48 -6.18 10.42
N GLY G 215 -69.28 -5.14 11.23
CA GLY G 215 -70.27 -4.78 12.22
C GLY G 215 -71.64 -4.43 11.64
N TYR G 216 -71.71 -4.03 10.38
CA TYR G 216 -73.00 -3.77 9.75
C TYR G 216 -73.63 -5.02 9.18
N ALA G 217 -73.28 -6.21 9.69
CA ALA G 217 -73.80 -7.44 9.09
C ALA G 217 -75.33 -7.45 9.07
N LYS G 218 -75.96 -6.89 10.13
CA LYS G 218 -77.40 -6.91 10.25
C LYS G 218 -78.09 -6.06 9.18
N ASP G 219 -77.39 -5.10 8.55
CA ASP G 219 -77.97 -4.29 7.47
C ASP G 219 -77.49 -4.68 6.08
N PHE G 220 -76.67 -5.71 5.93
CA PHE G 220 -76.13 -6.03 4.60
C PHE G 220 -77.25 -6.54 3.69
N ASP G 221 -77.31 -6.01 2.47
CA ASP G 221 -78.16 -6.62 1.46
C ASP G 221 -77.68 -8.05 1.21
N PRO G 222 -78.57 -8.94 0.76
CA PRO G 222 -78.17 -10.36 0.61
C PRO G 222 -76.93 -10.60 -0.24
N ALA G 223 -76.60 -9.72 -1.20
CA ALA G 223 -75.40 -9.92 -2.01
C ALA G 223 -74.12 -9.76 -1.21
N VAL G 224 -74.02 -8.67 -0.42
CA VAL G 224 -72.82 -8.48 0.39
C VAL G 224 -72.71 -9.62 1.39
N THR G 225 -73.84 -10.04 1.97
CA THR G 225 -73.88 -11.20 2.85
C THR G 225 -73.35 -12.45 2.13
N GLU G 226 -73.78 -12.69 0.89
CA GLU G 226 -73.34 -13.90 0.21
C GLU G 226 -71.85 -13.83 -0.14
N TYR G 227 -71.38 -12.67 -0.61
CA TYR G 227 -69.98 -12.58 -1.03
C TYR G 227 -69.02 -12.78 0.14
N ILE G 228 -69.35 -12.26 1.33
CA ILE G 228 -68.46 -12.44 2.48
C ILE G 228 -68.47 -13.90 2.94
N GLN G 229 -69.63 -14.56 2.86
CA GLN G 229 -69.66 -15.99 3.13
C GLN G 229 -68.73 -16.74 2.20
N ARG G 230 -68.60 -16.27 0.96
CA ARG G 230 -67.70 -16.92 0.01
C ARG G 230 -66.24 -16.70 0.41
N LYS G 231 -65.94 -15.57 1.05
CA LYS G 231 -64.58 -15.30 1.48
C LYS G 231 -64.21 -16.10 2.73
N LYS G 232 -65.20 -16.35 3.61
CA LYS G 232 -64.98 -17.10 4.84
C LYS G 232 -65.10 -18.61 4.67
N PHE G 233 -66.04 -19.08 3.86
CA PHE G 233 -66.29 -20.51 3.64
C PHE G 233 -66.27 -20.75 2.14
N PRO G 234 -65.10 -20.82 1.53
CA PRO G 234 -65.02 -20.95 0.07
C PRO G 234 -65.65 -22.24 -0.41
N PRO G 235 -66.47 -22.20 -1.45
CA PRO G 235 -67.08 -23.44 -1.97
C PRO G 235 -66.11 -24.36 -2.69
N ASP G 236 -64.99 -23.85 -3.23
CA ASP G 236 -64.04 -24.64 -4.00
C ASP G 236 -62.92 -25.20 -3.14
N ASN G 237 -63.09 -25.19 -1.82
CA ASN G 237 -62.13 -25.72 -0.85
C ASN G 237 -60.78 -25.03 -0.94
N SER G 238 -60.74 -23.83 -1.50
CA SER G 238 -59.52 -23.03 -1.49
C SER G 238 -59.36 -22.38 -0.12
N ALA G 239 -58.17 -21.84 0.12
CA ALA G 239 -57.87 -21.25 1.41
C ALA G 239 -58.68 -19.97 1.61
N PRO G 240 -59.26 -19.79 2.79
CA PRO G 240 -60.08 -18.59 3.05
C PRO G 240 -59.23 -17.33 2.98
N TYR G 241 -59.88 -16.25 2.58
CA TYR G 241 -59.20 -14.96 2.55
C TYR G 241 -58.95 -14.46 3.97
N GLY G 242 -57.92 -13.66 4.12
CA GLY G 242 -57.78 -12.91 5.35
C GLY G 242 -58.51 -11.59 5.29
N ALA G 243 -58.81 -11.04 6.46
CA ALA G 243 -59.54 -9.79 6.55
C ALA G 243 -58.64 -8.72 7.14
N ARG G 244 -58.68 -7.53 6.57
CA ARG G 244 -58.00 -6.37 7.10
C ARG G 244 -59.02 -5.25 7.03
N TYR G 245 -59.10 -4.43 8.07
CA TYR G 245 -59.95 -3.25 7.98
C TYR G 245 -59.38 -2.23 8.95
N VAL G 246 -58.61 -1.29 8.39
CA VAL G 246 -58.00 -0.26 9.21
C VAL G 246 -59.04 0.78 9.60
N GLY G 247 -60.00 1.05 8.70
CA GLY G 247 -60.93 2.13 8.91
C GLY G 247 -60.49 3.46 8.34
N SER G 248 -59.36 3.51 7.62
CA SER G 248 -58.92 4.70 6.89
C SER G 248 -58.64 4.35 5.43
N MET G 249 -59.28 5.08 4.52
CA MET G 249 -59.36 4.68 3.11
C MET G 249 -57.98 4.68 2.42
N VAL G 250 -57.16 5.70 2.66
CA VAL G 250 -55.86 5.72 1.99
C VAL G 250 -55.06 4.47 2.32
N ALA G 251 -55.08 4.03 3.61
CA ALA G 251 -54.27 2.90 4.08
C ALA G 251 -54.80 1.57 3.55
N ASP G 252 -56.11 1.33 3.72
CA ASP G 252 -56.72 0.10 3.23
C ASP G 252 -56.60 -0.03 1.73
N VAL G 253 -56.77 1.10 1.01
CA VAL G 253 -56.66 1.10 -0.45
C VAL G 253 -55.23 0.91 -0.89
N HIS G 254 -54.29 1.62 -0.26
CA HIS G 254 -52.89 1.43 -0.64
C HIS G 254 -52.41 0.00 -0.35
N ARG G 255 -52.88 -0.60 0.75
CA ARG G 255 -52.58 -2.00 0.99
C ARG G 255 -53.12 -2.87 -0.14
N THR G 256 -54.35 -2.59 -0.59
CA THR G 256 -54.93 -3.28 -1.75
C THR G 256 -54.09 -3.08 -3.01
N LEU G 257 -53.63 -1.85 -3.26
CA LEU G 257 -52.78 -1.64 -4.43
C LEU G 257 -51.51 -2.46 -4.35
N VAL G 258 -50.86 -2.44 -3.18
CA VAL G 258 -49.56 -3.06 -3.02
C VAL G 258 -49.67 -4.58 -2.91
N TYR G 259 -50.73 -5.11 -2.29
CA TYR G 259 -50.81 -6.55 -2.08
C TYR G 259 -51.92 -7.23 -2.85
N GLY G 260 -52.93 -6.50 -3.33
CA GLY G 260 -54.08 -7.09 -3.97
C GLY G 260 -55.21 -7.34 -2.99
N GLY G 261 -56.35 -7.73 -3.55
CA GLY G 261 -57.55 -7.95 -2.77
C GLY G 261 -58.69 -7.00 -3.09
N ILE G 262 -59.64 -6.88 -2.15
CA ILE G 262 -60.88 -6.16 -2.37
C ILE G 262 -61.19 -5.28 -1.16
N PHE G 263 -61.76 -4.10 -1.43
CA PHE G 263 -62.21 -3.17 -0.41
C PHE G 263 -63.68 -2.82 -0.67
N LEU G 264 -64.53 -2.93 0.36
CA LEU G 264 -65.98 -2.78 0.24
C LEU G 264 -66.51 -1.78 1.26
N TYR G 265 -67.31 -0.83 0.81
CA TYR G 265 -68.12 0.01 1.71
C TYR G 265 -69.53 0.17 1.13
N PRO G 266 -70.45 -0.73 1.50
CA PRO G 266 -71.78 -0.76 0.89
C PRO G 266 -72.81 0.10 1.64
N ALA G 267 -74.07 0.09 1.20
CA ALA G 267 -75.09 0.87 1.90
C ALA G 267 -75.64 0.11 3.11
N ASN G 268 -76.03 0.86 4.16
CA ASN G 268 -76.69 0.30 5.34
C ASN G 268 -77.79 1.26 5.80
N LYS G 269 -78.48 0.91 6.89
CA LYS G 269 -79.66 1.69 7.28
C LYS G 269 -79.28 3.11 7.69
N LYS G 270 -78.11 3.29 8.29
CA LYS G 270 -77.63 4.63 8.60
C LYS G 270 -77.07 5.34 7.38
N SER G 271 -76.62 4.61 6.36
CA SER G 271 -76.10 5.20 5.11
C SER G 271 -76.78 4.58 3.88
N PRO G 272 -78.05 4.92 3.62
CA PRO G 272 -78.76 4.25 2.51
C PRO G 272 -78.23 4.61 1.10
N ASN G 273 -77.41 5.65 0.93
CA ASN G 273 -76.72 5.88 -0.34
C ASN G 273 -75.23 5.56 -0.22
N GLY G 274 -74.86 4.71 0.75
CA GLY G 274 -73.49 4.46 1.08
C GLY G 274 -72.99 5.56 1.98
N LYS G 275 -71.70 5.46 2.36
CA LYS G 275 -71.12 6.40 3.32
C LYS G 275 -70.00 7.25 2.75
N LEU G 276 -69.15 6.70 1.87
CA LEU G 276 -67.98 7.43 1.36
C LEU G 276 -68.38 8.46 0.29
N ARG G 277 -67.58 9.51 0.20
CA ARG G 277 -67.89 10.64 -0.67
C ARG G 277 -67.37 10.42 -2.09
N LEU G 278 -68.22 10.77 -3.07
CA LEU G 278 -67.91 10.47 -4.47
C LEU G 278 -66.83 11.39 -5.03
N LEU G 279 -66.89 12.69 -4.71
CA LEU G 279 -66.05 13.67 -5.38
C LEU G 279 -64.58 13.50 -5.00
N TYR G 280 -64.28 13.49 -3.71
CA TYR G 280 -62.92 13.55 -3.22
C TYR G 280 -62.47 12.29 -2.47
N GLU G 281 -63.27 11.23 -2.50
CA GLU G 281 -62.83 9.95 -1.96
C GLU G 281 -62.95 8.84 -3.00
N CYS G 282 -64.16 8.57 -3.50
CA CYS G 282 -64.35 7.42 -4.38
C CYS G 282 -63.63 7.59 -5.73
N ASN G 283 -63.77 8.76 -6.36
CA ASN G 283 -63.25 8.90 -7.72
C ASN G 283 -61.73 8.80 -7.81
N PRO G 284 -60.93 9.55 -7.03
CA PRO G 284 -59.47 9.38 -7.16
C PRO G 284 -59.00 7.95 -6.91
N MET G 285 -59.69 7.21 -6.03
CA MET G 285 -59.34 5.82 -5.79
C MET G 285 -59.74 4.92 -6.96
N ALA G 286 -60.92 5.18 -7.56
CA ALA G 286 -61.28 4.49 -8.79
C ALA G 286 -60.26 4.76 -9.92
N TYR G 287 -59.78 6.00 -10.03
CA TYR G 287 -58.84 6.35 -11.08
C TYR G 287 -57.50 5.62 -10.90
N VAL G 288 -56.92 5.67 -9.69
CA VAL G 288 -55.68 4.94 -9.40
C VAL G 288 -55.84 3.46 -9.69
N MET G 289 -56.97 2.90 -9.23
CA MET G 289 -57.21 1.47 -9.42
C MET G 289 -57.20 1.11 -10.88
N GLU G 290 -58.02 1.79 -11.68
CA GLU G 290 -58.15 1.45 -13.10
C GLU G 290 -56.84 1.70 -13.83
N LYS G 291 -56.18 2.83 -13.55
CA LYS G 291 -54.87 3.05 -14.16
C LYS G 291 -53.81 2.02 -13.72
N ALA G 292 -54.07 1.27 -12.64
CA ALA G 292 -53.18 0.22 -12.19
C ALA G 292 -53.64 -1.17 -12.60
N GLY G 293 -54.73 -1.28 -13.36
CA GLY G 293 -55.27 -2.54 -13.79
C GLY G 293 -56.39 -3.11 -12.95
N GLY G 294 -56.94 -2.34 -12.00
CA GLY G 294 -58.01 -2.79 -11.15
C GLY G 294 -59.38 -2.27 -11.60
N MET G 295 -60.37 -2.43 -10.72
CA MET G 295 -61.75 -2.02 -10.96
C MET G 295 -62.34 -1.27 -9.76
N ALA G 296 -63.41 -0.51 -10.00
CA ALA G 296 -64.15 0.19 -8.93
C ALA G 296 -65.61 0.38 -9.37
N THR G 297 -66.54 -0.19 -8.61
CA THR G 297 -67.96 -0.19 -8.95
C THR G 297 -68.80 0.21 -7.76
N THR G 298 -70.04 0.64 -8.04
CA THR G 298 -71.05 0.86 -7.01
C THR G 298 -72.02 -0.31 -6.89
N GLY G 299 -71.83 -1.36 -7.70
CA GLY G 299 -72.85 -2.38 -7.89
C GLY G 299 -73.67 -2.15 -9.15
N LYS G 300 -74.20 -0.94 -9.33
CA LYS G 300 -74.94 -0.67 -10.56
C LYS G 300 -74.04 -0.19 -11.68
N GLU G 301 -73.03 0.60 -11.36
CA GLU G 301 -72.16 1.15 -12.40
C GLU G 301 -70.75 1.40 -11.83
N ALA G 302 -69.82 1.67 -12.73
CA ALA G 302 -68.49 2.09 -12.33
C ALA G 302 -68.54 3.44 -11.61
N VAL G 303 -67.67 3.60 -10.63
CA VAL G 303 -67.59 4.85 -9.87
C VAL G 303 -67.28 6.00 -10.81
N LEU G 304 -66.36 5.78 -11.75
CA LEU G 304 -65.92 6.83 -12.66
C LEU G 304 -67.01 7.25 -13.64
N ASP G 305 -68.06 6.45 -13.81
CA ASP G 305 -69.17 6.69 -14.72
C ASP G 305 -70.37 7.35 -14.07
N VAL G 306 -70.31 7.67 -12.78
CA VAL G 306 -71.42 8.32 -12.10
C VAL G 306 -71.38 9.81 -12.40
N ILE G 307 -72.52 10.36 -12.79
CA ILE G 307 -72.67 11.79 -13.01
C ILE G 307 -73.18 12.40 -11.70
N PRO G 308 -72.39 13.22 -11.02
CA PRO G 308 -72.81 13.75 -9.73
C PRO G 308 -73.81 14.88 -9.88
N THR G 309 -74.65 15.06 -8.84
CA THR G 309 -75.49 16.23 -8.71
C THR G 309 -75.23 17.05 -7.44
N ASP G 310 -74.51 16.52 -6.46
CA ASP G 310 -74.18 17.27 -5.25
C ASP G 310 -72.76 16.93 -4.87
N ILE G 311 -72.00 17.96 -4.47
CA ILE G 311 -70.55 17.83 -4.25
C ILE G 311 -70.21 16.96 -3.04
N HIS G 312 -71.10 16.88 -2.06
CA HIS G 312 -70.82 16.10 -0.87
C HIS G 312 -71.62 14.82 -0.88
N GLN G 313 -72.00 14.37 -2.05
CA GLN G 313 -72.85 13.20 -2.10
C GLN G 313 -72.04 11.95 -1.79
N ARG G 314 -72.75 10.95 -1.30
CA ARG G 314 -72.18 9.67 -0.94
C ARG G 314 -72.41 8.65 -2.04
N ALA G 315 -71.57 7.62 -2.04
CA ALA G 315 -71.67 6.54 -2.97
C ALA G 315 -71.13 5.28 -2.32
N PRO G 316 -71.76 4.14 -2.53
CA PRO G 316 -71.17 2.87 -2.13
C PRO G 316 -70.04 2.48 -3.06
N VAL G 317 -69.13 1.62 -2.57
CA VAL G 317 -67.91 1.31 -3.31
C VAL G 317 -67.44 -0.11 -3.03
N ILE G 318 -67.08 -0.81 -4.10
CA ILE G 318 -66.33 -2.08 -4.07
C ILE G 318 -65.24 -1.95 -5.13
N LEU G 319 -63.98 -1.98 -4.71
CA LEU G 319 -62.85 -1.79 -5.62
C LEU G 319 -61.72 -2.74 -5.24
N GLY G 320 -60.74 -2.86 -6.13
CA GLY G 320 -59.59 -3.71 -5.86
C GLY G 320 -59.14 -4.52 -7.05
N SER G 321 -58.61 -5.74 -6.84
CA SER G 321 -58.17 -6.57 -7.95
C SER G 321 -59.36 -6.97 -8.81
N PRO G 322 -59.20 -6.97 -10.15
CA PRO G 322 -60.37 -7.20 -11.01
C PRO G 322 -61.03 -8.55 -10.85
N ASP G 323 -60.26 -9.64 -10.75
CA ASP G 323 -60.87 -10.94 -10.52
C ASP G 323 -61.69 -10.98 -9.23
N ASP G 324 -61.26 -10.25 -8.19
CA ASP G 324 -62.03 -10.21 -6.95
C ASP G 324 -63.29 -9.36 -7.09
N VAL G 325 -63.19 -8.25 -7.84
CA VAL G 325 -64.35 -7.41 -8.09
C VAL G 325 -65.32 -8.09 -9.05
N LEU G 326 -64.81 -8.79 -10.06
CA LEU G 326 -65.69 -9.52 -10.95
C LEU G 326 -66.46 -10.61 -10.21
N GLU G 327 -65.81 -11.27 -9.26
CA GLU G 327 -66.51 -12.29 -8.48
C GLU G 327 -67.67 -11.70 -7.68
N PHE G 328 -67.52 -10.47 -7.17
CA PHE G 328 -68.63 -9.85 -6.44
C PHE G 328 -69.76 -9.43 -7.37
N LEU G 329 -69.45 -8.84 -8.52
CA LEU G 329 -70.51 -8.39 -9.43
C LEU G 329 -71.37 -9.55 -9.90
N LYS G 330 -70.76 -10.71 -10.13
CA LYS G 330 -71.52 -11.90 -10.51
C LYS G 330 -72.55 -12.25 -9.44
N VAL G 331 -72.12 -12.26 -8.18
CA VAL G 331 -73.06 -12.50 -7.07
C VAL G 331 -74.10 -11.40 -7.02
N TYR G 332 -73.70 -10.17 -7.32
CA TYR G 332 -74.63 -9.05 -7.29
C TYR G 332 -75.80 -9.31 -8.23
N GLU G 333 -75.54 -9.88 -9.41
CA GLU G 333 -76.61 -10.12 -10.37
C GLU G 333 -77.47 -11.32 -10.00
N LYS G 334 -76.91 -12.28 -9.26
CA LYS G 334 -77.71 -13.40 -8.76
C LYS G 334 -78.88 -12.94 -7.92
N HIS G 335 -78.72 -11.84 -7.18
CA HIS G 335 -79.79 -11.24 -6.40
C HIS G 335 -80.53 -10.16 -7.17
N SER G 336 -80.61 -10.33 -8.50
CA SER G 336 -81.28 -9.48 -9.47
C SER G 336 -80.37 -8.31 -9.88
N ASP H 10 -46.59 21.98 33.50
CA ASP H 10 -45.18 22.01 33.10
C ASP H 10 -44.84 20.88 32.14
N VAL H 11 -43.99 21.17 31.15
CA VAL H 11 -43.67 20.17 30.13
C VAL H 11 -42.82 19.07 30.73
N ASN H 12 -43.11 17.84 30.33
CA ASN H 12 -42.39 16.68 30.85
C ASN H 12 -41.94 15.81 29.69
N THR H 13 -40.68 15.35 29.74
CA THR H 13 -40.15 14.41 28.76
C THR H 13 -39.94 13.05 29.40
N LEU H 14 -39.62 12.06 28.55
CA LEU H 14 -39.46 10.70 29.04
C LEU H 14 -38.25 10.57 29.96
N THR H 15 -37.14 11.19 29.57
CA THR H 15 -35.91 11.11 30.36
C THR H 15 -36.07 11.78 31.72
N ARG H 16 -36.68 12.95 31.74
CA ARG H 16 -37.01 13.62 32.99
C ARG H 16 -38.00 12.78 33.79
N PHE H 17 -38.96 12.15 33.11
CA PHE H 17 -39.94 11.30 33.81
C PHE H 17 -39.26 10.09 34.47
N VAL H 18 -38.37 9.40 33.75
CA VAL H 18 -37.81 8.15 34.25
C VAL H 18 -36.90 8.39 35.45
N MET H 19 -36.10 9.45 35.38
CA MET H 19 -35.18 9.82 36.46
C MET H 19 -35.95 10.26 37.69
N GLU H 20 -37.11 10.88 37.49
CA GLU H 20 -37.93 11.36 38.61
C GLU H 20 -38.50 10.19 39.41
N GLU H 21 -39.02 9.17 38.71
CA GLU H 21 -39.44 7.95 39.39
C GLU H 21 -38.25 7.21 39.98
N GLY H 22 -37.08 7.31 39.35
CA GLY H 22 -35.90 6.66 39.87
C GLY H 22 -35.45 7.25 41.19
N ARG H 23 -35.56 8.58 41.34
CA ARG H 23 -35.19 9.19 42.61
C ARG H 23 -36.23 8.92 43.69
N LYS H 24 -37.51 8.86 43.33
CA LYS H 24 -38.54 8.47 44.31
C LYS H 24 -38.21 7.12 44.96
N ALA H 25 -37.88 6.12 44.17
CA ALA H 25 -37.56 4.77 44.63
C ALA H 25 -36.14 4.63 45.19
N ARG H 26 -35.26 5.62 44.97
CA ARG H 26 -33.87 5.62 45.46
C ARG H 26 -33.06 4.41 44.97
N GLY H 27 -33.20 4.11 43.68
CA GLY H 27 -32.39 3.08 43.03
C GLY H 27 -31.02 3.58 42.63
N THR H 28 -30.25 2.67 42.03
CA THR H 28 -28.88 3.01 41.66
C THR H 28 -28.77 3.82 40.38
N GLY H 29 -29.77 3.76 39.51
CA GLY H 29 -29.64 4.35 38.19
C GLY H 29 -29.43 3.36 37.08
N GLU H 30 -29.44 2.06 37.39
CA GLU H 30 -29.24 1.06 36.36
C GLU H 30 -30.47 0.91 35.45
N LEU H 31 -31.67 0.96 36.03
CA LEU H 31 -32.88 0.84 35.24
C LEU H 31 -33.10 2.10 34.41
N THR H 32 -32.66 3.25 34.92
CA THR H 32 -32.72 4.50 34.15
C THR H 32 -31.79 4.44 32.95
N GLN H 33 -30.55 4.02 33.16
CA GLN H 33 -29.61 3.85 32.04
C GLN H 33 -30.15 2.87 31.01
N LEU H 34 -30.93 1.88 31.45
CA LEU H 34 -31.53 0.92 30.52
C LEU H 34 -32.60 1.60 29.65
N LEU H 35 -33.52 2.33 30.27
CA LEU H 35 -34.61 2.99 29.54
C LEU H 35 -34.08 4.08 28.61
N ASN H 36 -33.06 4.82 29.03
CA ASN H 36 -32.43 5.79 28.15
C ASN H 36 -31.77 5.10 26.96
N SER H 37 -31.14 3.95 27.19
CA SER H 37 -30.59 3.22 26.05
C SER H 37 -31.69 2.79 25.09
N LEU H 38 -32.85 2.43 25.65
CA LEU H 38 -33.98 1.92 24.87
C LEU H 38 -34.67 3.04 24.07
N CYS H 39 -34.89 4.20 24.70
CA CYS H 39 -35.47 5.37 24.07
C CYS H 39 -34.65 5.86 22.87
N THR H 40 -33.31 5.83 22.96
CA THR H 40 -32.43 6.21 21.84
C THR H 40 -32.55 5.24 20.66
N ALA H 41 -32.64 3.94 20.94
CA ALA H 41 -32.88 2.98 19.87
C ALA H 41 -34.22 3.26 19.18
N VAL H 42 -35.25 3.62 19.96
CA VAL H 42 -36.56 3.88 19.38
C VAL H 42 -36.49 5.07 18.44
N LYS H 43 -35.72 6.10 18.81
CA LYS H 43 -35.52 7.22 17.91
C LYS H 43 -34.69 6.82 16.68
N ALA H 44 -33.77 5.87 16.81
CA ALA H 44 -32.96 5.46 15.67
C ALA H 44 -33.78 4.66 14.66
N ILE H 45 -34.60 3.74 15.17
CA ILE H 45 -35.51 2.93 14.36
C ILE H 45 -36.49 3.83 13.62
N SER H 46 -37.09 4.78 14.34
CA SER H 46 -38.06 5.70 13.76
C SER H 46 -37.48 6.47 12.58
N SER H 47 -36.21 6.85 12.67
CA SER H 47 -35.60 7.58 11.56
C SER H 47 -35.47 6.70 10.32
N ALA H 48 -35.18 5.40 10.51
CA ALA H 48 -35.04 4.43 9.42
C ALA H 48 -36.37 3.93 8.87
N VAL H 49 -37.39 3.87 9.73
CA VAL H 49 -38.72 3.48 9.28
C VAL H 49 -39.33 4.59 8.42
N ARG H 50 -39.05 5.84 8.76
CA ARG H 50 -39.48 6.97 7.97
C ARG H 50 -38.58 7.19 6.75
N LYS H 51 -37.57 6.33 6.56
CA LYS H 51 -36.77 6.29 5.32
C LYS H 51 -35.87 7.52 5.13
N ALA H 52 -35.35 8.10 6.21
CA ALA H 52 -34.36 9.17 6.06
C ALA H 52 -33.08 8.62 5.44
N GLY H 53 -32.57 9.34 4.44
CA GLY H 53 -31.38 8.95 3.71
C GLY H 53 -31.59 7.89 2.64
N ILE H 54 -32.85 7.57 2.30
CA ILE H 54 -33.09 6.56 1.28
C ILE H 54 -32.56 7.00 -0.08
N ALA H 55 -32.50 8.32 -0.32
CA ALA H 55 -32.03 8.86 -1.59
C ALA H 55 -30.60 8.43 -1.88
N HIS H 56 -29.80 8.17 -0.84
CA HIS H 56 -28.44 7.72 -1.08
C HIS H 56 -28.42 6.30 -1.63
N LEU H 57 -29.37 5.46 -1.20
CA LEU H 57 -29.47 4.10 -1.73
C LEU H 57 -29.82 4.10 -3.21
N TYR H 58 -30.51 5.14 -3.68
CA TYR H 58 -30.96 5.25 -5.06
C TYR H 58 -30.03 6.09 -5.95
N GLY H 59 -28.77 6.23 -5.55
CA GLY H 59 -27.75 6.74 -6.44
C GLY H 59 -27.68 8.24 -6.54
N ILE H 60 -28.04 8.96 -5.47
CA ILE H 60 -27.95 10.41 -5.54
C ILE H 60 -26.49 10.88 -5.60
N ALA H 61 -25.53 10.07 -5.12
CA ALA H 61 -24.12 10.43 -5.08
C ALA H 61 -23.26 9.64 -6.05
N GLY H 62 -23.85 9.03 -7.08
CA GLY H 62 -23.13 8.22 -8.04
C GLY H 62 -23.46 6.74 -7.94
N LYS H 73 -33.56 -6.31 6.12
CA LYS H 73 -32.60 -5.35 6.67
C LYS H 73 -33.23 -4.44 7.71
N LEU H 74 -34.46 -3.97 7.45
CA LEU H 74 -35.01 -2.95 8.35
C LEU H 74 -35.30 -3.54 9.73
N ASP H 75 -35.76 -4.78 9.79
CA ASP H 75 -35.97 -5.41 11.08
C ASP H 75 -34.66 -5.95 11.67
N VAL H 76 -33.71 -6.32 10.80
CA VAL H 76 -32.34 -6.62 11.22
C VAL H 76 -31.63 -5.36 11.70
N LEU H 77 -31.79 -4.25 10.99
CA LEU H 77 -31.24 -2.98 11.47
C LEU H 77 -31.83 -2.63 12.81
N SER H 78 -33.15 -2.83 12.96
CA SER H 78 -33.83 -2.55 14.23
C SER H 78 -33.29 -3.41 15.35
N ASN H 79 -33.12 -4.71 15.09
CA ASN H 79 -32.63 -5.63 16.11
C ASN H 79 -31.19 -5.30 16.52
N ASP H 80 -30.35 -4.90 15.56
CA ASP H 80 -28.98 -4.54 15.91
C ASP H 80 -28.92 -3.27 16.75
N LEU H 81 -29.82 -2.32 16.49
CA LEU H 81 -29.87 -1.09 17.28
C LEU H 81 -30.26 -1.36 18.74
N VAL H 82 -31.25 -2.23 18.97
CA VAL H 82 -31.66 -2.53 20.34
C VAL H 82 -30.61 -3.38 21.05
N MET H 83 -30.09 -4.40 20.36
CA MET H 83 -29.05 -5.24 20.93
C MET H 83 -27.85 -4.42 21.31
N ASN H 84 -27.36 -3.61 20.38
CA ASN H 84 -26.13 -2.89 20.66
C ASN H 84 -26.32 -1.86 21.77
N MET H 85 -27.44 -1.14 21.78
CA MET H 85 -27.62 -0.09 22.78
C MET H 85 -27.86 -0.67 24.17
N LEU H 86 -28.54 -1.80 24.26
CA LEU H 86 -28.79 -2.39 25.57
C LEU H 86 -27.52 -3.03 26.14
N LYS H 87 -26.78 -3.75 25.31
CA LYS H 87 -25.50 -4.31 25.74
C LYS H 87 -24.59 -3.21 26.29
N SER H 88 -24.42 -2.14 25.54
CA SER H 88 -23.53 -1.06 25.95
C SER H 88 -24.12 -0.23 27.08
N SER H 89 -25.33 -0.55 27.55
CA SER H 89 -25.89 0.18 28.69
C SER H 89 -25.33 -0.32 30.02
N PHE H 90 -24.71 -1.51 30.02
CA PHE H 90 -24.19 -2.13 31.23
C PHE H 90 -25.29 -2.38 32.24
N ALA H 91 -26.51 -2.64 31.76
CA ALA H 91 -27.65 -2.83 32.65
C ALA H 91 -28.38 -4.16 32.46
N THR H 92 -27.95 -4.99 31.50
CA THR H 92 -28.69 -6.18 31.11
C THR H 92 -27.76 -7.37 31.17
N CYS H 93 -28.36 -8.55 31.23
CA CYS H 93 -27.56 -9.76 31.24
C CYS H 93 -28.09 -10.84 30.30
N VAL H 94 -29.41 -10.91 30.09
CA VAL H 94 -30.04 -11.82 29.14
C VAL H 94 -31.01 -11.03 28.28
N LEU H 95 -30.95 -11.21 26.97
CA LEU H 95 -31.80 -10.50 26.02
C LEU H 95 -32.49 -11.48 25.10
N VAL H 96 -33.83 -11.43 25.06
CA VAL H 96 -34.64 -12.27 24.18
C VAL H 96 -35.32 -11.40 23.14
N SER H 97 -35.14 -11.75 21.87
CA SER H 97 -35.60 -10.95 20.74
C SER H 97 -36.37 -11.81 19.75
N GLU H 98 -37.25 -11.15 18.98
CA GLU H 98 -37.96 -11.86 17.92
C GLU H 98 -37.03 -12.35 16.81
N GLU H 99 -35.91 -11.67 16.58
CA GLU H 99 -35.04 -12.03 15.48
C GLU H 99 -34.10 -13.20 15.78
N ASP H 100 -33.94 -13.58 17.05
CA ASP H 100 -32.96 -14.58 17.47
C ASP H 100 -33.66 -15.79 18.06
N LYS H 101 -33.30 -16.98 17.60
CA LYS H 101 -33.94 -18.18 18.14
C LYS H 101 -33.56 -18.38 19.59
N HIS H 102 -32.32 -18.09 19.96
CA HIS H 102 -31.89 -18.21 21.33
C HIS H 102 -31.56 -16.85 21.92
N ALA H 103 -31.63 -16.80 23.26
CA ALA H 103 -31.33 -15.60 24.03
C ALA H 103 -29.85 -15.23 23.93
N ILE H 104 -29.60 -13.94 24.06
CA ILE H 104 -28.27 -13.37 23.99
C ILE H 104 -27.81 -13.12 25.41
N ILE H 105 -26.63 -13.62 25.73
CA ILE H 105 -26.01 -13.41 27.03
C ILE H 105 -24.94 -12.35 26.83
N VAL H 106 -25.07 -11.24 27.56
CA VAL H 106 -24.11 -10.15 27.49
C VAL H 106 -22.77 -10.61 28.06
N GLU H 107 -21.68 -10.17 27.44
CA GLU H 107 -20.38 -10.60 27.91
C GLU H 107 -20.11 -10.04 29.32
N PRO H 108 -19.24 -10.70 30.10
CA PRO H 108 -19.04 -10.30 31.50
C PRO H 108 -18.74 -8.83 31.71
N GLU H 109 -17.98 -8.19 30.82
CA GLU H 109 -17.57 -6.80 31.03
C GLU H 109 -18.73 -5.83 31.02
N LYS H 110 -19.85 -6.18 30.39
CA LYS H 110 -20.97 -5.26 30.21
C LYS H 110 -22.25 -5.70 30.92
N ARG H 111 -22.14 -6.59 31.92
CA ARG H 111 -23.32 -7.20 32.53
C ARG H 111 -23.96 -6.31 33.58
N GLY H 112 -25.30 -6.33 33.60
CA GLY H 112 -26.12 -5.65 34.58
C GLY H 112 -27.21 -6.57 35.09
N LYS H 113 -28.22 -6.02 35.78
CA LYS H 113 -29.14 -6.84 36.56
C LYS H 113 -30.51 -7.05 35.91
N TYR H 114 -30.73 -6.60 34.68
CA TYR H 114 -32.08 -6.65 34.13
C TYR H 114 -32.17 -7.60 32.94
N VAL H 115 -33.38 -8.12 32.71
CA VAL H 115 -33.68 -9.01 31.60
C VAL H 115 -34.73 -8.34 30.70
N VAL H 116 -34.47 -8.31 29.39
CA VAL H 116 -35.31 -7.59 28.45
C VAL H 116 -35.79 -8.53 27.36
N CYS H 117 -37.11 -8.63 27.20
CA CYS H 117 -37.74 -9.34 26.10
C CYS H 117 -38.38 -8.33 25.14
N PHE H 118 -38.03 -8.41 23.85
CA PHE H 118 -38.55 -7.40 22.92
C PHE H 118 -38.83 -7.99 21.54
N ASP H 119 -39.83 -7.40 20.89
CA ASP H 119 -39.98 -7.55 19.44
C ASP H 119 -39.51 -6.25 18.81
N PRO H 120 -38.37 -6.23 18.12
CA PRO H 120 -37.81 -4.94 17.74
C PRO H 120 -38.62 -4.22 16.65
N LEU H 121 -39.38 -4.94 15.80
CA LEU H 121 -40.19 -4.22 14.79
C LEU H 121 -41.46 -5.02 14.48
N ASP H 122 -42.43 -4.96 15.39
CA ASP H 122 -43.65 -5.75 15.25
C ASP H 122 -44.45 -5.36 14.02
N GLY H 123 -44.89 -6.36 13.26
CA GLY H 123 -45.68 -6.07 12.08
C GLY H 123 -44.88 -5.75 10.85
N SER H 124 -43.56 -5.92 10.88
CA SER H 124 -42.66 -5.57 9.78
C SER H 124 -42.86 -6.43 8.54
N SER H 125 -43.78 -7.40 8.55
CA SER H 125 -44.11 -8.13 7.32
C SER H 125 -44.88 -7.25 6.34
N ASN H 126 -45.89 -6.53 6.83
CA ASN H 126 -46.71 -5.64 6.01
C ASN H 126 -46.14 -4.22 5.92
N ILE H 127 -44.85 -4.03 6.17
CA ILE H 127 -44.25 -2.70 6.10
C ILE H 127 -44.15 -2.20 4.67
N ASP H 128 -44.44 -3.04 3.68
CA ASP H 128 -44.47 -2.60 2.30
C ASP H 128 -45.72 -1.78 1.97
N CYS H 129 -46.85 -2.04 2.63
CA CYS H 129 -48.05 -1.21 2.49
C CYS H 129 -48.07 -0.07 3.50
N LEU H 130 -46.89 0.21 4.08
CA LEU H 130 -46.63 1.30 5.01
C LEU H 130 -47.53 1.27 6.22
N VAL H 131 -48.03 0.09 6.59
CA VAL H 131 -48.86 0.00 7.78
C VAL H 131 -48.01 0.36 9.00
N SER H 132 -48.69 0.78 10.06
CA SER H 132 -48.04 1.03 11.34
C SER H 132 -47.26 -0.18 11.78
N VAL H 133 -46.04 0.07 12.28
CA VAL H 133 -45.16 -0.94 12.87
C VAL H 133 -44.77 -0.44 14.25
N GLY H 134 -44.16 -1.32 15.04
CA GLY H 134 -43.83 -0.93 16.39
C GLY H 134 -42.79 -1.80 17.04
N THR H 135 -42.23 -1.27 18.12
CA THR H 135 -41.33 -2.01 19.00
C THR H 135 -42.05 -2.28 20.31
N ILE H 136 -42.08 -3.55 20.74
CA ILE H 136 -42.66 -3.95 22.03
C ILE H 136 -41.53 -4.47 22.92
N PHE H 137 -41.59 -4.16 24.22
CA PHE H 137 -40.57 -4.58 25.17
C PHE H 137 -41.16 -4.96 26.52
N GLY H 138 -40.53 -5.93 27.19
CA GLY H 138 -40.84 -6.29 28.57
C GLY H 138 -39.59 -6.47 29.41
N ILE H 139 -39.60 -5.95 30.63
CA ILE H 139 -38.41 -5.96 31.47
C ILE H 139 -38.71 -6.74 32.73
N TYR H 140 -37.93 -7.79 32.98
CA TYR H 140 -38.04 -8.64 34.18
C TYR H 140 -36.72 -8.56 34.95
N ARG H 141 -36.79 -8.49 36.28
CA ARG H 141 -35.56 -8.48 37.07
C ARG H 141 -34.96 -9.88 37.16
N LYS H 142 -33.67 -9.99 36.88
CA LYS H 142 -33.00 -11.26 37.16
C LYS H 142 -33.17 -11.62 38.64
N LYS H 143 -33.58 -12.87 38.87
CA LYS H 143 -34.02 -13.37 40.15
C LYS H 143 -32.95 -14.16 40.90
N SER H 144 -32.32 -15.16 40.27
CA SER H 144 -31.24 -15.89 40.92
C SER H 144 -29.91 -15.23 40.60
N THR H 145 -28.90 -15.61 41.36
CA THR H 145 -27.51 -15.20 41.16
C THR H 145 -26.72 -16.22 40.36
N ASP H 146 -27.40 -17.22 39.79
CA ASP H 146 -26.73 -18.19 38.92
C ASP H 146 -26.12 -17.47 37.73
N GLU H 147 -25.22 -18.16 37.05
CA GLU H 147 -24.70 -17.62 35.80
C GLU H 147 -25.86 -17.33 34.85
N PRO H 148 -25.86 -16.17 34.18
CA PRO H 148 -27.05 -15.79 33.40
C PRO H 148 -27.25 -16.72 32.22
N SER H 149 -28.51 -17.02 31.94
CA SER H 149 -28.88 -17.93 30.86
C SER H 149 -30.33 -17.67 30.47
N GLU H 150 -30.89 -18.53 29.60
CA GLU H 150 -32.28 -18.41 29.17
C GLU H 150 -33.30 -18.59 30.29
N LYS H 151 -32.97 -19.40 31.31
CA LYS H 151 -33.92 -19.64 32.39
C LYS H 151 -34.35 -18.37 33.10
N ASP H 152 -33.56 -17.30 33.00
CA ASP H 152 -33.89 -16.03 33.63
C ASP H 152 -34.99 -15.25 32.90
N ALA H 153 -35.31 -15.59 31.63
CA ALA H 153 -36.36 -14.90 30.88
C ALA H 153 -37.72 -15.63 30.91
N LEU H 154 -37.81 -16.79 31.54
CA LEU H 154 -39.05 -17.56 31.58
C LEU H 154 -39.92 -17.23 32.78
N GLN H 155 -39.99 -15.97 33.21
CA GLN H 155 -40.85 -15.61 34.34
C GLN H 155 -42.28 -15.29 33.88
N PRO H 156 -43.26 -15.50 34.75
CA PRO H 156 -44.62 -15.08 34.43
C PRO H 156 -44.77 -13.56 34.46
N GLY H 157 -45.73 -13.08 33.68
CA GLY H 157 -46.02 -11.66 33.49
C GLY H 157 -46.35 -10.88 34.74
N ARG H 158 -46.84 -11.54 35.79
CA ARG H 158 -47.01 -10.88 37.08
C ARG H 158 -45.69 -10.27 37.57
N ASN H 159 -44.54 -10.82 37.13
CA ASN H 159 -43.26 -10.37 37.65
C ASN H 159 -42.69 -9.17 36.90
N LEU H 160 -43.43 -8.60 35.93
CA LEU H 160 -42.87 -7.54 35.11
C LEU H 160 -42.55 -6.32 35.96
N VAL H 161 -41.34 -5.79 35.77
CA VAL H 161 -40.94 -4.53 36.38
C VAL H 161 -41.53 -3.35 35.60
N ALA H 162 -41.57 -3.45 34.27
CA ALA H 162 -42.10 -2.40 33.40
C ALA H 162 -42.36 -3.01 32.02
N ALA H 163 -43.30 -2.41 31.28
CA ALA H 163 -43.60 -2.91 29.94
C ALA H 163 -44.25 -1.82 29.06
N GLY H 164 -44.23 -2.05 27.76
CA GLY H 164 -44.81 -1.08 26.86
C GLY H 164 -44.34 -1.27 25.43
N TYR H 165 -44.58 -0.24 24.64
CA TYR H 165 -44.29 -0.35 23.20
C TYR H 165 -44.08 1.01 22.56
N ALA H 166 -43.29 1.01 21.50
CA ALA H 166 -43.21 2.14 20.58
C ALA H 166 -44.10 1.84 19.36
N LEU H 167 -44.97 2.79 19.03
CA LEU H 167 -45.83 2.71 17.85
C LEU H 167 -45.32 3.69 16.79
N TYR H 168 -44.90 3.16 15.63
CA TYR H 168 -44.52 4.02 14.49
C TYR H 168 -45.71 4.23 13.55
N GLY H 169 -46.61 5.12 13.97
CA GLY H 169 -47.85 5.31 13.26
C GLY H 169 -47.84 6.58 12.43
N SER H 170 -48.97 7.27 12.39
CA SER H 170 -48.97 8.57 11.74
C SER H 170 -48.00 9.49 12.44
N ALA H 171 -47.78 9.28 13.73
CA ALA H 171 -46.68 9.85 14.49
C ALA H 171 -46.07 8.73 15.32
N THR H 172 -44.95 9.01 16.00
CA THR H 172 -44.29 7.99 16.84
C THR H 172 -44.60 8.23 18.32
N MET H 173 -45.30 7.29 18.93
CA MET H 173 -45.70 7.37 20.33
C MET H 173 -45.20 6.17 21.11
N LEU H 174 -44.73 6.47 22.33
CA LEU H 174 -44.26 5.49 23.31
C LEU H 174 -45.24 5.42 24.48
N VAL H 175 -45.79 4.23 24.74
CA VAL H 175 -46.67 3.96 25.86
C VAL H 175 -45.92 3.13 26.88
N LEU H 176 -45.77 3.66 28.10
CA LEU H 176 -44.95 3.08 29.16
C LEU H 176 -45.81 2.72 30.36
N ALA H 177 -45.81 1.45 30.74
CA ALA H 177 -46.58 0.96 31.89
C ALA H 177 -45.66 0.53 33.03
N MET H 178 -46.03 0.88 34.24
CA MET H 178 -45.31 0.42 35.40
C MET H 178 -46.31 0.19 36.53
N ASP H 179 -45.82 0.00 37.75
CA ASP H 179 -46.70 -0.36 38.85
C ASP H 179 -47.78 0.69 39.11
N CYS H 180 -47.44 1.97 38.95
CA CYS H 180 -48.37 3.06 39.23
C CYS H 180 -49.28 3.45 38.06
N GLY H 181 -49.11 2.89 36.87
CA GLY H 181 -50.04 3.14 35.78
C GLY H 181 -49.34 3.40 34.47
N VAL H 182 -50.08 3.90 33.50
CA VAL H 182 -49.64 3.99 32.11
C VAL H 182 -49.59 5.45 31.69
N ASN H 183 -48.51 5.84 31.03
CA ASN H 183 -48.33 7.19 30.51
C ASN H 183 -47.87 7.11 29.07
N CYS H 184 -48.33 8.06 28.25
CA CYS H 184 -48.08 8.05 26.81
C CYS H 184 -47.22 9.25 26.41
N PHE H 185 -46.18 8.99 25.61
CA PHE H 185 -45.22 10.01 25.19
C PHE H 185 -45.15 10.09 23.68
N MET H 186 -45.16 11.32 23.16
CA MET H 186 -45.11 11.61 21.72
C MET H 186 -43.71 12.10 21.31
N LEU H 187 -43.13 11.47 20.28
CA LEU H 187 -41.82 11.87 19.76
C LEU H 187 -41.92 13.16 18.94
N ASP H 188 -41.19 14.20 19.35
CA ASP H 188 -41.08 15.39 18.54
C ASP H 188 -39.84 15.25 17.68
N PRO H 189 -39.97 15.00 16.37
CA PRO H 189 -38.79 14.74 15.53
C PRO H 189 -37.94 15.97 15.26
N ALA H 190 -38.45 17.16 15.56
CA ALA H 190 -37.68 18.38 15.37
C ALA H 190 -36.49 18.46 16.33
N ILE H 191 -36.60 17.86 17.51
CA ILE H 191 -35.59 17.96 18.55
C ILE H 191 -35.18 16.61 19.12
N GLY H 192 -35.86 15.54 18.71
CA GLY H 192 -35.55 14.21 19.24
C GLY H 192 -35.85 14.03 20.72
N GLU H 193 -37.07 14.36 21.14
CA GLU H 193 -37.51 14.25 22.54
C GLU H 193 -38.92 13.65 22.61
N PHE H 194 -39.12 12.75 23.58
CA PHE H 194 -40.43 12.18 23.88
C PHE H 194 -41.15 13.08 24.89
N ILE H 195 -42.35 13.53 24.52
CA ILE H 195 -43.14 14.48 25.31
C ILE H 195 -44.32 13.74 25.92
N LEU H 196 -44.46 13.86 27.23
CA LEU H 196 -45.59 13.26 27.93
C LEU H 196 -46.87 13.97 27.53
N VAL H 197 -47.84 13.22 27.00
CA VAL H 197 -49.10 13.80 26.54
C VAL H 197 -50.34 13.21 27.22
N ASP H 198 -50.29 12.00 27.80
CA ASP H 198 -51.47 11.36 28.40
C ASP H 198 -51.06 10.69 29.71
N LYS H 199 -51.50 11.25 30.83
CA LYS H 199 -51.10 10.79 32.17
C LYS H 199 -52.12 9.82 32.76
N ASP H 200 -51.64 8.67 33.24
CA ASP H 200 -52.45 7.76 34.05
C ASP H 200 -53.73 7.31 33.31
N VAL H 201 -53.54 6.64 32.19
CA VAL H 201 -54.66 6.32 31.30
C VAL H 201 -55.49 5.17 31.86
N LYS H 202 -56.80 5.23 31.66
CA LYS H 202 -57.74 4.17 32.01
C LYS H 202 -58.62 3.87 30.81
N ILE H 203 -58.81 2.60 30.53
CA ILE H 203 -59.65 2.15 29.42
C ILE H 203 -61.11 2.19 29.84
N LYS H 204 -62.01 2.41 28.87
CA LYS H 204 -63.43 2.47 29.18
C LYS H 204 -63.91 1.18 29.80
N LYS H 205 -64.85 1.29 30.74
CA LYS H 205 -65.42 0.09 31.35
C LYS H 205 -66.10 -0.79 30.29
N LYS H 206 -66.61 -0.18 29.22
CA LYS H 206 -67.26 -0.92 28.14
C LYS H 206 -67.15 -0.12 26.85
N GLY H 207 -66.81 -0.80 25.76
CA GLY H 207 -66.57 -0.18 24.48
C GLY H 207 -67.63 -0.53 23.43
N LYS H 208 -67.29 -0.21 22.17
CA LYS H 208 -68.17 -0.50 21.04
C LYS H 208 -67.44 -1.09 19.84
N ILE H 209 -66.23 -1.63 20.02
CA ILE H 209 -65.47 -2.21 18.91
C ILE H 209 -64.92 -3.58 19.30
N TYR H 210 -65.04 -4.53 18.39
CA TYR H 210 -64.38 -5.82 18.48
C TYR H 210 -63.32 -5.89 17.39
N SER H 211 -62.24 -6.61 17.68
CA SER H 211 -61.03 -6.58 16.86
C SER H 211 -60.49 -7.99 16.72
N LEU H 212 -60.50 -8.53 15.51
CA LEU H 212 -59.97 -9.85 15.20
C LEU H 212 -60.05 -10.08 13.70
N ASN H 213 -59.39 -11.13 13.23
CA ASN H 213 -59.40 -11.50 11.81
C ASN H 213 -60.57 -12.44 11.54
N GLU H 214 -61.66 -11.92 10.96
CA GLU H 214 -62.83 -12.77 10.71
C GLU H 214 -62.68 -13.68 9.49
N GLY H 215 -61.59 -13.57 8.74
CA GLY H 215 -61.38 -14.51 7.65
C GLY H 215 -61.22 -15.94 8.12
N TYR H 216 -60.72 -16.13 9.33
CA TYR H 216 -60.62 -17.45 9.92
C TYR H 216 -61.90 -17.86 10.63
N ALA H 217 -63.04 -17.30 10.20
CA ALA H 217 -64.31 -17.59 10.86
C ALA H 217 -64.61 -19.08 10.85
N LYS H 218 -64.22 -19.76 9.77
CA LYS H 218 -64.48 -21.18 9.63
C LYS H 218 -63.75 -22.02 10.67
N ASP H 219 -62.65 -21.51 11.22
CA ASP H 219 -61.92 -22.22 12.26
C ASP H 219 -62.15 -21.65 13.65
N PHE H 220 -63.11 -20.73 13.80
CA PHE H 220 -63.41 -20.13 15.10
C PHE H 220 -63.98 -21.16 16.06
N ASP H 221 -63.50 -21.11 17.30
CA ASP H 221 -64.08 -21.87 18.41
C ASP H 221 -65.55 -21.46 18.59
N PRO H 222 -66.42 -22.40 19.04
CA PRO H 222 -67.84 -22.07 19.17
C PRO H 222 -68.12 -20.86 20.06
N ALA H 223 -67.26 -20.60 21.05
CA ALA H 223 -67.44 -19.44 21.91
C ALA H 223 -67.21 -18.13 21.14
N VAL H 224 -66.12 -18.07 20.36
CA VAL H 224 -65.83 -16.86 19.57
C VAL H 224 -66.93 -16.65 18.53
N THR H 225 -67.36 -17.73 17.88
CA THR H 225 -68.48 -17.65 16.96
C THR H 225 -69.71 -17.06 17.64
N GLU H 226 -70.04 -17.56 18.84
CA GLU H 226 -71.24 -17.06 19.51
C GLU H 226 -71.04 -15.63 20.02
N TYR H 227 -69.88 -15.33 20.60
CA TYR H 227 -69.67 -13.99 21.12
C TYR H 227 -69.72 -12.93 20.01
N ILE H 228 -69.17 -13.24 18.82
CA ILE H 228 -69.15 -12.24 17.74
C ILE H 228 -70.55 -12.00 17.16
N GLN H 229 -71.38 -13.04 17.08
CA GLN H 229 -72.77 -12.90 16.63
C GLN H 229 -73.54 -11.93 17.52
N ARG H 230 -73.34 -11.99 18.83
CA ARG H 230 -74.03 -11.08 19.73
C ARG H 230 -73.55 -9.66 19.58
N LYS H 231 -72.34 -9.47 19.04
CA LYS H 231 -71.85 -8.13 18.75
C LYS H 231 -72.51 -7.57 17.50
N LYS H 232 -72.81 -8.43 16.55
CA LYS H 232 -73.48 -8.06 15.30
C LYS H 232 -75.00 -8.11 15.45
N PHE H 233 -75.53 -9.06 16.21
CA PHE H 233 -76.97 -9.22 16.39
C PHE H 233 -77.32 -9.23 17.87
N PRO H 234 -77.30 -8.06 18.53
CA PRO H 234 -77.66 -7.99 19.94
C PRO H 234 -79.07 -8.52 20.18
N PRO H 235 -79.26 -9.30 21.23
CA PRO H 235 -80.61 -9.86 21.51
C PRO H 235 -81.61 -8.85 22.01
N ASP H 236 -81.17 -7.76 22.64
CA ASP H 236 -82.07 -6.73 23.13
C ASP H 236 -82.22 -5.56 22.15
N ASN H 237 -82.25 -4.34 22.69
CA ASN H 237 -82.33 -3.11 21.92
C ASN H 237 -80.99 -2.41 21.85
N SER H 238 -79.89 -3.12 22.07
CA SER H 238 -78.60 -2.48 21.92
C SER H 238 -78.15 -2.47 20.47
N ALA H 239 -77.29 -1.53 20.17
CA ALA H 239 -76.67 -1.27 18.89
C ALA H 239 -75.54 -2.26 18.64
N PRO H 240 -75.39 -2.76 17.40
CA PRO H 240 -74.27 -3.67 17.10
C PRO H 240 -72.92 -2.97 17.18
N TYR H 241 -71.88 -3.74 17.52
CA TYR H 241 -70.52 -3.21 17.57
C TYR H 241 -69.97 -2.95 16.18
N GLY H 242 -69.08 -1.95 16.08
CA GLY H 242 -68.29 -1.78 14.89
C GLY H 242 -66.99 -2.60 14.92
N ALA H 243 -66.40 -2.82 13.74
CA ALA H 243 -65.23 -3.66 13.58
C ALA H 243 -64.05 -2.91 12.98
N ARG H 244 -62.85 -3.17 13.54
CA ARG H 244 -61.56 -2.68 13.07
C ARG H 244 -60.54 -3.80 13.22
N TYR H 245 -59.67 -3.98 12.21
CA TYR H 245 -58.57 -4.95 12.33
C TYR H 245 -57.42 -4.54 11.39
N VAL H 246 -56.38 -3.96 11.99
CA VAL H 246 -55.19 -3.52 11.26
C VAL H 246 -54.28 -4.69 10.87
N GLY H 247 -54.18 -5.71 11.71
CA GLY H 247 -53.28 -6.82 11.48
C GLY H 247 -51.88 -6.66 12.04
N SER H 248 -51.57 -5.55 12.71
CA SER H 248 -50.32 -5.33 13.40
C SER H 248 -50.64 -5.06 14.86
N MET H 249 -50.11 -5.90 15.78
CA MET H 249 -50.66 -5.95 17.13
C MET H 249 -50.57 -4.60 17.83
N VAL H 250 -49.44 -3.91 17.68
CA VAL H 250 -49.20 -2.64 18.36
C VAL H 250 -50.28 -1.61 18.01
N ALA H 251 -50.76 -1.61 16.77
CA ALA H 251 -51.78 -0.65 16.36
C ALA H 251 -53.16 -0.98 16.94
N ASP H 252 -53.58 -2.24 16.81
CA ASP H 252 -54.89 -2.68 17.29
C ASP H 252 -55.02 -2.54 18.81
N VAL H 253 -53.96 -2.88 19.56
CA VAL H 253 -53.98 -2.83 21.02
C VAL H 253 -54.06 -1.38 21.49
N HIS H 254 -53.34 -0.48 20.81
CA HIS H 254 -53.34 0.94 21.19
C HIS H 254 -54.70 1.58 20.93
N ARG H 255 -55.37 1.20 19.83
CA ARG H 255 -56.73 1.71 19.63
C ARG H 255 -57.69 1.15 20.71
N THR H 256 -57.55 -0.13 21.05
CA THR H 256 -58.37 -0.72 22.12
C THR H 256 -58.19 0.01 23.43
N LEU H 257 -56.95 0.35 23.77
CA LEU H 257 -56.71 1.10 25.00
C LEU H 257 -57.40 2.45 24.92
N VAL H 258 -57.30 3.12 23.78
CA VAL H 258 -57.76 4.51 23.67
C VAL H 258 -59.27 4.60 23.46
N TYR H 259 -59.90 3.64 22.78
CA TYR H 259 -61.33 3.78 22.47
C TYR H 259 -62.23 2.82 23.25
N GLY H 260 -61.67 1.78 23.84
CA GLY H 260 -62.46 0.79 24.53
C GLY H 260 -62.89 -0.28 23.56
N GLY H 261 -63.45 -1.34 24.10
CA GLY H 261 -63.79 -2.46 23.28
C GLY H 261 -62.89 -3.63 23.59
N ILE H 262 -62.82 -4.55 22.65
CA ILE H 262 -62.19 -5.83 22.88
C ILE H 262 -61.29 -6.21 21.69
N PHE H 263 -60.13 -6.79 22.00
CA PHE H 263 -59.19 -7.32 21.00
C PHE H 263 -58.96 -8.79 21.31
N LEU H 264 -59.09 -9.64 20.28
CA LEU H 264 -59.01 -11.08 20.37
C LEU H 264 -58.08 -11.57 19.28
N TYR H 265 -57.13 -12.41 19.67
CA TYR H 265 -56.40 -13.30 18.78
C TYR H 265 -56.45 -14.63 19.50
N PRO H 266 -57.55 -15.37 19.37
CA PRO H 266 -57.84 -16.47 20.30
C PRO H 266 -57.29 -17.82 19.86
N ALA H 267 -57.59 -18.83 20.66
CA ALA H 267 -57.24 -20.20 20.35
C ALA H 267 -58.32 -20.86 19.49
N ASN H 268 -57.89 -21.84 18.69
CA ASN H 268 -58.80 -22.75 17.99
C ASN H 268 -58.19 -24.15 18.12
N LYS H 269 -58.81 -25.14 17.51
CA LYS H 269 -58.26 -26.49 17.59
C LYS H 269 -56.97 -26.63 16.79
N LYS H 270 -56.82 -25.84 15.72
CA LYS H 270 -55.61 -25.93 14.91
C LYS H 270 -54.42 -25.28 15.61
N SER H 271 -54.67 -24.23 16.39
CA SER H 271 -53.65 -23.53 17.16
C SER H 271 -54.14 -23.44 18.59
N PRO H 272 -53.99 -24.53 19.37
CA PRO H 272 -54.57 -24.54 20.74
C PRO H 272 -53.99 -23.49 21.66
N ASN H 273 -52.84 -22.90 21.31
CA ASN H 273 -52.21 -21.88 22.14
C ASN H 273 -52.11 -20.51 21.44
N GLY H 274 -52.90 -20.24 20.41
CA GLY H 274 -52.75 -18.95 19.77
C GLY H 274 -51.53 -18.86 18.86
N LYS H 275 -51.29 -17.64 18.40
CA LYS H 275 -50.21 -17.35 17.46
C LYS H 275 -49.20 -16.38 18.03
N LEU H 276 -49.65 -15.44 18.86
CA LEU H 276 -48.80 -14.37 19.31
C LEU H 276 -47.87 -14.89 20.42
N ARG H 277 -46.69 -14.30 20.50
CA ARG H 277 -45.67 -14.82 21.40
C ARG H 277 -45.85 -14.22 22.79
N LEU H 278 -45.70 -15.08 23.81
CA LEU H 278 -46.07 -14.70 25.17
C LEU H 278 -45.08 -13.74 25.79
N LEU H 279 -43.79 -13.96 25.56
CA LEU H 279 -42.79 -13.17 26.29
C LEU H 279 -42.80 -11.72 25.84
N TYR H 280 -42.77 -11.48 24.53
CA TYR H 280 -42.59 -10.12 24.03
C TYR H 280 -43.79 -9.58 23.26
N GLU H 281 -44.95 -10.25 23.26
CA GLU H 281 -46.17 -9.66 22.68
C GLU H 281 -47.36 -9.69 23.65
N CYS H 282 -47.74 -10.90 24.09
CA CYS H 282 -48.93 -11.05 24.92
C CYS H 282 -48.73 -10.42 26.30
N ASN H 283 -47.58 -10.66 26.91
CA ASN H 283 -47.39 -10.18 28.28
C ASN H 283 -47.30 -8.66 28.37
N PRO H 284 -46.44 -7.98 27.60
CA PRO H 284 -46.37 -6.51 27.76
C PRO H 284 -47.70 -5.82 27.43
N MET H 285 -48.48 -6.37 26.50
CA MET H 285 -49.77 -5.75 26.23
C MET H 285 -50.76 -6.05 27.35
N ALA H 286 -50.74 -7.29 27.86
CA ALA H 286 -51.52 -7.61 29.05
C ALA H 286 -51.16 -6.71 30.23
N TYR H 287 -49.86 -6.43 30.41
CA TYR H 287 -49.45 -5.59 31.53
C TYR H 287 -50.01 -4.18 31.38
N VAL H 288 -49.88 -3.59 30.16
CA VAL H 288 -50.47 -2.27 29.87
C VAL H 288 -51.98 -2.30 30.11
N MET H 289 -52.66 -3.34 29.63
CA MET H 289 -54.11 -3.41 29.79
C MET H 289 -54.52 -3.40 31.26
N GLU H 290 -53.98 -4.32 32.07
CA GLU H 290 -54.40 -4.36 33.47
C GLU H 290 -54.01 -3.08 34.19
N LYS H 291 -52.86 -2.50 33.85
CA LYS H 291 -52.51 -1.24 34.48
C LYS H 291 -53.44 -0.10 34.12
N ALA H 292 -54.25 -0.26 33.06
CA ALA H 292 -55.21 0.75 32.62
C ALA H 292 -56.65 0.42 33.03
N GLY H 293 -56.84 -0.62 33.85
CA GLY H 293 -58.15 -0.99 34.29
C GLY H 293 -58.78 -2.04 33.42
N GLY H 294 -58.01 -2.67 32.54
CA GLY H 294 -58.51 -3.66 31.63
C GLY H 294 -58.21 -5.05 32.12
N MET H 295 -58.49 -6.01 31.26
CA MET H 295 -58.32 -7.41 31.57
C MET H 295 -57.63 -8.05 30.39
N ALA H 296 -56.98 -9.19 30.63
CA ALA H 296 -56.34 -9.91 29.52
C ALA H 296 -56.36 -11.38 29.90
N THR H 297 -57.07 -12.18 29.10
CA THR H 297 -57.32 -13.57 29.41
C THR H 297 -56.97 -14.46 28.22
N THR H 298 -56.72 -15.71 28.52
CA THR H 298 -56.55 -16.75 27.53
C THR H 298 -57.84 -17.51 27.32
N GLY H 299 -58.90 -17.14 28.05
CA GLY H 299 -60.09 -17.96 28.16
C GLY H 299 -60.04 -18.80 29.42
N LYS H 300 -58.91 -19.46 29.64
CA LYS H 300 -58.75 -20.27 30.84
C LYS H 300 -58.21 -19.48 32.03
N GLU H 301 -57.26 -18.57 31.80
CA GLU H 301 -56.67 -17.83 32.91
C GLU H 301 -56.23 -16.46 32.45
N ALA H 302 -55.83 -15.64 33.42
CA ALA H 302 -55.21 -14.36 33.09
C ALA H 302 -53.89 -14.59 32.39
N VAL H 303 -53.63 -13.78 31.37
CA VAL H 303 -52.39 -13.92 30.61
C VAL H 303 -51.19 -13.73 31.54
N LEU H 304 -51.30 -12.78 32.47
CA LEU H 304 -50.19 -12.49 33.35
C LEU H 304 -49.89 -13.67 34.28
N ASP H 305 -50.81 -14.61 34.41
CA ASP H 305 -50.66 -15.76 35.30
C ASP H 305 -50.06 -16.98 34.63
N VAL H 306 -49.65 -16.89 33.36
CA VAL H 306 -49.06 -18.03 32.68
C VAL H 306 -47.58 -18.15 33.04
N ILE H 307 -47.15 -19.36 33.36
CA ILE H 307 -45.73 -19.65 33.62
C ILE H 307 -45.13 -20.12 32.29
N PRO H 308 -44.22 -19.37 31.69
CA PRO H 308 -43.65 -19.79 30.41
C PRO H 308 -42.61 -20.88 30.57
N THR H 309 -42.55 -21.77 29.56
CA THR H 309 -41.49 -22.76 29.47
C THR H 309 -40.63 -22.60 28.22
N ASP H 310 -41.00 -21.72 27.29
CA ASP H 310 -40.12 -21.49 26.17
C ASP H 310 -40.09 -20.01 25.87
N ILE H 311 -38.90 -19.49 25.52
CA ILE H 311 -38.80 -18.07 25.28
C ILE H 311 -39.61 -17.66 24.07
N HIS H 312 -39.88 -18.60 23.16
CA HIS H 312 -40.65 -18.31 21.96
C HIS H 312 -42.05 -18.94 21.96
N GLN H 313 -42.60 -19.30 23.12
CA GLN H 313 -43.89 -19.97 23.12
C GLN H 313 -45.04 -18.99 22.84
N ARG H 314 -46.12 -19.53 22.31
CA ARG H 314 -47.31 -18.78 21.95
C ARG H 314 -48.39 -18.90 23.03
N ALA H 315 -49.30 -17.91 23.03
CA ALA H 315 -50.40 -17.82 23.99
C ALA H 315 -51.60 -17.14 23.33
N PRO H 316 -52.82 -17.61 23.58
CA PRO H 316 -54.00 -16.87 23.13
C PRO H 316 -54.27 -15.68 24.03
N VAL H 317 -54.94 -14.68 23.48
CA VAL H 317 -55.10 -13.42 24.21
C VAL H 317 -56.42 -12.78 23.78
N ILE H 318 -57.21 -12.36 24.78
CA ILE H 318 -58.41 -11.55 24.58
C ILE H 318 -58.34 -10.42 25.59
N LEU H 319 -58.18 -9.18 25.11
CA LEU H 319 -57.97 -8.07 26.03
C LEU H 319 -58.83 -6.90 25.62
N GLY H 320 -58.93 -5.94 26.54
CA GLY H 320 -59.73 -4.76 26.37
C GLY H 320 -60.50 -4.41 27.63
N SER H 321 -61.68 -3.84 27.43
CA SER H 321 -62.55 -3.37 28.50
C SER H 321 -63.06 -4.52 29.39
N PRO H 322 -63.19 -4.30 30.70
CA PRO H 322 -63.60 -5.39 31.60
C PRO H 322 -65.00 -5.96 31.32
N ASP H 323 -66.02 -5.10 31.16
CA ASP H 323 -67.35 -5.62 30.86
C ASP H 323 -67.33 -6.47 29.59
N ASP H 324 -66.51 -6.07 28.60
CA ASP H 324 -66.48 -6.82 27.36
C ASP H 324 -65.76 -8.15 27.53
N VAL H 325 -64.66 -8.15 28.30
CA VAL H 325 -63.95 -9.38 28.57
C VAL H 325 -64.78 -10.29 29.49
N LEU H 326 -65.49 -9.71 30.45
CA LEU H 326 -66.38 -10.54 31.26
C LEU H 326 -67.51 -11.12 30.42
N GLU H 327 -68.06 -10.32 29.49
CA GLU H 327 -69.11 -10.83 28.62
C GLU H 327 -68.58 -11.92 27.69
N PHE H 328 -67.33 -11.82 27.24
CA PHE H 328 -66.79 -12.90 26.43
C PHE H 328 -66.57 -14.16 27.27
N LEU H 329 -66.04 -14.02 28.49
CA LEU H 329 -65.81 -15.18 29.37
C LEU H 329 -67.10 -15.92 29.67
N LYS H 330 -68.21 -15.19 29.82
CA LYS H 330 -69.51 -15.82 30.07
C LYS H 330 -69.90 -16.77 28.95
N VAL H 331 -69.75 -16.34 27.69
CA VAL H 331 -70.01 -17.21 26.55
C VAL H 331 -69.01 -18.35 26.50
N TYR H 332 -67.75 -18.07 26.84
CA TYR H 332 -66.72 -19.10 26.86
C TYR H 332 -67.07 -20.18 27.88
N GLU H 333 -67.61 -19.77 29.01
CA GLU H 333 -67.92 -20.71 30.08
C GLU H 333 -69.15 -21.54 29.75
N LYS H 334 -70.10 -21.00 28.98
CA LYS H 334 -71.20 -21.84 28.51
C LYS H 334 -70.69 -23.01 27.69
N HIS H 335 -69.66 -22.78 26.86
CA HIS H 335 -69.10 -23.84 26.05
C HIS H 335 -67.96 -24.56 26.75
N SER H 336 -67.91 -24.50 28.07
CA SER H 336 -66.86 -25.14 28.84
C SER H 336 -67.29 -26.54 29.28
C5 95G I . 34.57 -31.22 17.06
C6 95G I . 32.17 -27.57 16.32
C9 95G I . 31.85 -30.07 18.84
C10 95G I . 34.47 -31.40 15.68
C3 95G I . 33.48 -28.05 16.25
C1 95G I . 33.54 -29.09 17.22
C11 95G I . 34.68 -32.32 17.91
C15 95G I . 34.62 -33.77 15.99
C14 95G I . 34.71 -33.60 17.37
C13 95G I . 34.50 -32.67 15.14
O2 95G I . 34.54 -29.93 17.61
C21 95G I . 41.22 -36.72 12.40
C22 95G I . 41.01 -35.54 11.79
C24 95G I . 39.46 -36.05 13.54
C27 95G I . 37.15 -35.68 14.29
N19 95G I . 36.23 -35.85 15.30
N20 95G I . 40.33 -37.01 13.39
N26 95G I . 38.45 -36.15 14.50
N4 95G I . 32.31 -29.16 17.79
N8 95G I . 31.45 -28.25 17.25
O17 95G I . 34.00 -36.27 16.24
O18 95G I . 34.16 -35.31 13.98
O28 95G I . 36.83 -35.11 13.24
S16 95G I . 34.64 -35.39 15.32
S23 95G I . 39.65 -34.72 12.45
BR25 95G I . 42.01 -34.79 10.38
CL1 95G I . 31.54 -26.29 15.36
CL7 95G I . 34.78 -27.56 15.25
C5 95G J . 24.04 7.80 -25.52
C6 95G J . 22.94 6.89 -21.26
C9 95G J . 22.76 9.81 -23.27
C10 95G J . 25.25 7.21 -25.24
C3 95G J . 22.97 6.26 -22.53
C1 95G J . 22.90 7.30 -23.47
C11 95G J . 23.97 8.83 -26.44
C15 95G J . 26.33 8.66 -26.80
C14 95G J . 25.12 9.27 -27.08
C13 95G J . 26.40 7.64 -25.87
O2 95G J . 22.88 7.33 -24.85
C21 95G J . 29.63 4.32 -32.59
C22 95G J . 29.54 3.54 -31.50
C24 95G J . 28.77 5.77 -31.18
C27 95G J . 28.33 7.38 -29.41
N19 95G J . 27.81 8.60 -29.11
N20 95G J . 29.19 5.61 -32.41
N26 95G J . 28.28 6.99 -30.75
N4 95G J . 22.85 8.46 -22.77
N8 95G J . 22.86 8.23 -21.43
O17 95G J . 27.73 10.64 -27.70
O18 95G J . 28.91 8.63 -26.91
O28 95G J . 28.80 6.68 -28.54
S16 95G J . 27.80 9.22 -27.58
S23 95G J . 28.89 4.37 -30.17
BR25 95G J . 30.05 1.73 -31.33
CL1 95G J . 22.99 6.11 -19.70
CL7 95G J . 23.05 4.59 -22.93
C5 95G K . 44.93 -41.86 3.83
C6 95G K . 46.36 -40.72 -0.19
C9 95G K . 47.56 -43.17 2.08
C10 95G K . 44.50 -40.57 4.15
C3 95G K . 45.19 -40.88 0.55
C1 95G K . 45.47 -41.84 1.53
C11 95G K . 45.58 -42.63 4.78
C15 95G K . 45.38 -40.85 6.36
C14 95G K . 45.81 -42.12 6.04
C13 95G K . 44.72 -40.07 5.42
O2 95G K . 44.72 -42.39 2.54
C21 95G K . 39.19 -38.53 10.96
C22 95G K . 39.02 -37.97 9.76
C24 95G K . 40.96 -39.34 9.93
C27 95G K . 43.21 -39.68 8.92
N19 95G K . 44.33 -40.49 8.88
N20 95G K . 40.31 -39.32 11.08
N26 95G K . 42.16 -40.07 9.78
N4 95G K . 46.78 -42.21 1.35
N8 95G K . 47.35 -41.55 0.30
O17 95G K . 46.71 -41.04 8.55
O18 95G K . 45.88 -38.81 7.89
O28 95G K . 43.14 -38.66 8.24
S16 95G K . 45.68 -40.22 7.97
S23 95G K . 40.26 -38.41 8.67
BR25 95G K . 37.63 -36.85 9.19
CL1 95G K . 46.54 -39.65 -1.53
CL7 95G K . 43.69 -40.08 0.34
C5 95G L . 38.53 -0.21 -36.79
C6 95G L . 40.49 -4.05 -36.17
C9 95G L . 39.85 -2.28 -39.16
C10 95G L . 37.70 -0.48 -35.72
C3 95G L . 40.36 -2.79 -35.61
C1 95G L . 40.10 -1.94 -36.68
C11 95G L . 38.05 0.41 -37.92
C15 95G L . 35.90 0.54 -36.90
C14 95G L . 36.72 0.80 -37.98
C13 95G L . 36.37 -0.09 -35.77
O2 95G L . 39.87 -0.62 -36.74
C21 95G L . 32.39 5.75 -31.86
C22 95G L . 32.91 4.80 -31.08
C24 95G L . 33.34 4.51 -33.41
C27 95G L . 33.75 2.80 -35.11
N19 95G L . 34.14 2.56 -36.37
N20 95G L . 32.64 5.59 -33.21
N26 95G L . 33.72 4.13 -34.69
N4 95G L . 40.07 -2.70 -37.79
N8 95G L . 40.32 -4.02 -37.51
O17 95G L . 33.86 1.14 -38.37
O18 95G L . 33.47 0.15 -36.14
O28 95G L . 33.45 1.88 -34.35
S16 95G L . 34.22 1.03 -36.98
S23 95G L . 33.75 3.61 -31.99
BR25 95G L . 32.79 4.65 -29.20
CL1 95G L . 40.82 -5.48 -35.28
CL7 95G L . 40.48 -2.27 -33.98
C5 95G M . -34.32 31.12 -16.91
C6 95G M . -31.36 31.88 -13.73
C9 95G M . -31.43 32.74 -17.21
C10 95G M . -34.34 29.84 -16.39
C3 95G M . -32.74 31.81 -13.93
C1 95G M . -32.95 32.13 -15.27
C11 95G M . -34.53 31.33 -18.27
C15 95G M . -34.80 28.97 -18.57
C14 95G M . -34.78 30.25 -19.11
C13 95G M . -34.57 28.76 -17.22
O2 95G M . -34.08 32.19 -16.04
C21 95G M . -41.96 25.29 -18.57
C22 95G M . -41.66 25.49 -17.28
C24 95G M . -40.05 26.34 -18.82
C27 95G M . -37.65 26.90 -19.09
N19 95G M . -36.71 27.49 -19.90
N20 95G M . -41.04 25.78 -19.46
N26 95G M . -38.98 26.90 -19.52
N4 95G M . -31.75 32.37 -15.82
N8 95G M . -30.74 32.24 -14.90
O17 95G M . -34.49 27.87 -20.89
O18 95G M . -34.70 26.42 -18.91
O28 95G M . -37.33 26.41 -18.03
S16 95G M . -35.09 27.60 -19.62
S23 95G M . -40.17 26.32 -17.10
BR25 95G M . -42.66 24.98 -15.76
CL1 95G M . -30.50 31.60 -12.24
CL7 95G M . -33.99 31.41 -12.82
C5 95G N . -21.29 14.42 37.49
C6 95G N . -19.61 17.31 34.61
C9 95G N . -19.05 16.84 38.10
C10 95G N . -22.57 14.52 36.90
C3 95G N . -20.04 16.00 34.69
C1 95G N . -19.88 15.64 36.04
C11 95G N . -21.17 14.24 38.86
C15 95G N . -23.56 14.25 39.07
C14 95G N . -22.31 14.15 39.65
C13 95G N . -23.70 14.43 37.68
O2 95G N . -20.12 14.49 36.72
C21 95G N . -27.60 7.49 39.12
C22 95G N . -27.65 7.96 37.86
C24 95G N . -26.56 9.39 39.42
C27 95G N . -25.82 11.70 39.68
N19 95G N . -25.16 12.57 40.49
N20 95G N . -26.98 8.32 40.03
N26 95G N . -25.91 10.38 40.13
N4 95G N . -19.38 16.71 36.69
N8 95G N . -19.20 17.76 35.84
O17 95G N . -24.72 14.85 41.29
O18 95G N . -26.11 14.55 39.27
O28 95G N . -26.29 12.06 38.61
S16 95G N . -24.99 14.15 40.07
S23 95G N . -26.89 9.49 37.71
BR25 95G N . -28.41 7.14 36.36
CL1 95G N . -19.59 18.19 33.16
CL7 95G N . -20.63 15.00 33.43
C5 95G O . -47.68 16.70 -17.81
C6 95G O . -49.29 14.21 -14.57
C9 95G O . -50.62 14.87 -17.81
C10 95G O . -47.42 17.58 -16.77
C3 95G O . -48.10 14.59 -15.19
C1 95G O . -48.46 14.89 -16.52
C11 95G O . -47.91 17.18 -19.08
C15 95G O . -47.60 19.41 -18.29
C14 95G O . -47.88 18.54 -19.32
C13 95G O . -47.37 18.94 -17.01
O2 95G O . -47.73 15.32 -17.58
C21 95G O . -40.38 22.45 -19.68
C22 95G O . -40.37 22.23 -18.35
C24 95G O . -42.51 22.00 -19.41
C27 95G O . -44.93 21.58 -18.89
N19 95G O . -46.18 21.43 -19.45
N20 95G O . -41.61 22.32 -20.29
N26 95G O . -43.86 21.82 -19.78
N4 95G O . -49.78 14.69 -16.64
N8 95G O . -50.32 14.28 -15.47
O17 95G O . -48.64 21.43 -19.48
O18 95G O . -47.48 21.81 -17.36
O28 95G O . -44.78 21.48 -17.68
S16 95G O . -47.56 21.13 -18.61
S23 95G O . -41.93 21.84 -17.77
BR25 95G O . -38.89 22.30 -17.19
CL1 95G O . -49.48 13.72 -12.91
CL7 95G O . -46.50 14.70 -14.58
C5 95G P . -37.82 3.67 38.37
C6 95G P . -40.55 2.55 35.10
C9 95G P . -40.08 1.11 38.33
C10 95G P . -36.88 3.94 37.40
C3 95G P . -39.97 3.68 35.71
C1 95G P . -39.71 3.28 37.03
C11 95G P . -37.44 3.14 39.59
C15 95G P . -35.16 3.18 38.87
C14 95G P . -36.09 2.89 39.85
C13 95G P . -35.54 3.70 37.64
O2 95G P . -39.17 3.92 38.11
C21 95G P . -30.87 9.60 40.32
C22 95G P . -31.09 9.64 39.00
C24 95G P . -31.65 7.58 40.03
C27 95G P . -32.55 5.31 39.53
N19 95G P . -32.87 4.09 40.08
N20 95G P . -31.19 8.42 40.92
N26 95G P . -32.05 6.28 40.41
N4 95G P . -40.13 1.99 37.15
N8 95G P . -40.64 1.52 35.97
O17 95G P . -33.40 1.68 40.00
O18 95G P . -32.75 2.87 37.95
O28 95G P . -32.71 5.49 38.34
S16 95G P . -33.46 2.84 39.19
S23 95G P . -31.71 8.18 38.41
BR25 95G P . -30.78 11.07 37.82
CL1 95G P . -41.05 2.47 33.47
CL7 95G P . -39.62 5.24 35.04
#